data_7QDN
#
_entry.id   7QDN
#
_cell.length_a   207.448
_cell.length_b   112.687
_cell.length_c   188.333
_cell.angle_alpha   90.000
_cell.angle_beta   91.360
_cell.angle_gamma   90.000
#
_symmetry.space_group_name_H-M   'C 1 2 1'
#
loop_
_entity.id
_entity.type
_entity.pdbx_description
1 polymer 'Pyruvate kinase PKLR'
2 non-polymer 1,6-di-O-phosphono-beta-D-fructofuranose
3 non-polymer 'OXALIC ACID'
4 non-polymer 'MAGNESIUM ION'
5 non-polymer 'POTASSIUM ION'
6 non-polymer 'SODIUM ION'
7 water water
#
_entity_poly.entity_id   1
_entity_poly.type   'polypeptide(L)'
_entity_poly.pdbx_seq_one_letter_code
;GSMEGPAGYLRRADVAQLTQELGTAFFQQQQLPAAMADTFLEHLCLLDIDSEPVAARSTSIIATIGPASRSVERLKEMIK
AGMNIARLNFSHGSHEYHAESIANVREAVESFAGSPLSYRPVAIALDTKGPGSGPGLSEQDVRDLRFGVEHGVDIVFASF
VRKASDVAAVRAALGPEGHGIKIISKIENHEGVKRFDEILEVSDGIMVARGDLGIEIPAEKVFLAQKMMIGRCNLAGKPV
VCATQMLESMITKPRPTRAETSDVANAVLDGADCIMLSGETAKGNFPVEAVKMQHAIAREAEAAVYHRQLFEELRRAAPL
SRDPTEVTAIGAVEAAFKCCAAAIIVLTTTGRSAQLLSRYRPRAAVIAVTRSAQAARQVHLCRGVFPLLYREPPEAIWAD
DVDRRVQFGIESGKLRGFLRVGDLVIVVTGWRPGSGYTNIMRVLSIS
;
_entity_poly.pdbx_strand_id   A,B,C,D,E,F,G,H
#
# COMPACT_ATOMS: atom_id res chain seq x y z
N ALA A 25 10.17 -6.70 32.91
CA ALA A 25 10.51 -5.49 33.67
C ALA A 25 12.01 -5.43 33.89
N PHE A 26 12.59 -6.57 34.28
CA PHE A 26 14.02 -6.69 34.52
C PHE A 26 14.80 -6.39 33.24
N PHE A 27 14.34 -6.96 32.13
CA PHE A 27 15.01 -6.85 30.85
C PHE A 27 14.73 -5.53 30.11
N GLN A 28 13.89 -4.66 30.68
CA GLN A 28 13.59 -3.36 30.11
C GLN A 28 14.61 -2.31 30.62
N GLN A 29 15.09 -2.46 31.89
CA GLN A 29 15.99 -1.54 32.59
C GLN A 29 17.46 -1.67 32.18
N GLN A 30 18.32 -0.79 32.75
CA GLN A 30 19.77 -0.71 32.60
C GLN A 30 20.24 -1.00 31.16
N GLN A 31 19.50 -0.46 30.17
CA GLN A 31 19.81 -0.59 28.75
C GLN A 31 20.01 -2.06 28.30
N LEU A 32 19.31 -3.01 28.93
CA LEU A 32 19.43 -4.42 28.58
C LEU A 32 18.99 -4.71 27.12
N PRO A 33 17.95 -4.08 26.52
CA PRO A 33 17.69 -4.30 25.08
C PRO A 33 18.90 -3.92 24.21
N ALA A 34 19.58 -2.81 24.52
CA ALA A 34 20.78 -2.36 23.81
C ALA A 34 21.99 -3.29 24.07
N ALA A 35 22.03 -3.89 25.29
CA ALA A 35 23.09 -4.82 25.67
C ALA A 35 23.03 -6.12 24.86
N MET A 36 21.83 -6.54 24.45
CA MET A 36 21.61 -7.77 23.68
C MET A 36 21.91 -7.65 22.18
N ALA A 37 22.14 -6.42 21.66
CA ALA A 37 22.39 -6.16 20.25
C ALA A 37 23.59 -6.91 19.69
N ASP A 38 23.53 -7.27 18.41
CA ASP A 38 24.56 -8.04 17.72
C ASP A 38 25.69 -7.21 17.11
N THR A 39 25.49 -5.88 16.98
CA THR A 39 26.53 -4.97 16.49
C THR A 39 26.54 -3.72 17.39
N PHE A 40 27.65 -2.97 17.37
CA PHE A 40 27.74 -1.73 18.12
C PHE A 40 26.71 -0.71 17.57
N LEU A 41 26.52 -0.67 16.24
CA LEU A 41 25.55 0.23 15.62
C LEU A 41 24.12 -0.05 16.10
N GLU A 42 23.72 -1.32 16.12
CA GLU A 42 22.39 -1.72 16.62
C GLU A 42 22.23 -1.45 18.12
N HIS A 43 23.34 -1.55 18.88
CA HIS A 43 23.37 -1.24 20.31
C HIS A 43 23.03 0.23 20.50
N LEU A 44 23.65 1.12 19.70
CA LEU A 44 23.36 2.55 19.78
C LEU A 44 21.88 2.81 19.46
N CYS A 45 21.36 2.16 18.41
CA CYS A 45 19.97 2.32 17.96
C CYS A 45 18.96 1.93 19.05
N LEU A 46 19.33 0.99 19.93
CA LEU A 46 18.44 0.49 20.97
C LEU A 46 18.56 1.22 22.31
N LEU A 47 19.50 2.18 22.44
CA LEU A 47 19.62 2.97 23.67
C LEU A 47 18.29 3.72 23.92
N ASP A 48 17.81 3.67 25.16
CA ASP A 48 16.49 4.18 25.52
C ASP A 48 16.55 5.13 26.71
N ILE A 49 16.07 6.37 26.53
CA ILE A 49 16.03 7.38 27.60
C ILE A 49 15.08 6.93 28.74
N ASP A 50 14.14 6.03 28.46
CA ASP A 50 13.19 5.51 29.46
C ASP A 50 13.71 4.27 30.20
N SER A 51 14.85 3.67 29.76
CA SER A 51 15.44 2.51 30.41
C SER A 51 16.27 3.02 31.59
N GLU A 52 15.71 2.89 32.81
CA GLU A 52 16.34 3.43 34.00
C GLU A 52 17.55 2.65 34.51
N PRO A 53 18.61 3.35 34.96
CA PRO A 53 19.77 2.63 35.51
C PRO A 53 19.40 2.02 36.86
N VAL A 54 19.79 0.77 37.09
CA VAL A 54 19.46 0.11 38.36
C VAL A 54 20.73 -0.22 39.14
N ALA A 55 21.83 -0.56 38.45
CA ALA A 55 23.10 -0.86 39.12
C ALA A 55 23.66 0.36 39.83
N ALA A 56 24.49 0.14 40.85
CA ALA A 56 25.14 1.23 41.57
C ALA A 56 26.18 1.88 40.65
N ARG A 57 26.42 3.17 40.84
CA ARG A 57 27.38 3.94 40.04
C ARG A 57 28.80 3.40 40.28
N SER A 58 29.44 2.91 39.21
CA SER A 58 30.75 2.27 39.22
C SER A 58 31.97 3.17 39.05
N THR A 59 31.84 4.30 38.33
CA THR A 59 32.96 5.20 38.08
C THR A 59 33.13 6.11 39.29
N SER A 60 34.29 6.07 39.96
CA SER A 60 34.50 6.89 41.14
C SER A 60 34.63 8.38 40.83
N ILE A 61 34.16 9.21 41.75
CA ILE A 61 34.23 10.65 41.61
C ILE A 61 35.32 11.20 42.52
N ILE A 62 36.26 11.94 41.92
CA ILE A 62 37.32 12.60 42.66
C ILE A 62 36.91 14.08 42.76
N ALA A 63 36.79 14.61 43.98
CA ALA A 63 36.44 16.02 44.16
C ALA A 63 37.61 16.76 44.79
N THR A 64 37.96 17.90 44.23
CA THR A 64 39.05 18.71 44.76
C THR A 64 38.54 19.52 45.95
N ILE A 65 39.25 19.43 47.07
CA ILE A 65 38.86 20.12 48.30
C ILE A 65 39.52 21.50 48.34
N GLY A 66 38.69 22.52 48.55
CA GLY A 66 39.12 23.90 48.63
C GLY A 66 38.19 24.76 49.45
N PRO A 67 38.26 26.10 49.33
CA PRO A 67 37.38 26.97 50.14
C PRO A 67 35.88 26.68 50.06
N ALA A 68 35.40 26.23 48.90
CA ALA A 68 33.97 25.92 48.72
C ALA A 68 33.55 24.57 49.29
N SER A 69 34.50 23.70 49.63
CA SER A 69 34.20 22.35 50.07
C SER A 69 35.00 21.85 51.30
N ARG A 70 35.53 22.77 52.15
CA ARG A 70 36.34 22.37 53.33
C ARG A 70 35.53 22.09 54.59
N SER A 71 34.37 22.74 54.76
CA SER A 71 33.59 22.56 55.97
C SER A 71 33.13 21.12 56.16
N VAL A 72 33.19 20.62 57.41
CA VAL A 72 32.77 19.26 57.78
C VAL A 72 31.32 19.01 57.33
N GLU A 73 30.46 20.03 57.51
CA GLU A 73 29.05 20.02 57.11
C GLU A 73 28.92 19.82 55.58
N ARG A 74 29.73 20.55 54.80
CA ARG A 74 29.76 20.49 53.34
C ARG A 74 30.27 19.13 52.87
N LEU A 75 31.39 18.67 53.48
CA LEU A 75 32.01 17.39 53.17
C LEU A 75 31.07 16.22 53.41
N LYS A 76 30.19 16.31 54.43
CA LYS A 76 29.18 15.27 54.69
C LYS A 76 28.20 15.20 53.53
N GLU A 77 27.78 16.36 53.01
CA GLU A 77 26.84 16.41 51.87
C GLU A 77 27.53 15.90 50.59
N MET A 78 28.85 16.17 50.44
CA MET A 78 29.62 15.71 49.29
CA MET A 78 29.63 15.72 49.28
C MET A 78 29.80 14.20 49.28
N ILE A 79 29.98 13.60 50.48
CA ILE A 79 30.11 12.14 50.63
C ILE A 79 28.76 11.53 50.25
N LYS A 80 27.65 12.10 50.76
CA LYS A 80 26.30 11.63 50.44
C LYS A 80 25.97 11.77 48.94
N ALA A 81 26.49 12.82 48.29
CA ALA A 81 26.30 13.09 46.85
C ALA A 81 27.07 12.09 45.96
N GLY A 82 28.14 11.50 46.49
CA GLY A 82 28.89 10.49 45.75
C GLY A 82 30.39 10.64 45.69
N MET A 83 30.98 11.63 46.38
CA MET A 83 32.44 11.79 46.38
C MET A 83 33.12 10.55 46.98
N ASN A 84 34.08 9.95 46.24
CA ASN A 84 34.81 8.77 46.69
C ASN A 84 36.24 9.07 47.03
N ILE A 85 36.83 10.08 46.38
CA ILE A 85 38.22 10.47 46.59
C ILE A 85 38.29 11.99 46.77
N ALA A 86 38.96 12.43 47.83
CA ALA A 86 39.16 13.85 48.12
C ALA A 86 40.55 14.23 47.63
N ARG A 87 40.62 15.16 46.68
CA ARG A 87 41.89 15.60 46.12
C ARG A 87 42.37 16.89 46.79
N LEU A 88 43.63 16.92 47.24
CA LEU A 88 44.25 18.11 47.83
C LEU A 88 45.24 18.60 46.81
N ASN A 89 44.99 19.79 46.27
CA ASN A 89 45.86 20.36 45.27
C ASN A 89 46.97 21.16 45.94
N PHE A 90 48.17 20.56 46.04
CA PHE A 90 49.32 21.20 46.67
C PHE A 90 49.96 22.33 45.82
N SER A 91 49.33 22.71 44.70
CA SER A 91 49.76 23.87 43.94
C SER A 91 49.33 25.16 44.71
N HIS A 92 48.32 25.07 45.60
CA HIS A 92 47.80 26.17 46.39
C HIS A 92 47.69 25.77 47.87
N GLY A 93 47.83 26.74 48.76
CA GLY A 93 47.69 26.50 50.18
C GLY A 93 48.89 25.89 50.87
N SER A 94 48.99 26.14 52.19
CA SER A 94 50.09 25.67 53.02
C SER A 94 49.85 24.25 53.56
N HIS A 95 50.87 23.68 54.21
CA HIS A 95 50.78 22.38 54.87
C HIS A 95 49.70 22.43 55.97
N GLU A 96 49.62 23.56 56.72
CA GLU A 96 48.63 23.75 57.76
C GLU A 96 47.22 23.73 57.17
N TYR A 97 47.03 24.40 56.02
CA TYR A 97 45.74 24.45 55.31
C TYR A 97 45.30 23.03 54.90
N HIS A 98 46.19 22.28 54.25
CA HIS A 98 45.89 20.92 53.79
C HIS A 98 45.69 19.93 54.94
N ALA A 99 46.43 20.10 56.06
CA ALA A 99 46.26 19.25 57.24
C ALA A 99 44.85 19.44 57.83
N GLU A 100 44.34 20.69 57.79
CA GLU A 100 42.99 21.02 58.25
C GLU A 100 41.95 20.41 57.31
N SER A 101 42.21 20.43 55.98
CA SER A 101 41.32 19.84 54.98
C SER A 101 41.22 18.34 55.24
N ILE A 102 42.37 17.65 55.46
CA ILE A 102 42.45 16.23 55.75
C ILE A 102 41.66 15.87 57.01
N ALA A 103 41.85 16.66 58.10
CA ALA A 103 41.13 16.45 59.36
C ALA A 103 39.63 16.58 59.16
N ASN A 104 39.19 17.58 58.36
CA ASN A 104 37.77 17.80 58.08
C ASN A 104 37.17 16.66 57.26
N VAL A 105 37.92 16.15 56.26
CA VAL A 105 37.48 15.02 55.44
C VAL A 105 37.30 13.81 56.34
N ARG A 106 38.32 13.48 57.15
CA ARG A 106 38.27 12.36 58.09
C ARG A 106 37.14 12.46 59.11
N GLU A 107 36.87 13.68 59.62
CA GLU A 107 35.77 13.89 60.56
C GLU A 107 34.42 13.62 59.88
N ALA A 108 34.24 14.15 58.65
CA ALA A 108 33.01 13.93 57.89
C ALA A 108 32.82 12.45 57.54
N VAL A 109 33.90 11.75 57.13
CA VAL A 109 33.85 10.33 56.78
C VAL A 109 33.49 9.48 58.00
N GLU A 110 34.16 9.73 59.12
CA GLU A 110 33.97 8.96 60.34
C GLU A 110 32.65 9.23 61.07
N SER A 111 31.91 10.25 60.65
CA SER A 111 30.60 10.53 61.22
C SER A 111 29.52 9.53 60.78
N PHE A 112 29.79 8.72 59.74
CA PHE A 112 28.86 7.70 59.26
C PHE A 112 29.24 6.30 59.74
N ALA A 113 30.31 6.16 60.54
CA ALA A 113 30.81 4.88 61.04
C ALA A 113 29.88 4.14 62.01
N GLY A 114 28.86 4.82 62.52
CA GLY A 114 27.90 4.20 63.45
C GLY A 114 27.06 3.12 62.80
N SER A 115 26.85 3.22 61.47
CA SER A 115 26.10 2.23 60.70
C SER A 115 27.12 1.49 59.81
N PRO A 116 27.70 0.38 60.33
CA PRO A 116 28.75 -0.33 59.58
C PRO A 116 28.36 -0.92 58.22
N LEU A 117 27.06 -1.24 58.05
CA LEU A 117 26.57 -1.81 56.79
C LEU A 117 26.41 -0.75 55.68
N SER A 118 26.49 0.55 56.02
CA SER A 118 26.35 1.65 55.04
C SER A 118 27.60 2.53 54.92
N TYR A 119 28.57 2.39 55.86
CA TYR A 119 29.80 3.19 55.89
C TYR A 119 30.54 3.20 54.55
N ARG A 120 30.83 4.40 54.05
CA ARG A 120 31.55 4.58 52.79
C ARG A 120 32.96 5.09 53.01
N PRO A 121 33.98 4.27 52.73
CA PRO A 121 35.36 4.76 52.81
C PRO A 121 35.59 5.87 51.76
N VAL A 122 36.44 6.87 52.07
CA VAL A 122 36.75 7.97 51.16
C VAL A 122 38.26 8.12 51.13
N ALA A 123 38.87 8.01 49.95
CA ALA A 123 40.31 8.13 49.82
C ALA A 123 40.77 9.58 49.87
N ILE A 124 42.03 9.80 50.25
CA ILE A 124 42.65 11.10 50.28
C ILE A 124 43.83 11.08 49.33
N ALA A 125 43.78 11.94 48.31
CA ALA A 125 44.81 12.00 47.28
C ALA A 125 45.54 13.31 47.31
N LEU A 126 46.86 13.24 47.19
CA LEU A 126 47.71 14.42 47.20
C LEU A 126 48.14 14.72 45.77
N ASP A 127 47.75 15.88 45.25
CA ASP A 127 48.13 16.29 43.90
C ASP A 127 49.31 17.27 44.02
N THR A 128 50.49 16.85 43.54
CA THR A 128 51.71 17.64 43.65
C THR A 128 51.72 18.92 42.78
N LYS A 129 52.56 19.89 43.17
CA LYS A 129 52.74 21.14 42.46
C LYS A 129 53.42 20.89 41.11
N GLY A 130 54.45 20.03 41.07
CA GLY A 130 55.17 19.71 39.83
C GLY A 130 56.59 20.25 39.72
N PRO A 131 57.35 19.78 38.65
CA PRO A 131 58.80 20.14 38.41
C PRO A 131 59.14 21.59 38.03
N GLY A 132 58.14 22.33 37.58
CA GLY A 132 58.32 23.71 37.14
C GLY A 132 59.33 23.80 36.01
N SER A 133 60.43 24.56 36.23
CA SER A 133 61.54 24.69 35.26
C SER A 133 62.18 23.34 34.86
N GLY A 134 61.66 22.23 35.37
CA GLY A 134 62.09 20.90 34.96
C GLY A 134 63.10 20.26 35.88
N PRO A 135 64.29 19.94 35.30
CA PRO A 135 65.37 19.26 36.05
C PRO A 135 65.23 19.01 37.55
N GLY A 136 65.06 17.73 37.94
CA GLY A 136 64.98 17.34 39.34
C GLY A 136 63.59 17.41 39.92
N LEU A 137 63.26 16.46 40.83
CA LEU A 137 61.98 16.49 41.54
C LEU A 137 62.06 17.70 42.44
N SER A 138 61.10 18.62 42.34
CA SER A 138 61.14 19.87 43.10
C SER A 138 61.42 19.65 44.58
N GLU A 139 62.19 20.54 45.22
CA GLU A 139 62.39 20.42 46.66
C GLU A 139 61.04 20.65 47.40
N GLN A 140 60.11 21.43 46.78
CA GLN A 140 58.76 21.68 47.27
C GLN A 140 57.97 20.36 47.23
N ASP A 141 58.10 19.57 46.14
CA ASP A 141 57.46 18.28 45.96
C ASP A 141 58.00 17.28 46.98
N VAL A 142 59.32 17.29 47.27
CA VAL A 142 59.93 16.41 48.28
C VAL A 142 59.27 16.66 49.65
N ARG A 143 59.10 17.94 50.02
CA ARG A 143 58.48 18.34 51.28
C ARG A 143 57.00 17.94 51.33
N ASP A 144 56.26 18.18 50.24
CA ASP A 144 54.84 17.85 50.13
C ASP A 144 54.61 16.32 50.17
N LEU A 145 55.48 15.55 49.51
CA LEU A 145 55.38 14.10 49.50
C LEU A 145 55.63 13.53 50.90
N ARG A 146 56.62 14.07 51.63
CA ARG A 146 56.90 13.69 53.03
C ARG A 146 55.69 14.05 53.91
N PHE A 147 55.05 15.21 53.68
CA PHE A 147 53.81 15.62 54.38
C PHE A 147 52.72 14.56 54.17
N GLY A 148 52.59 14.10 52.91
CA GLY A 148 51.62 13.09 52.55
C GLY A 148 51.77 11.80 53.31
N VAL A 149 53.02 11.30 53.41
CA VAL A 149 53.35 10.09 54.16
C VAL A 149 53.00 10.28 55.64
N GLU A 150 53.43 11.42 56.23
CA GLU A 150 53.17 11.77 57.64
C GLU A 150 51.68 11.87 57.96
N HIS A 151 50.89 12.36 57.00
CA HIS A 151 49.44 12.49 57.19
C HIS A 151 48.63 11.30 56.66
N GLY A 152 49.31 10.24 56.22
CA GLY A 152 48.69 8.99 55.76
C GLY A 152 47.82 9.08 54.53
N VAL A 153 48.27 9.82 53.48
CA VAL A 153 47.50 9.93 52.23
C VAL A 153 47.48 8.59 51.50
N ASP A 154 46.36 8.28 50.83
CA ASP A 154 46.19 7.00 50.15
C ASP A 154 46.79 6.99 48.76
N ILE A 155 46.76 8.14 48.09
CA ILE A 155 47.17 8.25 46.69
C ILE A 155 47.97 9.52 46.45
N VAL A 156 48.91 9.47 45.51
CA VAL A 156 49.64 10.63 45.03
C VAL A 156 49.32 10.80 43.53
N PHE A 157 48.82 11.99 43.14
CA PHE A 157 48.62 12.34 41.74
C PHE A 157 49.88 13.14 41.40
N ALA A 158 50.87 12.48 40.79
CA ALA A 158 52.16 13.09 40.46
C ALA A 158 52.10 13.93 39.20
N SER A 159 52.21 15.26 39.38
CA SER A 159 52.12 16.19 38.27
C SER A 159 53.30 16.14 37.30
N PHE A 160 53.01 16.37 36.03
CA PHE A 160 53.96 16.45 34.91
C PHE A 160 54.96 15.28 34.82
N VAL A 161 54.45 14.03 34.81
CA VAL A 161 55.31 12.85 34.67
C VAL A 161 55.66 12.68 33.20
N ARG A 162 56.95 12.76 32.86
CA ARG A 162 57.40 12.67 31.47
C ARG A 162 58.18 11.42 31.13
N LYS A 163 58.60 10.66 32.13
CA LYS A 163 59.41 9.45 31.94
C LYS A 163 59.34 8.58 33.19
N ALA A 164 59.78 7.31 33.06
CA ALA A 164 59.79 6.34 34.16
C ALA A 164 60.61 6.82 35.37
N SER A 165 61.74 7.53 35.13
CA SER A 165 62.59 8.03 36.22
C SER A 165 61.89 9.08 37.10
N ASP A 166 60.87 9.78 36.56
CA ASP A 166 60.08 10.75 37.34
C ASP A 166 59.25 9.99 38.39
N VAL A 167 58.69 8.82 38.03
CA VAL A 167 57.90 7.99 38.94
C VAL A 167 58.80 7.44 40.06
N ALA A 168 60.03 7.02 39.69
CA ALA A 168 61.02 6.50 40.63
C ALA A 168 61.40 7.54 41.69
N ALA A 169 61.60 8.80 41.28
CA ALA A 169 61.91 9.91 42.19
C ALA A 169 60.74 10.15 43.17
N VAL A 170 59.49 10.08 42.68
CA VAL A 170 58.30 10.24 43.52
C VAL A 170 58.25 9.11 44.56
N ARG A 171 58.48 7.86 44.11
CA ARG A 171 58.51 6.67 44.96
C ARG A 171 59.61 6.78 46.02
N ALA A 172 60.80 7.24 45.63
CA ALA A 172 61.93 7.45 46.54
C ALA A 172 61.63 8.52 47.59
N ALA A 173 60.97 9.63 47.18
CA ALA A 173 60.60 10.72 48.08
C ALA A 173 59.52 10.32 49.11
N LEU A 174 58.72 9.30 48.79
CA LEU A 174 57.72 8.76 49.73
C LEU A 174 58.42 7.91 50.83
N GLY A 175 59.64 7.44 50.56
CA GLY A 175 60.49 6.71 51.48
C GLY A 175 60.03 5.34 51.88
N PRO A 176 60.64 4.81 52.97
CA PRO A 176 60.28 3.46 53.43
C PRO A 176 58.86 3.35 54.00
N GLU A 177 58.37 4.42 54.62
CA GLU A 177 57.02 4.42 55.21
C GLU A 177 55.90 4.64 54.17
N GLY A 178 56.27 5.00 52.93
CA GLY A 178 55.28 5.27 51.90
C GLY A 178 55.15 4.24 50.81
N HIS A 179 55.62 3.01 51.07
CA HIS A 179 55.58 1.91 50.10
C HIS A 179 54.17 1.58 49.57
N GLY A 180 53.16 1.69 50.43
CA GLY A 180 51.78 1.37 50.10
C GLY A 180 50.96 2.45 49.44
N ILE A 181 51.51 3.67 49.31
CA ILE A 181 50.79 4.76 48.65
C ILE A 181 50.74 4.51 47.14
N LYS A 182 49.57 4.68 46.51
CA LYS A 182 49.42 4.47 45.07
C LYS A 182 49.91 5.70 44.33
N ILE A 183 50.71 5.52 43.29
CA ILE A 183 51.19 6.62 42.46
C ILE A 183 50.45 6.63 41.11
N ILE A 184 49.62 7.64 40.93
CA ILE A 184 48.85 7.85 39.70
C ILE A 184 49.61 8.95 38.94
N SER A 185 50.28 8.60 37.85
CA SER A 185 51.06 9.56 37.06
C SER A 185 50.17 10.45 36.18
N LYS A 186 50.34 11.78 36.30
CA LYS A 186 49.60 12.74 35.50
C LYS A 186 50.32 12.97 34.16
N ILE A 187 49.65 12.68 33.03
CA ILE A 187 50.21 12.91 31.71
C ILE A 187 49.70 14.29 31.28
N GLU A 188 50.64 15.25 31.17
CA GLU A 188 50.33 16.66 30.96
C GLU A 188 51.02 17.32 29.76
N ASN A 189 51.89 16.59 29.07
CA ASN A 189 52.61 17.16 27.93
C ASN A 189 52.92 16.12 26.86
N HIS A 190 53.53 16.57 25.73
CA HIS A 190 53.88 15.71 24.62
C HIS A 190 54.78 14.55 25.03
N GLU A 191 55.83 14.82 25.84
CA GLU A 191 56.77 13.76 26.24
C GLU A 191 56.09 12.66 27.04
N GLY A 192 55.19 13.05 27.94
CA GLY A 192 54.42 12.09 28.74
C GLY A 192 53.58 11.18 27.87
N VAL A 193 52.98 11.74 26.80
CA VAL A 193 52.17 10.96 25.86
C VAL A 193 53.07 10.00 25.08
N LYS A 194 54.21 10.50 24.57
CA LYS A 194 55.15 9.69 23.78
C LYS A 194 55.84 8.59 24.58
N ARG A 195 56.14 8.85 25.85
CA ARG A 195 56.75 7.86 26.73
C ARG A 195 55.72 7.18 27.64
N PHE A 196 54.44 7.19 27.24
CA PHE A 196 53.35 6.61 28.00
C PHE A 196 53.58 5.18 28.48
N ASP A 197 53.96 4.28 27.58
CA ASP A 197 54.16 2.86 27.93
C ASP A 197 55.17 2.65 29.08
N GLU A 198 56.31 3.33 29.04
CA GLU A 198 57.30 3.21 30.12
C GLU A 198 56.79 3.82 31.43
N ILE A 199 55.96 4.87 31.35
CA ILE A 199 55.37 5.50 32.52
C ILE A 199 54.34 4.58 33.16
N LEU A 200 53.40 4.05 32.36
CA LEU A 200 52.37 3.15 32.86
C LEU A 200 52.96 1.90 33.52
N GLU A 201 54.05 1.36 32.94
CA GLU A 201 54.75 0.17 33.42
C GLU A 201 55.15 0.29 34.91
N VAL A 202 55.65 1.47 35.32
CA VAL A 202 56.12 1.72 36.68
C VAL A 202 55.10 2.47 37.57
N SER A 203 53.93 2.85 37.03
CA SER A 203 52.93 3.56 37.81
C SER A 203 51.81 2.62 38.23
N ASP A 204 51.05 3.01 39.26
CA ASP A 204 49.86 2.26 39.67
C ASP A 204 48.66 2.59 38.74
N GLY A 205 48.71 3.75 38.10
CA GLY A 205 47.67 4.23 37.22
C GLY A 205 48.05 5.55 36.58
N ILE A 206 47.10 6.14 35.84
CA ILE A 206 47.33 7.35 35.07
C ILE A 206 46.20 8.37 35.24
N MET A 207 46.54 9.65 35.13
CA MET A 207 45.55 10.70 35.08
C MET A 207 45.74 11.44 33.76
N VAL A 208 44.67 11.57 32.98
CA VAL A 208 44.70 12.34 31.74
C VAL A 208 44.41 13.77 32.21
N ALA A 209 45.48 14.53 32.47
CA ALA A 209 45.40 15.89 32.99
C ALA A 209 45.22 16.85 31.83
N ARG A 210 43.97 17.01 31.40
CA ARG A 210 43.61 17.74 30.20
C ARG A 210 43.86 19.24 30.22
N GLY A 211 43.92 19.86 31.40
CA GLY A 211 44.19 21.29 31.51
C GLY A 211 45.53 21.66 30.89
N ASP A 212 46.62 21.12 31.44
CA ASP A 212 47.97 21.34 30.90
C ASP A 212 48.15 20.66 29.55
N LEU A 213 47.61 19.44 29.36
CA LEU A 213 47.72 18.73 28.08
C LEU A 213 47.17 19.58 26.92
N GLY A 214 46.04 20.26 27.16
CA GLY A 214 45.38 21.13 26.17
C GLY A 214 46.12 22.40 25.82
N ILE A 215 47.14 22.76 26.61
CA ILE A 215 48.01 23.92 26.37
C ILE A 215 49.37 23.44 25.80
N GLU A 216 49.82 22.24 26.22
CA GLU A 216 51.08 21.62 25.81
C GLU A 216 51.03 21.02 24.41
N ILE A 217 49.90 20.45 24.02
CA ILE A 217 49.68 19.90 22.67
C ILE A 217 48.47 20.64 22.06
N PRO A 218 48.26 20.62 20.72
CA PRO A 218 47.08 21.32 20.16
C PRO A 218 45.78 20.86 20.84
N ALA A 219 44.90 21.81 21.19
CA ALA A 219 43.63 21.55 21.89
C ALA A 219 42.80 20.46 21.21
N GLU A 220 42.80 20.45 19.86
CA GLU A 220 42.04 19.51 19.03
C GLU A 220 42.60 18.09 19.01
N LYS A 221 43.75 17.85 19.67
CA LYS A 221 44.36 16.52 19.73
C LYS A 221 44.19 15.87 21.13
N VAL A 222 43.73 16.63 22.15
CA VAL A 222 43.57 16.07 23.49
C VAL A 222 42.67 14.81 23.52
N PHE A 223 41.55 14.80 22.78
CA PHE A 223 40.66 13.63 22.76
C PHE A 223 41.39 12.35 22.29
N LEU A 224 42.37 12.50 21.37
CA LEU A 224 43.15 11.36 20.86
C LEU A 224 44.02 10.82 21.99
N ALA A 225 44.71 11.72 22.72
CA ALA A 225 45.56 11.34 23.85
C ALA A 225 44.70 10.70 24.95
N GLN A 226 43.52 11.27 25.22
CA GLN A 226 42.62 10.72 26.23
C GLN A 226 42.18 9.30 25.87
N LYS A 227 41.67 9.09 24.66
CA LYS A 227 41.18 7.78 24.23
C LYS A 227 42.27 6.73 24.16
N MET A 228 43.47 7.11 23.68
CA MET A 228 44.62 6.20 23.62
C MET A 228 45.04 5.77 25.05
N MET A 229 45.20 6.74 25.96
CA MET A 229 45.63 6.43 27.34
C MET A 229 44.61 5.60 28.09
N ILE A 230 43.30 5.89 27.91
CA ILE A 230 42.26 5.10 28.58
C ILE A 230 42.28 3.66 28.04
N GLY A 231 42.37 3.52 26.71
CA GLY A 231 42.44 2.21 26.06
C GLY A 231 43.65 1.40 26.54
N ARG A 232 44.83 2.03 26.63
CA ARG A 232 46.04 1.33 27.09
C ARG A 232 45.98 0.95 28.57
N CYS A 233 45.36 1.82 29.40
CA CYS A 233 45.21 1.50 30.81
C CYS A 233 44.22 0.37 31.00
N ASN A 234 43.12 0.36 30.22
CA ASN A 234 42.13 -0.72 30.26
C ASN A 234 42.81 -2.05 29.88
N LEU A 235 43.69 -2.02 28.86
CA LEU A 235 44.44 -3.17 28.38
C LEU A 235 45.37 -3.69 29.50
N ALA A 236 46.04 -2.78 30.19
CA ALA A 236 46.96 -3.12 31.29
C ALA A 236 46.24 -3.51 32.61
N GLY A 237 44.95 -3.21 32.73
CA GLY A 237 44.20 -3.47 33.93
C GLY A 237 44.61 -2.52 35.06
N LYS A 238 45.01 -1.29 34.71
CA LYS A 238 45.43 -0.25 35.67
C LYS A 238 44.48 0.95 35.64
N PRO A 239 44.19 1.55 36.82
CA PRO A 239 43.24 2.68 36.84
C PRO A 239 43.61 3.89 36.01
N VAL A 240 42.60 4.50 35.39
CA VAL A 240 42.81 5.71 34.59
C VAL A 240 41.76 6.76 34.98
N VAL A 241 42.22 7.98 35.23
CA VAL A 241 41.37 9.09 35.65
C VAL A 241 41.22 10.10 34.52
N CYS A 242 39.98 10.52 34.22
CA CYS A 242 39.77 11.61 33.28
C CYS A 242 39.61 12.86 34.11
N ALA A 243 40.36 13.91 33.79
CA ALA A 243 40.32 15.13 34.60
C ALA A 243 40.24 16.42 33.82
N THR A 244 39.72 17.48 34.51
CA THR A 244 39.75 18.90 34.18
C THR A 244 38.72 19.38 33.17
N GLN A 245 37.97 20.41 33.63
CA GLN A 245 36.93 21.15 32.90
C GLN A 245 35.76 20.28 32.47
N MET A 246 35.52 19.14 33.15
CA MET A 246 34.42 18.24 32.84
C MET A 246 33.06 18.90 33.02
N LEU A 247 32.90 19.71 34.08
CA LEU A 247 31.66 20.44 34.35
C LEU A 247 31.99 21.91 34.66
N GLU A 248 32.99 22.48 33.94
CA GLU A 248 33.54 23.82 34.14
C GLU A 248 32.52 24.93 34.39
N SER A 249 31.47 25.02 33.59
CA SER A 249 30.46 26.07 33.73
C SER A 249 29.73 26.04 35.09
N MET A 250 29.76 24.87 35.78
CA MET A 250 29.14 24.69 37.09
C MET A 250 29.88 25.44 38.23
N ILE A 251 31.03 26.05 37.94
CA ILE A 251 31.73 26.90 38.89
C ILE A 251 30.82 28.12 39.22
N THR A 252 30.10 28.65 38.21
CA THR A 252 29.20 29.81 38.40
C THR A 252 27.72 29.51 38.12
N LYS A 253 27.39 28.43 37.37
CA LYS A 253 26.00 28.12 37.02
C LYS A 253 25.48 26.84 37.70
N PRO A 254 24.18 26.77 38.04
CA PRO A 254 23.65 25.58 38.74
C PRO A 254 23.51 24.32 37.86
N ARG A 255 23.52 24.50 36.53
CA ARG A 255 23.37 23.41 35.58
C ARG A 255 24.53 23.46 34.57
N PRO A 256 25.02 22.29 34.12
CA PRO A 256 26.13 22.29 33.15
C PRO A 256 25.66 22.48 31.71
N THR A 257 26.62 22.68 30.77
CA THR A 257 26.27 22.80 29.36
C THR A 257 26.05 21.40 28.75
N ARG A 258 25.52 21.34 27.52
CA ARG A 258 25.33 20.09 26.81
C ARG A 258 26.67 19.41 26.49
N ALA A 259 27.73 20.21 26.23
CA ALA A 259 29.06 19.67 25.96
C ALA A 259 29.66 19.02 27.21
N GLU A 260 29.39 19.59 28.39
CA GLU A 260 29.88 19.08 29.67
C GLU A 260 29.25 17.73 30.09
N THR A 261 27.91 17.60 29.94
CA THR A 261 27.26 16.31 30.24
C THR A 261 27.77 15.23 29.26
N SER A 262 27.94 15.60 27.99
CA SER A 262 28.45 14.72 26.95
C SER A 262 29.88 14.28 27.32
N ASP A 263 30.73 15.22 27.77
CA ASP A 263 32.12 14.92 28.11
C ASP A 263 32.20 13.90 29.24
N VAL A 264 31.36 14.05 30.26
CA VAL A 264 31.35 13.11 31.39
C VAL A 264 30.92 11.74 30.90
N ALA A 265 29.82 11.66 30.13
CA ALA A 265 29.33 10.40 29.59
C ALA A 265 30.37 9.71 28.73
N ASN A 266 31.06 10.48 27.85
CA ASN A 266 32.05 9.95 26.94
C ASN A 266 33.31 9.50 27.63
N ALA A 267 33.67 10.12 28.78
CA ALA A 267 34.83 9.64 29.55
C ALA A 267 34.53 8.25 30.10
N VAL A 268 33.30 8.05 30.58
CA VAL A 268 32.87 6.75 31.10
C VAL A 268 32.82 5.71 29.96
N LEU A 269 32.20 6.08 28.83
CA LEU A 269 32.14 5.19 27.65
C LEU A 269 33.53 4.87 27.07
N ASP A 270 34.49 5.79 27.19
CA ASP A 270 35.87 5.57 26.74
C ASP A 270 36.54 4.47 27.60
N GLY A 271 36.11 4.33 28.86
CA GLY A 271 36.61 3.33 29.79
C GLY A 271 37.31 3.90 31.01
N ALA A 272 37.10 5.19 31.35
CA ALA A 272 37.76 5.80 32.51
C ALA A 272 37.30 5.15 33.81
N ASP A 273 38.22 4.85 34.72
CA ASP A 273 37.87 4.29 36.03
C ASP A 273 37.31 5.37 36.95
N CYS A 274 37.89 6.58 36.88
CA CYS A 274 37.52 7.74 37.68
C CYS A 274 37.30 8.96 36.83
N ILE A 275 36.44 9.86 37.30
CA ILE A 275 36.17 11.17 36.72
C ILE A 275 36.44 12.20 37.83
N MET A 276 36.91 13.37 37.45
CA MET A 276 37.34 14.37 38.42
C MET A 276 36.65 15.72 38.29
N LEU A 277 36.62 16.44 39.42
CA LEU A 277 36.12 17.79 39.56
C LEU A 277 37.23 18.60 40.23
N SER A 278 37.57 19.74 39.64
CA SER A 278 38.62 20.60 40.16
C SER A 278 38.01 21.89 40.72
N GLY A 279 37.99 22.97 39.94
CA GLY A 279 37.40 24.23 40.36
C GLY A 279 35.93 24.12 40.71
N GLU A 280 35.22 23.19 40.06
CA GLU A 280 33.80 22.94 40.31
C GLU A 280 33.53 22.64 41.80
N THR A 281 34.46 21.93 42.46
CA THR A 281 34.28 21.62 43.88
C THR A 281 35.20 22.42 44.79
N ALA A 282 36.38 22.83 44.30
CA ALA A 282 37.33 23.57 45.11
C ALA A 282 36.89 25.01 45.40
N LYS A 283 36.41 25.74 44.38
CA LYS A 283 36.07 27.16 44.56
C LYS A 283 34.69 27.56 44.03
N GLY A 284 34.03 26.67 43.31
CA GLY A 284 32.73 26.95 42.70
C GLY A 284 31.57 27.21 43.65
N ASN A 285 30.48 27.74 43.10
CA ASN A 285 29.28 28.05 43.87
C ASN A 285 28.34 26.86 44.05
N PHE A 286 28.56 25.75 43.30
CA PHE A 286 27.71 24.57 43.36
C PHE A 286 28.53 23.24 43.50
N PRO A 287 29.38 23.09 44.56
CA PRO A 287 30.18 21.87 44.68
C PRO A 287 29.39 20.58 44.82
N VAL A 288 28.32 20.59 45.64
CA VAL A 288 27.50 19.40 45.86
C VAL A 288 26.73 19.03 44.59
N GLU A 289 26.18 20.05 43.89
CA GLU A 289 25.43 19.87 42.66
C GLU A 289 26.32 19.27 41.55
N ALA A 290 27.61 19.67 41.51
CA ALA A 290 28.58 19.17 40.52
C ALA A 290 28.84 17.67 40.75
N VAL A 291 28.97 17.26 42.03
CA VAL A 291 29.15 15.85 42.39
C VAL A 291 27.90 15.05 42.02
N LYS A 292 26.71 15.60 42.32
CA LYS A 292 25.44 14.96 41.99
C LYS A 292 25.28 14.77 40.47
N MET A 293 25.73 15.75 39.69
CA MET A 293 25.66 15.71 38.23
C MET A 293 26.60 14.62 37.67
N GLN A 294 27.85 14.54 38.16
CA GLN A 294 28.77 13.48 37.73
C GLN A 294 28.21 12.10 38.06
N HIS A 295 27.63 11.96 39.27
CA HIS A 295 27.02 10.72 39.69
C HIS A 295 25.87 10.31 38.73
N ALA A 296 24.95 11.25 38.45
CA ALA A 296 23.80 10.99 37.58
C ALA A 296 24.23 10.60 36.16
N ILE A 297 25.20 11.32 35.59
CA ILE A 297 25.67 11.02 34.23
C ILE A 297 26.40 9.67 34.18
N ALA A 298 27.34 9.43 35.11
CA ALA A 298 28.10 8.19 35.16
C ALA A 298 27.22 6.95 35.25
N ARG A 299 26.16 7.00 36.05
CA ARG A 299 25.25 5.87 36.18
C ARG A 299 24.54 5.57 34.85
N GLU A 300 24.09 6.62 34.14
CA GLU A 300 23.45 6.46 32.84
C GLU A 300 24.43 5.89 31.80
N ALA A 301 25.67 6.43 31.80
CA ALA A 301 26.72 6.04 30.84
C ALA A 301 27.21 4.62 31.06
N GLU A 302 27.31 4.18 32.34
CA GLU A 302 27.73 2.81 32.64
C GLU A 302 26.75 1.77 32.11
N ALA A 303 25.46 2.06 32.17
CA ALA A 303 24.44 1.16 31.63
C ALA A 303 24.50 1.10 30.10
N ALA A 304 24.93 2.20 29.45
CA ALA A 304 25.06 2.32 27.99
C ALA A 304 26.34 1.69 27.42
N VAL A 305 27.23 1.14 28.28
CA VAL A 305 28.45 0.46 27.82
C VAL A 305 28.03 -0.82 27.06
N TYR A 306 28.61 -1.06 25.89
CA TYR A 306 28.29 -2.25 25.09
C TYR A 306 29.18 -3.40 25.59
N HIS A 307 28.78 -4.01 26.75
CA HIS A 307 29.53 -5.09 27.39
C HIS A 307 29.83 -6.26 26.48
N ARG A 308 28.92 -6.64 25.57
CA ARG A 308 29.16 -7.77 24.65
C ARG A 308 30.49 -7.63 23.89
N GLN A 309 30.77 -6.42 23.38
CA GLN A 309 32.04 -6.19 22.67
C GLN A 309 33.17 -5.93 23.65
N LEU A 310 32.93 -5.09 24.67
CA LEU A 310 33.96 -4.74 25.64
C LEU A 310 34.53 -5.96 26.34
N PHE A 311 33.68 -6.83 26.89
CA PHE A 311 34.14 -8.04 27.58
C PHE A 311 34.91 -8.94 26.63
N GLU A 312 34.37 -9.16 25.42
CA GLU A 312 35.06 -10.01 24.45
C GLU A 312 36.45 -9.51 24.11
N GLU A 313 36.59 -8.19 23.88
CA GLU A 313 37.87 -7.59 23.54
C GLU A 313 38.83 -7.62 24.72
N LEU A 314 38.34 -7.32 25.93
CA LEU A 314 39.20 -7.34 27.12
C LEU A 314 39.66 -8.76 27.40
N ARG A 315 38.77 -9.73 27.23
CA ARG A 315 39.06 -11.14 27.43
C ARG A 315 40.10 -11.64 26.43
N ARG A 316 39.92 -11.31 25.13
CA ARG A 316 40.86 -11.73 24.09
C ARG A 316 42.25 -11.15 24.31
N ALA A 317 42.32 -9.86 24.70
CA ALA A 317 43.57 -9.14 24.90
C ALA A 317 44.32 -9.50 26.19
N ALA A 318 43.59 -9.84 27.27
CA ALA A 318 44.21 -10.19 28.56
C ALA A 318 45.05 -11.46 28.36
N PRO A 319 46.34 -11.45 28.75
CA PRO A 319 47.18 -12.62 28.47
C PRO A 319 46.78 -13.87 29.20
N LEU A 320 47.14 -15.04 28.62
CA LEU A 320 46.95 -16.34 29.26
C LEU A 320 47.80 -16.32 30.54
N SER A 321 47.30 -16.95 31.61
CA SER A 321 47.99 -16.85 32.88
C SER A 321 47.85 -18.07 33.70
N ARG A 322 48.86 -18.37 34.50
CA ARG A 322 48.79 -19.48 35.44
CA ARG A 322 48.81 -19.48 35.44
C ARG A 322 48.65 -18.98 36.90
N ASP A 323 48.42 -17.67 37.07
CA ASP A 323 48.20 -17.06 38.38
C ASP A 323 46.76 -17.39 38.76
N PRO A 324 46.51 -18.14 39.84
CA PRO A 324 45.13 -18.50 40.20
C PRO A 324 44.19 -17.32 40.44
N THR A 325 44.69 -16.14 40.90
CA THR A 325 43.80 -14.99 41.10
C THR A 325 43.29 -14.50 39.72
N GLU A 326 44.18 -14.43 38.70
CA GLU A 326 43.84 -14.01 37.32
C GLU A 326 42.84 -15.02 36.72
N VAL A 327 43.10 -16.33 36.90
CA VAL A 327 42.26 -17.39 36.37
C VAL A 327 40.86 -17.36 37.01
N THR A 328 40.81 -17.20 38.35
CA THR A 328 39.53 -17.13 39.05
C THR A 328 38.77 -15.87 38.62
N ALA A 329 39.46 -14.73 38.45
CA ALA A 329 38.81 -13.46 38.07
C ALA A 329 38.05 -13.56 36.75
N ILE A 330 38.67 -14.15 35.70
CA ILE A 330 37.97 -14.28 34.41
C ILE A 330 36.82 -15.28 34.51
N GLY A 331 37.00 -16.38 35.25
CA GLY A 331 35.94 -17.35 35.45
C GLY A 331 34.75 -16.73 36.16
N ALA A 332 35.02 -15.89 37.18
CA ALA A 332 33.98 -15.21 37.98
C ALA A 332 33.21 -14.18 37.14
N VAL A 333 33.92 -13.41 36.29
CA VAL A 333 33.25 -12.40 35.44
C VAL A 333 32.39 -13.09 34.37
N GLU A 334 32.90 -14.19 33.79
CA GLU A 334 32.14 -14.98 32.80
C GLU A 334 30.86 -15.53 33.47
N ALA A 335 31.00 -16.10 34.69
CA ALA A 335 29.86 -16.63 35.43
C ALA A 335 28.83 -15.53 35.77
N ALA A 336 29.31 -14.34 36.16
CA ALA A 336 28.45 -13.20 36.48
C ALA A 336 27.59 -12.79 35.28
N PHE A 337 28.20 -12.72 34.08
CA PHE A 337 27.45 -12.35 32.87
C PHE A 337 26.43 -13.43 32.50
N LYS A 338 26.78 -14.72 32.69
CA LYS A 338 25.90 -15.84 32.36
C LYS A 338 24.55 -15.79 33.12
N CYS A 339 24.58 -15.38 34.40
CA CYS A 339 23.36 -15.37 35.22
C CYS A 339 22.83 -13.98 35.52
N CYS A 340 23.42 -12.90 34.95
CA CYS A 340 23.05 -11.50 35.27
C CYS A 340 23.19 -11.30 36.78
N ALA A 341 24.33 -11.76 37.34
CA ALA A 341 24.58 -11.68 38.76
C ALA A 341 24.46 -10.26 39.26
N ALA A 342 23.80 -10.07 40.39
CA ALA A 342 23.64 -8.74 40.97
C ALA A 342 25.00 -8.20 41.43
N ALA A 343 25.90 -9.09 41.87
CA ALA A 343 27.21 -8.70 42.37
C ALA A 343 28.22 -9.87 42.35
N ILE A 344 29.50 -9.53 42.45
CA ILE A 344 30.61 -10.43 42.66
C ILE A 344 31.17 -9.97 44.01
N ILE A 345 31.04 -10.80 45.05
CA ILE A 345 31.57 -10.48 46.37
C ILE A 345 32.96 -11.08 46.46
N VAL A 346 33.96 -10.27 46.73
CA VAL A 346 35.34 -10.74 46.80
C VAL A 346 36.00 -10.36 48.10
N LEU A 347 36.79 -11.28 48.69
CA LEU A 347 37.57 -10.99 49.90
C LEU A 347 38.94 -10.56 49.44
N THR A 348 39.43 -9.43 49.94
CA THR A 348 40.73 -8.93 49.50
C THR A 348 41.50 -8.25 50.62
N THR A 349 42.80 -8.48 50.68
CA THR A 349 43.65 -7.86 51.68
C THR A 349 44.26 -6.56 51.14
N THR A 350 44.82 -6.62 49.92
CA THR A 350 45.48 -5.48 49.26
C THR A 350 44.61 -4.74 48.21
N GLY A 351 43.49 -5.35 47.84
CA GLY A 351 42.61 -4.88 46.79
C GLY A 351 42.86 -5.58 45.46
N ARG A 352 44.00 -6.31 45.32
CA ARG A 352 44.38 -6.96 44.06
C ARG A 352 43.32 -7.88 43.44
N SER A 353 42.68 -8.75 44.25
CA SER A 353 41.65 -9.66 43.71
C SER A 353 40.44 -8.87 43.13
N ALA A 354 40.10 -7.74 43.73
CA ALA A 354 39.01 -6.89 43.24
C ALA A 354 39.47 -6.17 41.95
N GLN A 355 40.72 -5.71 41.92
CA GLN A 355 41.27 -5.06 40.73
C GLN A 355 41.28 -6.01 39.51
N LEU A 356 41.62 -7.29 39.71
CA LEU A 356 41.65 -8.27 38.63
C LEU A 356 40.26 -8.61 38.11
N LEU A 357 39.21 -8.46 38.96
CA LEU A 357 37.84 -8.64 38.53
C LEU A 357 37.43 -7.38 37.73
N SER A 358 37.75 -6.19 38.26
CA SER A 358 37.40 -4.90 37.65
C SER A 358 37.93 -4.74 36.21
N ARG A 359 39.11 -5.33 35.94
CA ARG A 359 39.76 -5.20 34.62
C ARG A 359 38.94 -5.79 33.48
N TYR A 360 38.04 -6.75 33.79
CA TYR A 360 37.15 -7.37 32.80
C TYR A 360 35.81 -6.62 32.65
N ARG A 361 35.65 -5.49 33.36
CA ARG A 361 34.47 -4.65 33.33
C ARG A 361 33.14 -5.41 33.45
N PRO A 362 32.93 -6.17 34.54
CA PRO A 362 31.62 -6.83 34.69
C PRO A 362 30.50 -5.80 34.87
N ARG A 363 29.29 -6.16 34.48
CA ARG A 363 28.11 -5.33 34.73
C ARG A 363 27.79 -5.43 36.25
N ALA A 364 28.02 -6.63 36.84
CA ALA A 364 27.83 -6.91 38.26
C ALA A 364 28.79 -6.09 39.08
N ALA A 365 28.27 -5.46 40.15
CA ALA A 365 29.06 -4.68 41.09
C ALA A 365 30.10 -5.60 41.76
N VAL A 366 31.33 -5.14 41.91
CA VAL A 366 32.35 -5.92 42.59
C VAL A 366 32.38 -5.42 44.05
N ILE A 367 31.75 -6.17 44.97
CA ILE A 367 31.72 -5.82 46.39
C ILE A 367 32.98 -6.38 47.08
N ALA A 368 33.92 -5.51 47.41
CA ALA A 368 35.19 -5.92 48.00
C ALA A 368 35.14 -5.77 49.52
N VAL A 369 35.12 -6.90 50.22
CA VAL A 369 35.13 -6.95 51.68
C VAL A 369 36.60 -7.03 52.14
N THR A 370 37.07 -6.01 52.87
CA THR A 370 38.45 -5.95 53.35
C THR A 370 38.54 -5.47 54.81
N ARG A 371 39.57 -5.89 55.53
CA ARG A 371 39.86 -5.39 56.89
C ARG A 371 40.81 -4.18 56.82
N SER A 372 41.56 -4.01 55.70
CA SER A 372 42.47 -2.91 55.56
C SER A 372 41.71 -1.62 55.23
N ALA A 373 41.83 -0.58 56.07
CA ALA A 373 41.16 0.70 55.83
C ALA A 373 41.79 1.41 54.63
N GLN A 374 43.13 1.32 54.49
CA GLN A 374 43.80 1.94 53.35
C GLN A 374 43.39 1.29 52.01
N ALA A 375 43.36 -0.06 51.96
CA ALA A 375 42.95 -0.79 50.75
C ALA A 375 41.52 -0.43 50.38
N ALA A 376 40.61 -0.30 51.37
CA ALA A 376 39.22 0.09 51.13
C ALA A 376 39.15 1.47 50.47
N ARG A 377 40.02 2.39 50.87
CA ARG A 377 40.06 3.72 50.29
C ARG A 377 40.64 3.70 48.88
N GLN A 378 41.76 3.00 48.69
CA GLN A 378 42.46 2.96 47.42
C GLN A 378 41.74 2.22 46.29
N VAL A 379 40.92 1.17 46.62
CA VAL A 379 40.21 0.43 45.58
C VAL A 379 39.16 1.24 44.85
N HIS A 380 38.83 2.46 45.34
CA HIS A 380 37.94 3.37 44.62
C HIS A 380 38.58 3.74 43.25
N LEU A 381 39.90 3.57 43.09
CA LEU A 381 40.58 3.84 41.83
C LEU A 381 40.10 2.87 40.71
N CYS A 382 39.60 1.67 41.06
CA CYS A 382 39.17 0.63 40.12
C CYS A 382 37.68 0.66 39.88
N ARG A 383 37.25 0.87 38.60
CA ARG A 383 35.84 0.94 38.28
C ARG A 383 35.03 -0.25 38.75
N GLY A 384 33.88 0.03 39.32
CA GLY A 384 32.93 -1.00 39.75
C GLY A 384 33.30 -1.74 41.01
N VAL A 385 34.31 -1.26 41.74
CA VAL A 385 34.69 -1.88 43.01
C VAL A 385 34.06 -1.03 44.13
N PHE A 386 33.22 -1.66 44.94
CA PHE A 386 32.51 -1.07 46.08
C PHE A 386 33.14 -1.60 47.36
N PRO A 387 34.02 -0.80 47.99
CA PRO A 387 34.71 -1.28 49.19
C PRO A 387 33.85 -1.27 50.44
N LEU A 388 33.95 -2.37 51.20
CA LEU A 388 33.27 -2.53 52.49
C LEU A 388 34.35 -2.79 53.52
N LEU A 389 34.44 -1.93 54.55
CA LEU A 389 35.45 -2.11 55.58
C LEU A 389 34.87 -3.01 56.70
N TYR A 390 35.48 -4.19 56.87
CA TYR A 390 35.03 -5.21 57.81
C TYR A 390 35.45 -4.88 59.22
N ARG A 391 34.47 -4.62 60.11
CA ARG A 391 34.77 -4.29 61.50
C ARG A 391 34.00 -5.17 62.52
N GLU A 392 33.58 -6.36 62.09
CA GLU A 392 32.86 -7.31 62.95
C GLU A 392 33.85 -8.19 63.74
N PRO A 393 33.46 -8.74 64.91
CA PRO A 393 34.42 -9.56 65.67
C PRO A 393 34.97 -10.75 64.89
N PRO A 394 36.24 -11.14 65.15
CA PRO A 394 36.80 -12.28 64.41
C PRO A 394 36.23 -13.63 64.85
N GLU A 395 36.23 -14.59 63.94
CA GLU A 395 35.80 -15.95 64.22
C GLU A 395 37.06 -16.80 64.52
N ALA A 396 36.92 -17.79 65.40
CA ALA A 396 38.05 -18.66 65.76
C ALA A 396 38.45 -19.58 64.61
N ILE A 397 37.46 -20.10 63.87
CA ILE A 397 37.71 -20.99 62.72
C ILE A 397 37.83 -20.11 61.44
N TRP A 398 38.98 -20.17 60.74
CA TRP A 398 39.23 -19.37 59.52
C TRP A 398 38.11 -19.52 58.49
N ALA A 399 37.64 -20.75 58.24
CA ALA A 399 36.53 -21.02 57.35
C ALA A 399 35.25 -20.27 57.77
N ASP A 400 34.96 -20.19 59.09
CA ASP A 400 33.81 -19.42 59.60
C ASP A 400 34.03 -17.90 59.44
N ASP A 401 35.28 -17.46 59.57
CA ASP A 401 35.62 -16.05 59.45
C ASP A 401 35.36 -15.56 57.99
N VAL A 402 35.77 -16.39 57.00
CA VAL A 402 35.56 -16.13 55.57
C VAL A 402 34.07 -16.04 55.31
N ASP A 403 33.28 -17.05 55.79
CA ASP A 403 31.82 -17.12 55.60
C ASP A 403 31.11 -15.89 56.16
N ARG A 404 31.56 -15.40 57.31
CA ARG A 404 30.98 -14.23 57.96
C ARG A 404 31.27 -12.96 57.16
N ARG A 405 32.46 -12.86 56.59
CA ARG A 405 32.82 -11.71 55.74
C ARG A 405 31.97 -11.68 54.46
N VAL A 406 31.65 -12.88 53.92
CA VAL A 406 30.78 -13.04 52.76
C VAL A 406 29.35 -12.65 53.13
N GLN A 407 28.87 -13.06 54.33
CA GLN A 407 27.53 -12.68 54.80
C GLN A 407 27.46 -11.16 55.07
N PHE A 408 28.58 -10.55 55.50
CA PHE A 408 28.66 -9.11 55.71
C PHE A 408 28.48 -8.38 54.36
N GLY A 409 29.14 -8.91 53.32
CA GLY A 409 29.02 -8.39 51.96
C GLY A 409 27.58 -8.44 51.50
N ILE A 410 26.89 -9.58 51.77
CA ILE A 410 25.48 -9.78 51.45
C ILE A 410 24.58 -8.78 52.23
N GLU A 411 24.79 -8.64 53.55
CA GLU A 411 24.01 -7.71 54.38
C GLU A 411 24.19 -6.25 53.96
N SER A 412 25.44 -5.81 53.75
CA SER A 412 25.73 -4.45 53.30
C SER A 412 25.10 -4.22 51.91
N GLY A 413 25.21 -5.22 51.03
CA GLY A 413 24.63 -5.19 49.69
C GLY A 413 23.13 -5.06 49.71
N LYS A 414 22.46 -5.74 50.65
CA LYS A 414 21.01 -5.70 50.79
C LYS A 414 20.55 -4.31 51.25
N LEU A 415 21.22 -3.76 52.27
CA LEU A 415 20.89 -2.45 52.81
C LEU A 415 21.09 -1.34 51.79
N ARG A 416 22.19 -1.39 51.02
CA ARG A 416 22.53 -0.38 50.02
C ARG A 416 21.75 -0.46 48.71
N GLY A 417 21.00 -1.55 48.51
CA GLY A 417 20.20 -1.74 47.30
C GLY A 417 20.86 -2.53 46.19
N PHE A 418 22.08 -3.03 46.42
CA PHE A 418 22.82 -3.85 45.45
C PHE A 418 22.17 -5.21 45.28
N LEU A 419 21.68 -5.80 46.39
CA LEU A 419 21.14 -7.16 46.41
C LEU A 419 19.77 -7.24 47.00
N ARG A 420 19.01 -8.23 46.53
CA ARG A 420 17.68 -8.57 47.02
C ARG A 420 17.60 -10.10 47.14
N VAL A 421 16.66 -10.60 47.93
CA VAL A 421 16.41 -12.04 48.07
C VAL A 421 16.01 -12.60 46.69
N GLY A 422 16.62 -13.72 46.30
CA GLY A 422 16.38 -14.31 44.99
C GLY A 422 17.49 -14.04 44.01
N ASP A 423 18.30 -12.98 44.24
CA ASP A 423 19.41 -12.65 43.35
C ASP A 423 20.50 -13.72 43.39
N LEU A 424 21.28 -13.82 42.31
CA LEU A 424 22.43 -14.69 42.28
C LEU A 424 23.66 -13.81 42.42
N VAL A 425 24.63 -14.27 43.19
CA VAL A 425 25.89 -13.57 43.36
C VAL A 425 27.02 -14.56 43.11
N ILE A 426 28.17 -14.03 42.71
CA ILE A 426 29.37 -14.82 42.53
C ILE A 426 30.26 -14.45 43.72
N VAL A 427 30.79 -15.45 44.42
CA VAL A 427 31.63 -15.19 45.59
C VAL A 427 33.03 -15.65 45.30
N VAL A 428 34.01 -14.76 45.45
CA VAL A 428 35.41 -15.02 45.17
C VAL A 428 36.23 -14.98 46.45
N THR A 429 36.85 -16.13 46.79
CA THR A 429 37.66 -16.29 48.01
C THR A 429 38.98 -17.07 47.70
N GLY A 430 39.79 -17.33 48.73
CA GLY A 430 41.04 -18.06 48.63
C GLY A 430 41.06 -19.29 49.50
N TRP A 431 42.11 -20.11 49.33
CA TRP A 431 42.22 -21.39 50.03
C TRP A 431 42.95 -21.31 51.37
N ARG A 432 43.68 -20.22 51.64
CA ARG A 432 44.45 -20.02 52.85
C ARG A 432 44.48 -18.50 53.22
N PRO A 433 44.77 -18.10 54.49
CA PRO A 433 44.83 -16.65 54.81
C PRO A 433 46.02 -15.95 54.15
N GLY A 434 45.97 -14.63 54.07
CA GLY A 434 47.04 -13.85 53.48
C GLY A 434 46.77 -13.50 52.03
N SER A 435 47.44 -12.48 51.50
CA SER A 435 47.26 -12.03 50.13
C SER A 435 47.90 -13.00 49.12
N GLY A 436 47.31 -13.10 47.93
CA GLY A 436 47.85 -13.90 46.85
C GLY A 436 47.32 -15.30 46.69
N TYR A 437 46.28 -15.69 47.45
CA TYR A 437 45.80 -17.07 47.39
C TYR A 437 44.37 -17.23 46.91
N THR A 438 43.81 -16.20 46.26
CA THR A 438 42.45 -16.32 45.69
C THR A 438 42.47 -17.41 44.61
N ASN A 439 41.54 -18.36 44.70
CA ASN A 439 41.46 -19.48 43.77
C ASN A 439 40.07 -20.10 43.73
N ILE A 440 39.06 -19.50 44.38
CA ILE A 440 37.73 -20.10 44.44
C ILE A 440 36.65 -19.14 43.99
N MET A 441 35.72 -19.66 43.17
CA MET A 441 34.55 -18.95 42.72
CA MET A 441 34.55 -18.97 42.66
C MET A 441 33.31 -19.81 43.01
N ARG A 442 32.31 -19.23 43.66
CA ARG A 442 31.10 -19.94 44.07
C ARG A 442 29.86 -19.19 43.60
N VAL A 443 28.82 -19.92 43.16
CA VAL A 443 27.56 -19.34 42.74
C VAL A 443 26.59 -19.46 43.91
N LEU A 444 26.12 -18.32 44.44
CA LEU A 444 25.27 -18.29 45.63
C LEU A 444 23.96 -17.53 45.39
N SER A 445 22.84 -18.13 45.84
CA SER A 445 21.50 -17.54 45.74
C SER A 445 21.25 -16.78 47.04
N ILE A 446 20.84 -15.50 46.96
CA ILE A 446 20.60 -14.66 48.12
C ILE A 446 19.32 -15.07 48.86
N SER A 447 19.52 -15.45 50.14
CA SER A 447 18.56 -15.88 51.17
C SER A 447 17.78 -17.14 50.80
N ARG B 12 50.75 -11.84 19.78
CA ARG B 12 51.63 -12.64 20.63
C ARG B 12 51.56 -12.22 22.10
N ALA B 13 51.45 -10.93 22.39
CA ALA B 13 51.46 -10.47 23.78
C ALA B 13 50.44 -11.18 24.69
N ASP B 14 49.39 -11.75 24.11
CA ASP B 14 48.40 -12.50 24.86
C ASP B 14 48.91 -13.90 25.28
N VAL B 15 49.96 -14.43 24.62
CA VAL B 15 50.51 -15.73 24.97
C VAL B 15 52.00 -15.68 25.37
N ALA B 16 52.63 -14.50 25.31
CA ALA B 16 54.05 -14.31 25.56
C ALA B 16 54.54 -14.82 26.92
N GLN B 17 53.88 -14.42 28.05
CA GLN B 17 54.30 -14.91 29.36
C GLN B 17 54.10 -16.41 29.51
N LEU B 18 52.95 -16.94 29.06
CA LEU B 18 52.71 -18.38 29.15
C LEU B 18 53.64 -19.19 28.25
N THR B 19 54.06 -18.62 27.11
CA THR B 19 55.01 -19.28 26.21
C THR B 19 56.38 -19.33 26.88
N GLN B 20 56.77 -18.27 27.59
CA GLN B 20 58.04 -18.24 28.32
C GLN B 20 58.02 -19.27 29.45
N GLU B 21 56.88 -19.40 30.14
CA GLU B 21 56.72 -20.33 31.25
C GLU B 21 56.60 -21.81 30.83
N LEU B 22 55.69 -22.12 29.88
CA LEU B 22 55.46 -23.49 29.45
C LEU B 22 56.39 -23.98 28.32
N GLY B 23 57.01 -23.04 27.60
CA GLY B 23 57.92 -23.31 26.51
C GLY B 23 57.31 -23.31 25.13
N THR B 24 58.14 -23.05 24.10
CA THR B 24 57.65 -23.09 22.72
C THR B 24 57.26 -24.51 22.29
N ALA B 25 57.92 -25.57 22.83
CA ALA B 25 57.56 -26.93 22.46
C ALA B 25 56.08 -27.24 22.85
N PHE B 26 55.64 -26.80 24.05
CA PHE B 26 54.25 -26.97 24.49
C PHE B 26 53.29 -26.29 23.49
N PHE B 27 53.63 -25.06 23.08
CA PHE B 27 52.79 -24.25 22.20
C PHE B 27 52.87 -24.63 20.71
N GLN B 28 53.75 -25.58 20.35
CA GLN B 28 53.81 -26.12 18.97
C GLN B 28 52.94 -27.40 18.84
N GLN B 29 52.60 -28.05 19.97
CA GLN B 29 51.82 -29.27 19.98
C GLN B 29 50.32 -28.96 19.98
N GLN B 30 49.51 -30.01 19.84
CA GLN B 30 48.04 -30.05 19.87
C GLN B 30 47.39 -28.90 19.06
N GLN B 31 47.99 -28.55 17.91
CA GLN B 31 47.53 -27.49 17.01
C GLN B 31 47.32 -26.13 17.72
N LEU B 32 48.12 -25.88 18.78
CA LEU B 32 48.01 -24.61 19.49
C LEU B 32 48.32 -23.39 18.60
N PRO B 33 49.26 -23.42 17.61
CA PRO B 33 49.44 -22.26 16.72
C PRO B 33 48.13 -21.94 15.97
N ALA B 34 47.44 -22.98 15.48
CA ALA B 34 46.17 -22.81 14.78
C ALA B 34 45.05 -22.35 15.73
N ALA B 35 45.10 -22.77 17.00
CA ALA B 35 44.14 -22.40 18.03
C ALA B 35 44.19 -20.89 18.34
N MET B 36 45.38 -20.30 18.26
CA MET B 36 45.58 -18.88 18.56
C MET B 36 45.20 -17.93 17.40
N ALA B 37 44.88 -18.47 16.21
CA ALA B 37 44.53 -17.66 15.05
C ALA B 37 43.32 -16.76 15.27
N ASP B 38 43.31 -15.59 14.60
CA ASP B 38 42.25 -14.60 14.73
C ASP B 38 41.05 -14.82 13.79
N THR B 39 41.20 -15.66 12.77
CA THR B 39 40.09 -15.96 11.85
C THR B 39 40.08 -17.47 11.57
N PHE B 40 38.95 -18.00 11.10
CA PHE B 40 38.87 -19.43 10.77
C PHE B 40 39.82 -19.76 9.59
N LEU B 41 39.91 -18.84 8.61
CA LEU B 41 40.82 -18.99 7.48
C LEU B 41 42.27 -19.12 7.93
N GLU B 42 42.73 -18.23 8.86
CA GLU B 42 44.09 -18.25 9.41
C GLU B 42 44.32 -19.54 10.21
N HIS B 43 43.29 -19.98 10.95
CA HIS B 43 43.32 -21.22 11.72
C HIS B 43 43.62 -22.41 10.77
N LEU B 44 42.90 -22.48 9.64
CA LEU B 44 43.16 -23.57 8.66
C LEU B 44 44.59 -23.50 8.15
N CYS B 45 45.06 -22.29 7.78
CA CYS B 45 46.41 -22.06 7.26
C CYS B 45 47.51 -22.50 8.22
N LEU B 46 47.22 -22.47 9.54
CA LEU B 46 48.19 -22.82 10.56
C LEU B 46 48.15 -24.28 11.01
N LEU B 47 47.18 -25.08 10.51
CA LEU B 47 47.13 -26.51 10.87
C LEU B 47 48.45 -27.18 10.44
N ASP B 48 49.05 -27.98 11.32
CA ASP B 48 50.38 -28.51 11.12
C ASP B 48 50.44 -30.01 11.34
N ILE B 49 50.84 -30.77 10.29
CA ILE B 49 50.98 -32.23 10.38
C ILE B 49 52.06 -32.65 11.39
N ASP B 50 52.99 -31.75 11.73
CA ASP B 50 54.05 -32.00 12.72
C ASP B 50 53.65 -31.60 14.16
N SER B 51 52.45 -31.04 14.35
CA SER B 51 51.96 -30.65 15.66
C SER B 51 51.23 -31.86 16.24
N GLU B 52 51.90 -32.56 17.15
CA GLU B 52 51.38 -33.81 17.70
C GLU B 52 50.27 -33.66 18.72
N PRO B 53 49.23 -34.52 18.67
CA PRO B 53 48.17 -34.42 19.68
C PRO B 53 48.72 -34.88 21.04
N VAL B 54 48.33 -34.20 22.11
CA VAL B 54 48.83 -34.48 23.46
C VAL B 54 47.68 -34.98 24.34
N ALA B 55 46.52 -34.33 24.22
CA ALA B 55 45.33 -34.63 24.99
C ALA B 55 44.79 -36.05 24.75
N ALA B 56 44.08 -36.59 25.75
CA ALA B 56 43.41 -37.88 25.62
C ALA B 56 42.28 -37.72 24.60
N ARG B 57 41.95 -38.79 23.88
CA ARG B 57 40.90 -38.76 22.87
C ARG B 57 39.54 -38.52 23.53
N SER B 58 38.83 -37.47 23.10
CA SER B 58 37.58 -37.05 23.72
C SER B 58 36.29 -37.55 23.05
N THR B 59 36.32 -37.89 21.75
CA THR B 59 35.13 -38.38 21.05
C THR B 59 35.01 -39.87 21.31
N SER B 60 33.90 -40.31 21.92
CA SER B 60 33.74 -41.74 22.24
C SER B 60 33.53 -42.59 20.98
N ILE B 61 33.99 -43.84 21.05
CA ILE B 61 33.85 -44.80 19.95
C ILE B 61 32.81 -45.82 20.33
N ILE B 62 31.78 -45.97 19.49
CA ILE B 62 30.75 -46.97 19.66
C ILE B 62 31.10 -48.09 18.70
N ALA B 63 31.27 -49.32 19.19
CA ALA B 63 31.59 -50.45 18.32
C ALA B 63 30.46 -51.46 18.38
N THR B 64 29.99 -51.90 17.20
CA THR B 64 28.92 -52.89 17.13
C THR B 64 29.48 -54.27 17.41
N ILE B 65 28.87 -54.99 18.36
CA ILE B 65 29.31 -56.32 18.74
C ILE B 65 28.60 -57.36 17.89
N GLY B 66 29.39 -58.21 17.29
CA GLY B 66 28.91 -59.30 16.42
C GLY B 66 29.89 -60.46 16.41
N PRO B 67 29.77 -61.38 15.43
CA PRO B 67 30.68 -62.53 15.38
C PRO B 67 32.17 -62.20 15.35
N ALA B 68 32.55 -61.07 14.75
CA ALA B 68 33.97 -60.69 14.69
C ALA B 68 34.51 -60.07 15.97
N SER B 69 33.62 -59.67 16.90
CA SER B 69 34.03 -58.96 18.10
C SER B 69 33.34 -59.45 19.39
N ARG B 70 32.89 -60.70 19.42
CA ARG B 70 32.14 -61.25 20.56
C ARG B 70 32.93 -61.95 21.64
N SER B 71 34.08 -62.54 21.31
CA SER B 71 34.86 -63.27 22.30
C SER B 71 35.42 -62.33 23.37
N VAL B 72 35.52 -62.83 24.62
CA VAL B 72 36.03 -62.08 25.76
C VAL B 72 37.45 -61.57 25.46
N GLU B 73 38.28 -62.41 24.83
CA GLU B 73 39.66 -62.10 24.44
C GLU B 73 39.70 -60.92 23.44
N ARG B 74 38.81 -60.95 22.42
CA ARG B 74 38.70 -59.92 21.38
C ARG B 74 38.17 -58.62 21.99
N LEU B 75 37.16 -58.72 22.88
CA LEU B 75 36.59 -57.58 23.58
C LEU B 75 37.59 -56.86 24.46
N LYS B 76 38.54 -57.60 25.09
CA LYS B 76 39.62 -57.00 25.90
C LYS B 76 40.51 -56.15 25.00
N GLU B 77 40.84 -56.66 23.80
CA GLU B 77 41.64 -55.92 22.81
C GLU B 77 40.89 -54.66 22.35
N MET B 78 39.57 -54.77 22.15
CA MET B 78 38.75 -53.65 21.69
CA MET B 78 38.75 -53.65 21.70
C MET B 78 38.64 -52.55 22.75
N ILE B 79 38.55 -52.93 24.04
CA ILE B 79 38.52 -51.98 25.15
C ILE B 79 39.86 -51.24 25.18
N LYS B 80 40.97 -51.99 25.06
CA LYS B 80 42.33 -51.43 25.05
C LYS B 80 42.55 -50.50 23.83
N ALA B 81 41.95 -50.84 22.67
CA ALA B 81 42.03 -50.03 21.44
C ALA B 81 41.25 -48.70 21.54
N GLY B 82 40.24 -48.65 22.41
CA GLY B 82 39.47 -47.44 22.64
C GLY B 82 37.96 -47.52 22.62
N MET B 83 37.38 -48.74 22.52
CA MET B 83 35.92 -48.86 22.53
C MET B 83 35.33 -48.37 23.87
N ASN B 84 34.34 -47.46 23.82
CA ASN B 84 33.71 -46.90 25.01
C ASN B 84 32.28 -47.35 25.16
N ILE B 85 31.60 -47.63 24.04
CA ILE B 85 30.21 -48.07 24.03
C ILE B 85 30.09 -49.31 23.13
N ALA B 86 29.48 -50.38 23.65
CA ALA B 86 29.26 -51.62 22.90
C ALA B 86 27.83 -51.57 22.39
N ARG B 87 27.66 -51.60 21.07
CA ARG B 87 26.32 -51.56 20.46
C ARG B 87 25.84 -52.97 20.13
N LEU B 88 24.60 -53.29 20.53
CA LEU B 88 23.98 -54.57 20.21
C LEU B 88 22.87 -54.29 19.22
N ASN B 89 23.02 -54.78 18.00
CA ASN B 89 22.06 -54.55 16.95
C ASN B 89 20.97 -55.62 16.98
N PHE B 90 19.81 -55.26 17.52
CA PHE B 90 18.69 -56.19 17.65
C PHE B 90 17.94 -56.46 16.32
N SER B 91 18.47 -55.93 15.19
CA SER B 91 17.96 -56.27 13.87
C SER B 91 18.38 -57.72 13.51
N HIS B 92 19.45 -58.25 14.16
CA HIS B 92 19.99 -59.59 13.95
C HIS B 92 20.20 -60.30 15.29
N GLY B 93 20.11 -61.62 15.28
CA GLY B 93 20.34 -62.42 16.47
C GLY B 93 19.21 -62.48 17.47
N SER B 94 19.19 -63.55 18.26
CA SER B 94 18.17 -63.80 19.28
C SER B 94 18.52 -63.13 20.62
N HIS B 95 17.58 -63.18 21.59
CA HIS B 95 17.79 -62.67 22.94
C HIS B 95 18.93 -63.45 23.61
N GLU B 96 19.00 -64.77 23.38
CA GLU B 96 20.06 -65.62 23.92
C GLU B 96 21.43 -65.19 23.39
N TYR B 97 21.50 -64.88 22.08
CA TYR B 97 22.74 -64.42 21.43
C TYR B 97 23.20 -63.09 22.06
N HIS B 98 22.29 -62.11 22.17
CA HIS B 98 22.63 -60.81 22.74
C HIS B 98 22.95 -60.86 24.23
N ALA B 99 22.28 -61.76 25.00
CA ALA B 99 22.57 -61.94 26.42
C ALA B 99 24.01 -62.45 26.60
N GLU B 100 24.46 -63.35 25.70
CA GLU B 100 25.81 -63.89 25.73
C GLU B 100 26.82 -62.79 25.35
N SER B 101 26.48 -61.90 24.40
CA SER B 101 27.32 -60.76 24.01
C SER B 101 27.50 -59.83 25.21
N ILE B 102 26.40 -59.51 25.91
CA ILE B 102 26.41 -58.65 27.11
C ILE B 102 27.30 -59.24 28.20
N ALA B 103 27.15 -60.56 28.46
CA ALA B 103 27.96 -61.26 29.46
C ALA B 103 29.45 -61.20 29.12
N ASN B 104 29.79 -61.38 27.83
CA ASN B 104 31.18 -61.34 27.36
C ASN B 104 31.76 -59.94 27.49
N VAL B 105 30.96 -58.90 27.17
CA VAL B 105 31.39 -57.50 27.30
C VAL B 105 31.68 -57.22 28.79
N ARG B 106 30.72 -57.57 29.67
CA ARG B 106 30.87 -57.38 31.12
C ARG B 106 32.05 -58.13 31.70
N GLU B 107 32.34 -59.35 31.22
CA GLU B 107 33.49 -60.10 31.67
C GLU B 107 34.79 -59.41 31.25
N ALA B 108 34.88 -58.95 29.98
CA ALA B 108 36.05 -58.25 29.48
C ALA B 108 36.26 -56.92 30.23
N VAL B 109 35.19 -56.17 30.49
CA VAL B 109 35.24 -54.88 31.20
C VAL B 109 35.70 -55.08 32.64
N GLU B 110 35.10 -56.05 33.35
CA GLU B 110 35.44 -56.32 34.75
C GLU B 110 36.81 -56.95 34.94
N SER B 111 37.44 -57.47 33.88
CA SER B 111 38.79 -58.00 33.96
C SER B 111 39.85 -56.92 34.29
N PHE B 112 39.50 -55.64 34.08
CA PHE B 112 40.36 -54.47 34.37
C PHE B 112 40.02 -53.78 35.70
N ALA B 113 38.93 -54.21 36.38
CA ALA B 113 38.56 -53.67 37.68
C ALA B 113 39.57 -53.97 38.79
N GLY B 114 40.69 -54.63 38.45
CA GLY B 114 41.80 -54.93 39.34
C GLY B 114 42.28 -53.66 40.01
N SER B 115 42.60 -52.62 39.21
CA SER B 115 42.92 -51.32 39.78
C SER B 115 41.85 -50.33 39.36
N PRO B 116 41.17 -49.73 40.35
CA PRO B 116 40.10 -48.77 40.06
C PRO B 116 40.58 -47.47 39.42
N LEU B 117 41.88 -47.15 39.59
CA LEU B 117 42.52 -45.98 39.04
C LEU B 117 42.54 -45.99 37.52
N SER B 118 42.64 -47.18 36.92
CA SER B 118 42.67 -47.28 35.46
C SER B 118 41.39 -47.91 34.86
N TYR B 119 40.50 -48.47 35.71
CA TYR B 119 39.26 -49.10 35.28
C TYR B 119 38.46 -48.23 34.30
N ARG B 120 38.24 -48.74 33.09
CA ARG B 120 37.52 -48.00 32.08
C ARG B 120 36.11 -48.51 31.94
N PRO B 121 35.11 -47.74 32.40
CA PRO B 121 33.71 -48.17 32.22
C PRO B 121 33.36 -48.27 30.72
N VAL B 122 32.50 -49.24 30.34
CA VAL B 122 32.07 -49.42 28.95
C VAL B 122 30.55 -49.51 28.94
N ALA B 123 29.89 -48.60 28.22
CA ALA B 123 28.43 -48.61 28.15
C ALA B 123 27.91 -49.70 27.23
N ILE B 124 26.67 -50.15 27.48
CA ILE B 124 26.04 -51.16 26.64
C ILE B 124 24.80 -50.52 26.06
N ALA B 125 24.74 -50.46 24.74
CA ALA B 125 23.64 -49.83 24.04
C ALA B 125 22.87 -50.85 23.22
N LEU B 126 21.55 -50.77 23.28
CA LEU B 126 20.66 -51.65 22.54
C LEU B 126 20.10 -50.87 21.36
N ASP B 127 20.36 -51.33 20.14
CA ASP B 127 19.87 -50.69 18.93
C ASP B 127 18.67 -51.50 18.44
N THR B 128 17.47 -50.90 18.48
CA THR B 128 16.22 -51.57 18.12
C THR B 128 16.09 -51.91 16.63
N LYS B 129 15.27 -52.93 16.31
CA LYS B 129 15.00 -53.35 14.94
C LYS B 129 14.24 -52.25 14.20
N GLY B 130 13.21 -51.69 14.83
CA GLY B 130 12.44 -50.62 14.24
C GLY B 130 10.98 -50.90 13.98
N PRO B 131 10.26 -49.87 13.53
CA PRO B 131 8.81 -50.02 13.28
C PRO B 131 8.44 -50.83 12.04
N GLY B 132 9.32 -50.83 11.03
CA GLY B 132 9.04 -51.51 9.77
C GLY B 132 7.93 -50.82 9.02
N SER B 133 7.01 -51.61 8.42
CA SER B 133 5.83 -51.05 7.74
C SER B 133 4.85 -50.40 8.74
N GLY B 134 4.97 -50.76 10.04
CA GLY B 134 4.13 -50.23 11.10
C GLY B 134 4.32 -48.75 11.31
N PRO B 135 3.35 -48.13 11.97
CA PRO B 135 3.41 -46.68 12.16
C PRO B 135 4.09 -46.24 13.46
N GLY B 136 4.66 -47.19 14.21
CA GLY B 136 5.23 -46.88 15.52
C GLY B 136 5.89 -48.04 16.20
N LEU B 137 5.58 -48.26 17.50
CA LEU B 137 6.26 -49.30 18.27
C LEU B 137 5.83 -50.71 17.95
N SER B 138 6.71 -51.47 17.26
CA SER B 138 6.48 -52.86 16.90
C SER B 138 6.50 -53.78 18.14
N GLU B 139 5.85 -54.94 18.04
CA GLU B 139 5.79 -55.95 19.10
C GLU B 139 7.18 -56.47 19.43
N GLN B 140 8.04 -56.66 18.41
CA GLN B 140 9.41 -57.12 18.62
C GLN B 140 10.21 -56.08 19.40
N ASP B 141 10.01 -54.78 19.10
CA ASP B 141 10.67 -53.70 19.82
C ASP B 141 10.26 -53.67 21.29
N VAL B 142 8.96 -53.92 21.59
CA VAL B 142 8.44 -53.99 22.96
C VAL B 142 9.17 -55.11 23.73
N ARG B 143 9.32 -56.29 23.12
CA ARG B 143 10.02 -57.42 23.72
C ARG B 143 11.52 -57.14 23.91
N ASP B 144 12.17 -56.56 22.89
CA ASP B 144 13.59 -56.23 22.93
C ASP B 144 13.89 -55.15 23.97
N LEU B 145 13.01 -54.15 24.10
CA LEU B 145 13.19 -53.08 25.08
C LEU B 145 13.05 -53.63 26.50
N ARG B 146 12.11 -54.59 26.71
CA ARG B 146 11.93 -55.26 27.99
C ARG B 146 13.17 -56.09 28.33
N PHE B 147 13.79 -56.73 27.33
CA PHE B 147 15.04 -57.48 27.48
C PHE B 147 16.15 -56.52 27.95
N GLY B 148 16.21 -55.33 27.34
CA GLY B 148 17.19 -54.30 27.67
C GLY B 148 17.15 -53.90 29.13
N VAL B 149 15.94 -53.62 29.65
CA VAL B 149 15.72 -53.25 31.05
C VAL B 149 16.17 -54.41 31.95
N GLU B 150 15.75 -55.64 31.62
CA GLU B 150 16.09 -56.85 32.40
C GLU B 150 17.59 -57.12 32.44
N HIS B 151 18.29 -56.79 31.36
CA HIS B 151 19.73 -57.00 31.30
C HIS B 151 20.56 -55.74 31.65
N GLY B 152 19.89 -54.69 32.12
CA GLY B 152 20.50 -53.45 32.59
C GLY B 152 21.32 -52.68 31.56
N VAL B 153 20.79 -52.54 30.33
CA VAL B 153 21.49 -51.76 29.30
C VAL B 153 21.47 -50.28 29.71
N ASP B 154 22.49 -49.54 29.28
CA ASP B 154 22.62 -48.13 29.65
C ASP B 154 21.91 -47.19 28.67
N ILE B 155 21.90 -47.57 27.39
CA ILE B 155 21.41 -46.71 26.34
C ILE B 155 20.55 -47.48 25.35
N VAL B 156 19.54 -46.82 24.80
CA VAL B 156 18.73 -47.36 23.72
C VAL B 156 18.95 -46.46 22.48
N PHE B 157 19.37 -47.05 21.35
CA PHE B 157 19.45 -46.34 20.07
C PHE B 157 18.14 -46.74 19.40
N ALA B 158 17.13 -45.87 19.49
CA ALA B 158 15.81 -46.16 18.96
C ALA B 158 15.76 -45.90 17.46
N SER B 159 15.55 -46.96 16.66
CA SER B 159 15.51 -46.87 15.20
C SER B 159 14.28 -46.18 14.65
N PHE B 160 14.47 -45.48 13.51
CA PHE B 160 13.44 -44.77 12.76
C PHE B 160 12.51 -43.90 13.63
N VAL B 161 13.08 -43.02 14.46
CA VAL B 161 12.26 -42.08 15.23
C VAL B 161 11.80 -40.98 14.27
N ARG B 162 10.47 -40.81 14.13
CA ARG B 162 9.87 -39.87 13.18
C ARG B 162 9.14 -38.69 13.83
N LYS B 163 8.83 -38.81 15.13
CA LYS B 163 8.09 -37.80 15.89
C LYS B 163 8.27 -38.01 17.40
N ALA B 164 7.89 -36.99 18.20
CA ALA B 164 8.01 -37.04 19.67
C ALA B 164 7.27 -38.24 20.28
N SER B 165 6.10 -38.61 19.73
CA SER B 165 5.32 -39.74 20.23
C SER B 165 6.03 -41.09 20.11
N ASP B 166 6.96 -41.22 19.14
CA ASP B 166 7.75 -42.44 18.98
C ASP B 166 8.69 -42.60 20.17
N VAL B 167 9.26 -41.49 20.68
CA VAL B 167 10.17 -41.54 21.81
C VAL B 167 9.38 -41.87 23.09
N ALA B 168 8.16 -41.30 23.24
CA ALA B 168 7.28 -41.55 24.37
C ALA B 168 6.92 -43.04 24.44
N ALA B 169 6.66 -43.67 23.28
CA ALA B 169 6.36 -45.10 23.19
C ALA B 169 7.55 -45.95 23.64
N VAL B 170 8.78 -45.54 23.25
CA VAL B 170 10.02 -46.24 23.65
C VAL B 170 10.19 -46.13 25.17
N ARG B 171 9.97 -44.92 25.74
CA ARG B 171 10.10 -44.71 27.17
CA ARG B 171 10.08 -44.65 27.18
C ARG B 171 9.04 -45.51 27.96
N ALA B 172 7.80 -45.56 27.45
CA ALA B 172 6.73 -46.34 28.08
C ALA B 172 7.09 -47.83 28.08
N ALA B 173 7.65 -48.35 26.96
CA ALA B 173 8.06 -49.76 26.83
C ALA B 173 9.21 -50.14 27.75
N LEU B 174 10.03 -49.16 28.17
CA LEU B 174 11.11 -49.40 29.12
C LEU B 174 10.55 -49.54 30.58
N GLY B 175 9.31 -49.09 30.80
CA GLY B 175 8.59 -49.21 32.06
C GLY B 175 9.14 -48.40 33.22
N PRO B 176 8.67 -48.71 34.43
CA PRO B 176 9.12 -47.95 35.61
C PRO B 176 10.56 -48.24 36.02
N GLU B 177 11.08 -49.45 35.70
CA GLU B 177 12.45 -49.83 36.05
C GLU B 177 13.53 -49.34 35.05
N GLY B 178 13.11 -48.82 33.91
CA GLY B 178 14.04 -48.33 32.89
C GLY B 178 14.10 -46.83 32.72
N HIS B 179 13.70 -46.07 33.76
CA HIS B 179 13.68 -44.60 33.77
C HIS B 179 15.08 -43.97 33.58
N GLY B 180 16.11 -44.65 34.07
CA GLY B 180 17.49 -44.19 34.00
C GLY B 180 18.20 -44.44 32.68
N ILE B 181 17.59 -45.24 31.79
CA ILE B 181 18.17 -45.56 30.48
C ILE B 181 18.09 -44.36 29.54
N LYS B 182 19.23 -44.03 28.89
CA LYS B 182 19.27 -42.90 27.96
C LYS B 182 18.66 -43.30 26.61
N ILE B 183 17.75 -42.49 26.08
CA ILE B 183 17.16 -42.74 24.76
C ILE B 183 17.82 -41.83 23.72
N ILE B 184 18.54 -42.44 22.78
CA ILE B 184 19.21 -41.74 21.67
C ILE B 184 18.37 -42.01 20.44
N SER B 185 17.66 -40.99 19.96
CA SER B 185 16.79 -41.15 18.81
C SER B 185 17.56 -41.19 17.50
N LYS B 186 17.35 -42.24 16.71
CA LYS B 186 18.00 -42.36 15.42
C LYS B 186 17.17 -41.66 14.35
N ILE B 187 17.77 -40.66 13.67
CA ILE B 187 17.10 -39.95 12.59
C ILE B 187 17.52 -40.64 11.30
N GLU B 188 16.56 -41.30 10.64
CA GLU B 188 16.79 -42.16 9.49
C GLU B 188 15.99 -41.83 8.23
N ASN B 189 15.08 -40.85 8.29
CA ASN B 189 14.26 -40.50 7.12
C ASN B 189 13.90 -39.02 7.08
N HIS B 190 13.21 -38.60 6.01
CA HIS B 190 12.79 -37.21 5.82
C HIS B 190 11.95 -36.67 6.99
N GLU B 191 10.97 -37.44 7.47
CA GLU B 191 10.11 -37.01 8.57
C GLU B 191 10.88 -36.73 9.87
N GLY B 192 11.82 -37.60 10.18
CA GLY B 192 12.68 -37.45 11.35
C GLY B 192 13.51 -36.18 11.27
N VAL B 193 13.99 -35.83 10.06
CA VAL B 193 14.77 -34.61 9.86
C VAL B 193 13.86 -33.39 10.03
N LYS B 194 12.67 -33.42 9.43
CA LYS B 194 11.72 -32.31 9.46
C LYS B 194 11.14 -32.06 10.85
N ARG B 195 10.92 -33.11 11.61
CA ARG B 195 10.41 -33.03 12.97
C ARG B 195 11.54 -33.15 14.00
N PHE B 196 12.79 -32.83 13.61
CA PHE B 196 13.96 -32.93 14.47
C PHE B 196 13.82 -32.21 15.82
N ASP B 197 13.38 -30.95 15.82
CA ASP B 197 13.27 -30.16 17.04
C ASP B 197 12.39 -30.80 18.10
N GLU B 198 11.21 -31.30 17.70
CA GLU B 198 10.31 -31.96 18.64
C GLU B 198 10.87 -33.30 19.14
N ILE B 199 11.67 -33.98 18.30
CA ILE B 199 12.31 -35.24 18.69
C ILE B 199 13.46 -34.97 19.68
N LEU B 200 14.33 -34.00 19.39
CA LEU B 200 15.46 -33.68 20.27
C LEU B 200 14.97 -33.24 21.66
N GLU B 201 13.88 -32.45 21.71
CA GLU B 201 13.31 -31.95 22.97
C GLU B 201 12.98 -33.06 23.96
N VAL B 202 12.45 -34.21 23.47
CA VAL B 202 12.08 -35.34 24.33
C VAL B 202 13.12 -36.48 24.38
N SER B 203 14.23 -36.36 23.63
CA SER B 203 15.26 -37.39 23.63
C SER B 203 16.44 -36.98 24.49
N ASP B 204 17.25 -37.95 24.90
CA ASP B 204 18.50 -37.66 25.60
C ASP B 204 19.63 -37.26 24.60
N GLY B 205 19.49 -37.69 23.35
CA GLY B 205 20.44 -37.40 22.30
C GLY B 205 19.95 -37.91 20.96
N ILE B 206 20.83 -37.81 19.95
CA ILE B 206 20.48 -38.15 18.59
C ILE B 206 21.56 -38.97 17.92
N MET B 207 21.16 -39.85 17.00
CA MET B 207 22.11 -40.56 16.16
C MET B 207 21.78 -40.18 14.72
N VAL B 208 22.79 -39.72 13.96
CA VAL B 208 22.64 -39.43 12.55
C VAL B 208 22.91 -40.81 11.88
N ALA B 209 21.85 -41.58 11.64
CA ALA B 209 21.91 -42.93 11.07
C ALA B 209 21.94 -42.79 9.56
N ARG B 210 23.16 -42.61 9.02
CA ARG B 210 23.39 -42.31 7.61
C ARG B 210 23.07 -43.43 6.62
N GLY B 211 23.07 -44.69 7.06
CA GLY B 211 22.74 -45.81 6.17
C GLY B 211 21.34 -45.67 5.59
N ASP B 212 20.31 -45.67 6.48
CA ASP B 212 18.92 -45.48 6.04
C ASP B 212 18.67 -44.07 5.56
N LEU B 213 19.28 -43.05 6.21
CA LEU B 213 19.09 -41.65 5.78
C LEU B 213 19.51 -41.48 4.31
N GLY B 214 20.61 -42.11 3.92
CA GLY B 214 21.15 -42.06 2.57
C GLY B 214 20.35 -42.77 1.49
N ILE B 215 19.37 -43.59 1.91
CA ILE B 215 18.44 -44.30 1.02
C ILE B 215 17.06 -43.59 1.04
N GLU B 216 16.68 -43.00 2.20
CA GLU B 216 15.43 -42.28 2.40
C GLU B 216 15.40 -40.89 1.80
N ILE B 217 16.53 -40.19 1.82
CA ILE B 217 16.67 -38.86 1.21
C ILE B 217 17.81 -38.95 0.17
N PRO B 218 17.93 -38.02 -0.80
CA PRO B 218 19.03 -38.12 -1.78
C PRO B 218 20.39 -38.21 -1.08
N ALA B 219 21.25 -39.13 -1.52
CA ALA B 219 22.57 -39.35 -0.93
C ALA B 219 23.39 -38.05 -0.79
N GLU B 220 23.28 -37.16 -1.79
CA GLU B 220 24.01 -35.90 -1.81
C GLU B 220 23.52 -34.88 -0.77
N LYS B 221 22.41 -35.16 -0.05
CA LYS B 221 21.87 -34.27 0.97
C LYS B 221 22.18 -34.71 2.39
N VAL B 222 22.72 -35.94 2.60
CA VAL B 222 23.00 -36.49 3.93
C VAL B 222 23.93 -35.59 4.75
N PHE B 223 24.99 -35.04 4.13
CA PHE B 223 25.89 -34.14 4.86
C PHE B 223 25.18 -32.89 5.43
N LEU B 224 24.12 -32.41 4.76
CA LEU B 224 23.37 -31.24 5.23
C LEU B 224 22.60 -31.65 6.49
N ALA B 225 21.96 -32.81 6.45
CA ALA B 225 21.21 -33.32 7.60
C ALA B 225 22.17 -33.59 8.77
N GLN B 226 23.33 -34.20 8.48
CA GLN B 226 24.34 -34.46 9.50
C GLN B 226 24.83 -33.15 10.18
N LYS B 227 25.26 -32.17 9.38
CA LYS B 227 25.77 -30.92 9.94
C LYS B 227 24.72 -30.14 10.71
N MET B 228 23.48 -30.09 10.21
CA MET B 228 22.35 -29.44 10.88
C MET B 228 22.06 -30.10 12.24
N MET B 229 21.98 -31.42 12.27
CA MET B 229 21.65 -32.15 13.51
C MET B 229 22.74 -32.06 14.54
N ILE B 230 23.99 -32.11 14.11
CA ILE B 230 25.12 -31.98 15.03
C ILE B 230 25.13 -30.55 15.61
N GLY B 231 24.93 -29.54 14.75
CA GLY B 231 24.87 -28.15 15.19
C GLY B 231 23.75 -27.93 16.21
N ARG B 232 22.55 -28.46 15.92
CA ARG B 232 21.40 -28.29 16.82
C ARG B 232 21.59 -29.02 18.15
N CYS B 233 22.26 -30.19 18.13
CA CYS B 233 22.56 -30.92 19.36
C CYS B 233 23.60 -30.19 20.18
N ASN B 234 24.62 -29.60 19.51
CA ASN B 234 25.65 -28.82 20.21
C ASN B 234 25.00 -27.60 20.89
N LEU B 235 24.07 -26.95 20.20
CA LEU B 235 23.37 -25.79 20.73
C LEU B 235 22.52 -26.18 21.96
N ALA B 236 21.84 -27.34 21.88
CA ALA B 236 21.01 -27.89 22.97
C ALA B 236 21.83 -28.52 24.11
N GLY B 237 23.11 -28.79 23.88
CA GLY B 237 23.98 -29.43 24.86
C GLY B 237 23.62 -30.89 25.07
N LYS B 238 23.12 -31.57 24.01
CA LYS B 238 22.74 -32.98 24.07
C LYS B 238 23.64 -33.81 23.16
N PRO B 239 24.03 -35.04 23.58
CA PRO B 239 24.92 -35.86 22.76
C PRO B 239 24.42 -36.20 21.35
N VAL B 240 25.35 -36.22 20.38
CA VAL B 240 25.02 -36.55 18.99
C VAL B 240 26.06 -37.55 18.49
N VAL B 241 25.57 -38.63 17.86
CA VAL B 241 26.39 -39.71 17.33
C VAL B 241 26.41 -39.65 15.81
N CYS B 242 27.60 -39.77 15.20
CA CYS B 242 27.68 -39.86 13.73
C CYS B 242 27.87 -41.34 13.46
N ALA B 243 27.02 -41.91 12.58
CA ALA B 243 27.10 -43.33 12.34
C ALA B 243 27.09 -43.72 10.87
N THR B 244 27.61 -44.95 10.58
CA THR B 244 27.51 -45.78 9.38
C THR B 244 28.43 -45.43 8.22
N GLN B 245 29.19 -46.46 7.80
CA GLN B 245 30.13 -46.45 6.68
C GLN B 245 31.29 -45.49 6.89
N MET B 246 31.59 -45.12 8.15
CA MET B 246 32.70 -44.20 8.43
C MET B 246 34.05 -44.76 7.98
N LEU B 247 34.27 -46.08 8.21
CA LEU B 247 35.50 -46.74 7.78
C LEU B 247 35.14 -48.03 7.00
N GLU B 248 34.07 -47.97 6.21
CA GLU B 248 33.49 -49.09 5.47
C GLU B 248 34.50 -50.04 4.85
N SER B 249 35.48 -49.53 4.08
CA SER B 249 36.45 -50.39 3.37
C SER B 249 37.25 -51.29 4.32
N MET B 250 37.35 -50.91 5.59
CA MET B 250 38.06 -51.70 6.57
C MET B 250 37.34 -53.01 6.97
N ILE B 251 36.10 -53.23 6.47
CA ILE B 251 35.40 -54.52 6.64
C ILE B 251 36.29 -55.61 5.96
N THR B 252 36.96 -55.26 4.84
CA THR B 252 37.81 -56.18 4.11
C THR B 252 39.30 -55.85 4.14
N LYS B 253 39.66 -54.56 4.14
CA LYS B 253 41.06 -54.13 4.07
C LYS B 253 41.60 -53.65 5.42
N PRO B 254 42.92 -53.79 5.65
CA PRO B 254 43.49 -53.36 6.94
C PRO B 254 43.67 -51.85 7.09
N ARG B 255 43.57 -51.10 5.98
CA ARG B 255 43.74 -49.64 5.99
C ARG B 255 42.53 -48.97 5.30
N PRO B 256 42.08 -47.77 5.76
CA PRO B 256 40.90 -47.15 5.16
C PRO B 256 41.23 -46.30 3.93
N THR B 257 40.19 -45.83 3.22
CA THR B 257 40.41 -44.95 2.06
C THR B 257 40.64 -43.49 2.56
N ARG B 258 41.07 -42.59 1.65
CA ARG B 258 41.25 -41.17 1.97
C ARG B 258 39.92 -40.49 2.33
N ALA B 259 38.82 -40.95 1.74
CA ALA B 259 37.50 -40.40 2.03
C ALA B 259 37.02 -40.80 3.44
N GLU B 260 37.39 -42.01 3.87
CA GLU B 260 37.01 -42.53 5.19
C GLU B 260 37.73 -41.81 6.33
N THR B 261 39.05 -41.58 6.20
CA THR B 261 39.76 -40.83 7.24
C THR B 261 39.22 -39.40 7.32
N SER B 262 38.95 -38.79 6.15
CA SER B 262 38.38 -37.45 6.07
C SER B 262 36.99 -37.41 6.76
N ASP B 263 36.14 -38.40 6.49
CA ASP B 263 34.80 -38.47 7.08
C ASP B 263 34.85 -38.48 8.62
N VAL B 264 35.75 -39.31 9.18
CA VAL B 264 35.88 -39.43 10.63
C VAL B 264 36.36 -38.06 11.21
N ALA B 265 37.38 -37.47 10.58
CA ALA B 265 37.91 -36.19 11.01
C ALA B 265 36.83 -35.10 10.95
N ASN B 266 36.05 -35.07 9.85
CA ASN B 266 35.01 -34.08 9.65
C ASN B 266 33.81 -34.28 10.58
N ALA B 267 33.51 -35.51 10.99
CA ALA B 267 32.41 -35.74 11.97
C ALA B 267 32.81 -35.08 13.31
N VAL B 268 34.08 -35.22 13.71
CA VAL B 268 34.60 -34.64 14.94
C VAL B 268 34.60 -33.12 14.82
N LEU B 269 35.08 -32.57 13.67
CA LEU B 269 35.10 -31.12 13.44
C LEU B 269 33.69 -30.54 13.37
N ASP B 270 32.71 -31.31 12.88
CA ASP B 270 31.30 -30.89 12.84
C ASP B 270 30.76 -30.67 14.27
N GLY B 271 31.27 -31.44 15.23
CA GLY B 271 30.86 -31.37 16.62
C GLY B 271 30.28 -32.65 17.19
N ALA B 272 30.47 -33.81 16.49
CA ALA B 272 29.89 -35.07 17.00
C ALA B 272 30.49 -35.47 18.36
N ASP B 273 29.64 -35.91 19.30
CA ASP B 273 30.14 -36.39 20.59
C ASP B 273 30.70 -37.79 20.47
N CYS B 274 30.07 -38.63 19.62
CA CYS B 274 30.45 -40.01 19.38
C CYS B 274 30.55 -40.32 17.89
N ILE B 275 31.40 -41.26 17.57
CA ILE B 275 31.54 -41.83 16.22
C ILE B 275 31.32 -43.35 16.36
N MET B 276 30.77 -43.97 15.33
CA MET B 276 30.37 -45.37 15.39
C MET B 276 30.97 -46.24 14.31
N LEU B 277 31.07 -47.53 14.62
CA LEU B 277 31.49 -48.61 13.75
C LEU B 277 30.39 -49.67 13.77
N SER B 278 29.98 -50.12 12.58
CA SER B 278 28.92 -51.10 12.45
C SER B 278 29.50 -52.41 11.90
N GLY B 279 29.38 -52.65 10.59
CA GLY B 279 29.92 -53.84 9.95
C GLY B 279 31.43 -53.97 10.14
N GLU B 280 32.12 -52.82 10.29
CA GLU B 280 33.58 -52.77 10.52
C GLU B 280 33.98 -53.56 11.76
N THR B 281 33.13 -53.62 12.79
CA THR B 281 33.49 -54.37 14.02
C THR B 281 32.62 -55.60 14.20
N ALA B 282 31.35 -55.54 13.76
CA ALA B 282 30.41 -56.64 13.92
C ALA B 282 30.80 -57.87 13.11
N LYS B 283 31.15 -57.70 11.82
CA LYS B 283 31.49 -58.83 10.96
C LYS B 283 32.79 -58.71 10.17
N GLY B 284 33.41 -57.53 10.17
CA GLY B 284 34.63 -57.29 9.40
C GLY B 284 35.85 -58.10 9.83
N ASN B 285 36.88 -58.10 8.99
CA ASN B 285 38.13 -58.80 9.21
C ASN B 285 39.09 -58.07 10.16
N PHE B 286 38.90 -56.75 10.37
CA PHE B 286 39.80 -55.96 11.20
C PHE B 286 39.05 -55.10 12.25
N PRO B 287 38.29 -55.71 13.19
CA PRO B 287 37.55 -54.92 14.17
C PRO B 287 38.41 -54.06 15.08
N VAL B 288 39.53 -54.60 15.58
CA VAL B 288 40.44 -53.90 16.48
C VAL B 288 41.13 -52.74 15.75
N GLU B 289 41.60 -53.00 14.52
CA GLU B 289 42.25 -51.99 13.67
C GLU B 289 41.29 -50.83 13.33
N ALA B 290 39.97 -51.13 13.16
CA ALA B 290 38.97 -50.12 12.87
C ALA B 290 38.81 -49.17 14.09
N VAL B 291 38.77 -49.76 15.31
CA VAL B 291 38.68 -48.98 16.55
C VAL B 291 39.93 -48.11 16.71
N LYS B 292 41.13 -48.69 16.47
CA LYS B 292 42.41 -47.96 16.55
C LYS B 292 42.47 -46.79 15.55
N MET B 293 41.93 -46.99 14.34
CA MET B 293 41.91 -45.96 13.30
C MET B 293 41.00 -44.82 13.72
N GLN B 294 39.77 -45.13 14.22
CA GLN B 294 38.88 -44.06 14.71
C GLN B 294 39.53 -43.28 15.85
N HIS B 295 40.22 -44.00 16.76
CA HIS B 295 40.92 -43.37 17.88
C HIS B 295 42.00 -42.38 17.36
N ALA B 296 42.86 -42.84 16.43
CA ALA B 296 43.96 -42.04 15.88
C ALA B 296 43.45 -40.77 15.16
N ILE B 297 42.39 -40.91 14.36
CA ILE B 297 41.82 -39.77 13.63
C ILE B 297 41.14 -38.78 14.57
N ALA B 298 40.30 -39.28 15.51
CA ALA B 298 39.59 -38.41 16.46
C ALA B 298 40.57 -37.57 17.27
N ARG B 299 41.70 -38.15 17.74
CA ARG B 299 42.73 -37.40 18.48
C ARG B 299 43.25 -36.23 17.66
N GLU B 300 43.55 -36.47 16.37
CA GLU B 300 44.06 -35.43 15.48
C GLU B 300 43.02 -34.35 15.22
N ALA B 301 41.78 -34.75 14.96
CA ALA B 301 40.70 -33.82 14.65
C ALA B 301 40.26 -32.95 15.85
N GLU B 302 40.25 -33.53 17.06
CA GLU B 302 39.89 -32.77 18.26
C GLU B 302 40.85 -31.61 18.48
N ALA B 303 42.15 -31.83 18.24
CA ALA B 303 43.15 -30.77 18.40
C ALA B 303 42.95 -29.67 17.34
N ALA B 304 42.42 -30.03 16.15
CA ALA B 304 42.19 -29.13 15.03
C ALA B 304 40.90 -28.31 15.16
N VAL B 305 40.08 -28.55 16.21
CA VAL B 305 38.84 -27.78 16.43
C VAL B 305 39.24 -26.31 16.72
N TYR B 306 38.55 -25.35 16.12
CA TYR B 306 38.85 -23.93 16.33
C TYR B 306 38.06 -23.45 17.56
N HIS B 307 38.56 -23.77 18.77
CA HIS B 307 37.89 -23.45 20.04
C HIS B 307 37.56 -22.00 20.22
N ARG B 308 38.44 -21.08 19.74
CA ARG B 308 38.19 -19.64 19.86
C ARG B 308 36.82 -19.23 19.31
N GLN B 309 36.46 -19.71 18.10
CA GLN B 309 35.15 -19.39 17.54
C GLN B 309 34.07 -20.26 18.15
N LEU B 310 34.34 -21.55 18.35
CA LEU B 310 33.35 -22.46 18.92
C LEU B 310 32.85 -21.98 20.31
N PHE B 311 33.77 -21.65 21.21
CA PHE B 311 33.43 -21.17 22.56
C PHE B 311 32.64 -19.86 22.52
N GLU B 312 33.08 -18.91 21.66
CA GLU B 312 32.44 -17.61 21.46
C GLU B 312 31.01 -17.81 20.96
N GLU B 313 30.82 -18.72 19.98
CA GLU B 313 29.51 -18.96 19.42
C GLU B 313 28.58 -19.70 20.37
N LEU B 314 29.11 -20.67 21.14
CA LEU B 314 28.32 -21.42 22.12
C LEU B 314 27.83 -20.46 23.22
N ARG B 315 28.63 -19.47 23.60
CA ARG B 315 28.22 -18.48 24.61
C ARG B 315 27.18 -17.51 24.06
N ARG B 316 27.38 -17.01 22.84
CA ARG B 316 26.45 -16.08 22.21
C ARG B 316 25.08 -16.71 21.97
N ALA B 317 25.07 -17.98 21.55
CA ALA B 317 23.84 -18.67 21.22
C ALA B 317 23.10 -19.19 22.45
N ALA B 318 23.84 -19.57 23.51
CA ALA B 318 23.23 -20.11 24.72
C ALA B 318 22.54 -19.01 25.50
N PRO B 319 21.29 -19.27 25.95
CA PRO B 319 20.58 -18.24 26.72
C PRO B 319 21.17 -18.07 28.10
N LEU B 320 20.88 -16.91 28.74
CA LEU B 320 21.29 -16.62 30.11
C LEU B 320 20.72 -17.72 31.02
N SER B 321 21.47 -18.12 32.04
CA SER B 321 21.01 -19.18 32.92
C SER B 321 21.11 -18.79 34.36
N ARG B 322 20.07 -19.13 35.12
CA ARG B 322 20.07 -18.93 36.57
C ARG B 322 20.37 -20.27 37.32
N ASP B 323 20.70 -21.35 36.58
CA ASP B 323 21.03 -22.63 37.16
C ASP B 323 22.51 -22.61 37.61
N PRO B 324 22.80 -22.77 38.90
CA PRO B 324 24.19 -22.70 39.35
C PRO B 324 25.15 -23.73 38.72
N THR B 325 24.65 -24.91 38.30
CA THR B 325 25.51 -25.91 37.66
C THR B 325 25.99 -25.38 36.30
N GLU B 326 25.05 -24.79 35.54
CA GLU B 326 25.34 -24.17 34.23
C GLU B 326 26.31 -22.98 34.40
N VAL B 327 26.03 -22.10 35.39
CA VAL B 327 26.87 -20.92 35.65
C VAL B 327 28.30 -21.33 36.05
N THR B 328 28.43 -22.35 36.91
CA THR B 328 29.74 -22.85 37.32
C THR B 328 30.48 -23.48 36.12
N ALA B 329 29.74 -24.23 35.29
CA ALA B 329 30.32 -24.90 34.12
C ALA B 329 30.98 -23.91 33.17
N ILE B 330 30.30 -22.80 32.82
CA ILE B 330 30.89 -21.81 31.91
C ILE B 330 32.09 -21.11 32.56
N GLY B 331 32.00 -20.84 33.87
CA GLY B 331 33.11 -20.23 34.58
C GLY B 331 34.34 -21.14 34.60
N ALA B 332 34.12 -22.44 34.84
CA ALA B 332 35.18 -23.45 34.87
C ALA B 332 35.85 -23.62 33.49
N VAL B 333 35.05 -23.62 32.41
CA VAL B 333 35.58 -23.78 31.04
C VAL B 333 36.40 -22.52 30.69
N GLU B 334 35.90 -21.33 31.02
CA GLU B 334 36.61 -20.07 30.81
C GLU B 334 37.94 -20.08 31.57
N ALA B 335 37.92 -20.52 32.83
CA ALA B 335 39.12 -20.60 33.65
C ALA B 335 40.13 -21.61 33.06
N ALA B 336 39.65 -22.76 32.59
CA ALA B 336 40.49 -23.79 31.97
C ALA B 336 41.22 -23.23 30.73
N PHE B 337 40.52 -22.46 29.88
CA PHE B 337 41.13 -21.85 28.69
C PHE B 337 42.18 -20.80 29.08
N LYS B 338 41.91 -20.00 30.13
CA LYS B 338 42.81 -18.95 30.62
C LYS B 338 44.20 -19.46 31.00
N CYS B 339 44.28 -20.66 31.62
CA CYS B 339 45.57 -21.20 32.08
C CYS B 339 46.04 -22.43 31.31
N CYS B 340 45.32 -22.84 30.24
CA CYS B 340 45.64 -24.07 29.49
C CYS B 340 45.61 -25.26 30.47
N ALA B 341 44.57 -25.32 31.32
CA ALA B 341 44.43 -26.35 32.34
C ALA B 341 44.52 -27.75 31.73
N ALA B 342 45.23 -28.66 32.41
CA ALA B 342 45.36 -30.03 31.93
C ALA B 342 44.01 -30.75 31.99
N ALA B 343 43.18 -30.43 33.01
CA ALA B 343 41.89 -31.08 33.17
C ALA B 343 40.93 -30.25 34.05
N ILE B 344 39.65 -30.58 33.99
CA ILE B 344 38.60 -30.07 34.85
C ILE B 344 38.10 -31.32 35.59
N ILE B 345 38.32 -31.41 36.92
CA ILE B 345 37.84 -32.54 37.70
C ILE B 345 36.49 -32.17 38.28
N VAL B 346 35.48 -32.99 38.00
CA VAL B 346 34.12 -32.71 38.45
C VAL B 346 33.52 -33.90 39.20
N LEU B 347 32.80 -33.63 40.30
CA LEU B 347 32.10 -34.67 41.05
C LEU B 347 30.68 -34.68 40.53
N THR B 348 30.15 -35.86 40.19
CA THR B 348 28.81 -35.94 39.64
C THR B 348 28.06 -37.22 40.06
N THR B 349 26.77 -37.10 40.29
CA THR B 349 25.95 -38.25 40.69
C THR B 349 25.26 -38.85 39.46
N THR B 350 24.65 -37.99 38.64
CA THR B 350 23.90 -38.38 37.43
C THR B 350 24.69 -38.19 36.11
N GLY B 351 25.80 -37.47 36.17
CA GLY B 351 26.62 -37.10 35.02
C GLY B 351 26.33 -35.69 34.53
N ARG B 352 25.20 -35.08 34.99
CA ARG B 352 24.77 -33.77 34.55
C ARG B 352 25.82 -32.65 34.65
N SER B 353 26.57 -32.56 35.78
CA SER B 353 27.59 -31.51 35.91
C SER B 353 28.69 -31.66 34.85
N ALA B 354 29.04 -32.90 34.52
CA ALA B 354 30.04 -33.20 33.50
C ALA B 354 29.49 -32.86 32.10
N GLN B 355 28.21 -33.18 31.85
CA GLN B 355 27.54 -32.87 30.58
C GLN B 355 27.51 -31.35 30.33
N LEU B 356 27.25 -30.55 31.39
CA LEU B 356 27.21 -29.09 31.25
C LEU B 356 28.60 -28.49 31.00
N LEU B 357 29.67 -29.15 31.46
CA LEU B 357 31.02 -28.70 31.16
C LEU B 357 31.32 -29.06 29.68
N SER B 358 30.99 -30.31 29.29
CA SER B 358 31.20 -30.84 27.94
C SER B 358 30.57 -29.97 26.84
N ARG B 359 29.36 -29.41 27.09
CA ARG B 359 28.64 -28.59 26.11
C ARG B 359 29.42 -27.33 25.68
N TYR B 360 30.35 -26.82 26.52
CA TYR B 360 31.18 -25.66 26.17
C TYR B 360 32.49 -26.03 25.45
N ARG B 361 32.66 -27.33 25.17
CA ARG B 361 33.77 -27.91 24.45
C ARG B 361 35.15 -27.42 24.95
N PRO B 362 35.49 -27.64 26.24
CA PRO B 362 36.82 -27.23 26.69
C PRO B 362 37.91 -28.09 26.03
N ARG B 363 39.12 -27.55 25.91
CA ARG B 363 40.27 -28.32 25.43
C ARG B 363 40.70 -29.29 26.56
N ALA B 364 40.55 -28.85 27.83
CA ALA B 364 40.87 -29.60 29.02
C ALA B 364 39.94 -30.80 29.14
N ALA B 365 40.52 -31.94 29.48
CA ALA B 365 39.76 -33.18 29.70
C ALA B 365 38.81 -32.98 30.89
N VAL B 366 37.56 -33.46 30.80
CA VAL B 366 36.63 -33.38 31.91
C VAL B 366 36.68 -34.74 32.64
N ILE B 367 37.38 -34.80 33.79
CA ILE B 367 37.50 -36.02 34.57
C ILE B 367 36.31 -36.08 35.54
N ALA B 368 35.36 -36.99 35.27
CA ALA B 368 34.13 -37.07 36.06
C ALA B 368 34.18 -38.21 37.09
N VAL B 369 34.21 -37.85 38.39
CA VAL B 369 34.28 -38.79 39.50
C VAL B 369 32.88 -39.06 40.00
N THR B 370 32.45 -40.34 39.91
CA THR B 370 31.10 -40.73 40.31
C THR B 370 31.06 -42.07 41.04
N ARG B 371 30.09 -42.26 41.92
CA ARG B 371 29.85 -43.54 42.58
C ARG B 371 28.85 -44.40 41.76
N SER B 372 28.09 -43.77 40.84
CA SER B 372 27.11 -44.46 40.02
C SER B 372 27.78 -45.15 38.83
N ALA B 373 27.75 -46.49 38.81
CA ALA B 373 28.34 -47.27 37.72
C ALA B 373 27.63 -46.98 36.40
N GLN B 374 26.29 -46.82 36.44
CA GLN B 374 25.50 -46.50 35.26
C GLN B 374 25.83 -45.10 34.71
N ALA B 375 25.93 -44.08 35.60
CA ALA B 375 26.31 -42.73 35.18
C ALA B 375 27.69 -42.72 34.55
N ALA B 376 28.64 -43.48 35.11
CA ALA B 376 30.00 -43.61 34.60
C ALA B 376 29.99 -44.18 33.16
N ARG B 377 29.10 -45.14 32.89
CA ARG B 377 28.98 -45.70 31.55
C ARG B 377 28.30 -44.71 30.59
N GLN B 378 27.21 -44.09 31.03
CA GLN B 378 26.41 -43.18 30.21
C GLN B 378 27.10 -41.88 29.83
N VAL B 379 28.04 -41.34 30.67
CA VAL B 379 28.72 -40.08 30.35
C VAL B 379 29.66 -40.20 29.15
N HIS B 380 29.94 -41.42 28.68
CA HIS B 380 30.69 -41.62 27.44
C HIS B 380 29.96 -40.97 26.25
N LEU B 381 28.65 -40.71 26.37
CA LEU B 381 27.90 -40.05 25.33
C LEU B 381 28.34 -38.57 25.14
N CYS B 382 28.96 -37.95 26.17
CA CYS B 382 29.37 -36.55 26.19
C CYS B 382 30.83 -36.39 25.84
N ARG B 383 31.13 -35.63 24.77
CA ARG B 383 32.52 -35.46 24.36
C ARG B 383 33.42 -34.91 25.45
N GLY B 384 34.59 -35.52 25.59
CA GLY B 384 35.62 -35.06 26.52
C GLY B 384 35.38 -35.38 27.97
N VAL B 385 34.40 -36.24 28.26
CA VAL B 385 34.14 -36.68 29.63
C VAL B 385 34.78 -38.06 29.84
N PHE B 386 35.73 -38.12 30.77
CA PHE B 386 36.47 -39.32 31.16
C PHE B 386 35.94 -39.80 32.52
N PRO B 387 35.06 -40.82 32.51
CA PRO B 387 34.46 -41.29 33.76
C PRO B 387 35.36 -42.13 34.65
N LEU B 388 35.34 -41.84 35.95
CA LEU B 388 36.09 -42.58 36.95
C LEU B 388 35.08 -43.10 37.97
N LEU B 389 34.99 -44.42 38.14
CA LEU B 389 34.08 -45.01 39.09
C LEU B 389 34.75 -45.10 40.46
N TYR B 390 34.21 -44.36 41.44
CA TYR B 390 34.71 -44.33 42.80
C TYR B 390 34.00 -45.42 43.59
N ARG B 391 34.78 -46.33 44.19
CA ARG B 391 34.24 -47.50 44.89
C ARG B 391 34.27 -47.45 46.43
N GLU B 392 35.00 -46.48 47.03
CA GLU B 392 35.12 -46.38 48.49
C GLU B 392 33.85 -45.97 49.21
N PRO B 393 33.59 -46.56 50.40
CA PRO B 393 32.39 -46.17 51.16
C PRO B 393 32.49 -44.73 51.69
N PRO B 394 31.36 -44.04 51.90
CA PRO B 394 31.43 -42.64 52.35
C PRO B 394 32.15 -42.38 53.67
N GLU B 395 32.95 -41.31 53.71
CA GLU B 395 33.63 -40.83 54.91
C GLU B 395 32.56 -40.25 55.85
N ALA B 396 32.85 -40.24 57.17
CA ALA B 396 31.92 -39.72 58.18
C ALA B 396 31.64 -38.22 57.95
N ILE B 397 32.70 -37.43 57.70
CA ILE B 397 32.57 -36.01 57.41
C ILE B 397 32.45 -35.86 55.89
N TRP B 398 31.36 -35.24 55.39
CA TRP B 398 31.09 -35.06 53.97
C TRP B 398 32.19 -34.32 53.21
N ALA B 399 32.72 -33.22 53.79
CA ALA B 399 33.80 -32.45 53.20
C ALA B 399 35.05 -33.30 52.91
N ASP B 400 35.32 -34.28 53.79
CA ASP B 400 36.46 -35.18 53.62
C ASP B 400 36.18 -36.23 52.53
N ASP B 401 34.92 -36.63 52.36
CA ASP B 401 34.52 -37.57 51.32
C ASP B 401 34.67 -36.88 49.94
N VAL B 402 34.29 -35.60 49.86
CA VAL B 402 34.44 -34.78 48.64
C VAL B 402 35.92 -34.68 48.30
N ASP B 403 36.76 -34.32 49.28
CA ASP B 403 38.21 -34.19 49.13
C ASP B 403 38.86 -35.51 48.69
N ARG B 404 38.42 -36.66 49.23
CA ARG B 404 38.96 -37.96 48.84
C ARG B 404 38.65 -38.26 47.38
N ARG B 405 37.46 -37.88 46.91
CA ARG B 405 37.02 -38.09 45.53
C ARG B 405 37.81 -37.21 44.56
N VAL B 406 38.12 -35.96 44.97
CA VAL B 406 38.92 -35.03 44.17
C VAL B 406 40.33 -35.60 44.04
N GLN B 407 40.90 -36.11 45.15
CA GLN B 407 42.24 -36.72 45.16
C GLN B 407 42.28 -37.99 44.32
N PHE B 408 41.19 -38.76 44.28
CA PHE B 408 41.05 -39.95 43.45
C PHE B 408 41.12 -39.54 41.96
N GLY B 409 40.47 -38.44 41.62
CA GLY B 409 40.49 -37.86 40.28
C GLY B 409 41.89 -37.44 39.89
N ILE B 410 42.62 -36.79 40.82
CA ILE B 410 44.01 -36.35 40.62
C ILE B 410 44.94 -37.55 40.43
N GLU B 411 44.85 -38.55 41.33
CA GLU B 411 45.69 -39.75 41.26
C GLU B 411 45.41 -40.57 40.01
N SER B 412 44.15 -40.75 39.63
CA SER B 412 43.82 -41.47 38.39
C SER B 412 44.33 -40.68 37.19
N GLY B 413 44.19 -39.35 37.23
CA GLY B 413 44.66 -38.44 36.20
C GLY B 413 46.17 -38.47 36.02
N LYS B 414 46.92 -38.64 37.12
CA LYS B 414 48.39 -38.73 37.10
C LYS B 414 48.81 -40.07 36.49
N LEU B 415 48.15 -41.13 36.92
CA LEU B 415 48.49 -42.47 36.45
C LEU B 415 47.96 -42.75 35.04
N ARG B 416 46.93 -42.03 34.61
CA ARG B 416 46.43 -42.16 33.25
C ARG B 416 47.16 -41.22 32.25
N GLY B 417 48.05 -40.35 32.72
CA GLY B 417 48.82 -39.46 31.88
C GLY B 417 48.27 -38.06 31.69
N PHE B 418 47.01 -37.85 32.11
CA PHE B 418 46.29 -36.58 32.00
C PHE B 418 46.98 -35.44 32.76
N LEU B 419 47.51 -35.75 33.95
CA LEU B 419 48.09 -34.77 34.85
C LEU B 419 49.51 -35.07 35.27
N ARG B 420 50.25 -33.99 35.53
CA ARG B 420 51.64 -34.01 35.97
C ARG B 420 51.80 -32.98 37.12
N VAL B 421 52.83 -33.14 37.95
CA VAL B 421 53.13 -32.19 39.04
C VAL B 421 53.47 -30.83 38.40
N GLY B 422 52.85 -29.76 38.91
CA GLY B 422 53.04 -28.42 38.36
C GLY B 422 51.88 -27.97 37.49
N ASP B 423 51.07 -28.91 36.98
CA ASP B 423 49.90 -28.60 36.16
C ASP B 423 48.83 -27.86 36.97
N LEU B 424 48.01 -27.08 36.29
CA LEU B 424 46.86 -26.44 36.91
C LEU B 424 45.63 -27.26 36.48
N VAL B 425 44.72 -27.47 37.41
CA VAL B 425 43.48 -28.17 37.19
C VAL B 425 42.34 -27.30 37.76
N ILE B 426 41.17 -27.43 37.18
CA ILE B 426 39.99 -26.74 37.64
C ILE B 426 39.16 -27.81 38.33
N VAL B 427 38.71 -27.57 39.55
CA VAL B 427 37.93 -28.56 40.30
C VAL B 427 36.52 -28.04 40.50
N VAL B 428 35.52 -28.80 40.08
CA VAL B 428 34.12 -28.45 40.15
C VAL B 428 33.38 -29.36 41.15
N THR B 429 32.82 -28.75 42.20
CA THR B 429 32.09 -29.45 43.27
C THR B 429 30.80 -28.67 43.64
N GLY B 430 30.04 -29.19 44.62
CA GLY B 430 28.83 -28.56 45.12
C GLY B 430 28.89 -28.27 46.61
N TRP B 431 27.92 -27.52 47.09
CA TRP B 431 27.89 -27.06 48.48
C TRP B 431 27.22 -28.06 49.47
N ARG B 432 26.47 -29.04 48.95
CA ARG B 432 25.78 -30.05 49.79
C ARG B 432 25.66 -31.39 49.03
N PRO B 433 25.43 -32.53 49.74
CA PRO B 433 25.30 -33.81 49.03
C PRO B 433 24.05 -33.88 48.16
N GLY B 434 24.03 -34.84 47.24
CA GLY B 434 22.91 -35.05 46.34
C GLY B 434 23.10 -34.32 45.03
N SER B 435 22.41 -34.79 43.99
CA SER B 435 22.46 -34.22 42.65
C SER B 435 21.80 -32.83 42.57
N GLY B 436 22.33 -31.97 41.69
CA GLY B 436 21.79 -30.64 41.44
C GLY B 436 22.35 -29.45 42.21
N TYR B 437 23.42 -29.65 43.00
CA TYR B 437 23.95 -28.56 43.83
C TYR B 437 25.37 -28.12 43.48
N THR B 438 25.85 -28.45 42.26
CA THR B 438 27.17 -27.97 41.83
C THR B 438 27.14 -26.44 41.75
N ASN B 439 28.10 -25.80 42.40
CA ASN B 439 28.14 -24.34 42.43
C ASN B 439 29.55 -23.81 42.73
N ILE B 440 30.57 -24.68 42.77
CA ILE B 440 31.91 -24.28 43.15
C ILE B 440 32.97 -24.63 42.12
N MET B 441 33.84 -23.65 41.84
CA MET B 441 34.98 -23.81 40.97
CA MET B 441 34.98 -23.81 40.97
C MET B 441 36.27 -23.36 41.67
N ARG B 442 37.28 -24.26 41.69
CA ARG B 442 38.56 -23.99 42.33
C ARG B 442 39.72 -24.19 41.36
N VAL B 443 40.73 -23.34 41.46
CA VAL B 443 41.94 -23.47 40.66
C VAL B 443 42.98 -24.13 41.57
N LEU B 444 43.45 -25.33 41.19
CA LEU B 444 44.40 -26.08 42.02
C LEU B 444 45.69 -26.42 41.28
N SER B 445 46.82 -26.31 41.98
CA SER B 445 48.14 -26.65 41.44
C SER B 445 48.36 -28.12 41.85
N ILE B 446 48.69 -29.01 40.90
CA ILE B 446 48.90 -30.42 41.19
C ILE B 446 50.23 -30.63 41.87
N SER B 447 50.25 -31.35 43.01
CA SER B 447 51.49 -31.62 43.75
C SER B 447 51.80 -33.12 43.75
N GLU C 21 55.19 1.51 -3.25
CA GLU C 21 54.87 2.56 -4.23
C GLU C 21 54.16 3.76 -3.63
N LEU C 22 53.70 3.67 -2.37
CA LEU C 22 53.07 4.81 -1.72
C LEU C 22 54.01 5.56 -0.78
N GLY C 23 55.01 4.83 -0.29
CA GLY C 23 55.98 5.30 0.68
C GLY C 23 55.61 4.80 2.07
N THR C 24 56.55 4.87 2.99
CA THR C 24 56.33 4.47 4.38
C THR C 24 55.50 5.53 5.09
N ALA C 25 55.81 6.82 4.85
CA ALA C 25 55.14 7.97 5.48
C ALA C 25 53.63 7.93 5.29
N PHE C 26 53.17 7.48 4.11
CA PHE C 26 51.74 7.38 3.81
C PHE C 26 50.97 6.61 4.90
N PHE C 27 51.51 5.46 5.33
CA PHE C 27 50.81 4.64 6.30
C PHE C 27 50.94 5.13 7.74
N GLN C 28 51.69 6.20 8.01
CA GLN C 28 51.78 6.73 9.36
C GLN C 28 50.80 7.87 9.60
N GLN C 29 50.39 8.62 8.55
CA GLN C 29 49.44 9.72 8.66
C GLN C 29 47.98 9.23 8.79
N GLN C 30 47.04 10.17 8.99
CA GLN C 30 45.59 10.02 9.09
C GLN C 30 45.15 8.79 9.92
N GLN C 31 45.86 8.52 11.03
CA GLN C 31 45.60 7.42 11.96
C GLN C 31 45.53 6.05 11.27
N LEU C 32 46.30 5.86 10.17
CA LEU C 32 46.29 4.58 9.47
C LEU C 32 46.78 3.41 10.34
N PRO C 33 47.77 3.55 11.26
CA PRO C 33 48.08 2.42 12.17
C PRO C 33 46.85 2.00 12.99
N ALA C 34 46.07 2.98 13.52
CA ALA C 34 44.84 2.69 14.29
C ALA C 34 43.73 2.12 13.40
N ALA C 35 43.71 2.53 12.11
CA ALA C 35 42.73 2.04 11.13
C ALA C 35 42.90 0.54 10.85
N MET C 36 44.14 0.06 10.87
CA MET C 36 44.49 -1.34 10.59
C MET C 36 44.25 -2.30 11.77
N ALA C 37 43.94 -1.77 12.97
CA ALA C 37 43.72 -2.60 14.16
C ALA C 37 42.60 -3.62 14.00
N ASP C 38 42.74 -4.76 14.68
CA ASP C 38 41.79 -5.87 14.61
C ASP C 38 40.62 -5.79 15.59
N THR C 39 40.74 -4.93 16.61
CA THR C 39 39.65 -4.72 17.57
C THR C 39 39.49 -3.21 17.84
N PHE C 40 38.34 -2.79 18.35
CA PHE C 40 38.12 -1.39 18.68
C PHE C 40 39.08 -0.95 19.80
N LEU C 41 39.30 -1.82 20.81
CA LEU C 41 40.23 -1.53 21.90
C LEU C 41 41.67 -1.29 21.35
N GLU C 42 42.15 -2.16 20.44
CA GLU C 42 43.47 -2.01 19.81
C GLU C 42 43.53 -0.71 18.99
N HIS C 43 42.42 -0.38 18.32
CA HIS C 43 42.29 0.84 17.52
C HIS C 43 42.52 2.06 18.41
N LEU C 44 41.85 2.10 19.59
CA LEU C 44 42.03 3.21 20.52
C LEU C 44 43.49 3.30 20.98
N CYS C 45 44.10 2.15 21.33
CA CYS C 45 45.47 2.07 21.83
C CYS C 45 46.49 2.62 20.80
N LEU C 46 46.17 2.53 19.49
CA LEU C 46 47.04 2.97 18.41
C LEU C 46 46.80 4.40 17.94
N LEU C 47 45.81 5.12 18.50
CA LEU C 47 45.58 6.52 18.14
C LEU C 47 46.81 7.34 18.51
N ASP C 48 47.28 8.18 17.59
CA ASP C 48 48.53 8.89 17.74
C ASP C 48 48.38 10.38 17.52
N ILE C 49 48.75 11.20 18.53
CA ILE C 49 48.70 12.67 18.44
C ILE C 49 49.66 13.22 17.36
N ASP C 50 50.68 12.42 16.97
CA ASP C 50 51.63 12.80 15.94
C ASP C 50 51.20 12.36 14.52
N SER C 51 50.12 11.56 14.40
CA SER C 51 49.64 11.12 13.10
C SER C 51 48.73 12.22 12.55
N GLU C 52 49.25 12.99 11.59
CA GLU C 52 48.54 14.17 11.08
C GLU C 52 47.39 13.87 10.12
N PRO C 53 46.26 14.60 10.25
CA PRO C 53 45.17 14.39 9.29
C PRO C 53 45.57 14.89 7.91
N VAL C 54 45.22 14.15 6.85
CA VAL C 54 45.56 14.57 5.48
C VAL C 54 44.31 14.78 4.65
N ALA C 55 43.25 14.00 4.89
CA ALA C 55 41.99 14.14 4.18
C ALA C 55 41.32 15.49 4.45
N ALA C 56 40.53 15.96 3.48
CA ALA C 56 39.77 17.21 3.66
C ALA C 56 38.69 16.93 4.73
N ARG C 57 38.33 17.96 5.51
CA ARG C 57 37.34 17.84 6.57
C ARG C 57 35.97 17.47 5.99
N SER C 58 35.41 16.36 6.43
CA SER C 58 34.19 15.81 5.88
C SER C 58 32.88 16.19 6.61
N THR C 59 32.95 16.53 7.89
CA THR C 59 31.77 16.92 8.69
C THR C 59 31.45 18.38 8.44
N SER C 60 30.27 18.66 7.87
CA SER C 60 29.92 20.04 7.59
C SER C 60 29.68 20.88 8.85
N ILE C 61 30.04 22.16 8.77
CA ILE C 61 29.86 23.09 9.87
C ILE C 61 28.68 23.99 9.54
N ILE C 62 27.71 24.05 10.45
CA ILE C 62 26.55 24.93 10.31
C ILE C 62 26.83 26.09 11.28
N ALA C 63 26.81 27.33 10.78
CA ALA C 63 27.02 28.49 11.64
C ALA C 63 25.78 29.36 11.65
N THR C 64 25.32 29.74 12.83
CA THR C 64 24.15 30.60 12.96
C THR C 64 24.54 32.04 12.67
N ILE C 65 23.80 32.67 11.76
CA ILE C 65 24.07 34.05 11.38
C ILE C 65 23.29 35.00 12.29
N GLY C 66 24.00 35.96 12.87
CA GLY C 66 23.43 36.97 13.76
C GLY C 66 24.26 38.24 13.75
N PRO C 67 24.07 39.12 14.76
CA PRO C 67 24.85 40.38 14.79
C PRO C 67 26.37 40.24 14.72
N ALA C 68 26.91 39.17 15.29
CA ALA C 68 28.36 38.94 15.29
C ALA C 68 28.90 38.37 13.96
N SER C 69 28.02 37.92 13.05
CA SER C 69 28.46 37.24 11.83
C SER C 69 27.66 37.63 10.59
N ARG C 70 27.04 38.80 10.59
CA ARG C 70 26.17 39.25 9.50
C ARG C 70 26.82 40.02 8.37
N SER C 71 27.89 40.75 8.67
CA SER C 71 28.56 41.55 7.64
C SER C 71 29.18 40.70 6.56
N VAL C 72 29.19 41.21 5.31
CA VAL C 72 29.76 40.54 4.16
C VAL C 72 31.23 40.19 4.40
N GLU C 73 31.96 41.13 5.04
CA GLU C 73 33.37 40.91 5.37
C GLU C 73 33.58 39.79 6.40
N ARG C 74 32.72 39.74 7.43
CA ARG C 74 32.79 38.70 8.46
C ARG C 74 32.39 37.35 7.85
N LEU C 75 31.37 37.32 6.98
CA LEU C 75 30.92 36.10 6.30
C LEU C 75 32.00 35.52 5.37
N LYS C 76 32.79 36.39 4.72
CA LYS C 76 33.90 35.95 3.87
C LYS C 76 34.92 35.20 4.72
N GLU C 77 35.21 35.70 5.93
CA GLU C 77 36.15 35.06 6.86
C GLU C 77 35.59 33.73 7.37
N MET C 78 34.27 33.67 7.58
CA MET C 78 33.60 32.46 8.06
CA MET C 78 33.60 32.46 8.05
C MET C 78 33.60 31.37 6.99
N ILE C 79 33.43 31.75 5.71
CA ILE C 79 33.49 30.80 4.59
C ILE C 79 34.92 30.25 4.50
N LYS C 80 35.93 31.13 4.62
CA LYS C 80 37.34 30.74 4.58
C LYS C 80 37.69 29.81 5.75
N ALA C 81 37.09 30.05 6.93
CA ALA C 81 37.28 29.24 8.13
C ALA C 81 36.64 27.83 8.02
N GLY C 82 35.65 27.67 7.14
CA GLY C 82 35.03 26.36 6.92
C GLY C 82 33.51 26.26 7.01
N MET C 83 32.80 27.39 7.21
CA MET C 83 31.34 27.36 7.25
C MET C 83 30.75 26.81 5.92
N ASN C 84 29.89 25.77 6.03
CA ASN C 84 29.27 25.15 4.86
C ASN C 84 27.77 25.47 4.74
N ILE C 85 27.13 25.70 5.90
CA ILE C 85 25.70 25.98 5.98
C ILE C 85 25.47 27.18 6.87
N ALA C 86 24.70 28.17 6.39
CA ALA C 86 24.35 29.36 7.18
C ALA C 86 22.97 29.15 7.76
N ARG C 87 22.85 29.18 9.07
CA ARG C 87 21.56 28.97 9.75
C ARG C 87 20.93 30.31 10.10
N LEU C 88 19.66 30.50 9.72
CA LEU C 88 18.91 31.71 10.07
C LEU C 88 17.87 31.28 11.11
N ASN C 89 18.02 31.79 12.31
CA ASN C 89 17.14 31.46 13.41
C ASN C 89 15.93 32.40 13.40
N PHE C 90 14.79 31.89 12.93
CA PHE C 90 13.57 32.68 12.84
C PHE C 90 12.85 32.86 14.20
N SER C 91 13.46 32.38 15.31
CA SER C 91 12.95 32.68 16.64
C SER C 91 13.16 34.18 16.95
N HIS C 92 14.11 34.86 16.25
CA HIS C 92 14.41 36.27 16.44
C HIS C 92 14.56 36.97 15.10
N GLY C 93 14.35 38.27 15.09
CA GLY C 93 14.50 39.07 13.89
C GLY C 93 13.33 39.00 12.93
N SER C 94 13.16 40.06 12.15
CA SER C 94 12.09 40.18 11.16
C SER C 94 12.46 39.53 9.81
N HIS C 95 11.49 39.46 8.89
CA HIS C 95 11.71 38.95 7.53
C HIS C 95 12.72 39.83 6.81
N GLU C 96 12.66 41.16 7.02
CA GLU C 96 13.60 42.12 6.43
C GLU C 96 15.03 41.87 6.93
N TYR C 97 15.18 41.57 8.25
CA TYR C 97 16.48 41.29 8.85
C TYR C 97 17.07 40.02 8.23
N HIS C 98 16.27 38.94 8.14
CA HIS C 98 16.74 37.67 7.56
C HIS C 98 16.98 37.75 6.06
N ALA C 99 16.21 38.58 5.33
CA ALA C 99 16.44 38.76 3.88
C ALA C 99 17.80 39.42 3.68
N GLU C 100 18.18 40.37 4.56
CA GLU C 100 19.47 41.04 4.48
C GLU C 100 20.59 40.06 4.83
N SER C 101 20.37 39.18 5.83
CA SER C 101 21.35 38.15 6.18
C SER C 101 21.60 37.22 4.97
N ILE C 102 20.53 36.78 4.28
CA ILE C 102 20.59 35.92 3.10
C ILE C 102 21.37 36.62 1.97
N ALA C 103 21.04 37.90 1.69
CA ALA C 103 21.74 38.67 0.65
C ALA C 103 23.24 38.79 0.98
N ASN C 104 23.59 39.04 2.26
CA ASN C 104 24.99 39.15 2.68
C ASN C 104 25.73 37.82 2.53
N VAL C 105 25.08 36.70 2.89
CA VAL C 105 25.66 35.37 2.69
C VAL C 105 25.93 35.12 1.20
N ARG C 106 24.93 35.38 0.34
CA ARG C 106 25.07 35.18 -1.10
C ARG C 106 26.13 36.10 -1.71
N GLU C 107 26.26 37.33 -1.20
CA GLU C 107 27.30 38.26 -1.68
C GLU C 107 28.69 37.73 -1.29
N ALA C 108 28.83 37.26 -0.04
CA ALA C 108 30.11 36.72 0.43
C ALA C 108 30.49 35.46 -0.35
N VAL C 109 29.52 34.56 -0.61
CA VAL C 109 29.75 33.32 -1.36
C VAL C 109 30.17 33.64 -2.79
N GLU C 110 29.44 34.54 -3.47
CA GLU C 110 29.73 34.89 -4.87
C GLU C 110 31.00 35.72 -5.06
N SER C 111 31.56 36.29 -3.99
CA SER C 111 32.81 37.03 -4.05
C SER C 111 34.03 36.12 -4.40
N PHE C 112 33.87 34.79 -4.25
CA PHE C 112 34.89 33.79 -4.55
C PHE C 112 34.66 33.10 -5.91
N ALA C 113 33.56 33.41 -6.62
CA ALA C 113 33.19 32.82 -7.91
C ALA C 113 34.23 32.98 -9.03
N GLY C 114 35.22 33.84 -8.82
CA GLY C 114 36.30 34.04 -9.77
C GLY C 114 37.38 32.97 -9.61
N SER C 115 37.79 32.71 -8.36
CA SER C 115 38.81 31.70 -8.06
C SER C 115 38.23 30.29 -7.76
N PRO C 116 38.52 29.31 -8.66
CA PRO C 116 38.04 27.93 -8.45
C PRO C 116 38.49 27.23 -7.17
N LEU C 117 39.69 27.60 -6.70
CA LEU C 117 40.35 27.07 -5.50
C LEU C 117 39.67 27.56 -4.21
N SER C 118 39.01 28.74 -4.26
CA SER C 118 38.32 29.36 -3.12
C SER C 118 36.77 29.28 -3.18
N TYR C 119 36.17 29.22 -4.38
CA TYR C 119 34.71 29.14 -4.48
C TYR C 119 34.16 27.85 -3.89
N ARG C 120 33.15 28.00 -3.05
CA ARG C 120 32.51 26.86 -2.42
C ARG C 120 31.04 27.16 -2.22
N PRO C 121 30.15 26.24 -2.63
CA PRO C 121 28.72 26.46 -2.37
C PRO C 121 28.46 26.52 -0.85
N VAL C 122 27.53 27.38 -0.40
CA VAL C 122 27.16 27.48 1.00
C VAL C 122 25.63 27.38 1.05
N ALA C 123 25.11 26.41 1.80
CA ALA C 123 23.66 26.23 1.92
C ALA C 123 23.08 27.26 2.87
N ILE C 124 21.78 27.56 2.68
CA ILE C 124 21.07 28.48 3.56
C ILE C 124 19.92 27.69 4.21
N ALA C 125 19.94 27.61 5.53
CA ALA C 125 18.96 26.86 6.31
C ALA C 125 18.09 27.80 7.14
N LEU C 126 16.78 27.58 7.10
CA LEU C 126 15.85 28.39 7.88
C LEU C 126 15.42 27.54 9.10
N ASP C 127 15.68 28.03 10.31
CA ASP C 127 15.34 27.34 11.54
C ASP C 127 14.07 28.01 12.10
N THR C 128 12.95 27.27 12.12
CA THR C 128 11.65 27.83 12.51
C THR C 128 11.52 28.17 14.01
N LYS C 129 10.57 29.09 14.32
CA LYS C 129 10.30 29.49 15.69
C LYS C 129 9.72 28.33 16.48
N GLY C 130 8.79 27.58 15.89
CA GLY C 130 8.24 26.40 16.54
C GLY C 130 6.76 26.50 16.86
N PRO C 131 6.15 25.41 17.35
CA PRO C 131 4.69 25.42 17.57
C PRO C 131 4.25 26.03 18.87
N GLY C 132 5.15 26.19 19.84
CA GLY C 132 4.74 26.66 21.16
C GLY C 132 3.66 25.71 21.70
N SER C 133 2.38 26.05 21.47
CA SER C 133 1.29 25.16 21.86
C SER C 133 0.44 24.86 20.63
N GLY C 134 -0.82 25.35 20.58
CA GLY C 134 -1.72 25.07 19.47
C GLY C 134 -1.78 23.60 19.09
N PRO C 135 -2.38 23.28 17.95
CA PRO C 135 -2.50 21.86 17.54
C PRO C 135 -1.86 21.52 16.18
N GLY C 136 -1.29 22.49 15.47
CA GLY C 136 -0.67 22.25 14.17
C GLY C 136 0.52 23.17 14.00
N LEU C 137 0.76 23.66 12.78
CA LEU C 137 1.84 24.60 12.53
C LEU C 137 1.36 26.01 12.98
N SER C 138 2.25 26.78 13.60
CA SER C 138 1.92 28.15 14.03
C SER C 138 1.72 29.04 12.82
N GLU C 139 0.93 30.13 12.98
CA GLU C 139 0.74 31.08 11.88
C GLU C 139 2.11 31.69 11.47
N GLN C 140 2.97 31.96 12.47
CA GLN C 140 4.29 32.51 12.19
C GLN C 140 5.13 31.51 11.37
N ASP C 141 5.10 30.22 11.72
CA ASP C 141 5.84 29.20 10.97
C ASP C 141 5.35 29.10 9.52
N VAL C 142 4.02 29.19 9.28
CA VAL C 142 3.49 29.19 7.90
C VAL C 142 4.09 30.38 7.10
N ARG C 143 4.09 31.57 7.72
CA ARG C 143 4.64 32.76 7.06
C ARG C 143 6.15 32.68 6.86
N ASP C 144 6.87 32.19 7.85
CA ASP C 144 8.33 32.03 7.76
C ASP C 144 8.73 30.96 6.73
N LEU C 145 7.96 29.86 6.65
CA LEU C 145 8.22 28.81 5.65
C LEU C 145 7.95 29.36 4.24
N ARG C 146 6.92 30.21 4.08
CA ARG C 146 6.62 30.84 2.80
C ARG C 146 7.76 31.79 2.40
N PHE C 147 8.30 32.54 3.37
CA PHE C 147 9.45 33.41 3.17
C PHE C 147 10.66 32.56 2.67
N GLY C 148 10.89 31.40 3.30
CA GLY C 148 11.94 30.46 2.89
C GLY C 148 11.86 30.05 1.44
N VAL C 149 10.66 29.66 0.98
CA VAL C 149 10.39 29.28 -0.40
C VAL C 149 10.66 30.47 -1.33
N GLU C 150 10.14 31.65 -0.97
CA GLU C 150 10.31 32.86 -1.78
C GLU C 150 11.76 33.31 -1.90
N HIS C 151 12.55 33.09 -0.85
CA HIS C 151 13.96 33.48 -0.86
C HIS C 151 14.92 32.32 -1.27
N GLY C 152 14.35 31.19 -1.67
CA GLY C 152 15.08 30.05 -2.18
C GLY C 152 16.01 29.37 -1.19
N VAL C 153 15.57 29.22 0.10
CA VAL C 153 16.39 28.51 1.08
C VAL C 153 16.52 27.03 0.66
N ASP C 154 17.61 26.40 1.07
CA ASP C 154 17.89 25.02 0.70
C ASP C 154 17.33 24.01 1.72
N ILE C 155 17.34 24.39 2.99
CA ILE C 155 17.00 23.51 4.09
C ILE C 155 16.08 24.18 5.08
N VAL C 156 15.21 23.40 5.73
CA VAL C 156 14.41 23.88 6.85
C VAL C 156 14.80 23.01 8.08
N PHE C 157 15.17 23.67 9.19
CA PHE C 157 15.39 22.97 10.45
C PHE C 157 14.05 23.22 11.18
N ALA C 158 13.15 22.23 11.15
CA ALA C 158 11.80 22.34 11.75
C ALA C 158 11.83 22.11 13.27
N SER C 159 11.57 23.18 14.04
CA SER C 159 11.60 23.12 15.50
C SER C 159 10.48 22.30 16.12
N PHE C 160 10.80 21.61 17.22
CA PHE C 160 9.88 20.82 18.03
C PHE C 160 9.02 19.85 17.22
N VAL C 161 9.66 19.02 16.39
CA VAL C 161 8.93 18.00 15.65
C VAL C 161 8.65 16.87 16.65
N ARG C 162 7.37 16.53 16.84
CA ARG C 162 6.95 15.54 17.85
C ARG C 162 6.38 14.26 17.24
N LYS C 163 5.92 14.32 15.98
CA LYS C 163 5.26 13.22 15.29
C LYS C 163 5.32 13.43 13.77
N ALA C 164 5.01 12.37 13.01
CA ALA C 164 5.00 12.40 11.54
C ALA C 164 4.11 13.49 10.95
N SER C 165 2.94 13.77 11.58
CA SER C 165 2.03 14.81 11.07
C SER C 165 2.62 16.22 11.16
N ASP C 166 3.55 16.46 12.09
CA ASP C 166 4.25 17.75 12.18
C ASP C 166 5.11 17.94 10.92
N VAL C 167 5.79 16.87 10.46
CA VAL C 167 6.60 16.94 9.24
C VAL C 167 5.72 17.19 8.02
N ALA C 168 4.57 16.49 7.94
CA ALA C 168 3.62 16.66 6.83
C ALA C 168 3.11 18.10 6.77
N ALA C 169 2.87 18.73 7.94
CA ALA C 169 2.43 20.12 7.98
C ALA C 169 3.51 21.06 7.44
N VAL C 170 4.78 20.81 7.81
CA VAL C 170 5.90 21.62 7.31
C VAL C 170 6.03 21.42 5.78
N ARG C 171 5.94 20.16 5.32
CA ARG C 171 6.02 19.77 3.90
C ARG C 171 4.90 20.48 3.09
N ALA C 172 3.67 20.49 3.63
CA ALA C 172 2.53 21.18 2.99
C ALA C 172 2.75 22.69 2.90
N ALA C 173 3.31 23.32 3.96
CA ALA C 173 3.59 24.76 3.99
C ALA C 173 4.69 25.20 3.02
N LEU C 174 5.49 24.23 2.52
CA LEU C 174 6.52 24.57 1.56
C LEU C 174 5.93 24.83 0.13
N GLY C 175 4.61 25.00 0.06
CA GLY C 175 3.80 25.45 -1.08
C GLY C 175 4.01 24.66 -2.33
N PRO C 176 3.56 25.18 -3.50
CA PRO C 176 3.79 24.42 -4.74
C PRO C 176 5.24 24.52 -5.25
N GLU C 177 6.01 25.54 -4.85
CA GLU C 177 7.36 25.76 -5.36
C GLU C 177 8.53 25.15 -4.56
N GLY C 178 8.31 24.76 -3.30
CA GLY C 178 9.42 24.34 -2.45
C GLY C 178 9.53 22.88 -2.07
N HIS C 179 9.03 21.99 -2.92
CA HIS C 179 9.07 20.55 -2.64
C HIS C 179 10.50 19.97 -2.59
N GLY C 180 11.45 20.65 -3.22
CA GLY C 180 12.85 20.24 -3.20
C GLY C 180 13.64 20.66 -1.96
N ILE C 181 13.04 21.50 -1.10
CA ILE C 181 13.70 21.94 0.13
C ILE C 181 13.82 20.74 1.10
N LYS C 182 15.00 20.56 1.70
CA LYS C 182 15.20 19.47 2.64
C LYS C 182 14.60 19.82 4.03
N ILE C 183 13.85 18.89 4.60
CA ILE C 183 13.31 19.09 5.94
C ILE C 183 14.10 18.27 6.95
N ILE C 184 14.82 18.97 7.80
CA ILE C 184 15.59 18.38 8.90
C ILE C 184 14.73 18.58 10.17
N SER C 185 14.20 17.48 10.71
CA SER C 185 13.34 17.55 11.89
C SER C 185 14.15 17.70 13.17
N LYS C 186 13.86 18.74 13.95
CA LYS C 186 14.59 18.95 15.20
C LYS C 186 13.87 18.17 16.31
N ILE C 187 14.61 17.28 16.98
CA ILE C 187 14.07 16.48 18.08
C ILE C 187 14.47 17.22 19.35
N GLU C 188 13.46 17.75 20.05
CA GLU C 188 13.68 18.66 21.17
C GLU C 188 12.97 18.26 22.47
N ASN C 189 12.18 17.18 22.45
CA ASN C 189 11.47 16.77 23.68
C ASN C 189 11.27 15.26 23.76
N HIS C 190 10.66 14.78 24.87
CA HIS C 190 10.42 13.37 25.09
C HIS C 190 9.60 12.73 23.98
N GLU C 191 8.51 13.38 23.53
CA GLU C 191 7.65 12.82 22.48
C GLU C 191 8.40 12.62 21.15
N GLY C 192 9.20 13.61 20.77
CA GLY C 192 10.06 13.53 19.57
C GLY C 192 10.99 12.32 19.62
N VAL C 193 11.63 12.09 20.78
CA VAL C 193 12.51 10.93 20.99
C VAL C 193 11.73 9.61 20.89
N LYS C 194 10.57 9.53 21.56
CA LYS C 194 9.75 8.32 21.56
C LYS C 194 9.14 7.99 20.20
N ARG C 195 8.76 9.03 19.43
CA ARG C 195 8.19 8.86 18.10
C ARG C 195 9.25 9.07 16.99
N PHE C 196 10.53 8.90 17.34
CA PHE C 196 11.65 9.10 16.42
C PHE C 196 11.52 8.34 15.10
N ASP C 197 11.24 7.04 15.14
CA ASP C 197 11.16 6.24 13.91
C ASP C 197 10.16 6.76 12.90
N GLU C 198 8.95 7.13 13.37
CA GLU C 198 7.94 7.65 12.44
C GLU C 198 8.33 9.04 11.92
N ILE C 199 9.08 9.83 12.71
CA ILE C 199 9.54 11.14 12.29
C ILE C 199 10.65 10.98 11.22
N LEU C 200 11.65 10.15 11.49
CA LEU C 200 12.76 9.93 10.55
C LEU C 200 12.25 9.41 9.19
N GLU C 201 11.25 8.51 9.22
CA GLU C 201 10.69 7.92 7.99
C GLU C 201 10.22 8.97 6.99
N VAL C 202 9.58 10.05 7.47
CA VAL C 202 9.03 11.12 6.63
C VAL C 202 9.92 12.37 6.51
N SER C 203 11.05 12.40 7.23
CA SER C 203 11.95 13.55 7.18
C SER C 203 13.15 13.27 6.27
N ASP C 204 13.83 14.33 5.82
CA ASP C 204 15.07 14.17 5.06
C ASP C 204 16.26 13.92 6.01
N GLY C 205 16.12 14.33 7.26
CA GLY C 205 17.16 14.17 8.25
C GLY C 205 16.73 14.66 9.61
N ILE C 206 17.65 14.65 10.55
CA ILE C 206 17.34 14.99 11.95
C ILE C 206 18.36 15.95 12.55
N MET C 207 17.90 16.82 13.46
CA MET C 207 18.81 17.63 14.25
C MET C 207 18.61 17.20 15.74
N VAL C 208 19.69 16.86 16.44
CA VAL C 208 19.65 16.57 17.87
C VAL C 208 19.77 17.94 18.51
N ALA C 209 18.62 18.56 18.80
CA ALA C 209 18.54 19.92 19.34
C ALA C 209 18.68 19.85 20.84
N ARG C 210 19.94 19.80 21.31
CA ARG C 210 20.28 19.54 22.71
C ARG C 210 19.88 20.62 23.72
N GLY C 211 19.70 21.86 23.28
CA GLY C 211 19.28 22.96 24.16
C GLY C 211 17.95 22.66 24.84
N ASP C 212 16.89 22.58 24.03
CA ASP C 212 15.55 22.22 24.52
C ASP C 212 15.50 20.79 25.03
N LEU C 213 16.17 19.84 24.34
CA LEU C 213 16.17 18.44 24.79
C LEU C 213 16.67 18.31 26.26
N GLY C 214 17.72 19.08 26.60
CA GLY C 214 18.35 19.10 27.91
C GLY C 214 17.51 19.73 29.02
N ILE C 215 16.42 20.43 28.65
CA ILE C 215 15.44 21.04 29.57
C ILE C 215 14.17 20.16 29.62
N GLU C 216 13.80 19.52 28.50
CA GLU C 216 12.61 18.69 28.36
C GLU C 216 12.78 17.29 28.94
N ILE C 217 13.99 16.74 28.88
CA ILE C 217 14.31 15.44 29.48
C ILE C 217 15.47 15.66 30.46
N PRO C 218 15.74 14.75 31.43
CA PRO C 218 16.87 14.97 32.34
C PRO C 218 18.18 15.20 31.58
N ALA C 219 18.97 16.20 32.01
CA ALA C 219 20.24 16.58 31.36
C ALA C 219 21.20 15.41 31.16
N GLU C 220 21.24 14.48 32.14
CA GLU C 220 22.10 13.30 32.10
C GLU C 220 21.65 12.22 31.09
N LYS C 221 20.49 12.40 30.44
CA LYS C 221 20.00 11.44 29.46
C LYS C 221 20.19 11.93 28.00
N VAL C 222 20.57 13.21 27.80
CA VAL C 222 20.71 13.78 26.45
C VAL C 222 21.70 12.97 25.60
N PHE C 223 22.85 12.54 26.18
CA PHE C 223 23.82 11.76 25.42
C PHE C 223 23.24 10.45 24.85
N LEU C 224 22.27 9.83 25.58
CA LEU C 224 21.63 8.60 25.13
C LEU C 224 20.77 8.90 23.94
N ALA C 225 19.99 10.01 24.00
CA ALA C 225 19.13 10.41 22.90
C ALA C 225 20.01 10.76 21.67
N GLN C 226 21.11 11.47 21.90
CA GLN C 226 22.03 11.86 20.82
C GLN C 226 22.60 10.62 20.12
N LYS C 227 23.18 9.68 20.89
CA LYS C 227 23.81 8.50 20.32
C LYS C 227 22.84 7.60 19.60
N MET C 228 21.62 7.44 20.18
CA MET C 228 20.55 6.65 19.56
C MET C 228 20.11 7.26 18.21
N MET C 229 19.85 8.56 18.18
CA MET C 229 19.39 9.22 16.97
C MET C 229 20.43 9.21 15.88
N ILE C 230 21.71 9.45 16.23
CA ILE C 230 22.79 9.41 15.25
C ILE C 230 22.92 7.98 14.69
N GLY C 231 22.88 6.98 15.56
CA GLY C 231 22.97 5.59 15.12
C GLY C 231 21.83 5.21 14.18
N ARG C 232 20.58 5.63 14.50
CA ARG C 232 19.43 5.31 13.65
C ARG C 232 19.50 6.05 12.32
N CYS C 233 19.94 7.31 12.32
CA CYS C 233 20.12 8.06 11.08
C CYS C 233 21.21 7.43 10.21
N ASN C 234 22.31 6.98 10.82
CA ASN C 234 23.40 6.32 10.08
C ASN C 234 22.88 5.05 9.43
N LEU C 235 22.05 4.29 10.14
CA LEU C 235 21.44 3.06 9.64
C LEU C 235 20.50 3.35 8.49
N ALA C 236 19.72 4.43 8.60
CA ALA C 236 18.77 4.84 7.56
C ALA C 236 19.43 5.56 6.36
N GLY C 237 20.68 5.98 6.51
CA GLY C 237 21.40 6.71 5.48
C GLY C 237 20.89 8.13 5.31
N LYS C 238 20.37 8.74 6.40
CA LYS C 238 19.85 10.11 6.38
C LYS C 238 20.70 11.05 7.25
N PRO C 239 20.92 12.30 6.81
CA PRO C 239 21.79 13.21 7.57
C PRO C 239 21.34 13.50 8.98
N VAL C 240 22.29 13.60 9.90
CA VAL C 240 22.00 13.92 11.28
C VAL C 240 22.93 15.02 11.76
N VAL C 241 22.37 16.05 12.41
CA VAL C 241 23.09 17.21 12.90
C VAL C 241 23.18 17.18 14.42
N CYS C 242 24.39 17.43 14.97
CA CYS C 242 24.54 17.55 16.40
C CYS C 242 24.57 19.06 16.66
N ALA C 243 23.73 19.52 17.60
CA ALA C 243 23.62 20.94 17.82
C ALA C 243 23.62 21.35 19.27
N THR C 244 24.02 22.63 19.51
CA THR C 244 23.87 23.45 20.73
C THR C 244 24.89 23.21 21.83
N GLN C 245 25.51 24.32 22.22
CA GLN C 245 26.50 24.43 23.29
C GLN C 245 27.78 23.64 23.05
N MET C 246 28.07 23.28 21.78
CA MET C 246 29.28 22.52 21.45
C MET C 246 30.57 23.24 21.83
N LEU C 247 30.62 24.56 21.65
CA LEU C 247 31.78 25.38 22.00
C LEU C 247 31.28 26.63 22.76
N GLU C 248 30.26 26.45 23.62
CA GLU C 248 29.57 27.49 24.38
C GLU C 248 30.48 28.55 25.01
N SER C 249 31.55 28.14 25.71
CA SER C 249 32.46 29.09 26.35
C SER C 249 33.11 30.07 25.36
N MET C 250 33.19 29.71 24.07
CA MET C 250 33.78 30.57 23.04
C MET C 250 32.90 31.79 22.68
N ILE C 251 31.71 31.92 23.30
CA ILE C 251 30.88 33.12 23.15
C ILE C 251 31.69 34.32 23.79
N THR C 252 32.41 34.07 24.90
CA THR C 252 33.21 35.09 25.59
C THR C 252 34.72 34.81 25.64
N LYS C 253 35.14 33.55 25.48
CA LYS C 253 36.57 33.19 25.58
C LYS C 253 37.19 32.81 24.23
N PRO C 254 38.48 33.14 23.97
CA PRO C 254 39.07 32.84 22.65
C PRO C 254 39.39 31.36 22.40
N ARG C 255 39.42 30.55 23.46
CA ARG C 255 39.70 29.12 23.38
C ARG C 255 38.59 28.34 24.11
N PRO C 256 38.25 27.13 23.64
CA PRO C 256 37.19 26.37 24.31
C PRO C 256 37.68 25.57 25.52
N THR C 257 36.76 25.01 26.29
CA THR C 257 37.11 24.16 27.42
C THR C 257 37.48 22.73 26.89
N ARG C 258 38.06 21.88 27.79
CA ARG C 258 38.40 20.50 27.46
C ARG C 258 37.15 19.66 27.15
N ALA C 259 36.04 19.97 27.82
CA ALA C 259 34.78 19.28 27.59
C ALA C 259 34.18 19.62 26.21
N GLU C 260 34.36 20.86 25.78
CA GLU C 260 33.86 21.34 24.49
C GLU C 260 34.59 20.72 23.30
N THR C 261 35.94 20.66 23.34
CA THR C 261 36.69 20.00 22.25
C THR C 261 36.31 18.51 22.20
N SER C 262 36.14 17.89 23.39
CA SER C 262 35.75 16.50 23.51
C SER C 262 34.36 16.28 22.88
N ASP C 263 33.41 17.18 23.20
CA ASP C 263 32.06 17.08 22.66
C ASP C 263 32.04 17.11 21.13
N VAL C 264 32.80 18.04 20.53
CA VAL C 264 32.87 18.11 19.07
C VAL C 264 33.43 16.82 18.45
N ALA C 265 34.56 16.33 18.99
CA ALA C 265 35.19 15.10 18.54
C ALA C 265 34.26 13.91 18.68
N ASN C 266 33.55 13.79 19.83
CA ASN C 266 32.64 12.69 20.06
C ASN C 266 31.42 12.75 19.21
N ALA C 267 30.94 13.94 18.80
CA ALA C 267 29.79 14.01 17.89
C ALA C 267 30.19 13.39 16.53
N VAL C 268 31.39 13.69 16.07
CA VAL C 268 31.92 13.15 14.82
C VAL C 268 32.11 11.63 14.96
N LEU C 269 32.74 11.17 16.06
CA LEU C 269 32.91 9.73 16.31
C LEU C 269 31.58 8.97 16.45
N ASP C 270 30.54 9.63 17.01
CA ASP C 270 29.19 9.05 17.12
C ASP C 270 28.59 8.76 15.73
N GLY C 271 28.97 9.57 14.74
CA GLY C 271 28.48 9.45 13.36
C GLY C 271 27.70 10.66 12.85
N ALA C 272 27.83 11.82 13.49
CA ALA C 272 27.09 13.00 13.02
C ALA C 272 27.57 13.46 11.65
N ASP C 273 26.66 13.79 10.73
CA ASP C 273 27.03 14.32 9.43
C ASP C 273 27.43 15.78 9.52
N CYS C 274 26.76 16.53 10.40
CA CYS C 274 27.00 17.97 10.60
C CYS C 274 27.13 18.30 12.06
N ILE C 275 27.89 19.35 12.36
CA ILE C 275 28.02 19.93 13.69
C ILE C 275 27.60 21.39 13.58
N MET C 276 27.06 21.94 14.69
CA MET C 276 26.51 23.28 14.64
C MET C 276 27.09 24.24 15.68
N LEU C 277 27.01 25.54 15.35
CA LEU C 277 27.37 26.65 16.23
C LEU C 277 26.14 27.57 16.24
N SER C 278 25.72 27.97 17.44
CA SER C 278 24.55 28.83 17.63
C SER C 278 25.01 30.22 18.15
N GLY C 279 24.96 30.45 19.46
CA GLY C 279 25.42 31.69 20.08
C GLY C 279 26.87 31.99 19.79
N GLU C 280 27.70 30.93 19.64
CA GLU C 280 29.13 31.06 19.31
C GLU C 280 29.37 31.91 18.07
N THR C 281 28.48 31.79 17.07
CA THR C 281 28.63 32.56 15.83
C THR C 281 27.59 33.66 15.68
N ALA C 282 26.41 33.50 16.27
CA ALA C 282 25.34 34.49 16.16
C ALA C 282 25.62 35.77 16.96
N LYS C 283 26.09 35.65 18.20
CA LYS C 283 26.29 36.80 19.08
C LYS C 283 27.64 36.87 19.80
N GLY C 284 28.43 35.80 19.73
CA GLY C 284 29.70 35.72 20.44
C GLY C 284 30.80 36.64 19.96
N ASN C 285 31.86 36.77 20.76
CA ASN C 285 33.01 37.61 20.45
C ASN C 285 34.04 36.97 19.53
N PHE C 286 33.94 35.64 19.32
CA PHE C 286 34.89 34.91 18.48
C PHE C 286 34.20 33.97 17.46
N PRO C 287 33.34 34.50 16.55
CA PRO C 287 32.65 33.61 15.59
C PRO C 287 33.57 32.87 14.62
N VAL C 288 34.58 33.55 14.07
CA VAL C 288 35.50 32.93 13.11
C VAL C 288 36.36 31.87 13.81
N GLU C 289 36.84 32.16 15.02
CA GLU C 289 37.66 31.24 15.81
C GLU C 289 36.85 29.98 16.19
N ALA C 290 35.54 30.13 16.43
CA ALA C 290 34.66 29.00 16.76
C ALA C 290 34.55 28.07 15.53
N VAL C 291 34.41 28.63 14.32
CA VAL C 291 34.35 27.84 13.10
C VAL C 291 35.69 27.11 12.88
N LYS C 292 36.80 27.83 13.07
CA LYS C 292 38.15 27.27 12.93
C LYS C 292 38.38 26.11 13.90
N MET C 293 37.88 26.25 15.14
CA MET C 293 38.01 25.21 16.15
C MET C 293 37.22 23.96 15.75
N GLN C 294 35.97 24.13 15.28
CA GLN C 294 35.18 22.98 14.82
C GLN C 294 35.84 22.28 13.64
N HIS C 295 36.40 23.05 12.71
CA HIS C 295 37.11 22.51 11.55
C HIS C 295 38.31 21.65 12.01
N ALA C 296 39.13 22.20 12.92
CA ALA C 296 40.34 21.52 13.42
C ALA C 296 40.02 20.22 14.16
N ILE C 297 39.03 20.25 15.07
CA ILE C 297 38.63 19.05 15.80
C ILE C 297 38.00 18.00 14.85
N ALA C 298 37.06 18.41 13.94
CA ALA C 298 36.42 17.45 13.03
C ALA C 298 37.41 16.69 12.16
N ARG C 299 38.43 17.40 11.63
CA ARG C 299 39.46 16.76 10.83
C ARG C 299 40.20 15.67 11.64
N GLU C 300 40.56 15.98 12.89
CA GLU C 300 41.24 15.02 13.76
C GLU C 300 40.34 13.81 14.06
N ALA C 301 39.08 14.08 14.40
CA ALA C 301 38.11 13.04 14.75
C ALA C 301 37.74 12.13 13.58
N GLU C 302 37.64 12.68 12.36
CA GLU C 302 37.32 11.88 11.18
C GLU C 302 38.39 10.84 10.89
N ALA C 303 39.65 11.22 11.08
CA ALA C 303 40.76 10.27 10.88
C ALA C 303 40.75 9.16 11.95
N ALA C 304 40.22 9.46 13.15
CA ALA C 304 40.12 8.53 14.27
C ALA C 304 38.92 7.57 14.20
N VAL C 305 38.04 7.72 13.19
CA VAL C 305 36.90 6.82 13.02
C VAL C 305 37.43 5.40 12.69
N TYR C 306 36.87 4.36 13.35
CA TYR C 306 37.30 2.99 13.13
C TYR C 306 36.49 2.40 11.98
N HIS C 307 36.89 2.77 10.74
CA HIS C 307 36.22 2.37 9.50
C HIS C 307 36.03 0.87 9.36
N ARG C 308 37.01 0.07 9.80
CA ARG C 308 36.90 -1.39 9.69
C ARG C 308 35.62 -1.93 10.32
N GLN C 309 35.29 -1.46 11.55
CA GLN C 309 34.07 -1.93 12.21
C GLN C 309 32.85 -1.21 11.63
N LEU C 310 32.95 0.11 11.44
CA LEU C 310 31.83 0.91 10.91
C LEU C 310 31.31 0.36 9.57
N PHE C 311 32.21 0.13 8.61
CA PHE C 311 31.83 -0.38 7.29
C PHE C 311 31.21 -1.76 7.40
N GLU C 312 31.82 -2.67 8.20
CA GLU C 312 31.31 -4.03 8.40
C GLU C 312 29.89 -3.99 9.00
N GLU C 313 29.67 -3.15 10.01
CA GLU C 313 28.38 -3.05 10.66
C GLU C 313 27.33 -2.40 9.78
N LEU C 314 27.70 -1.35 9.02
CA LEU C 314 26.76 -0.68 8.10
C LEU C 314 26.33 -1.67 7.02
N ARG C 315 27.29 -2.49 6.52
CA ARG C 315 27.11 -3.54 5.53
C ARG C 315 26.13 -4.60 6.06
N ARG C 316 26.41 -5.18 7.25
CA ARG C 316 25.60 -6.21 7.91
C ARG C 316 24.18 -5.77 8.26
N ALA C 317 24.02 -4.52 8.72
CA ALA C 317 22.72 -4.00 9.13
C ALA C 317 21.85 -3.52 7.96
N ALA C 318 22.47 -3.05 6.87
CA ALA C 318 21.71 -2.57 5.71
C ALA C 318 21.11 -3.74 4.97
N PRO C 319 19.82 -3.67 4.63
CA PRO C 319 19.20 -4.79 3.91
C PRO C 319 19.71 -4.92 2.48
N LEU C 320 19.51 -6.11 1.87
CA LEU C 320 19.83 -6.37 0.47
C LEU C 320 19.04 -5.37 -0.39
N SER C 321 19.62 -4.95 -1.51
CA SER C 321 18.95 -3.98 -2.34
C SER C 321 19.03 -4.34 -3.78
N ARG C 322 17.95 -4.12 -4.51
CA ARG C 322 17.93 -4.29 -5.95
C ARG C 322 18.01 -2.91 -6.67
N ASP C 323 18.23 -1.80 -5.92
CA ASP C 323 18.37 -0.47 -6.48
C ASP C 323 19.82 -0.33 -7.00
N PRO C 324 20.02 -0.15 -8.31
CA PRO C 324 21.38 -0.07 -8.83
C PRO C 324 22.24 1.04 -8.24
N THR C 325 21.65 2.19 -7.80
CA THR C 325 22.44 3.26 -7.18
C THR C 325 23.03 2.78 -5.85
N GLU C 326 22.23 2.06 -5.05
CA GLU C 326 22.67 1.52 -3.76
C GLU C 326 23.76 0.44 -3.98
N VAL C 327 23.54 -0.45 -4.95
CA VAL C 327 24.45 -1.54 -5.27
C VAL C 327 25.79 -0.97 -5.75
N THR C 328 25.75 0.02 -6.64
CA THR C 328 26.97 0.66 -7.14
C THR C 328 27.70 1.37 -6.01
N ALA C 329 26.94 2.06 -5.12
CA ALA C 329 27.56 2.81 -4.00
C ALA C 329 28.39 1.89 -3.09
N ILE C 330 27.84 0.74 -2.68
CA ILE C 330 28.60 -0.16 -1.80
C ILE C 330 29.82 -0.76 -2.52
N GLY C 331 29.69 -1.08 -3.81
CA GLY C 331 30.81 -1.55 -4.62
C GLY C 331 31.90 -0.51 -4.71
N ALA C 332 31.51 0.77 -4.91
CA ALA C 332 32.46 1.88 -5.05
C ALA C 332 33.20 2.13 -3.73
N VAL C 333 32.48 2.09 -2.61
CA VAL C 333 33.10 2.31 -1.29
C VAL C 333 34.06 1.17 -0.96
N GLU C 334 33.67 -0.07 -1.28
CA GLU C 334 34.56 -1.25 -1.08
C GLU C 334 35.83 -1.08 -1.91
N ALA C 335 35.67 -0.66 -3.20
CA ALA C 335 36.81 -0.47 -4.10
C ALA C 335 37.70 0.66 -3.57
N ALA C 336 37.09 1.77 -3.06
CA ALA C 336 37.87 2.88 -2.52
C ALA C 336 38.75 2.42 -1.34
N PHE C 337 38.20 1.62 -0.42
CA PHE C 337 38.97 1.09 0.72
C PHE C 337 40.11 0.17 0.25
N LYS C 338 39.87 -0.65 -0.77
CA LYS C 338 40.85 -1.60 -1.31
C LYS C 338 42.12 -0.95 -1.83
N CYS C 339 41.99 0.23 -2.48
CA CYS C 339 43.16 0.89 -3.05
C CYS C 339 43.56 2.18 -2.33
N CYS C 340 42.92 2.51 -1.19
CA CYS C 340 43.17 3.77 -0.46
C CYS C 340 42.92 4.94 -1.42
N ALA C 341 41.83 4.87 -2.20
CA ALA C 341 41.52 5.85 -3.26
C ALA C 341 41.51 7.26 -2.70
N ALA C 342 42.07 8.20 -3.44
CA ALA C 342 42.14 9.60 -3.00
C ALA C 342 40.73 10.24 -2.97
N ALA C 343 39.83 9.76 -3.83
CA ALA C 343 38.47 10.27 -3.91
C ALA C 343 37.55 9.31 -4.70
N ILE C 344 36.22 9.50 -4.53
CA ILE C 344 35.19 8.86 -5.31
C ILE C 344 34.51 10.04 -6.00
N ILE C 345 34.61 10.11 -7.32
CA ILE C 345 33.98 11.17 -8.09
C ILE C 345 32.64 10.64 -8.55
N VAL C 346 31.56 11.35 -8.21
CA VAL C 346 30.22 10.92 -8.58
C VAL C 346 29.46 12.02 -9.33
N LEU C 347 28.76 11.65 -10.40
CA LEU C 347 27.91 12.62 -11.09
C LEU C 347 26.52 12.46 -10.47
N THR C 348 25.88 13.59 -10.10
CA THR C 348 24.57 13.53 -9.48
C THR C 348 23.74 14.77 -9.84
N THR C 349 22.43 14.61 -10.09
CA THR C 349 21.59 15.75 -10.37
C THR C 349 20.84 16.19 -9.10
N THR C 350 20.35 15.23 -8.33
CA THR C 350 19.61 15.51 -7.09
C THR C 350 20.48 15.41 -5.82
N GLY C 351 21.63 14.79 -5.92
CA GLY C 351 22.52 14.53 -4.79
C GLY C 351 22.40 13.10 -4.27
N ARG C 352 21.38 12.36 -4.69
CA ARG C 352 21.09 11.01 -4.18
C ARG C 352 22.23 10.03 -4.33
N SER C 353 22.91 10.00 -5.48
CA SER C 353 24.04 9.07 -5.67
C SER C 353 25.19 9.39 -4.69
N ALA C 354 25.41 10.69 -4.38
CA ALA C 354 26.45 11.07 -3.41
C ALA C 354 26.00 10.67 -1.98
N GLN C 355 24.71 10.87 -1.68
CA GLN C 355 24.17 10.50 -0.36
C GLN C 355 24.33 9.00 -0.08
N LEU C 356 24.06 8.16 -1.09
CA LEU C 356 24.18 6.70 -0.97
C LEU C 356 25.64 6.25 -0.80
N LEU C 357 26.60 7.01 -1.36
CA LEU C 357 28.01 6.72 -1.14
C LEU C 357 28.36 7.13 0.32
N SER C 358 27.91 8.33 0.73
CA SER C 358 28.18 8.88 2.05
C SER C 358 27.68 7.95 3.19
N ARG C 359 26.58 7.25 2.98
CA ARG C 359 26.02 6.37 4.02
C ARG C 359 26.95 5.22 4.44
N TYR C 360 27.87 4.80 3.55
CA TYR C 360 28.84 3.75 3.87
C TYR C 360 30.14 4.29 4.48
N ARG C 361 30.19 5.60 4.71
CA ARG C 361 31.27 6.32 5.36
C ARG C 361 32.66 5.99 4.78
N PRO C 362 32.89 6.21 3.47
CA PRO C 362 34.24 5.99 2.94
C PRO C 362 35.25 6.95 3.55
N ARG C 363 36.50 6.53 3.63
CA ARG C 363 37.58 7.43 4.03
C ARG C 363 37.88 8.39 2.86
N ALA C 364 37.70 7.93 1.61
CA ALA C 364 37.91 8.73 0.40
C ALA C 364 36.86 9.83 0.32
N ALA C 365 37.28 11.05 -0.01
CA ALA C 365 36.38 12.18 -0.23
C ALA C 365 35.38 11.85 -1.35
N VAL C 366 34.11 12.21 -1.18
CA VAL C 366 33.13 11.99 -2.23
C VAL C 366 32.98 13.33 -2.97
N ILE C 367 33.57 13.44 -4.17
CA ILE C 367 33.51 14.65 -4.98
C ILE C 367 32.29 14.56 -5.86
N ALA C 368 31.27 15.39 -5.57
CA ALA C 368 29.99 15.31 -6.28
C ALA C 368 29.86 16.42 -7.32
N VAL C 369 29.87 16.02 -8.58
CA VAL C 369 29.75 16.96 -9.68
C VAL C 369 28.28 17.06 -10.06
N THR C 370 27.74 18.28 -9.99
CA THR C 370 26.33 18.48 -10.33
C THR C 370 26.12 19.81 -11.08
N ARG C 371 25.08 19.87 -11.94
CA ARG C 371 24.66 21.11 -12.58
C ARG C 371 23.65 21.88 -11.69
N SER C 372 23.06 21.20 -10.67
CA SER C 372 22.07 21.81 -9.79
C SER C 372 22.74 22.60 -8.68
N ALA C 373 22.57 23.92 -8.68
CA ALA C 373 23.13 24.77 -7.62
C ALA C 373 22.50 24.41 -6.25
N GLN C 374 21.21 24.10 -6.23
CA GLN C 374 20.50 23.68 -5.02
C GLN C 374 21.06 22.34 -4.48
N ALA C 375 21.23 21.31 -5.35
CA ALA C 375 21.79 20.02 -4.92
C ALA C 375 23.20 20.22 -4.38
N ALA C 376 24.00 21.09 -5.03
CA ALA C 376 25.36 21.39 -4.57
C ALA C 376 25.37 21.97 -3.15
N ARG C 377 24.40 22.84 -2.84
CA ARG C 377 24.32 23.39 -1.49
C ARG C 377 23.79 22.30 -0.50
N GLN C 378 22.76 21.57 -0.89
CA GLN C 378 22.11 20.58 -0.03
C GLN C 378 22.96 19.38 0.33
N VAL C 379 23.90 18.96 -0.56
CA VAL C 379 24.73 17.78 -0.25
C VAL C 379 25.72 18.02 0.89
N HIS C 380 25.90 19.28 1.34
CA HIS C 380 26.69 19.57 2.51
C HIS C 380 26.06 18.85 3.77
N LEU C 381 24.78 18.46 3.71
CA LEU C 381 24.16 17.73 4.82
C LEU C 381 24.78 16.34 5.00
N CYS C 382 25.40 15.76 3.92
CA CYS C 382 25.95 14.40 3.94
C CYS C 382 27.43 14.41 4.19
N ARG C 383 27.88 13.70 5.25
CA ARG C 383 29.30 13.67 5.59
C ARG C 383 30.18 13.24 4.41
N GLY C 384 31.25 13.96 4.20
CA GLY C 384 32.26 13.60 3.22
C GLY C 384 31.93 13.88 1.79
N VAL C 385 30.85 14.66 1.53
CA VAL C 385 30.45 15.04 0.18
C VAL C 385 30.95 16.46 -0.10
N PHE C 386 31.79 16.59 -1.13
CA PHE C 386 32.41 17.85 -1.55
C PHE C 386 31.77 18.27 -2.87
N PRO C 387 30.80 19.20 -2.81
CA PRO C 387 30.06 19.55 -4.03
C PRO C 387 30.83 20.45 -4.97
N LEU C 388 30.72 20.17 -6.28
CA LEU C 388 31.33 20.96 -7.33
C LEU C 388 30.22 21.34 -8.29
N LEU C 389 29.93 22.64 -8.39
CA LEU C 389 28.87 23.10 -9.29
C LEU C 389 29.42 23.23 -10.71
N TYR C 390 28.83 22.50 -11.66
CA TYR C 390 29.25 22.47 -13.04
C TYR C 390 28.33 23.34 -13.90
N ARG C 391 28.91 24.29 -14.66
CA ARG C 391 28.12 25.24 -15.43
C ARG C 391 28.36 25.23 -16.95
N GLU C 392 29.13 24.26 -17.46
CA GLU C 392 29.38 24.19 -18.90
C GLU C 392 28.10 23.81 -19.63
N PRO C 393 27.89 24.33 -20.86
CA PRO C 393 26.68 23.92 -21.60
C PRO C 393 26.74 22.43 -21.98
N PRO C 394 25.59 21.75 -22.08
CA PRO C 394 25.64 20.31 -22.37
C PRO C 394 26.18 19.99 -23.74
N GLU C 395 27.00 18.94 -23.81
CA GLU C 395 27.53 18.43 -25.06
C GLU C 395 26.40 17.70 -25.81
N ALA C 396 26.45 17.71 -27.15
CA ALA C 396 25.50 17.00 -28.02
C ALA C 396 25.68 15.48 -27.83
N ILE C 397 26.93 15.01 -27.65
CA ILE C 397 27.17 13.59 -27.42
C ILE C 397 27.22 13.41 -25.90
N TRP C 398 26.25 12.68 -25.35
CA TRP C 398 26.13 12.49 -23.92
C TRP C 398 27.40 11.94 -23.27
N ALA C 399 28.06 10.92 -23.85
CA ALA C 399 29.29 10.35 -23.31
C ALA C 399 30.38 11.43 -23.17
N ASP C 400 30.41 12.43 -24.08
CA ASP C 400 31.37 13.54 -24.00
C ASP C 400 31.04 14.43 -22.78
N ASP C 401 29.75 14.71 -22.57
CA ASP C 401 29.29 15.52 -21.45
C ASP C 401 29.68 14.84 -20.10
N VAL C 402 29.52 13.50 -20.05
CA VAL C 402 29.89 12.70 -18.87
C VAL C 402 31.41 12.80 -18.67
N ASP C 403 32.20 12.55 -19.73
CA ASP C 403 33.66 12.63 -19.65
C ASP C 403 34.14 14.01 -19.23
N ARG C 404 33.53 15.07 -19.76
CA ARG C 404 33.93 16.45 -19.38
C ARG C 404 33.68 16.68 -17.89
N ARG C 405 32.57 16.16 -17.35
CA ARG C 405 32.27 16.31 -15.92
C ARG C 405 33.19 15.53 -15.04
N VAL C 406 33.57 14.32 -15.49
CA VAL C 406 34.50 13.50 -14.74
C VAL C 406 35.87 14.21 -14.71
N GLN C 407 36.33 14.74 -15.85
CA GLN C 407 37.60 15.50 -15.86
C GLN C 407 37.51 16.81 -15.04
N PHE C 408 36.32 17.43 -14.98
CA PHE C 408 36.10 18.62 -14.15
C PHE C 408 36.33 18.24 -12.66
N GLY C 409 35.80 17.10 -12.25
CA GLY C 409 36.00 16.57 -10.89
C GLY C 409 37.47 16.31 -10.60
N ILE C 410 38.18 15.73 -11.58
CA ILE C 410 39.62 15.45 -11.45
C ILE C 410 40.44 16.72 -11.36
N GLU C 411 40.22 17.66 -12.28
CA GLU C 411 40.98 18.91 -12.31
C GLU C 411 40.72 19.77 -11.09
N SER C 412 39.46 19.79 -10.61
CA SER C 412 39.14 20.53 -9.39
C SER C 412 39.84 19.84 -8.21
N GLY C 413 39.83 18.50 -8.20
CA GLY C 413 40.47 17.68 -7.18
C GLY C 413 41.96 17.95 -7.10
N LYS C 414 42.61 18.09 -8.28
CA LYS C 414 44.04 18.41 -8.35
C LYS C 414 44.31 19.82 -7.80
N LEU C 415 43.49 20.79 -8.21
CA LEU C 415 43.65 22.18 -7.80
C LEU C 415 43.45 22.34 -6.29
N ARG C 416 42.49 21.63 -5.73
CA ARG C 416 42.16 21.70 -4.30
C ARG C 416 43.04 20.85 -3.38
N GLY C 417 43.91 20.02 -3.94
CA GLY C 417 44.79 19.17 -3.15
C GLY C 417 44.27 17.77 -2.83
N PHE C 418 43.08 17.40 -3.32
CA PHE C 418 42.52 16.06 -3.10
C PHE C 418 43.30 14.97 -3.89
N LEU C 419 43.79 15.32 -5.10
CA LEU C 419 44.41 14.37 -6.05
C LEU C 419 45.71 14.86 -6.66
N ARG C 420 46.54 13.90 -7.06
CA ARG C 420 47.80 14.09 -7.76
C ARG C 420 47.88 13.04 -8.88
N VAL C 421 48.70 13.29 -9.90
CA VAL C 421 48.96 12.31 -10.96
C VAL C 421 49.55 11.04 -10.31
N GLY C 422 49.03 9.89 -10.71
CA GLY C 422 49.43 8.62 -10.14
C GLY C 422 48.41 8.09 -9.13
N ASP C 423 47.57 8.98 -8.56
CA ASP C 423 46.54 8.55 -7.60
C ASP C 423 45.48 7.68 -8.30
N LEU C 424 44.77 6.87 -7.52
CA LEU C 424 43.64 6.11 -8.03
C LEU C 424 42.39 6.80 -7.48
N VAL C 425 41.36 6.90 -8.33
CA VAL C 425 40.06 7.41 -7.95
C VAL C 425 38.99 6.42 -8.41
N ILE C 426 37.86 6.41 -7.72
CA ILE C 426 36.72 5.60 -8.10
C ILE C 426 35.76 6.58 -8.75
N VAL C 427 35.17 6.24 -9.89
CA VAL C 427 34.28 7.15 -10.60
C VAL C 427 32.94 6.47 -10.72
N VAL C 428 31.89 7.15 -10.27
CA VAL C 428 30.54 6.62 -10.27
C VAL C 428 29.66 7.42 -11.21
N THR C 429 29.06 6.73 -12.16
CA THR C 429 28.20 7.33 -13.19
C THR C 429 26.98 6.41 -13.46
N GLY C 430 26.13 6.79 -14.41
CA GLY C 430 25.00 5.97 -14.84
C GLY C 430 25.05 5.66 -16.31
N TRP C 431 24.16 4.80 -16.77
CA TRP C 431 24.14 4.32 -18.15
C TRP C 431 23.37 5.22 -19.15
N ARG C 432 22.58 6.15 -18.64
CA ARG C 432 21.79 7.06 -19.47
C ARG C 432 21.55 8.38 -18.71
N PRO C 433 21.22 9.47 -19.40
CA PRO C 433 20.98 10.75 -18.71
C PRO C 433 19.73 10.73 -17.83
N GLY C 434 19.67 11.69 -16.91
CA GLY C 434 18.57 11.82 -15.98
C GLY C 434 18.89 11.19 -14.65
N SER C 435 18.25 11.68 -13.60
CA SER C 435 18.42 11.15 -12.27
C SER C 435 17.86 9.71 -12.16
N GLY C 436 18.45 8.90 -11.26
CA GLY C 436 17.98 7.54 -10.95
C GLY C 436 18.58 6.37 -11.71
N TYR C 437 19.59 6.59 -12.55
CA TYR C 437 20.19 5.53 -13.35
C TYR C 437 21.64 5.20 -13.02
N THR C 438 22.15 5.67 -11.85
CA THR C 438 23.54 5.34 -11.47
C THR C 438 23.70 3.82 -11.37
N ASN C 439 24.69 3.28 -12.10
CA ASN C 439 24.90 1.84 -12.13
C ASN C 439 26.34 1.47 -12.52
N ILE C 440 27.27 2.43 -12.59
CA ILE C 440 28.63 2.16 -13.05
C ILE C 440 29.65 2.64 -12.06
N MET C 441 30.64 1.81 -11.82
CA MET C 441 31.78 2.15 -11.01
C MET C 441 33.04 1.84 -11.85
N ARG C 442 33.97 2.78 -11.92
CA ARG C 442 35.22 2.59 -12.66
C ARG C 442 36.40 2.96 -11.77
N VAL C 443 37.53 2.32 -11.99
CA VAL C 443 38.75 2.61 -11.26
C VAL C 443 39.63 3.37 -12.24
N LEU C 444 39.95 4.63 -11.94
CA LEU C 444 40.78 5.43 -12.83
C LEU C 444 42.06 5.82 -12.21
N SER C 445 43.11 5.84 -13.02
CA SER C 445 44.42 6.30 -12.62
C SER C 445 44.56 7.77 -13.07
N ILE C 446 44.91 8.68 -12.14
CA ILE C 446 45.00 10.09 -12.46
C ILE C 446 46.19 10.41 -13.36
N SER C 447 45.90 11.02 -14.52
CA SER C 447 46.97 11.43 -15.44
C SER C 447 46.93 12.97 -15.61
N GLY D 23 10.47 -13.61 -5.46
CA GLY D 23 9.30 -13.19 -4.70
C GLY D 23 9.39 -13.53 -3.22
N THR D 24 8.94 -14.76 -2.86
CA THR D 24 8.95 -15.27 -1.49
C THR D 24 9.69 -16.62 -1.38
N ALA D 25 9.51 -17.49 -2.41
CA ALA D 25 10.15 -18.80 -2.53
C ALA D 25 11.68 -18.69 -2.71
N PHE D 26 12.13 -17.56 -3.30
CA PHE D 26 13.53 -17.23 -3.57
C PHE D 26 14.38 -17.33 -2.31
N PHE D 27 13.90 -16.77 -1.20
CA PHE D 27 14.68 -16.79 0.04
C PHE D 27 14.60 -18.12 0.81
N GLN D 28 13.87 -19.12 0.28
CA GLN D 28 13.79 -20.47 0.83
C GLN D 28 14.93 -21.31 0.22
N GLN D 29 15.25 -21.08 -1.07
CA GLN D 29 16.22 -21.80 -1.88
C GLN D 29 17.67 -21.47 -1.55
N GLN D 30 18.58 -22.31 -2.11
CA GLN D 30 20.04 -22.20 -2.05
C GLN D 30 20.58 -21.87 -0.64
N GLN D 31 19.98 -22.46 0.40
CA GLN D 31 20.36 -22.30 1.81
C GLN D 31 20.42 -20.83 2.25
N LEU D 32 19.60 -19.96 1.65
CA LEU D 32 19.58 -18.54 2.01
C LEU D 32 19.19 -18.31 3.48
N PRO D 33 18.27 -19.06 4.12
CA PRO D 33 18.06 -18.88 5.57
C PRO D 33 19.36 -19.11 6.37
N ALA D 34 20.13 -20.16 6.02
CA ALA D 34 21.42 -20.44 6.68
C ALA D 34 22.48 -19.35 6.35
N ALA D 35 22.40 -18.77 5.15
CA ALA D 35 23.31 -17.72 4.70
C ALA D 35 23.18 -16.44 5.52
N MET D 36 21.95 -16.13 5.97
CA MET D 36 21.64 -14.94 6.75
C MET D 36 22.01 -15.04 8.23
N ALA D 37 22.39 -16.24 8.73
CA ALA D 37 22.73 -16.46 10.13
C ALA D 37 23.88 -15.59 10.64
N ASP D 38 23.83 -15.24 11.93
CA ASP D 38 24.82 -14.37 12.56
C ASP D 38 26.06 -15.08 13.07
N THR D 39 25.99 -16.42 13.24
CA THR D 39 27.15 -17.19 13.66
C THR D 39 27.28 -18.43 12.75
N PHE D 40 28.46 -19.04 12.69
CA PHE D 40 28.65 -20.27 11.94
C PHE D 40 27.80 -21.40 12.56
N LEU D 41 27.71 -21.45 13.90
CA LEU D 41 26.90 -22.47 14.57
C LEU D 41 25.41 -22.36 14.14
N GLU D 42 24.84 -21.15 14.16
CA GLU D 42 23.45 -20.95 13.74
C GLU D 42 23.25 -21.22 12.26
N HIS D 43 24.30 -20.95 11.45
CA HIS D 43 24.29 -21.24 10.02
C HIS D 43 24.11 -22.76 9.84
N LEU D 44 24.87 -23.58 10.60
CA LEU D 44 24.75 -25.04 10.54
C LEU D 44 23.35 -25.49 10.93
N CYS D 45 22.80 -24.91 12.02
CA CYS D 45 21.46 -25.22 12.54
C CYS D 45 20.36 -24.92 11.52
N LEU D 46 20.61 -23.97 10.60
CA LEU D 46 19.60 -23.58 9.61
C LEU D 46 19.72 -24.29 8.26
N LEU D 47 20.73 -25.17 8.08
CA LEU D 47 20.88 -25.93 6.84
C LEU D 47 19.63 -26.81 6.64
N ASP D 48 19.05 -26.75 5.46
CA ASP D 48 17.79 -27.43 5.17
C ASP D 48 17.90 -28.38 3.96
N ILE D 49 17.58 -29.67 4.15
CA ILE D 49 17.60 -30.65 3.05
C ILE D 49 16.53 -30.35 1.97
N ASP D 50 15.51 -29.56 2.31
CA ASP D 50 14.48 -29.14 1.37
C ASP D 50 14.82 -27.84 0.64
N SER D 51 15.92 -27.16 1.00
CA SER D 51 16.30 -25.92 0.34
C SER D 51 17.12 -26.32 -0.89
N GLU D 52 16.49 -26.24 -2.05
CA GLU D 52 17.10 -26.70 -3.30
C GLU D 52 18.18 -25.78 -3.86
N PRO D 53 19.29 -26.36 -4.34
CA PRO D 53 20.32 -25.52 -4.96
C PRO D 53 19.79 -24.94 -6.26
N VAL D 54 20.06 -23.67 -6.51
CA VAL D 54 19.58 -22.96 -7.71
C VAL D 54 20.75 -22.60 -8.61
N ALA D 55 21.85 -22.15 -8.01
CA ALA D 55 23.05 -21.75 -8.72
C ALA D 55 23.67 -22.93 -9.48
N ALA D 56 24.38 -22.61 -10.56
CA ALA D 56 25.10 -23.62 -11.31
C ALA D 56 26.27 -24.11 -10.45
N ARG D 57 26.64 -25.37 -10.64
CA ARG D 57 27.73 -26.00 -9.87
C ARG D 57 29.06 -25.32 -10.18
N SER D 58 29.74 -24.80 -9.15
CA SER D 58 30.93 -23.98 -9.30
C SER D 58 32.27 -24.72 -9.14
N THR D 59 32.29 -25.85 -8.43
CA THR D 59 33.53 -26.61 -8.24
C THR D 59 33.75 -27.48 -9.48
N SER D 60 34.87 -27.27 -10.20
CA SER D 60 35.14 -28.05 -11.40
C SER D 60 35.44 -29.51 -11.12
N ILE D 61 35.06 -30.37 -12.05
CA ILE D 61 35.31 -31.80 -11.93
C ILE D 61 36.43 -32.22 -12.91
N ILE D 62 37.49 -32.83 -12.38
CA ILE D 62 38.58 -33.36 -13.16
C ILE D 62 38.33 -34.87 -13.26
N ALA D 63 38.21 -35.40 -14.47
CA ALA D 63 38.03 -36.84 -14.66
C ALA D 63 39.25 -37.44 -15.34
N THR D 64 39.82 -38.50 -14.78
CA THR D 64 40.97 -39.15 -15.38
C THR D 64 40.50 -40.05 -16.53
N ILE D 65 41.14 -39.90 -17.69
CA ILE D 65 40.82 -40.66 -18.88
C ILE D 65 41.54 -42.00 -18.86
N GLY D 66 40.82 -43.03 -19.25
CA GLY D 66 41.40 -44.37 -19.32
C GLY D 66 40.52 -45.27 -20.16
N PRO D 67 40.73 -46.58 -20.04
CA PRO D 67 39.89 -47.52 -20.83
C PRO D 67 38.39 -47.40 -20.59
N ALA D 68 37.98 -47.00 -19.38
CA ALA D 68 36.54 -46.86 -19.08
C ALA D 68 35.92 -45.59 -19.69
N SER D 69 36.76 -44.61 -20.09
CA SER D 69 36.27 -43.31 -20.50
C SER D 69 36.89 -42.74 -21.79
N ARG D 70 37.55 -43.53 -22.60
CA ARG D 70 38.22 -43.06 -23.83
C ARG D 70 37.35 -43.01 -25.04
N SER D 71 36.28 -43.80 -25.07
CA SER D 71 35.38 -43.82 -26.21
C SER D 71 34.81 -42.41 -26.49
N VAL D 72 34.83 -41.94 -27.75
CA VAL D 72 34.30 -40.58 -28.09
C VAL D 72 32.84 -40.43 -27.64
N GLU D 73 32.03 -41.49 -27.84
CA GLU D 73 30.63 -41.47 -27.42
C GLU D 73 30.48 -41.42 -25.89
N ARG D 74 31.34 -42.12 -25.14
CA ARG D 74 31.31 -42.10 -23.68
C ARG D 74 31.81 -40.69 -23.21
N LEU D 75 32.83 -40.14 -23.89
CA LEU D 75 33.34 -38.79 -23.54
C LEU D 75 32.27 -37.72 -23.71
N LYS D 76 31.40 -37.86 -24.74
CA LYS D 76 30.28 -36.93 -24.92
C LYS D 76 29.33 -36.95 -23.71
N GLU D 77 29.06 -38.17 -23.18
CA GLU D 77 28.20 -38.31 -22.01
C GLU D 77 28.87 -37.72 -20.77
N MET D 78 30.21 -37.86 -20.66
CA MET D 78 30.96 -37.32 -19.52
CA MET D 78 30.96 -37.33 -19.51
C MET D 78 30.95 -35.79 -19.51
N ILE D 79 31.04 -35.19 -20.70
CA ILE D 79 30.98 -33.73 -20.85
C ILE D 79 29.58 -33.26 -20.42
N LYS D 80 28.53 -33.95 -20.89
CA LYS D 80 27.16 -33.62 -20.49
C LYS D 80 26.91 -33.78 -18.99
N ALA D 81 27.56 -34.77 -18.35
CA ALA D 81 27.46 -35.07 -16.92
C ALA D 81 28.15 -33.99 -16.05
N GLY D 82 29.11 -33.27 -16.63
CA GLY D 82 29.79 -32.18 -15.93
C GLY D 82 31.30 -32.23 -15.87
N MET D 83 31.95 -33.15 -16.63
CA MET D 83 33.42 -33.18 -16.64
C MET D 83 33.95 -31.87 -17.24
N ASN D 84 34.85 -31.18 -16.54
CA ASN D 84 35.43 -29.91 -17.00
C ASN D 84 36.87 -30.01 -17.42
N ILE D 85 37.62 -30.93 -16.80
CA ILE D 85 39.04 -31.13 -17.09
C ILE D 85 39.29 -32.62 -17.27
N ALA D 86 39.93 -32.98 -18.37
CA ALA D 86 40.28 -34.37 -18.68
C ALA D 86 41.73 -34.55 -18.26
N ARG D 87 41.96 -35.43 -17.28
CA ARG D 87 43.31 -35.70 -16.81
C ARG D 87 43.92 -36.91 -17.54
N LEU D 88 45.15 -36.73 -18.06
CA LEU D 88 45.91 -37.80 -18.72
C LEU D 88 47.00 -38.21 -17.75
N ASN D 89 46.91 -39.43 -17.23
CA ASN D 89 47.88 -39.88 -16.25
C ASN D 89 49.06 -40.56 -16.97
N PHE D 90 50.19 -39.83 -17.11
CA PHE D 90 51.38 -40.33 -17.81
C PHE D 90 52.15 -41.40 -17.04
N SER D 91 51.62 -41.85 -15.87
CA SER D 91 52.19 -43.00 -15.18
C SER D 91 51.78 -44.31 -15.93
N HIS D 92 50.75 -44.25 -16.80
CA HIS D 92 50.26 -45.41 -17.56
C HIS D 92 50.10 -45.07 -19.05
N GLY D 93 50.52 -45.97 -19.93
CA GLY D 93 50.37 -45.78 -21.35
C GLY D 93 51.49 -45.01 -22.02
N SER D 94 51.66 -45.25 -23.32
CA SER D 94 52.69 -44.59 -24.11
C SER D 94 52.23 -43.23 -24.64
N HIS D 95 53.12 -42.50 -25.37
CA HIS D 95 52.77 -41.26 -26.03
C HIS D 95 51.67 -41.49 -27.05
N GLU D 96 51.73 -42.63 -27.76
CA GLU D 96 50.70 -42.97 -28.76
C GLU D 96 49.34 -43.12 -28.07
N TYR D 97 49.31 -43.74 -26.89
CA TYR D 97 48.06 -43.89 -26.13
C TYR D 97 47.50 -42.49 -25.76
N HIS D 98 48.33 -41.64 -25.17
CA HIS D 98 47.87 -40.30 -24.75
C HIS D 98 47.51 -39.39 -25.93
N ALA D 99 48.18 -39.55 -27.10
CA ALA D 99 47.82 -38.75 -28.28
C ALA D 99 46.41 -39.17 -28.74
N GLU D 100 46.08 -40.49 -28.70
CA GLU D 100 44.73 -40.95 -29.05
C GLU D 100 43.70 -40.42 -28.03
N SER D 101 44.03 -40.39 -26.71
CA SER D 101 43.14 -39.88 -25.67
C SER D 101 42.82 -38.41 -25.97
N ILE D 102 43.85 -37.62 -26.29
CA ILE D 102 43.67 -36.20 -26.60
C ILE D 102 42.76 -36.03 -27.83
N ALA D 103 43.00 -36.83 -28.89
CA ALA D 103 42.18 -36.73 -30.11
C ALA D 103 40.72 -37.07 -29.80
N ASN D 104 40.49 -38.08 -28.95
CA ASN D 104 39.12 -38.47 -28.59
C ASN D 104 38.41 -37.41 -27.77
N VAL D 105 39.11 -36.83 -26.78
CA VAL D 105 38.55 -35.75 -25.96
C VAL D 105 38.19 -34.56 -26.87
N ARG D 106 39.14 -34.14 -27.74
CA ARG D 106 38.89 -33.01 -28.66
C ARG D 106 37.73 -33.28 -29.60
N GLU D 107 37.63 -34.52 -30.14
CA GLU D 107 36.50 -34.86 -31.01
C GLU D 107 35.16 -34.75 -30.23
N ALA D 108 35.10 -35.30 -29.00
CA ALA D 108 33.87 -35.24 -28.22
C ALA D 108 33.52 -33.79 -27.85
N VAL D 109 34.52 -32.99 -27.45
CA VAL D 109 34.29 -31.59 -27.06
C VAL D 109 33.81 -30.78 -28.27
N GLU D 110 34.47 -30.93 -29.41
CA GLU D 110 34.14 -30.17 -30.62
C GLU D 110 32.84 -30.60 -31.29
N SER D 111 32.31 -31.78 -30.92
CA SER D 111 31.00 -32.23 -31.43
C SER D 111 29.84 -31.32 -31.00
N PHE D 112 30.04 -30.51 -29.95
CA PHE D 112 29.06 -29.56 -29.43
C PHE D 112 29.27 -28.12 -29.92
N ALA D 113 30.31 -27.88 -30.72
CA ALA D 113 30.68 -26.54 -31.17
C ALA D 113 29.65 -25.90 -32.12
N GLY D 114 28.79 -26.71 -32.76
CA GLY D 114 27.75 -26.21 -33.65
C GLY D 114 26.68 -25.36 -32.98
N SER D 115 26.54 -25.48 -31.64
CA SER D 115 25.64 -24.65 -30.86
C SER D 115 26.49 -23.83 -29.89
N PRO D 116 27.00 -22.66 -30.36
CA PRO D 116 27.88 -21.84 -29.52
C PRO D 116 27.34 -21.41 -28.16
N LEU D 117 26.03 -21.24 -28.01
CA LEU D 117 25.44 -20.79 -26.74
C LEU D 117 25.47 -21.84 -25.63
N SER D 118 25.67 -23.11 -25.97
CA SER D 118 25.71 -24.18 -24.96
C SER D 118 27.07 -24.91 -24.92
N TYR D 119 27.99 -24.61 -25.86
CA TYR D 119 29.31 -25.24 -25.96
C TYR D 119 30.08 -25.12 -24.65
N ARG D 120 30.60 -26.27 -24.17
CA ARG D 120 31.35 -26.31 -22.94
C ARG D 120 32.79 -26.63 -23.23
N PRO D 121 33.70 -25.66 -22.97
CA PRO D 121 35.13 -25.95 -23.13
C PRO D 121 35.57 -27.01 -22.12
N VAL D 122 36.56 -27.82 -22.48
CA VAL D 122 37.06 -28.87 -21.58
C VAL D 122 38.57 -28.79 -21.65
N ALA D 123 39.22 -28.63 -20.48
CA ALA D 123 40.66 -28.55 -20.41
C ALA D 123 41.31 -29.95 -20.47
N ILE D 124 42.55 -30.00 -20.94
CA ILE D 124 43.33 -31.22 -21.00
C ILE D 124 44.54 -31.00 -20.10
N ALA D 125 44.66 -31.84 -19.08
CA ALA D 125 45.73 -31.78 -18.09
C ALA D 125 46.63 -32.99 -18.21
N LEU D 126 47.94 -32.77 -18.16
CA LEU D 126 48.92 -33.85 -18.25
C LEU D 126 49.46 -34.06 -16.85
N ASP D 127 49.26 -35.25 -16.29
CA ASP D 127 49.74 -35.59 -14.97
C ASP D 127 51.03 -36.42 -15.13
N THR D 128 52.16 -35.87 -14.69
CA THR D 128 53.46 -36.52 -14.89
C THR D 128 53.69 -37.77 -14.07
N LYS D 129 54.61 -38.63 -14.54
CA LYS D 129 54.94 -39.85 -13.83
C LYS D 129 55.66 -39.52 -12.51
N GLY D 130 56.55 -38.53 -12.55
CA GLY D 130 57.24 -38.10 -11.33
C GLY D 130 58.72 -38.42 -11.34
N PRO D 131 59.41 -38.05 -10.25
CA PRO D 131 60.86 -38.22 -10.21
C PRO D 131 61.37 -39.58 -9.80
N GLY D 132 60.50 -40.44 -9.27
CA GLY D 132 60.89 -41.75 -8.76
C GLY D 132 61.90 -41.63 -7.64
N SER D 133 62.98 -42.44 -7.71
CA SER D 133 64.08 -42.34 -6.74
C SER D 133 65.06 -41.19 -7.04
N GLY D 134 64.83 -40.47 -8.16
CA GLY D 134 65.65 -39.34 -8.57
C GLY D 134 65.45 -38.15 -7.65
N PRO D 135 66.41 -37.21 -7.69
CA PRO D 135 66.30 -36.01 -6.84
C PRO D 135 65.49 -34.88 -7.47
N GLY D 136 65.05 -35.04 -8.72
CA GLY D 136 64.33 -34.03 -9.45
C GLY D 136 63.78 -34.51 -10.78
N LEU D 137 63.69 -33.61 -11.78
CA LEU D 137 63.08 -33.92 -13.07
C LEU D 137 63.68 -35.11 -13.82
N SER D 138 62.88 -36.16 -14.03
CA SER D 138 63.28 -37.37 -14.74
C SER D 138 63.36 -37.11 -16.26
N GLU D 139 64.11 -37.95 -16.97
CA GLU D 139 64.20 -37.85 -18.42
C GLU D 139 62.90 -38.23 -19.10
N GLN D 140 62.14 -39.15 -18.49
CA GLN D 140 60.81 -39.48 -18.97
C GLN D 140 59.91 -38.27 -18.81
N ASP D 141 60.01 -37.57 -17.66
CA ASP D 141 59.24 -36.35 -17.44
C ASP D 141 59.58 -35.29 -18.44
N VAL D 142 60.86 -35.15 -18.81
CA VAL D 142 61.26 -34.19 -19.85
C VAL D 142 60.59 -34.53 -21.18
N ARG D 143 60.62 -35.79 -21.58
CA ARG D 143 59.99 -36.21 -22.84
C ARG D 143 58.48 -36.00 -22.79
N ASP D 144 57.85 -36.33 -21.66
CA ASP D 144 56.40 -36.18 -21.52
C ASP D 144 55.97 -34.76 -21.55
N LEU D 145 56.74 -33.88 -20.89
CA LEU D 145 56.44 -32.47 -20.87
C LEU D 145 56.52 -31.87 -22.27
N ARG D 146 57.49 -32.29 -23.06
CA ARG D 146 57.62 -31.77 -24.45
C ARG D 146 56.45 -32.22 -25.31
N PHE D 147 56.04 -33.49 -25.16
CA PHE D 147 54.85 -34.04 -25.82
C PHE D 147 53.63 -33.20 -25.44
N GLY D 148 53.55 -32.80 -24.18
CA GLY D 148 52.45 -31.96 -23.71
C GLY D 148 52.39 -30.64 -24.46
N VAL D 149 53.54 -29.98 -24.62
CA VAL D 149 53.62 -28.73 -25.35
C VAL D 149 53.23 -28.94 -26.82
N GLU D 150 53.79 -30.00 -27.45
CA GLU D 150 53.53 -30.32 -28.84
C GLU D 150 52.07 -30.64 -29.13
N HIS D 151 51.38 -31.24 -28.16
CA HIS D 151 49.97 -31.58 -28.33
C HIS D 151 49.01 -30.52 -27.75
N GLY D 152 49.57 -29.41 -27.27
CA GLY D 152 48.79 -28.27 -26.79
C GLY D 152 48.01 -28.50 -25.52
N VAL D 153 48.56 -29.24 -24.55
CA VAL D 153 47.85 -29.42 -23.27
C VAL D 153 47.73 -28.08 -22.54
N ASP D 154 46.70 -27.94 -21.72
CA ASP D 154 46.45 -26.67 -21.02
C ASP D 154 47.08 -26.57 -19.63
N ILE D 155 47.20 -27.71 -18.95
CA ILE D 155 47.67 -27.76 -17.57
C ILE D 155 48.60 -28.93 -17.38
N VAL D 156 49.59 -28.76 -16.50
CA VAL D 156 50.45 -29.84 -16.09
C VAL D 156 50.16 -30.06 -14.59
N PHE D 157 49.92 -31.31 -14.18
CA PHE D 157 49.81 -31.66 -12.77
C PHE D 157 51.15 -32.32 -12.50
N ALA D 158 52.11 -31.54 -11.93
CA ALA D 158 53.48 -32.01 -11.67
C ALA D 158 53.55 -32.89 -10.43
N SER D 159 53.88 -34.17 -10.62
CA SER D 159 53.95 -35.13 -9.53
C SER D 159 55.16 -34.94 -8.59
N PHE D 160 54.96 -35.20 -7.30
CA PHE D 160 55.98 -35.13 -6.26
C PHE D 160 56.79 -33.84 -6.26
N VAL D 161 56.11 -32.68 -6.27
CA VAL D 161 56.85 -31.41 -6.18
C VAL D 161 57.29 -31.29 -4.71
N ARG D 162 58.60 -31.17 -4.46
CA ARG D 162 59.14 -31.10 -3.11
C ARG D 162 59.75 -29.76 -2.72
N LYS D 163 60.01 -28.89 -3.70
CA LYS D 163 60.65 -27.59 -3.52
C LYS D 163 60.41 -26.72 -4.75
N ALA D 164 60.65 -25.41 -4.62
CA ALA D 164 60.49 -24.44 -5.72
C ALA D 164 61.32 -24.80 -6.97
N SER D 165 62.54 -25.36 -6.79
CA SER D 165 63.38 -25.72 -7.95
C SER D 165 62.74 -26.82 -8.81
N ASP D 166 61.87 -27.68 -8.23
CA ASP D 166 61.16 -28.72 -8.98
C ASP D 166 60.19 -28.04 -9.97
N VAL D 167 59.51 -26.96 -9.54
CA VAL D 167 58.59 -26.21 -10.40
C VAL D 167 59.35 -25.50 -11.54
N ALA D 168 60.52 -24.90 -11.19
CA ALA D 168 61.37 -24.24 -12.20
C ALA D 168 61.81 -25.24 -13.27
N ALA D 169 62.18 -26.47 -12.87
CA ALA D 169 62.62 -27.53 -13.80
C ALA D 169 61.48 -27.92 -14.74
N VAL D 170 60.25 -28.02 -14.20
CA VAL D 170 59.05 -28.33 -15.02
C VAL D 170 58.82 -27.21 -16.03
N ARG D 171 58.88 -25.95 -15.58
CA ARG D 171 58.69 -24.76 -16.40
C ARG D 171 59.73 -24.72 -17.53
N ALA D 172 61.01 -25.03 -17.21
CA ALA D 172 62.11 -25.05 -18.20
C ALA D 172 61.90 -26.16 -19.24
N ALA D 173 61.44 -27.34 -18.81
CA ALA D 173 61.15 -28.48 -19.71
C ALA D 173 60.00 -28.19 -20.67
N LEU D 174 59.07 -27.29 -20.30
CA LEU D 174 57.99 -26.87 -21.18
C LEU D 174 58.51 -25.92 -22.31
N GLY D 175 59.69 -25.34 -22.13
CA GLY D 175 60.36 -24.51 -23.11
C GLY D 175 59.70 -23.18 -23.40
N PRO D 176 60.17 -22.49 -24.46
CA PRO D 176 59.59 -21.18 -24.79
C PRO D 176 58.17 -21.22 -25.33
N GLU D 177 57.78 -22.33 -25.95
CA GLU D 177 56.45 -22.52 -26.52
C GLU D 177 55.37 -22.92 -25.49
N GLY D 178 55.78 -23.34 -24.30
CA GLY D 178 54.85 -23.76 -23.26
C GLY D 178 54.66 -22.78 -22.10
N HIS D 179 54.96 -21.46 -22.33
CA HIS D 179 54.83 -20.42 -21.31
CA HIS D 179 54.83 -20.41 -21.32
C HIS D 179 53.40 -20.23 -20.78
N GLY D 180 52.41 -20.47 -21.63
CA GLY D 180 51.00 -20.31 -21.29
C GLY D 180 50.38 -21.49 -20.57
N ILE D 181 51.13 -22.61 -20.44
CA ILE D 181 50.62 -23.80 -19.74
C ILE D 181 50.61 -23.58 -18.21
N LYS D 182 49.48 -23.88 -17.54
CA LYS D 182 49.40 -23.75 -16.09
C LYS D 182 50.08 -24.91 -15.38
N ILE D 183 50.90 -24.63 -14.37
CA ILE D 183 51.60 -25.65 -13.60
C ILE D 183 50.94 -25.78 -12.22
N ILE D 184 50.32 -26.93 -12.00
CA ILE D 184 49.66 -27.25 -10.73
C ILE D 184 50.59 -28.22 -10.02
N SER D 185 51.19 -27.78 -8.91
CA SER D 185 52.12 -28.62 -8.19
C SER D 185 51.38 -29.64 -7.31
N LYS D 186 51.71 -30.92 -7.46
CA LYS D 186 51.13 -31.96 -6.61
C LYS D 186 51.95 -32.12 -5.36
N ILE D 187 51.30 -31.98 -4.20
CA ILE D 187 51.94 -32.17 -2.89
C ILE D 187 51.59 -33.59 -2.46
N GLU D 188 52.62 -34.43 -2.41
CA GLU D 188 52.48 -35.87 -2.19
C GLU D 188 53.30 -36.45 -1.06
N ASN D 189 54.11 -35.63 -0.39
CA ASN D 189 54.96 -36.15 0.69
C ASN D 189 55.23 -35.09 1.77
N HIS D 190 55.91 -35.49 2.84
CA HIS D 190 56.24 -34.61 3.96
C HIS D 190 56.98 -33.36 3.54
N GLU D 191 58.01 -33.50 2.69
CA GLU D 191 58.79 -32.36 2.23
C GLU D 191 57.96 -31.32 1.46
N GLY D 192 57.06 -31.79 0.60
CA GLY D 192 56.17 -30.90 -0.13
C GLY D 192 55.26 -30.11 0.81
N VAL D 193 54.77 -30.76 1.88
CA VAL D 193 53.92 -30.07 2.86
C VAL D 193 54.76 -29.02 3.63
N LYS D 194 55.97 -29.40 4.05
CA LYS D 194 56.85 -28.49 4.80
C LYS D 194 57.37 -27.31 3.99
N ARG D 195 57.63 -27.52 2.71
CA ARG D 195 58.07 -26.46 1.82
C ARG D 195 56.92 -25.87 0.99
N PHE D 196 55.66 -26.05 1.45
CA PHE D 196 54.47 -25.59 0.74
C PHE D 196 54.52 -24.13 0.29
N ASP D 197 54.87 -23.20 1.20
CA ASP D 197 54.85 -21.79 0.86
C ASP D 197 55.74 -21.45 -0.34
N GLU D 198 56.97 -21.98 -0.37
CA GLU D 198 57.88 -21.71 -1.49
C GLU D 198 57.38 -22.38 -2.78
N ILE D 199 56.68 -23.53 -2.67
CA ILE D 199 56.13 -24.19 -3.85
C ILE D 199 54.96 -23.39 -4.41
N LEU D 200 53.99 -23.00 -3.55
CA LEU D 200 52.83 -22.21 -3.98
C LEU D 200 53.24 -20.90 -4.67
N GLU D 201 54.26 -20.21 -4.12
CA GLU D 201 54.74 -18.93 -4.65
C GLU D 201 55.09 -19.01 -6.14
N VAL D 202 55.73 -20.10 -6.59
CA VAL D 202 56.16 -20.27 -7.98
C VAL D 202 55.18 -21.10 -8.85
N SER D 203 54.13 -21.68 -8.25
CA SER D 203 53.17 -22.50 -8.99
C SER D 203 51.91 -21.72 -9.34
N ASP D 204 51.17 -22.18 -10.36
CA ASP D 204 49.87 -21.58 -10.66
C ASP D 204 48.78 -22.06 -9.69
N GLY D 205 49.01 -23.21 -9.05
CA GLY D 205 48.09 -23.82 -8.12
C GLY D 205 48.65 -25.09 -7.53
N ILE D 206 47.82 -25.78 -6.75
CA ILE D 206 48.22 -26.96 -6.02
C ILE D 206 47.22 -28.11 -6.17
N MET D 207 47.73 -29.34 -6.11
CA MET D 207 46.88 -30.50 -5.99
C MET D 207 47.23 -31.21 -4.69
N VAL D 208 46.22 -31.47 -3.85
CA VAL D 208 46.39 -32.24 -2.63
C VAL D 208 46.26 -33.71 -3.09
N ALA D 209 47.40 -34.33 -3.38
CA ALA D 209 47.46 -35.69 -3.96
C ALA D 209 47.43 -36.70 -2.83
N ARG D 210 46.21 -37.01 -2.33
CA ARG D 210 46.01 -37.78 -1.12
C ARG D 210 46.46 -39.23 -1.18
N GLY D 211 46.54 -39.81 -2.37
CA GLY D 211 46.98 -41.21 -2.48
C GLY D 211 48.37 -41.43 -1.93
N ASP D 212 49.35 -40.75 -2.53
CA ASP D 212 50.73 -40.80 -2.06
C ASP D 212 50.87 -40.13 -0.71
N LEU D 213 50.20 -38.99 -0.50
CA LEU D 213 50.29 -38.28 0.78
C LEU D 213 49.89 -39.21 1.96
N GLY D 214 48.84 -40.02 1.78
CA GLY D 214 48.35 -40.97 2.77
C GLY D 214 49.26 -42.15 3.07
N ILE D 215 50.27 -42.36 2.24
CA ILE D 215 51.29 -43.42 2.41
C ILE D 215 52.60 -42.78 2.92
N GLU D 216 52.87 -41.51 2.53
CA GLU D 216 54.06 -40.76 2.90
C GLU D 216 54.01 -40.21 4.31
N ILE D 217 52.83 -39.81 4.77
CA ILE D 217 52.61 -39.30 6.13
C ILE D 217 51.52 -40.17 6.77
N PRO D 218 51.36 -40.20 8.12
CA PRO D 218 50.29 -41.03 8.71
C PRO D 218 48.92 -40.72 8.11
N ALA D 219 48.15 -41.76 7.76
CA ALA D 219 46.83 -41.62 7.16
C ALA D 219 45.90 -40.65 7.92
N GLU D 220 45.94 -40.70 9.27
CA GLU D 220 45.12 -39.85 10.13
C GLU D 220 45.52 -38.36 10.10
N LYS D 221 46.64 -38.00 9.44
CA LYS D 221 47.07 -36.61 9.35
C LYS D 221 46.76 -35.93 7.98
N VAL D 222 46.34 -36.72 6.97
CA VAL D 222 46.07 -36.19 5.63
C VAL D 222 45.05 -35.05 5.65
N PHE D 223 43.97 -35.17 6.46
CA PHE D 223 42.97 -34.10 6.51
C PHE D 223 43.55 -32.73 6.95
N LEU D 224 44.58 -32.74 7.84
CA LEU D 224 45.23 -31.52 8.31
C LEU D 224 45.99 -30.89 7.14
N ALA D 225 46.75 -31.71 6.37
CA ALA D 225 47.50 -31.24 5.21
C ALA D 225 46.51 -30.68 4.17
N GLN D 226 45.41 -31.41 3.89
CA GLN D 226 44.41 -30.95 2.92
C GLN D 226 43.82 -29.59 3.35
N LYS D 227 43.32 -29.49 4.60
CA LYS D 227 42.70 -28.24 5.06
C LYS D 227 43.66 -27.05 5.07
N MET D 228 44.93 -27.29 5.46
CA MET D 228 45.96 -26.27 5.48
C MET D 228 46.23 -25.74 4.05
N MET D 229 46.44 -26.67 3.11
CA MET D 229 46.77 -26.32 1.74
C MET D 229 45.64 -25.59 1.05
N ILE D 230 44.39 -26.04 1.28
CA ILE D 230 43.24 -25.39 0.70
C ILE D 230 43.11 -23.95 1.26
N GLY D 231 43.24 -23.81 2.59
CA GLY D 231 43.20 -22.48 3.23
C GLY D 231 44.28 -21.55 2.70
N ARG D 232 45.52 -22.05 2.56
CA ARG D 232 46.62 -21.22 2.05
C ARG D 232 46.44 -20.83 0.58
N CYS D 233 45.90 -21.76 -0.25
CA CYS D 233 45.59 -21.45 -1.65
C CYS D 233 44.49 -20.45 -1.76
N ASN D 234 43.46 -20.56 -0.91
CA ASN D 234 42.35 -19.62 -0.92
C ASN D 234 42.86 -18.21 -0.56
N LEU D 235 43.77 -18.14 0.40
CA LEU D 235 44.37 -16.87 0.87
C LEU D 235 45.19 -16.24 -0.25
N ALA D 236 45.94 -17.07 -0.99
CA ALA D 236 46.79 -16.65 -2.12
C ALA D 236 45.99 -16.40 -3.40
N GLY D 237 44.72 -16.80 -3.45
CA GLY D 237 43.89 -16.65 -4.64
C GLY D 237 44.35 -17.53 -5.81
N LYS D 238 44.95 -18.69 -5.49
CA LYS D 238 45.42 -19.67 -6.48
C LYS D 238 44.61 -20.96 -6.41
N PRO D 239 44.30 -21.58 -7.57
CA PRO D 239 43.48 -22.82 -7.55
C PRO D 239 44.07 -23.95 -6.75
N VAL D 240 43.19 -24.72 -6.09
CA VAL D 240 43.58 -25.89 -5.32
C VAL D 240 42.65 -27.04 -5.68
N VAL D 241 43.23 -28.20 -5.96
CA VAL D 241 42.49 -29.42 -6.35
C VAL D 241 42.50 -30.44 -5.20
N CYS D 242 41.35 -31.06 -4.90
CA CYS D 242 41.34 -32.14 -3.90
C CYS D 242 41.26 -33.43 -4.72
N ALA D 243 42.18 -34.36 -4.47
CA ALA D 243 42.25 -35.55 -5.29
C ALA D 243 42.32 -36.85 -4.52
N THR D 244 41.86 -37.96 -5.17
CA THR D 244 42.09 -39.35 -4.87
C THR D 244 41.20 -39.97 -3.81
N GLN D 245 40.54 -41.08 -4.25
CA GLN D 245 39.63 -41.95 -3.49
C GLN D 245 38.37 -41.23 -3.02
N MET D 246 38.00 -40.11 -3.67
CA MET D 246 36.84 -39.34 -3.23
C MET D 246 35.55 -40.16 -3.34
N LEU D 247 35.42 -40.97 -4.41
CA LEU D 247 34.25 -41.84 -4.61
C LEU D 247 34.75 -43.25 -4.98
N GLU D 248 35.80 -43.71 -4.30
CA GLU D 248 36.49 -44.96 -4.59
C GLU D 248 35.58 -46.19 -4.83
N SER D 249 34.57 -46.38 -3.98
CA SER D 249 33.69 -47.55 -4.10
C SER D 249 32.91 -47.54 -5.44
N MET D 250 32.76 -46.33 -6.07
CA MET D 250 32.10 -46.25 -7.37
C MET D 250 32.90 -46.81 -8.55
N ILE D 251 34.12 -47.31 -8.30
CA ILE D 251 34.87 -48.04 -9.33
C ILE D 251 34.07 -49.35 -9.66
N THR D 252 33.42 -49.97 -8.64
CA THR D 252 32.65 -51.20 -8.83
C THR D 252 31.16 -51.13 -8.41
N LYS D 253 30.76 -50.14 -7.60
CA LYS D 253 29.37 -50.00 -7.15
C LYS D 253 28.66 -48.78 -7.74
N PRO D 254 27.34 -48.88 -8.01
CA PRO D 254 26.61 -47.77 -8.65
C PRO D 254 26.37 -46.55 -7.75
N ARG D 255 26.47 -46.72 -6.43
CA ARG D 255 26.23 -45.66 -5.45
C ARG D 255 27.44 -45.60 -4.49
N PRO D 256 27.85 -44.40 -4.06
CA PRO D 256 29.01 -44.30 -3.16
C PRO D 256 28.65 -44.55 -1.69
N THR D 257 29.68 -44.68 -0.84
CA THR D 257 29.44 -44.84 0.59
C THR D 257 29.09 -43.48 1.25
N ARG D 258 28.61 -43.50 2.50
CA ARG D 258 28.29 -42.28 3.23
C ARG D 258 29.54 -41.45 3.49
N ALA D 259 30.71 -42.10 3.67
CA ALA D 259 31.96 -41.40 3.90
C ALA D 259 32.44 -40.68 2.63
N GLU D 260 32.18 -41.27 1.46
CA GLU D 260 32.57 -40.71 0.17
C GLU D 260 31.76 -39.45 -0.18
N THR D 261 30.42 -39.48 0.04
CA THR D 261 29.62 -38.28 -0.25
C THR D 261 30.05 -37.15 0.69
N SER D 262 30.33 -37.50 1.97
CA SER D 262 30.79 -36.56 2.99
C SER D 262 32.15 -35.96 2.58
N ASP D 263 33.07 -36.79 2.12
CA ASP D 263 34.39 -36.34 1.67
C ASP D 263 34.29 -35.31 0.55
N VAL D 264 33.46 -35.57 -0.48
CA VAL D 264 33.25 -34.62 -1.58
C VAL D 264 32.66 -33.30 -1.03
N ALA D 265 31.58 -33.40 -0.21
CA ALA D 265 30.96 -32.20 0.35
C ALA D 265 31.95 -31.38 1.18
N ASN D 266 32.75 -32.06 2.01
CA ASN D 266 33.71 -31.38 2.85
C ASN D 266 34.88 -30.77 2.09
N ALA D 267 35.31 -31.36 0.98
CA ALA D 267 36.37 -30.77 0.14
C ALA D 267 35.87 -29.42 -0.42
N VAL D 268 34.58 -29.37 -0.84
CA VAL D 268 33.98 -28.13 -1.34
C VAL D 268 33.86 -27.11 -0.18
N LEU D 269 33.36 -27.55 0.99
CA LEU D 269 33.25 -26.65 2.15
C LEU D 269 34.61 -26.16 2.65
N ASP D 270 35.66 -26.98 2.50
CA ASP D 270 37.02 -26.60 2.89
C ASP D 270 37.53 -25.40 2.01
N GLY D 271 37.06 -25.36 0.76
CA GLY D 271 37.41 -24.31 -0.20
C GLY D 271 38.10 -24.80 -1.46
N ALA D 272 38.04 -26.14 -1.77
CA ALA D 272 38.69 -26.63 -2.99
C ALA D 272 38.07 -26.00 -4.25
N ASP D 273 38.91 -25.60 -5.22
CA ASP D 273 38.41 -25.10 -6.51
C ASP D 273 37.94 -26.25 -7.41
N CYS D 274 38.65 -27.37 -7.34
CA CYS D 274 38.38 -28.56 -8.15
C CYS D 274 38.35 -29.79 -7.26
N ILE D 275 37.62 -30.80 -7.74
CA ILE D 275 37.58 -32.11 -7.14
C ILE D 275 37.90 -33.08 -8.28
N MET D 276 38.52 -34.22 -7.94
CA MET D 276 39.01 -35.13 -8.95
C MET D 276 38.50 -36.55 -8.79
N LEU D 277 38.48 -37.26 -9.94
CA LEU D 277 38.16 -38.68 -10.05
C LEU D 277 39.33 -39.32 -10.79
N SER D 278 39.81 -40.46 -10.27
CA SER D 278 40.93 -41.17 -10.83
C SER D 278 40.46 -42.52 -11.37
N GLY D 279 40.57 -43.60 -10.58
CA GLY D 279 40.08 -44.90 -11.00
C GLY D 279 38.60 -44.90 -11.28
N GLU D 280 37.82 -44.00 -10.57
CA GLU D 280 36.35 -43.89 -10.76
C GLU D 280 35.99 -43.60 -12.20
N THR D 281 36.84 -42.85 -12.92
CA THR D 281 36.58 -42.59 -14.35
C THR D 281 37.56 -43.29 -15.29
N ALA D 282 38.78 -43.58 -14.84
CA ALA D 282 39.78 -44.19 -15.73
C ALA D 282 39.51 -45.67 -15.98
N LYS D 283 39.16 -46.43 -14.93
CA LYS D 283 39.06 -47.89 -15.08
C LYS D 283 37.76 -48.51 -14.56
N GLY D 284 36.97 -47.75 -13.81
CA GLY D 284 35.74 -48.25 -13.21
C GLY D 284 34.56 -48.51 -14.14
N ASN D 285 33.50 -49.09 -13.59
CA ASN D 285 32.30 -49.43 -14.37
C ASN D 285 31.20 -48.35 -14.32
N PHE D 286 31.44 -47.25 -13.60
CA PHE D 286 30.46 -46.16 -13.48
C PHE D 286 31.13 -44.76 -13.71
N PRO D 287 31.92 -44.56 -14.80
CA PRO D 287 32.56 -43.25 -14.98
C PRO D 287 31.58 -42.09 -15.09
N VAL D 288 30.48 -42.25 -15.84
CA VAL D 288 29.51 -41.18 -16.01
C VAL D 288 28.76 -40.90 -14.70
N GLU D 289 28.36 -41.97 -13.98
CA GLU D 289 27.65 -41.84 -12.71
C GLU D 289 28.55 -41.18 -11.64
N ALA D 290 29.88 -41.45 -11.69
CA ALA D 290 30.81 -40.84 -10.73
C ALA D 290 30.88 -39.33 -10.93
N VAL D 291 30.90 -38.90 -12.22
CA VAL D 291 30.90 -37.47 -12.56
C VAL D 291 29.56 -36.84 -12.10
N LYS D 292 28.43 -37.52 -12.38
CA LYS D 292 27.11 -37.03 -11.96
C LYS D 292 26.99 -36.90 -10.43
N MET D 293 27.59 -37.82 -9.68
CA MET D 293 27.58 -37.82 -8.22
C MET D 293 28.40 -36.64 -7.68
N GLN D 294 29.62 -36.41 -8.25
CA GLN D 294 30.41 -35.23 -7.81
C GLN D 294 29.66 -33.96 -8.10
N HIS D 295 29.01 -33.88 -9.28
CA HIS D 295 28.22 -32.72 -9.65
C HIS D 295 27.09 -32.47 -8.62
N ALA D 296 26.30 -33.50 -8.33
CA ALA D 296 25.17 -33.39 -7.38
C ALA D 296 25.61 -32.96 -5.98
N ILE D 297 26.70 -33.56 -5.48
CA ILE D 297 27.20 -33.23 -4.15
C ILE D 297 27.77 -31.78 -4.09
N ALA D 298 28.63 -31.43 -5.07
CA ALA D 298 29.25 -30.10 -5.14
C ALA D 298 28.21 -28.99 -5.14
N ARG D 299 27.13 -29.15 -5.92
CA ARG D 299 26.03 -28.17 -5.96
C ARG D 299 25.42 -27.96 -4.57
N GLU D 300 25.15 -29.04 -3.84
CA GLU D 300 24.56 -28.94 -2.49
C GLU D 300 25.53 -28.24 -1.54
N ALA D 301 26.81 -28.64 -1.59
CA ALA D 301 27.82 -28.11 -0.69
C ALA D 301 28.13 -26.65 -0.91
N GLU D 302 28.12 -26.19 -2.18
CA GLU D 302 28.39 -24.78 -2.50
C GLU D 302 27.33 -23.88 -1.90
N ALA D 303 26.06 -24.31 -1.92
CA ALA D 303 24.99 -23.51 -1.32
C ALA D 303 25.14 -23.43 0.21
N ALA D 304 25.76 -24.47 0.84
CA ALA D 304 25.98 -24.57 2.28
C ALA D 304 27.21 -23.79 2.78
N VAL D 305 27.99 -23.19 1.88
CA VAL D 305 29.14 -22.37 2.27
C VAL D 305 28.64 -21.14 3.06
N TYR D 306 29.29 -20.82 4.19
CA TYR D 306 28.87 -19.65 4.98
C TYR D 306 29.59 -18.41 4.44
N HIS D 307 29.07 -17.84 3.31
CA HIS D 307 29.68 -16.71 2.62
C HIS D 307 29.90 -15.50 3.49
N ARG D 308 28.99 -15.21 4.45
CA ARG D 308 29.15 -14.06 5.37
C ARG D 308 30.53 -14.05 6.04
N GLN D 309 30.96 -15.21 6.56
CA GLN D 309 32.27 -15.30 7.19
C GLN D 309 33.39 -15.42 6.17
N LEU D 310 33.20 -16.28 5.16
CA LEU D 310 34.22 -16.50 4.14
C LEU D 310 34.62 -15.18 3.43
N PHE D 311 33.64 -14.42 2.93
CA PHE D 311 33.92 -13.14 2.27
C PHE D 311 34.64 -12.17 3.19
N GLU D 312 34.18 -12.04 4.45
CA GLU D 312 34.78 -11.15 5.45
C GLU D 312 36.23 -11.53 5.69
N GLU D 313 36.53 -12.83 5.88
CA GLU D 313 37.88 -13.29 6.12
C GLU D 313 38.79 -13.14 4.91
N LEU D 314 38.28 -13.41 3.70
CA LEU D 314 39.07 -13.27 2.47
C LEU D 314 39.42 -11.79 2.27
N ARG D 315 38.45 -10.89 2.51
CA ARG D 315 38.65 -9.43 2.42
C ARG D 315 39.72 -8.97 3.40
N ARG D 316 39.59 -9.34 4.69
CA ARG D 316 40.52 -8.95 5.74
C ARG D 316 41.94 -9.44 5.49
N ALA D 317 42.10 -10.66 4.97
CA ALA D 317 43.41 -11.25 4.72
C ALA D 317 44.07 -10.74 3.44
N ALA D 318 43.25 -10.33 2.44
CA ALA D 318 43.79 -9.85 1.16
C ALA D 318 44.43 -8.47 1.34
N PRO D 319 45.65 -8.28 0.83
CA PRO D 319 46.31 -6.98 1.03
C PRO D 319 45.66 -5.87 0.21
N LEU D 320 45.95 -4.60 0.57
CA LEU D 320 45.51 -3.45 -0.21
C LEU D 320 46.14 -3.59 -1.60
N SER D 321 45.44 -3.12 -2.63
CA SER D 321 45.96 -3.24 -3.97
C SER D 321 45.76 -1.98 -4.76
N ARG D 322 46.75 -1.64 -5.58
CA ARG D 322 46.64 -0.53 -6.52
C ARG D 322 46.38 -1.05 -7.96
N ASP D 323 46.14 -2.37 -8.14
CA ASP D 323 45.88 -2.96 -9.44
C ASP D 323 44.40 -2.79 -9.74
N PRO D 324 44.02 -2.06 -10.82
CA PRO D 324 42.60 -1.82 -11.08
C PRO D 324 41.75 -3.08 -11.31
N THR D 325 42.35 -4.17 -11.83
CA THR D 325 41.58 -5.42 -12.01
C THR D 325 41.17 -5.97 -10.63
N GLU D 326 42.11 -5.98 -9.66
CA GLU D 326 41.84 -6.47 -8.30
C GLU D 326 40.81 -5.56 -7.58
N VAL D 327 40.97 -4.23 -7.73
CA VAL D 327 40.06 -3.26 -7.09
C VAL D 327 38.65 -3.42 -7.67
N THR D 328 38.52 -3.53 -9.02
CA THR D 328 37.22 -3.75 -9.65
C THR D 328 36.61 -5.08 -9.19
N ALA D 329 37.42 -6.15 -9.11
CA ALA D 329 36.94 -7.49 -8.70
C ALA D 329 36.28 -7.46 -7.31
N ILE D 330 36.93 -6.84 -6.30
CA ILE D 330 36.35 -6.79 -4.95
C ILE D 330 35.09 -5.93 -4.94
N GLY D 331 35.08 -4.83 -5.69
CA GLY D 331 33.89 -3.99 -5.80
C GLY D 331 32.72 -4.75 -6.43
N ALA D 332 32.99 -5.52 -7.49
CA ALA D 332 31.99 -6.30 -8.21
C ALA D 332 31.43 -7.41 -7.32
N VAL D 333 32.29 -8.07 -6.52
CA VAL D 333 31.84 -9.17 -5.65
C VAL D 333 30.96 -8.60 -4.54
N GLU D 334 31.36 -7.46 -3.97
CA GLU D 334 30.58 -6.75 -2.93
C GLU D 334 29.22 -6.38 -3.49
N ALA D 335 29.19 -5.80 -4.72
CA ALA D 335 27.96 -5.42 -5.40
C ALA D 335 27.06 -6.65 -5.66
N ALA D 336 27.64 -7.77 -6.10
CA ALA D 336 26.90 -9.00 -6.37
C ALA D 336 26.22 -9.52 -5.11
N PHE D 337 26.89 -9.47 -3.96
CA PHE D 337 26.29 -9.92 -2.68
C PHE D 337 25.17 -8.97 -2.24
N LYS D 338 25.33 -7.66 -2.46
CA LYS D 338 24.32 -6.67 -2.08
C LYS D 338 22.96 -6.90 -2.74
N CYS D 339 22.95 -7.29 -4.02
CA CYS D 339 21.71 -7.47 -4.77
C CYS D 339 21.34 -8.92 -5.05
N CYS D 340 22.08 -9.91 -4.51
CA CYS D 340 21.86 -11.34 -4.81
C CYS D 340 21.94 -11.54 -6.33
N ALA D 341 22.96 -10.93 -6.97
CA ALA D 341 23.11 -11.02 -8.42
C ALA D 341 23.12 -12.48 -8.90
N ALA D 342 22.42 -12.78 -9.99
CA ALA D 342 22.41 -14.14 -10.57
C ALA D 342 23.80 -14.49 -11.14
N ALA D 343 24.54 -13.47 -11.62
CA ALA D 343 25.85 -13.71 -12.21
C ALA D 343 26.72 -12.44 -12.26
N ILE D 344 28.03 -12.63 -12.41
CA ILE D 344 28.98 -11.57 -12.69
C ILE D 344 29.49 -11.95 -14.10
N ILE D 345 29.16 -11.17 -15.13
CA ILE D 345 29.65 -11.44 -16.49
C ILE D 345 30.96 -10.68 -16.68
N VAL D 346 32.06 -11.37 -16.96
CA VAL D 346 33.36 -10.76 -17.11
C VAL D 346 33.98 -11.06 -18.47
N LEU D 347 34.58 -10.04 -19.11
CA LEU D 347 35.30 -10.26 -20.36
C LEU D 347 36.76 -10.50 -19.98
N THR D 348 37.39 -11.55 -20.53
CA THR D 348 38.79 -11.83 -20.18
C THR D 348 39.58 -12.41 -21.35
N THR D 349 40.85 -12.04 -21.49
CA THR D 349 41.71 -12.56 -22.54
C THR D 349 42.53 -13.74 -22.03
N THR D 350 43.10 -13.62 -20.84
CA THR D 350 43.96 -14.62 -20.21
C THR D 350 43.26 -15.45 -19.11
N GLY D 351 42.09 -15.00 -18.66
CA GLY D 351 41.35 -15.54 -17.53
C GLY D 351 41.59 -14.81 -16.22
N ARG D 352 42.64 -13.95 -16.17
CA ARG D 352 43.01 -13.25 -14.93
C ARG D 352 41.88 -12.46 -14.25
N SER D 353 41.08 -11.70 -15.01
CA SER D 353 39.98 -10.91 -14.41
C SER D 353 38.95 -11.85 -13.76
N ALA D 354 38.71 -13.04 -14.37
CA ALA D 354 37.78 -14.04 -13.82
C ALA D 354 38.38 -14.66 -12.55
N GLN D 355 39.71 -14.97 -12.56
CA GLN D 355 40.39 -15.52 -11.39
C GLN D 355 40.30 -14.58 -10.18
N LEU D 356 40.49 -13.26 -10.42
CA LEU D 356 40.45 -12.27 -9.34
C LEU D 356 39.03 -12.10 -8.77
N LEU D 357 38.00 -12.34 -9.55
CA LEU D 357 36.63 -12.34 -9.06
C LEU D 357 36.43 -13.63 -8.21
N SER D 358 36.86 -14.79 -8.75
CA SER D 358 36.73 -16.10 -8.10
C SER D 358 37.39 -16.15 -6.70
N ARG D 359 38.54 -15.47 -6.51
CA ARG D 359 39.26 -15.49 -5.24
C ARG D 359 38.45 -14.91 -4.05
N TYR D 360 37.46 -14.06 -4.33
CA TYR D 360 36.57 -13.52 -3.29
C TYR D 360 35.35 -14.39 -3.02
N ARG D 361 35.25 -15.55 -3.72
CA ARG D 361 34.21 -16.54 -3.60
C ARG D 361 32.80 -15.94 -3.62
N PRO D 362 32.40 -15.26 -4.71
CA PRO D 362 31.03 -14.78 -4.77
C PRO D 362 30.06 -15.97 -4.87
N ARG D 363 28.82 -15.75 -4.42
CA ARG D 363 27.77 -16.75 -4.59
C ARG D 363 27.36 -16.73 -6.08
N ALA D 364 27.33 -15.53 -6.71
CA ALA D 364 26.98 -15.32 -8.11
C ALA D 364 27.99 -16.03 -9.00
N ALA D 365 27.47 -16.74 -10.01
CA ALA D 365 28.27 -17.44 -11.01
C ALA D 365 29.13 -16.41 -11.78
N VAL D 366 30.41 -16.69 -11.99
CA VAL D 366 31.27 -15.78 -12.76
C VAL D 366 31.26 -16.31 -14.20
N ILE D 367 30.49 -15.64 -15.09
CA ILE D 367 30.40 -16.06 -16.48
C ILE D 367 31.54 -15.36 -17.25
N ALA D 368 32.56 -16.10 -17.66
CA ALA D 368 33.72 -15.52 -18.31
C ALA D 368 33.68 -15.68 -19.80
N VAL D 369 33.56 -14.56 -20.52
CA VAL D 369 33.49 -14.56 -21.97
C VAL D 369 34.89 -14.26 -22.53
N THR D 370 35.41 -15.19 -23.33
CA THR D 370 36.75 -15.03 -23.90
C THR D 370 36.84 -15.52 -25.36
N ARG D 371 37.77 -14.95 -26.15
CA ARG D 371 38.04 -15.45 -27.49
C ARG D 371 39.17 -16.51 -27.43
N SER D 372 39.93 -16.57 -26.32
CA SER D 372 41.01 -17.51 -26.19
C SER D 372 40.48 -18.88 -25.81
N ALA D 373 40.60 -19.85 -26.72
CA ALA D 373 40.17 -21.23 -26.46
C ALA D 373 40.95 -21.82 -25.28
N GLN D 374 42.24 -21.51 -25.18
CA GLN D 374 43.08 -21.97 -24.07
C GLN D 374 42.68 -21.35 -22.74
N ALA D 375 42.39 -20.02 -22.70
CA ALA D 375 41.97 -19.38 -21.45
C ALA D 375 40.63 -19.98 -21.00
N ALA D 376 39.72 -20.23 -21.96
CA ALA D 376 38.41 -20.81 -21.68
C ALA D 376 38.57 -22.18 -20.99
N ARG D 377 39.54 -22.97 -21.43
CA ARG D 377 39.79 -24.28 -20.83
C ARG D 377 40.44 -24.12 -19.44
N GLN D 378 41.48 -23.28 -19.35
CA GLN D 378 42.22 -23.11 -18.09
C GLN D 378 41.45 -22.50 -16.92
N VAL D 379 40.47 -21.61 -17.19
CA VAL D 379 39.71 -20.97 -16.10
C VAL D 379 38.83 -21.95 -15.32
N HIS D 380 38.64 -23.19 -15.85
CA HIS D 380 37.93 -24.23 -15.07
C HIS D 380 38.70 -24.50 -13.73
N LEU D 381 40.01 -24.13 -13.65
CA LEU D 381 40.75 -24.31 -12.41
C LEU D 381 40.21 -23.42 -11.26
N CYS D 382 39.51 -22.31 -11.59
CA CYS D 382 38.99 -21.32 -10.63
C CYS D 382 37.55 -21.54 -10.29
N ARG D 383 37.25 -21.76 -9.01
CA ARG D 383 35.87 -22.02 -8.60
C ARG D 383 34.89 -20.95 -9.04
N GLY D 384 33.75 -21.41 -9.56
CA GLY D 384 32.65 -20.55 -9.92
C GLY D 384 32.84 -19.81 -11.21
N VAL D 385 33.86 -20.18 -12.00
CA VAL D 385 34.08 -19.54 -13.31
C VAL D 385 33.52 -20.46 -14.40
N PHE D 386 32.53 -19.96 -15.13
CA PHE D 386 31.85 -20.65 -16.22
C PHE D 386 32.32 -20.05 -17.56
N PRO D 387 33.26 -20.71 -18.22
CA PRO D 387 33.82 -20.15 -19.46
C PRO D 387 32.94 -20.30 -20.69
N LEU D 388 32.87 -19.21 -21.47
CA LEU D 388 32.12 -19.19 -22.71
C LEU D 388 33.09 -18.77 -23.79
N LEU D 389 33.26 -19.63 -24.81
CA LEU D 389 34.18 -19.33 -25.90
C LEU D 389 33.44 -18.54 -26.99
N TYR D 390 33.87 -17.30 -27.20
CA TYR D 390 33.25 -16.41 -28.19
C TYR D 390 34.01 -16.60 -29.51
N ARG D 391 33.29 -16.94 -30.57
CA ARG D 391 33.88 -17.28 -31.85
C ARG D 391 33.84 -16.19 -32.93
N GLU D 392 32.98 -15.18 -32.76
CA GLU D 392 32.80 -14.11 -33.75
C GLU D 392 33.99 -13.20 -33.93
N PRO D 393 34.27 -12.78 -35.19
CA PRO D 393 35.38 -11.82 -35.40
C PRO D 393 35.00 -10.44 -34.85
N PRO D 394 36.00 -9.60 -34.52
CA PRO D 394 35.68 -8.31 -33.91
C PRO D 394 34.81 -7.36 -34.74
N GLU D 395 33.90 -6.65 -34.05
CA GLU D 395 33.14 -5.54 -34.64
C GLU D 395 34.18 -4.42 -34.87
N ALA D 396 33.97 -3.55 -35.86
CA ALA D 396 34.89 -2.42 -36.10
C ALA D 396 34.90 -1.44 -34.92
N ILE D 397 33.74 -1.20 -34.28
CA ILE D 397 33.66 -0.32 -33.12
C ILE D 397 33.89 -1.17 -31.87
N TRP D 398 34.99 -0.91 -31.14
CA TRP D 398 35.36 -1.72 -29.99
C TRP D 398 34.26 -1.78 -28.92
N ALA D 399 33.62 -0.66 -28.58
CA ALA D 399 32.54 -0.65 -27.59
C ALA D 399 31.39 -1.56 -28.02
N ASP D 400 31.12 -1.64 -29.33
CA ASP D 400 30.07 -2.54 -29.84
C ASP D 400 30.50 -4.01 -29.73
N ASP D 401 31.79 -4.29 -29.94
CA ASP D 401 32.33 -5.64 -29.82
C ASP D 401 32.23 -6.12 -28.36
N VAL D 402 32.50 -5.22 -27.42
CA VAL D 402 32.41 -5.53 -25.97
C VAL D 402 30.95 -5.87 -25.64
N ASP D 403 30.03 -5.06 -26.13
CA ASP D 403 28.58 -5.26 -25.87
C ASP D 403 28.10 -6.58 -26.50
N ARG D 404 28.57 -6.92 -27.71
CA ARG D 404 28.18 -8.18 -28.32
C ARG D 404 28.61 -9.36 -27.46
N ARG D 405 29.79 -9.26 -26.83
CA ARG D 405 30.29 -10.30 -25.96
C ARG D 405 29.50 -10.39 -24.68
N VAL D 406 29.09 -9.24 -24.10
CA VAL D 406 28.26 -9.20 -22.89
C VAL D 406 26.92 -9.85 -23.20
N GLN D 407 26.34 -9.52 -24.38
CA GLN D 407 25.06 -10.09 -24.82
C GLN D 407 25.17 -11.60 -25.05
N PHE D 408 26.31 -12.07 -25.56
CA PHE D 408 26.57 -13.50 -25.74
C PHE D 408 26.58 -14.20 -24.36
N GLY D 409 27.17 -13.55 -23.35
CA GLY D 409 27.18 -14.05 -21.98
C GLY D 409 25.77 -14.16 -21.43
N ILE D 410 24.95 -13.12 -21.66
CA ILE D 410 23.54 -13.11 -21.24
C ILE D 410 22.72 -14.22 -21.97
N GLU D 411 22.83 -14.31 -23.29
CA GLU D 411 22.10 -15.30 -24.09
C GLU D 411 22.51 -16.73 -23.72
N SER D 412 23.80 -16.97 -23.48
CA SER D 412 24.27 -18.29 -23.05
C SER D 412 23.73 -18.61 -21.66
N GLY D 413 23.79 -17.62 -20.76
CA GLY D 413 23.29 -17.74 -19.40
C GLY D 413 21.80 -18.06 -19.37
N LYS D 414 21.03 -17.42 -20.26
CA LYS D 414 19.59 -17.64 -20.37
C LYS D 414 19.31 -19.08 -20.84
N LEU D 415 20.00 -19.53 -21.89
CA LEU D 415 19.81 -20.86 -22.44
C LEU D 415 20.17 -21.94 -21.42
N ARG D 416 21.25 -21.72 -20.67
CA ARG D 416 21.73 -22.70 -19.71
C ARG D 416 21.01 -22.68 -18.35
N GLY D 417 20.13 -21.71 -18.14
CA GLY D 417 19.37 -21.59 -16.88
C GLY D 417 20.02 -20.74 -15.81
N PHE D 418 21.16 -20.09 -16.09
CA PHE D 418 21.84 -19.20 -15.13
C PHE D 418 21.04 -17.91 -14.90
N LEU D 419 20.40 -17.41 -15.96
CA LEU D 419 19.74 -16.11 -15.95
C LEU D 419 18.34 -16.17 -16.49
N ARG D 420 17.50 -15.26 -15.98
CA ARG D 420 16.13 -15.06 -16.41
C ARG D 420 15.89 -13.54 -16.49
N VAL D 421 14.84 -13.13 -17.24
CA VAL D 421 14.43 -11.72 -17.33
C VAL D 421 14.08 -11.22 -15.91
N GLY D 422 14.56 -10.04 -15.55
CA GLY D 422 14.34 -9.49 -14.22
C GLY D 422 15.53 -9.68 -13.29
N ASP D 423 16.42 -10.63 -13.59
CA ASP D 423 17.62 -10.85 -12.77
C ASP D 423 18.56 -9.64 -12.85
N LEU D 424 19.35 -9.43 -11.81
CA LEU D 424 20.39 -8.42 -11.83
C LEU D 424 21.70 -9.15 -12.05
N VAL D 425 22.57 -8.57 -12.85
CA VAL D 425 23.87 -9.11 -13.12
C VAL D 425 24.90 -7.97 -12.94
N ILE D 426 26.13 -8.33 -12.56
CA ILE D 426 27.23 -7.38 -12.47
C ILE D 426 28.09 -7.64 -13.72
N VAL D 427 28.38 -6.59 -14.51
CA VAL D 427 29.18 -6.76 -15.74
C VAL D 427 30.54 -6.10 -15.55
N VAL D 428 31.63 -6.87 -15.75
CA VAL D 428 32.99 -6.43 -15.53
C VAL D 428 33.75 -6.39 -16.85
N THR D 429 34.19 -5.19 -17.23
CA THR D 429 34.89 -4.97 -18.50
C THR D 429 36.09 -4.02 -18.25
N GLY D 430 36.80 -3.63 -19.32
CA GLY D 430 37.94 -2.73 -19.25
C GLY D 430 37.79 -1.54 -20.17
N TRP D 431 38.72 -0.60 -20.04
CA TRP D 431 38.65 0.68 -20.76
C TRP D 431 39.32 0.64 -22.14
N ARG D 432 40.13 -0.40 -22.40
CA ARG D 432 40.78 -0.55 -23.71
C ARG D 432 40.96 -2.05 -24.06
N PRO D 433 41.21 -2.36 -25.35
CA PRO D 433 41.49 -3.76 -25.74
C PRO D 433 42.79 -4.29 -25.14
N GLY D 434 42.93 -5.61 -25.11
CA GLY D 434 44.16 -6.22 -24.60
C GLY D 434 44.00 -6.56 -23.13
N SER D 435 44.78 -7.54 -22.66
CA SER D 435 44.77 -8.01 -21.29
C SER D 435 45.33 -6.95 -20.33
N GLY D 436 44.83 -6.97 -19.09
CA GLY D 436 45.31 -6.12 -18.00
C GLY D 436 44.62 -4.78 -17.76
N TYR D 437 43.53 -4.48 -18.45
CA TYR D 437 42.89 -3.17 -18.32
C TYR D 437 41.49 -3.20 -17.77
N THR D 438 41.10 -4.31 -17.10
CA THR D 438 39.77 -4.34 -16.46
C THR D 438 39.70 -3.23 -15.39
N ASN D 439 38.65 -2.45 -15.40
CA ASN D 439 38.51 -1.34 -14.46
C ASN D 439 37.06 -0.86 -14.34
N ILE D 440 36.08 -1.57 -14.91
CA ILE D 440 34.69 -1.13 -14.88
C ILE D 440 33.77 -2.24 -14.40
N MET D 441 32.85 -1.88 -13.48
CA MET D 441 31.79 -2.74 -12.98
C MET D 441 30.45 -1.99 -13.22
N ARG D 442 29.47 -2.68 -13.79
CA ARG D 442 28.17 -2.11 -14.13
C ARG D 442 27.04 -3.03 -13.58
N VAL D 443 25.96 -2.44 -13.05
CA VAL D 443 24.81 -3.19 -12.54
C VAL D 443 23.76 -3.20 -13.64
N LEU D 444 23.44 -4.39 -14.17
CA LEU D 444 22.54 -4.54 -15.29
C LEU D 444 21.33 -5.42 -14.98
N SER D 445 20.15 -4.97 -15.39
CA SER D 445 18.91 -5.73 -15.24
C SER D 445 18.71 -6.51 -16.56
N ILE D 446 18.49 -7.83 -16.47
CA ILE D 446 18.30 -8.69 -17.62
C ILE D 446 16.92 -8.46 -18.26
N SER D 447 16.91 -8.11 -19.56
CA SER D 447 15.68 -7.90 -20.33
C SER D 447 15.47 -9.02 -21.36
N ALA E 25 -16.43 -10.89 -29.56
CA ALA E 25 -17.83 -11.11 -29.18
C ALA E 25 -18.70 -10.05 -29.86
N PHE E 26 -20.01 -10.30 -29.91
CA PHE E 26 -20.99 -9.37 -30.46
C PHE E 26 -21.09 -8.13 -29.53
N PHE E 27 -20.97 -8.34 -28.21
CA PHE E 27 -21.12 -7.29 -27.23
C PHE E 27 -19.94 -6.35 -27.06
N GLN E 28 -18.84 -6.60 -27.78
CA GLN E 28 -17.72 -5.68 -27.71
C GLN E 28 -17.68 -4.74 -28.95
N GLN E 29 -18.43 -5.07 -30.03
CA GLN E 29 -18.49 -4.28 -31.25
C GLN E 29 -19.55 -3.19 -31.14
N GLN E 30 -19.61 -2.33 -32.17
CA GLN E 30 -20.51 -1.19 -32.37
C GLN E 30 -20.74 -0.38 -31.08
N GLN E 31 -19.68 -0.18 -30.28
CA GLN E 31 -19.70 0.57 -29.03
C GLN E 31 -20.79 0.09 -28.05
N LEU E 32 -21.11 -1.22 -28.07
CA LEU E 32 -22.13 -1.77 -27.18
C LEU E 32 -21.75 -1.59 -25.68
N PRO E 33 -20.48 -1.72 -25.23
CA PRO E 33 -20.18 -1.40 -23.82
C PRO E 33 -20.57 0.05 -23.45
N ALA E 34 -20.30 1.03 -24.34
CA ALA E 34 -20.68 2.43 -24.12
C ALA E 34 -22.21 2.63 -24.19
N ALA E 35 -22.90 1.83 -25.02
CA ALA E 35 -24.36 1.86 -25.17
C ALA E 35 -25.08 1.43 -23.88
N MET E 36 -24.47 0.51 -23.12
CA MET E 36 -25.03 -0.03 -21.88
C MET E 36 -24.83 0.88 -20.65
N ALA E 37 -24.03 1.96 -20.78
CA ALA E 37 -23.74 2.88 -19.68
C ALA E 37 -24.96 3.54 -19.09
N ASP E 38 -24.91 3.84 -17.78
CA ASP E 38 -26.02 4.42 -17.03
C ASP E 38 -26.09 5.95 -17.10
N THR E 39 -24.99 6.62 -17.48
CA THR E 39 -24.97 8.08 -17.63
C THR E 39 -24.26 8.44 -18.94
N PHE E 40 -24.50 9.66 -19.45
CA PHE E 40 -23.82 10.11 -20.66
C PHE E 40 -22.32 10.20 -20.42
N LEU E 41 -21.89 10.69 -19.24
CA LEU E 41 -20.47 10.77 -18.89
C LEU E 41 -19.81 9.37 -18.92
N GLU E 42 -20.46 8.34 -18.32
CA GLU E 42 -19.95 6.95 -18.33
C GLU E 42 -19.89 6.41 -19.77
N HIS E 43 -20.88 6.80 -20.59
CA HIS E 43 -20.96 6.40 -21.99
C HIS E 43 -19.72 6.92 -22.74
N LEU E 44 -19.38 8.19 -22.54
CA LEU E 44 -18.20 8.78 -23.17
C LEU E 44 -16.93 8.03 -22.72
N CYS E 45 -16.81 7.76 -21.41
CA CYS E 45 -15.67 7.03 -20.81
C CYS E 45 -15.47 5.64 -21.40
N LEU E 46 -16.54 5.01 -21.88
CA LEU E 46 -16.50 3.64 -22.39
C LEU E 46 -16.32 3.55 -23.91
N LEU E 47 -16.29 4.69 -24.63
CA LEU E 47 -16.06 4.70 -26.09
C LEU E 47 -14.69 4.08 -26.37
N ASP E 48 -14.66 3.15 -27.32
CA ASP E 48 -13.48 2.35 -27.60
C ASP E 48 -13.08 2.41 -29.06
N ILE E 49 -11.85 2.87 -29.34
CA ILE E 49 -11.34 2.93 -30.74
C ILE E 49 -11.19 1.52 -31.36
N ASP E 50 -11.11 0.48 -30.52
CA ASP E 50 -11.02 -0.92 -30.98
C ASP E 50 -12.40 -1.58 -31.19
N SER E 51 -13.51 -0.90 -30.80
CA SER E 51 -14.85 -1.43 -30.98
C SER E 51 -15.29 -1.08 -32.40
N GLU E 52 -15.26 -2.06 -33.31
CA GLU E 52 -15.56 -1.85 -34.72
C GLU E 52 -17.02 -1.68 -35.06
N PRO E 53 -17.36 -0.73 -35.94
CA PRO E 53 -18.77 -0.58 -36.35
C PRO E 53 -19.19 -1.77 -37.19
N VAL E 54 -20.41 -2.30 -36.95
CA VAL E 54 -20.89 -3.46 -37.72
C VAL E 54 -22.14 -3.11 -38.52
N ALA E 55 -22.99 -2.22 -38.00
CA ALA E 55 -24.19 -1.77 -38.68
C ALA E 55 -23.87 -0.97 -39.95
N ALA E 56 -24.78 -0.99 -40.90
CA ALA E 56 -24.63 -0.22 -42.13
C ALA E 56 -24.72 1.27 -41.81
N ARG E 57 -24.00 2.10 -42.57
CA ARG E 57 -23.97 3.55 -42.38
C ARG E 57 -25.37 4.14 -42.64
N SER E 58 -25.92 4.82 -41.64
CA SER E 58 -27.29 5.32 -41.65
C SER E 58 -27.46 6.79 -42.05
N THR E 59 -26.43 7.63 -41.87
CA THR E 59 -26.51 9.05 -42.23
C THR E 59 -26.22 9.16 -43.74
N SER E 60 -27.19 9.65 -44.52
CA SER E 60 -26.99 9.76 -45.96
C SER E 60 -25.99 10.82 -46.35
N ILE E 61 -25.26 10.56 -47.45
CA ILE E 61 -24.27 11.49 -47.98
C ILE E 61 -24.84 12.19 -49.22
N ILE E 62 -24.83 13.52 -49.22
CA ILE E 62 -25.26 14.31 -50.36
C ILE E 62 -23.97 14.83 -51.02
N ALA E 63 -23.75 14.50 -52.30
CA ALA E 63 -22.55 14.95 -52.99
C ALA E 63 -22.94 15.90 -54.12
N THR E 64 -22.27 17.05 -54.19
CA THR E 64 -22.56 18.05 -55.22
C THR E 64 -21.86 17.64 -56.51
N ILE E 65 -22.63 17.60 -57.59
CA ILE E 65 -22.14 17.19 -58.91
C ILE E 65 -21.64 18.41 -59.67
N GLY E 66 -20.39 18.33 -60.13
CA GLY E 66 -19.73 19.38 -60.89
C GLY E 66 -18.65 18.82 -61.80
N PRO E 67 -17.73 19.67 -62.30
CA PRO E 67 -16.68 19.16 -63.21
C PRO E 67 -15.84 17.98 -62.70
N ALA E 68 -15.60 17.92 -61.38
CA ALA E 68 -14.81 16.86 -60.77
C ALA E 68 -15.56 15.54 -60.60
N SER E 69 -16.88 15.57 -60.68
CA SER E 69 -17.71 14.39 -60.41
C SER E 69 -18.82 14.14 -61.43
N ARG E 70 -18.67 14.65 -62.65
CA ARG E 70 -19.70 14.57 -63.68
C ARG E 70 -19.68 13.35 -64.59
N SER E 71 -18.51 12.76 -64.82
CA SER E 71 -18.41 11.62 -65.72
C SER E 71 -19.11 10.39 -65.18
N VAL E 72 -19.71 9.57 -66.06
CA VAL E 72 -20.43 8.35 -65.71
C VAL E 72 -19.52 7.39 -64.91
N GLU E 73 -18.24 7.28 -65.32
CA GLU E 73 -17.20 6.46 -64.69
C GLU E 73 -16.90 6.92 -63.25
N ARG E 74 -16.85 8.25 -63.04
CA ARG E 74 -16.57 8.85 -61.73
C ARG E 74 -17.81 8.66 -60.85
N LEU E 75 -19.02 8.89 -61.39
CA LEU E 75 -20.28 8.73 -60.67
C LEU E 75 -20.51 7.30 -60.17
N LYS E 76 -20.07 6.29 -60.94
CA LYS E 76 -20.17 4.89 -60.52
C LYS E 76 -19.30 4.65 -59.27
N GLU E 77 -18.09 5.24 -59.25
CA GLU E 77 -17.17 5.17 -58.11
C GLU E 77 -17.78 5.86 -56.88
N MET E 78 -18.44 7.01 -57.11
CA MET E 78 -19.09 7.79 -56.05
CA MET E 78 -19.08 7.80 -56.06
C MET E 78 -20.27 7.06 -55.44
N ILE E 79 -21.05 6.33 -56.27
CA ILE E 79 -22.19 5.53 -55.78
C ILE E 79 -21.65 4.40 -54.91
N LYS E 80 -20.58 3.73 -55.38
CA LYS E 80 -19.92 2.65 -54.65
C LYS E 80 -19.30 3.15 -53.33
N ALA E 81 -18.77 4.38 -53.32
CA ALA E 81 -18.18 5.02 -52.13
C ALA E 81 -19.23 5.38 -51.06
N GLY E 82 -20.48 5.56 -51.47
CA GLY E 82 -21.56 5.83 -50.54
C GLY E 82 -22.49 6.99 -50.83
N MET E 83 -22.34 7.68 -51.99
CA MET E 83 -23.22 8.80 -52.33
C MET E 83 -24.68 8.31 -52.43
N ASN E 84 -25.60 8.98 -51.74
CA ASN E 84 -27.01 8.62 -51.75
C ASN E 84 -27.87 9.64 -52.48
N ILE E 85 -27.43 10.91 -52.48
CA ILE E 85 -28.15 12.02 -53.08
C ILE E 85 -27.15 12.83 -53.90
N ALA E 86 -27.50 13.12 -55.16
CA ALA E 86 -26.68 13.94 -56.05
C ALA E 86 -27.28 15.33 -56.05
N ARG E 87 -26.50 16.33 -55.64
CA ARG E 87 -26.95 17.71 -55.57
C ARG E 87 -26.52 18.49 -56.81
N LEU E 88 -27.44 19.23 -57.43
CA LEU E 88 -27.14 20.07 -58.58
C LEU E 88 -27.28 21.50 -58.13
N ASN E 89 -26.17 22.22 -58.11
CA ASN E 89 -26.16 23.60 -57.66
C ASN E 89 -26.48 24.55 -58.81
N PHE E 90 -27.73 25.04 -58.87
CA PHE E 90 -28.19 25.93 -59.93
C PHE E 90 -27.68 27.38 -59.79
N SER E 91 -26.78 27.64 -58.83
CA SER E 91 -26.08 28.93 -58.74
C SER E 91 -25.04 29.02 -59.89
N HIS E 92 -24.60 27.88 -60.45
CA HIS E 92 -23.62 27.79 -61.53
C HIS E 92 -24.12 26.86 -62.63
N GLY E 93 -23.70 27.11 -63.86
CA GLY E 93 -24.06 26.26 -64.99
C GLY E 93 -25.43 26.48 -65.57
N SER E 94 -25.57 26.12 -66.84
CA SER E 94 -26.82 26.27 -67.59
C SER E 94 -27.75 25.06 -67.40
N HIS E 95 -29.00 25.16 -67.92
CA HIS E 95 -29.96 24.08 -67.90
C HIS E 95 -29.41 22.90 -68.70
N GLU E 96 -28.72 23.16 -69.84
CA GLU E 96 -28.10 22.11 -70.66
C GLU E 96 -27.02 21.37 -69.87
N TYR E 97 -26.20 22.11 -69.10
CA TYR E 97 -25.15 21.54 -68.26
C TYR E 97 -25.75 20.61 -67.19
N HIS E 98 -26.77 21.09 -66.46
CA HIS E 98 -27.42 20.30 -65.42
C HIS E 98 -28.20 19.10 -65.96
N ALA E 99 -28.82 19.22 -67.15
CA ALA E 99 -29.53 18.11 -67.80
C ALA E 99 -28.53 16.98 -68.13
N GLU E 100 -27.30 17.34 -68.56
CA GLU E 100 -26.26 16.37 -68.86
C GLU E 100 -25.77 15.69 -67.57
N SER E 101 -25.67 16.46 -66.47
CA SER E 101 -25.28 15.93 -65.16
C SER E 101 -26.33 14.90 -64.69
N ILE E 102 -27.62 15.24 -64.82
CA ILE E 102 -28.73 14.35 -64.46
C ILE E 102 -28.68 13.05 -65.27
N ALA E 103 -28.48 13.16 -66.60
CA ALA E 103 -28.40 11.99 -67.47
C ALA E 103 -27.23 11.08 -67.07
N ASN E 104 -26.07 11.69 -66.74
CA ASN E 104 -24.89 10.93 -66.32
C ASN E 104 -25.11 10.22 -64.99
N VAL E 105 -25.77 10.91 -64.02
CA VAL E 105 -26.11 10.32 -62.71
C VAL E 105 -27.04 9.13 -62.95
N ARG E 106 -28.13 9.33 -63.71
CA ARG E 106 -29.09 8.28 -64.03
C ARG E 106 -28.45 7.09 -64.74
N GLU E 107 -27.50 7.35 -65.66
CA GLU E 107 -26.81 6.26 -66.36
C GLU E 107 -25.95 5.47 -65.39
N ALA E 108 -25.23 6.19 -64.51
CA ALA E 108 -24.39 5.55 -63.50
C ALA E 108 -25.24 4.76 -62.51
N VAL E 109 -26.37 5.31 -62.06
CA VAL E 109 -27.25 4.67 -61.10
C VAL E 109 -27.92 3.45 -61.72
N GLU E 110 -28.40 3.58 -62.96
CA GLU E 110 -29.10 2.48 -63.63
C GLU E 110 -28.19 1.37 -64.13
N SER E 111 -26.87 1.55 -64.08
CA SER E 111 -25.93 0.51 -64.46
C SER E 111 -25.88 -0.65 -63.44
N PHE E 112 -26.35 -0.43 -62.21
CA PHE E 112 -26.41 -1.48 -61.20
C PHE E 112 -27.84 -2.04 -61.07
N ALA E 113 -28.76 -1.62 -61.96
CA ALA E 113 -30.14 -2.09 -61.95
C ALA E 113 -30.32 -3.55 -62.41
N GLY E 114 -29.29 -4.12 -63.04
CA GLY E 114 -29.29 -5.51 -63.48
C GLY E 114 -29.38 -6.50 -62.33
N SER E 115 -28.85 -6.11 -61.16
CA SER E 115 -28.95 -6.94 -59.97
C SER E 115 -29.89 -6.21 -58.99
N PRO E 116 -31.20 -6.51 -59.02
CA PRO E 116 -32.16 -5.81 -58.14
C PRO E 116 -31.95 -5.94 -56.63
N LEU E 117 -31.31 -7.02 -56.19
CA LEU E 117 -31.03 -7.34 -54.79
C LEU E 117 -29.92 -6.45 -54.18
N SER E 118 -29.09 -5.80 -55.04
CA SER E 118 -28.00 -4.93 -54.59
C SER E 118 -28.13 -3.47 -55.09
N TYR E 119 -29.11 -3.20 -55.98
CA TYR E 119 -29.38 -1.89 -56.56
C TYR E 119 -29.58 -0.81 -55.49
N ARG E 120 -28.83 0.28 -55.62
CA ARG E 120 -28.93 1.39 -54.68
C ARG E 120 -29.57 2.59 -55.35
N PRO E 121 -30.80 2.96 -54.92
CA PRO E 121 -31.41 4.19 -55.46
C PRO E 121 -30.58 5.41 -55.09
N VAL E 122 -30.54 6.43 -55.97
CA VAL E 122 -29.80 7.66 -55.71
C VAL E 122 -30.73 8.81 -56.04
N ALA E 123 -30.99 9.69 -55.08
CA ALA E 123 -31.87 10.82 -55.29
C ALA E 123 -31.18 11.95 -56.06
N ILE E 124 -31.97 12.78 -56.74
CA ILE E 124 -31.45 13.95 -57.45
C ILE E 124 -32.09 15.18 -56.81
N ALA E 125 -31.25 16.05 -56.28
CA ALA E 125 -31.70 17.26 -55.61
C ALA E 125 -31.27 18.50 -56.36
N LEU E 126 -32.19 19.45 -56.49
CA LEU E 126 -31.93 20.71 -57.18
C LEU E 126 -31.77 21.79 -56.11
N ASP E 127 -30.60 22.42 -56.08
CA ASP E 127 -30.32 23.49 -55.14
C ASP E 127 -30.46 24.81 -55.89
N THR E 128 -31.46 25.63 -55.52
CA THR E 128 -31.77 26.89 -56.18
C THR E 128 -30.72 27.98 -55.98
N LYS E 129 -30.68 28.95 -56.92
CA LYS E 129 -29.77 30.09 -56.88
C LYS E 129 -30.14 31.00 -55.70
N GLY E 130 -31.43 31.21 -55.47
CA GLY E 130 -31.88 32.03 -54.35
C GLY E 130 -32.53 33.33 -54.74
N PRO E 131 -32.99 34.10 -53.74
CA PRO E 131 -33.73 35.33 -54.02
C PRO E 131 -32.89 36.56 -54.34
N GLY E 132 -31.58 36.47 -54.18
CA GLY E 132 -30.69 37.62 -54.39
C GLY E 132 -31.08 38.84 -53.57
N SER E 133 -30.82 40.04 -54.09
CA SER E 133 -31.19 41.28 -53.40
C SER E 133 -32.69 41.57 -53.39
N GLY E 134 -33.49 40.77 -54.08
CA GLY E 134 -34.90 41.04 -54.19
C GLY E 134 -35.84 39.97 -53.72
N PRO E 135 -36.56 40.27 -52.61
CA PRO E 135 -37.66 39.38 -52.16
C PRO E 135 -38.69 39.18 -53.28
N GLY E 136 -39.51 38.17 -53.08
CA GLY E 136 -40.33 37.51 -54.09
C GLY E 136 -39.45 36.35 -54.58
N LEU E 137 -40.05 35.32 -55.20
CA LEU E 137 -39.27 34.18 -55.71
C LEU E 137 -38.66 34.67 -57.02
N SER E 138 -37.33 34.68 -57.14
CA SER E 138 -36.69 35.19 -58.35
C SER E 138 -37.17 34.51 -59.64
N GLU E 139 -37.07 35.23 -60.77
CA GLU E 139 -37.48 34.74 -62.08
C GLU E 139 -36.64 33.53 -62.49
N GLN E 140 -35.32 33.55 -62.18
CA GLN E 140 -34.41 32.44 -62.48
C GLN E 140 -34.83 31.20 -61.66
N ASP E 141 -35.23 31.39 -60.39
CA ASP E 141 -35.70 30.29 -59.55
C ASP E 141 -36.96 29.65 -60.13
N VAL E 142 -37.91 30.47 -60.65
CA VAL E 142 -39.13 29.97 -61.29
C VAL E 142 -38.78 29.07 -62.48
N ARG E 143 -37.82 29.52 -63.32
CA ARG E 143 -37.36 28.77 -64.48
C ARG E 143 -36.65 27.48 -64.08
N ASP E 144 -35.75 27.55 -63.08
CA ASP E 144 -34.99 26.41 -62.58
C ASP E 144 -35.91 25.37 -61.90
N LEU E 145 -36.93 25.82 -61.16
CA LEU E 145 -37.87 24.93 -60.51
C LEU E 145 -38.73 24.18 -61.55
N ARG E 146 -39.12 24.87 -62.65
CA ARG E 146 -39.86 24.27 -63.77
C ARG E 146 -38.96 23.21 -64.44
N PHE E 147 -37.66 23.50 -64.59
CA PHE E 147 -36.67 22.56 -65.14
C PHE E 147 -36.63 21.30 -64.25
N GLY E 148 -36.63 21.50 -62.94
CA GLY E 148 -36.61 20.41 -61.97
C GLY E 148 -37.78 19.46 -62.12
N VAL E 149 -39.01 20.01 -62.23
CA VAL E 149 -40.22 19.23 -62.45
C VAL E 149 -40.12 18.46 -63.78
N GLU E 150 -39.73 19.16 -64.86
CA GLU E 150 -39.58 18.57 -66.20
C GLU E 150 -38.56 17.44 -66.25
N HIS E 151 -37.49 17.56 -65.45
CA HIS E 151 -36.46 16.52 -65.41
C HIS E 151 -36.65 15.50 -64.26
N GLY E 152 -37.78 15.57 -63.55
CA GLY E 152 -38.14 14.64 -62.50
C GLY E 152 -37.22 14.58 -61.29
N VAL E 153 -36.77 15.75 -60.80
CA VAL E 153 -35.92 15.79 -59.59
C VAL E 153 -36.75 15.34 -58.38
N ASP E 154 -36.10 14.76 -57.39
CA ASP E 154 -36.79 14.23 -56.20
C ASP E 154 -36.92 15.24 -55.09
N ILE E 155 -35.92 16.12 -54.96
CA ILE E 155 -35.83 17.07 -53.87
C ILE E 155 -35.44 18.45 -54.37
N VAL E 156 -35.93 19.49 -53.68
CA VAL E 156 -35.51 20.86 -53.91
C VAL E 156 -34.88 21.37 -52.62
N PHE E 157 -33.64 21.85 -52.69
CA PHE E 157 -32.97 22.53 -51.58
C PHE E 157 -33.21 24.02 -51.88
N ALA E 158 -34.22 24.60 -51.23
CA ALA E 158 -34.60 26.00 -51.46
C ALA E 158 -33.70 26.99 -50.72
N SER E 159 -32.90 27.74 -51.48
CA SER E 159 -31.96 28.70 -50.92
C SER E 159 -32.61 29.90 -50.25
N PHE E 160 -31.99 30.38 -49.17
CA PHE E 160 -32.37 31.55 -48.39
C PHE E 160 -33.86 31.61 -48.00
N VAL E 161 -34.39 30.53 -47.41
CA VAL E 161 -35.77 30.53 -46.94
C VAL E 161 -35.80 31.36 -45.64
N ARG E 162 -36.62 32.42 -45.62
CA ARG E 162 -36.71 33.37 -44.51
C ARG E 162 -38.04 33.35 -43.76
N LYS E 163 -39.09 32.78 -44.38
CA LYS E 163 -40.43 32.72 -43.81
C LYS E 163 -41.27 31.64 -44.51
N ALA E 164 -42.43 31.29 -43.93
CA ALA E 164 -43.33 30.27 -44.48
C ALA E 164 -43.79 30.59 -45.91
N SER E 165 -44.00 31.89 -46.24
CA SER E 165 -44.44 32.30 -47.57
C SER E 165 -43.40 32.01 -48.67
N ASP E 166 -42.10 31.92 -48.30
CA ASP E 166 -41.04 31.58 -49.25
C ASP E 166 -41.20 30.11 -49.69
N VAL E 167 -41.59 29.22 -48.76
CA VAL E 167 -41.81 27.79 -49.04
C VAL E 167 -43.03 27.63 -49.94
N ALA E 168 -44.11 28.38 -49.66
CA ALA E 168 -45.35 28.36 -50.44
C ALA E 168 -45.07 28.79 -51.88
N ALA E 169 -44.20 29.81 -52.07
CA ALA E 169 -43.78 30.33 -53.38
C ALA E 169 -43.02 29.26 -54.17
N VAL E 170 -42.16 28.46 -53.50
CA VAL E 170 -41.40 27.38 -54.12
C VAL E 170 -42.37 26.26 -54.52
N ARG E 171 -43.31 25.89 -53.62
CA ARG E 171 -44.32 24.85 -53.87
C ARG E 171 -45.22 25.21 -55.08
N ALA E 172 -45.64 26.49 -55.17
CA ALA E 172 -46.46 26.99 -56.28
C ALA E 172 -45.70 26.94 -57.61
N ALA E 173 -44.40 27.29 -57.59
CA ALA E 173 -43.55 27.26 -58.79
C ALA E 173 -43.29 25.83 -59.30
N LEU E 174 -43.39 24.82 -58.43
CA LEU E 174 -43.28 23.42 -58.83
C LEU E 174 -44.58 22.94 -59.57
N GLY E 175 -45.67 23.68 -59.42
CA GLY E 175 -46.95 23.45 -60.08
C GLY E 175 -47.69 22.20 -59.66
N PRO E 176 -48.72 21.81 -60.45
CA PRO E 176 -49.48 20.61 -60.09
C PRO E 176 -48.73 19.30 -60.32
N GLU E 177 -47.76 19.29 -61.24
CA GLU E 177 -46.97 18.08 -61.56
C GLU E 177 -45.82 17.80 -60.56
N GLY E 178 -45.44 18.79 -59.76
CA GLY E 178 -44.34 18.65 -58.81
C GLY E 178 -44.73 18.56 -57.35
N HIS E 179 -45.96 18.09 -57.06
CA HIS E 179 -46.47 17.96 -55.69
C HIS E 179 -45.71 16.92 -54.86
N GLY E 180 -45.17 15.90 -55.51
CA GLY E 180 -44.43 14.82 -54.88
C GLY E 180 -42.98 15.16 -54.55
N ILE E 181 -42.48 16.30 -55.03
CA ILE E 181 -41.10 16.73 -54.77
C ILE E 181 -40.95 17.22 -53.33
N LYS E 182 -39.91 16.73 -52.62
CA LYS E 182 -39.66 17.15 -51.23
C LYS E 182 -38.98 18.52 -51.22
N ILE E 183 -39.48 19.44 -50.39
CA ILE E 183 -38.89 20.76 -50.25
C ILE E 183 -38.10 20.84 -48.94
N ILE E 184 -36.78 20.97 -49.06
CA ILE E 184 -35.88 21.09 -47.93
C ILE E 184 -35.49 22.57 -47.88
N SER E 185 -35.96 23.28 -46.85
CA SER E 185 -35.68 24.69 -46.72
C SER E 185 -34.27 24.94 -46.17
N LYS E 186 -33.48 25.73 -46.90
CA LYS E 186 -32.13 26.08 -46.48
C LYS E 186 -32.21 27.31 -45.58
N ILE E 187 -31.72 27.17 -44.33
CA ILE E 187 -31.67 28.28 -43.38
C ILE E 187 -30.26 28.88 -43.50
N GLU E 188 -30.19 30.13 -43.98
CA GLU E 188 -28.92 30.76 -44.31
C GLU E 188 -28.71 32.14 -43.68
N ASN E 189 -29.68 32.65 -42.92
CA ASN E 189 -29.55 33.98 -42.31
C ASN E 189 -30.30 34.11 -40.98
N HIS E 190 -30.15 35.25 -40.30
CA HIS E 190 -30.79 35.51 -39.02
C HIS E 190 -32.30 35.33 -39.04
N GLU E 191 -32.98 35.87 -40.07
CA GLU E 191 -34.44 35.77 -40.17
C GLU E 191 -34.91 34.32 -40.28
N GLY E 192 -34.22 33.52 -41.08
CA GLY E 192 -34.50 32.10 -41.22
C GLY E 192 -34.41 31.36 -39.90
N VAL E 193 -33.39 31.69 -39.08
CA VAL E 193 -33.20 31.10 -37.76
C VAL E 193 -34.32 31.53 -36.81
N LYS E 194 -34.65 32.84 -36.78
CA LYS E 194 -35.70 33.38 -35.93
C LYS E 194 -37.12 32.89 -36.30
N ARG E 195 -37.39 32.71 -37.59
CA ARG E 195 -38.66 32.21 -38.08
C ARG E 195 -38.62 30.70 -38.38
N PHE E 196 -37.65 29.96 -37.79
CA PHE E 196 -37.46 28.54 -37.99
C PHE E 196 -38.74 27.69 -37.81
N ASP E 197 -39.47 27.86 -36.70
CA ASP E 197 -40.66 27.04 -36.43
C ASP E 197 -41.71 27.14 -37.53
N GLU E 198 -42.00 28.35 -38.01
CA GLU E 198 -42.98 28.51 -39.09
C GLU E 198 -42.47 27.92 -40.42
N ILE E 199 -41.14 27.96 -40.65
CA ILE E 199 -40.53 27.40 -41.84
C ILE E 199 -40.59 25.88 -41.80
N LEU E 200 -40.19 25.27 -40.67
CA LEU E 200 -40.19 23.81 -40.52
C LEU E 200 -41.60 23.24 -40.67
N GLU E 201 -42.62 23.93 -40.12
CA GLU E 201 -44.03 23.48 -40.18
C GLU E 201 -44.53 23.23 -41.61
N VAL E 202 -44.12 24.07 -42.57
CA VAL E 202 -44.55 23.96 -43.97
C VAL E 202 -43.50 23.29 -44.90
N SER E 203 -42.32 22.92 -44.36
CA SER E 203 -41.28 22.28 -45.17
C SER E 203 -41.23 20.77 -44.92
N ASP E 204 -40.65 20.01 -45.86
CA ASP E 204 -40.45 18.59 -45.66
C ASP E 204 -39.20 18.31 -44.78
N GLY E 205 -38.29 19.27 -44.73
CA GLY E 205 -37.07 19.21 -43.96
C GLY E 205 -36.29 20.51 -44.02
N ILE E 206 -35.09 20.49 -43.43
CA ILE E 206 -34.24 21.68 -43.32
C ILE E 206 -32.80 21.38 -43.68
N MET E 207 -32.10 22.38 -44.22
CA MET E 207 -30.67 22.28 -44.45
C MET E 207 -30.02 23.42 -43.65
N VAL E 208 -29.03 23.09 -42.81
CA VAL E 208 -28.27 24.08 -42.07
C VAL E 208 -27.17 24.48 -43.05
N ALA E 209 -27.43 25.55 -43.82
CA ALA E 209 -26.53 26.05 -44.87
C ALA E 209 -25.48 26.94 -44.24
N ARG E 210 -24.44 26.33 -43.65
CA ARG E 210 -23.43 27.02 -42.86
C ARG E 210 -22.54 28.04 -43.58
N GLY E 211 -22.38 27.93 -44.90
CA GLY E 211 -21.60 28.88 -45.68
C GLY E 211 -22.13 30.30 -45.53
N ASP E 212 -23.38 30.54 -45.98
CA ASP E 212 -24.03 31.83 -45.85
C ASP E 212 -24.37 32.16 -44.42
N LEU E 213 -24.85 31.19 -43.63
CA LEU E 213 -25.18 31.38 -42.22
C LEU E 213 -23.99 31.95 -41.44
N GLY E 214 -22.78 31.47 -41.75
CA GLY E 214 -21.52 31.91 -41.15
C GLY E 214 -21.05 33.30 -41.52
N ILE E 215 -21.66 33.88 -42.55
CA ILE E 215 -21.38 35.26 -43.02
C ILE E 215 -22.53 36.20 -42.57
N GLU E 216 -23.77 35.66 -42.49
CA GLU E 216 -24.97 36.39 -42.11
C GLU E 216 -25.08 36.64 -40.61
N ILE E 217 -24.61 35.67 -39.79
CA ILE E 217 -24.58 35.79 -38.33
C ILE E 217 -23.10 35.61 -37.88
N PRO E 218 -22.69 36.02 -36.65
CA PRO E 218 -21.29 35.81 -36.24
C PRO E 218 -20.86 34.35 -36.41
N ALA E 219 -19.65 34.11 -36.95
CA ALA E 219 -19.14 32.76 -37.20
C ALA E 219 -19.18 31.87 -35.94
N GLU E 220 -18.89 32.45 -34.77
CA GLU E 220 -18.89 31.73 -33.50
C GLU E 220 -20.29 31.33 -33.01
N LYS E 221 -21.36 31.74 -33.70
CA LYS E 221 -22.73 31.39 -33.30
C LYS E 221 -23.35 30.28 -34.17
N VAL E 222 -22.72 29.93 -35.30
CA VAL E 222 -23.25 28.92 -36.22
C VAL E 222 -23.54 27.59 -35.54
N PHE E 223 -22.62 27.12 -34.67
CA PHE E 223 -22.83 25.84 -33.97
C PHE E 223 -24.12 25.82 -33.14
N LEU E 224 -24.54 26.98 -32.58
CA LEU E 224 -25.76 27.09 -31.78
C LEU E 224 -26.97 26.94 -32.70
N ALA E 225 -26.93 27.62 -33.87
CA ALA E 225 -28.01 27.53 -34.86
C ALA E 225 -28.11 26.09 -35.37
N GLN E 226 -26.97 25.46 -35.65
CA GLN E 226 -26.92 24.07 -36.12
C GLN E 226 -27.54 23.11 -35.10
N LYS E 227 -27.09 23.16 -33.85
CA LYS E 227 -27.57 22.24 -32.82
C LYS E 227 -29.06 22.44 -32.50
N MET E 228 -29.52 23.70 -32.50
CA MET E 228 -30.92 24.05 -32.29
C MET E 228 -31.80 23.47 -33.40
N MET E 229 -31.43 23.73 -34.66
CA MET E 229 -32.20 23.27 -35.82
C MET E 229 -32.21 21.79 -35.94
N ILE E 230 -31.06 21.12 -35.64
CA ILE E 230 -31.01 19.67 -35.67
C ILE E 230 -31.96 19.10 -34.58
N GLY E 231 -31.88 19.64 -33.38
CA GLY E 231 -32.74 19.21 -32.28
C GLY E 231 -34.22 19.39 -32.57
N ARG E 232 -34.61 20.55 -33.13
CA ARG E 232 -36.01 20.81 -33.47
C ARG E 232 -36.53 19.92 -34.59
N CYS E 233 -35.68 19.58 -35.57
CA CYS E 233 -36.07 18.68 -36.65
C CYS E 233 -36.22 17.26 -36.11
N ASN E 234 -35.31 16.85 -35.21
CA ASN E 234 -35.40 15.52 -34.57
C ASN E 234 -36.71 15.42 -33.78
N LEU E 235 -37.09 16.48 -33.09
CA LEU E 235 -38.33 16.56 -32.32
C LEU E 235 -39.56 16.43 -33.24
N ALA E 236 -39.52 17.13 -34.37
CA ALA E 236 -40.59 17.12 -35.39
C ALA E 236 -40.62 15.85 -36.24
N GLY E 237 -39.55 15.06 -36.21
CA GLY E 237 -39.43 13.86 -37.02
C GLY E 237 -39.27 14.18 -38.50
N LYS E 238 -38.63 15.31 -38.82
CA LYS E 238 -38.39 15.76 -40.19
C LYS E 238 -36.90 15.79 -40.51
N PRO E 239 -36.50 15.37 -41.73
CA PRO E 239 -35.07 15.35 -42.08
C PRO E 239 -34.32 16.67 -41.96
N VAL E 240 -33.07 16.59 -41.49
CA VAL E 240 -32.21 17.76 -41.34
C VAL E 240 -30.83 17.44 -41.94
N VAL E 241 -30.34 18.35 -42.78
CA VAL E 241 -29.06 18.22 -43.47
C VAL E 241 -28.04 19.16 -42.86
N CYS E 242 -26.82 18.67 -42.56
CA CYS E 242 -25.74 19.55 -42.14
C CYS E 242 -24.89 19.79 -43.39
N ALA E 243 -24.61 21.06 -43.70
CA ALA E 243 -23.91 21.34 -44.94
C ALA E 243 -22.80 22.33 -44.80
N THR E 244 -21.83 22.28 -45.76
CA THR E 244 -20.79 23.24 -46.10
C THR E 244 -19.55 23.23 -45.23
N GLN E 245 -18.40 23.07 -45.93
CA GLN E 245 -17.04 23.08 -45.41
C GLN E 245 -16.74 21.94 -44.45
N MET E 246 -17.53 20.86 -44.47
CA MET E 246 -17.34 19.69 -43.59
C MET E 246 -15.98 19.05 -43.78
N LEU E 247 -15.52 18.90 -45.03
CA LEU E 247 -14.20 18.33 -45.35
C LEU E 247 -13.47 19.27 -46.34
N GLU E 248 -13.61 20.60 -46.13
CA GLU E 248 -13.09 21.66 -47.00
C GLU E 248 -11.66 21.46 -47.51
N SER E 249 -10.71 21.12 -46.63
CA SER E 249 -9.32 20.94 -47.01
C SER E 249 -9.12 19.83 -48.06
N MET E 250 -10.07 18.87 -48.15
CA MET E 250 -9.98 17.79 -49.13
C MET E 250 -10.22 18.24 -50.57
N ILE E 251 -10.54 19.53 -50.80
CA ILE E 251 -10.65 20.11 -52.15
C ILE E 251 -9.25 20.01 -52.80
N THR E 252 -8.16 20.25 -52.01
CA THR E 252 -6.80 20.14 -52.49
C THR E 252 -5.96 19.03 -51.82
N LYS E 253 -6.32 18.56 -50.61
CA LYS E 253 -5.53 17.55 -49.89
C LYS E 253 -6.19 16.16 -49.84
N PRO E 254 -5.40 15.06 -49.87
CA PRO E 254 -6.01 13.72 -49.87
C PRO E 254 -6.62 13.28 -48.55
N ARG E 255 -6.21 13.91 -47.45
CA ARG E 255 -6.68 13.59 -46.10
C ARG E 255 -7.23 14.86 -45.45
N PRO E 256 -8.28 14.75 -44.61
CA PRO E 256 -8.84 15.96 -44.01
C PRO E 256 -8.12 16.39 -42.72
N THR E 257 -8.44 17.59 -42.20
CA THR E 257 -7.84 18.04 -40.93
C THR E 257 -8.55 17.35 -39.74
N ARG E 258 -7.99 17.48 -38.52
CA ARG E 258 -8.60 16.92 -37.33
C ARG E 258 -9.92 17.61 -37.03
N ALA E 259 -10.05 18.93 -37.34
CA ALA E 259 -11.30 19.66 -37.13
C ALA E 259 -12.40 19.16 -38.07
N GLU E 260 -12.04 18.79 -39.30
CA GLU E 260 -13.00 18.31 -40.28
C GLU E 260 -13.58 16.94 -39.96
N THR E 261 -12.75 15.99 -39.49
CA THR E 261 -13.28 14.68 -39.08
C THR E 261 -14.20 14.83 -37.86
N SER E 262 -13.80 15.71 -36.93
CA SER E 262 -14.56 16.06 -35.73
C SER E 262 -15.92 16.65 -36.13
N ASP E 263 -15.93 17.58 -37.09
CA ASP E 263 -17.17 18.24 -37.56
C ASP E 263 -18.15 17.23 -38.14
N VAL E 264 -17.66 16.29 -38.96
CA VAL E 264 -18.54 15.26 -39.52
C VAL E 264 -19.11 14.37 -38.39
N ALA E 265 -18.24 13.90 -37.48
CA ALA E 265 -18.69 13.06 -36.37
C ALA E 265 -19.72 13.79 -35.50
N ASN E 266 -19.47 15.06 -35.19
CA ASN E 266 -20.35 15.85 -34.35
C ASN E 266 -21.67 16.17 -35.02
N ALA E 267 -21.71 16.31 -36.37
CA ALA E 267 -22.99 16.53 -37.05
C ALA E 267 -23.88 15.29 -36.88
N VAL E 268 -23.28 14.10 -36.99
CA VAL E 268 -24.01 12.85 -36.80
C VAL E 268 -24.45 12.72 -35.34
N LEU E 269 -23.54 13.00 -34.36
CA LEU E 269 -23.88 12.95 -32.93
C LEU E 269 -24.96 13.97 -32.54
N ASP E 270 -24.98 15.14 -33.22
CA ASP E 270 -26.02 16.18 -33.01
C ASP E 270 -27.40 15.64 -33.40
N GLY E 271 -27.45 14.76 -34.40
CA GLY E 271 -28.69 14.16 -34.88
C GLY E 271 -29.01 14.42 -36.34
N ALA E 272 -28.01 14.85 -37.14
CA ALA E 272 -28.28 15.16 -38.55
C ALA E 272 -28.68 13.91 -39.33
N ASP E 273 -29.71 14.00 -40.17
CA ASP E 273 -30.10 12.86 -41.00
C ASP E 273 -29.14 12.70 -42.18
N CYS E 274 -28.69 13.84 -42.75
CA CYS E 274 -27.78 13.87 -43.89
C CYS E 274 -26.60 14.78 -43.62
N ILE E 275 -25.47 14.45 -44.25
CA ILE E 275 -24.27 15.26 -44.28
C ILE E 275 -23.97 15.56 -45.76
N MET E 276 -23.39 16.71 -46.04
CA MET E 276 -23.18 17.13 -47.41
C MET E 276 -21.74 17.47 -47.75
N LEU E 277 -21.41 17.37 -49.05
CA LEU E 277 -20.15 17.75 -49.66
C LEU E 277 -20.50 18.70 -50.81
N SER E 278 -19.83 19.85 -50.88
CA SER E 278 -20.07 20.85 -51.91
C SER E 278 -18.88 20.92 -52.85
N GLY E 279 -17.95 21.86 -52.63
CA GLY E 279 -16.74 22.00 -53.41
C GLY E 279 -15.89 20.75 -53.39
N GLU E 280 -15.94 19.98 -52.26
CA GLU E 280 -15.18 18.73 -52.10
C GLU E 280 -15.45 17.73 -53.23
N THR E 281 -16.68 17.68 -53.74
CA THR E 281 -17.04 16.76 -54.83
C THR E 281 -17.31 17.49 -56.15
N ALA E 282 -17.77 18.74 -56.09
CA ALA E 282 -18.08 19.49 -57.31
C ALA E 282 -16.82 19.89 -58.10
N LYS E 283 -15.80 20.42 -57.42
CA LYS E 283 -14.60 20.89 -58.10
C LYS E 283 -13.26 20.37 -57.54
N GLY E 284 -13.32 19.67 -56.42
CA GLY E 284 -12.16 19.15 -55.72
C GLY E 284 -11.37 18.08 -56.43
N ASN E 285 -10.14 17.88 -55.98
CA ASN E 285 -9.21 16.91 -56.55
C ASN E 285 -9.38 15.49 -56.00
N PHE E 286 -10.15 15.32 -54.91
CA PHE E 286 -10.38 14.01 -54.31
C PHE E 286 -11.91 13.78 -54.01
N PRO E 287 -12.80 13.86 -55.03
CA PRO E 287 -14.24 13.70 -54.76
C PRO E 287 -14.65 12.35 -54.17
N VAL E 288 -14.09 11.24 -54.71
CA VAL E 288 -14.41 9.89 -54.24
C VAL E 288 -13.88 9.68 -52.81
N GLU E 289 -12.65 10.16 -52.54
CA GLU E 289 -12.03 10.06 -51.21
C GLU E 289 -12.83 10.88 -50.16
N ALA E 290 -13.41 12.02 -50.56
CA ALA E 290 -14.24 12.83 -49.66
C ALA E 290 -15.53 12.06 -49.27
N VAL E 291 -16.17 11.38 -50.24
CA VAL E 291 -17.35 10.54 -49.98
C VAL E 291 -16.96 9.37 -49.05
N LYS E 292 -15.81 8.71 -49.33
CA LYS E 292 -15.32 7.60 -48.52
C LYS E 292 -15.05 8.03 -47.07
N MET E 293 -14.50 9.23 -46.89
CA MET E 293 -14.19 9.79 -45.58
C MET E 293 -15.48 10.06 -44.81
N GLN E 294 -16.49 10.68 -45.43
CA GLN E 294 -17.77 10.92 -44.75
C GLN E 294 -18.43 9.60 -44.37
N HIS E 295 -18.34 8.58 -45.25
CA HIS E 295 -18.89 7.25 -44.96
C HIS E 295 -18.20 6.64 -43.72
N ALA E 296 -16.86 6.65 -43.70
CA ALA E 296 -16.07 6.08 -42.61
C ALA E 296 -16.37 6.77 -41.26
N ILE E 297 -16.44 8.11 -41.26
CA ILE E 297 -16.70 8.86 -40.02
C ILE E 297 -18.14 8.63 -39.54
N ALA E 298 -19.14 8.73 -40.45
CA ALA E 298 -20.54 8.55 -40.08
C ALA E 298 -20.80 7.21 -39.42
N ARG E 299 -20.23 6.13 -39.96
CA ARG E 299 -20.35 4.80 -39.40
C ARG E 299 -19.83 4.75 -37.96
N GLU E 300 -18.66 5.34 -37.71
CA GLU E 300 -18.07 5.37 -36.37
C GLU E 300 -18.95 6.19 -35.42
N ALA E 301 -19.41 7.35 -35.88
CA ALA E 301 -20.22 8.26 -35.06
C ALA E 301 -21.59 7.70 -34.72
N GLU E 302 -22.24 6.99 -35.66
CA GLU E 302 -23.55 6.38 -35.42
C GLU E 302 -23.50 5.34 -34.32
N ALA E 303 -22.41 4.55 -34.26
CA ALA E 303 -22.24 3.55 -33.19
C ALA E 303 -22.02 4.23 -31.81
N ALA E 304 -21.42 5.43 -31.81
CA ALA E 304 -21.14 6.23 -30.61
C ALA E 304 -22.35 7.01 -30.07
N VAL E 305 -23.50 6.97 -30.78
CA VAL E 305 -24.71 7.65 -30.32
C VAL E 305 -25.19 6.97 -29.02
N TYR E 306 -25.54 7.75 -27.99
CA TYR E 306 -26.00 7.19 -26.71
C TYR E 306 -27.51 6.94 -26.82
N HIS E 307 -27.89 5.82 -27.47
CA HIS E 307 -29.29 5.47 -27.74
C HIS E 307 -30.17 5.41 -26.50
N ARG E 308 -29.62 4.97 -25.35
CA ARG E 308 -30.38 4.89 -24.11
C ARG E 308 -31.03 6.24 -23.76
N GLN E 309 -30.27 7.33 -23.84
CA GLN E 309 -30.82 8.66 -23.56
C GLN E 309 -31.62 9.19 -24.74
N LEU E 310 -31.08 9.05 -25.96
CA LEU E 310 -31.75 9.55 -27.16
C LEU E 310 -33.14 8.95 -27.34
N PHE E 311 -33.29 7.62 -27.23
CA PHE E 311 -34.60 6.97 -27.37
C PHE E 311 -35.55 7.42 -26.29
N GLU E 312 -35.10 7.47 -25.03
CA GLU E 312 -35.96 7.94 -23.94
C GLU E 312 -36.44 9.36 -24.15
N GLU E 313 -35.56 10.26 -24.59
CA GLU E 313 -35.94 11.65 -24.83
C GLU E 313 -36.85 11.81 -26.05
N LEU E 314 -36.61 11.05 -27.13
CA LEU E 314 -37.44 11.12 -28.33
C LEU E 314 -38.83 10.57 -28.04
N ARG E 315 -38.88 9.46 -27.31
CA ARG E 315 -40.08 8.77 -26.87
C ARG E 315 -40.90 9.73 -25.96
N ARG E 316 -40.26 10.37 -24.97
CA ARG E 316 -40.91 11.30 -24.04
C ARG E 316 -41.48 12.54 -24.73
N ALA E 317 -40.78 13.05 -25.75
CA ALA E 317 -41.18 14.25 -26.47
C ALA E 317 -42.18 14.04 -27.61
N ALA E 318 -42.18 12.85 -28.26
CA ALA E 318 -43.10 12.53 -29.35
C ALA E 318 -44.52 12.48 -28.80
N PRO E 319 -45.47 13.26 -29.37
CA PRO E 319 -46.80 13.33 -28.77
C PRO E 319 -47.55 12.01 -28.77
N LEU E 320 -48.53 11.87 -27.86
CA LEU E 320 -49.42 10.71 -27.83
C LEU E 320 -50.22 10.74 -29.15
N SER E 321 -50.48 9.58 -29.70
CA SER E 321 -51.11 9.50 -31.01
C SER E 321 -52.06 8.34 -31.11
N ARG E 322 -53.17 8.55 -31.82
CA ARG E 322 -54.15 7.51 -32.15
C ARG E 322 -53.93 7.00 -33.60
N ASP E 323 -52.85 7.43 -34.29
CA ASP E 323 -52.55 7.01 -35.64
C ASP E 323 -51.87 5.64 -35.57
N PRO E 324 -52.46 4.61 -36.19
CA PRO E 324 -51.85 3.27 -36.08
C PRO E 324 -50.42 3.15 -36.64
N THR E 325 -50.02 3.96 -37.65
CA THR E 325 -48.64 3.90 -38.15
C THR E 325 -47.67 4.43 -37.07
N GLU E 326 -48.02 5.54 -36.39
CA GLU E 326 -47.22 6.11 -35.29
C GLU E 326 -47.11 5.11 -34.13
N VAL E 327 -48.24 4.49 -33.77
CA VAL E 327 -48.32 3.52 -32.67
C VAL E 327 -47.48 2.28 -32.97
N THR E 328 -47.59 1.75 -34.21
CA THR E 328 -46.80 0.57 -34.62
C THR E 328 -45.32 0.91 -34.65
N ALA E 329 -44.95 2.12 -35.15
CA ALA E 329 -43.56 2.55 -35.25
C ALA E 329 -42.82 2.54 -33.90
N ILE E 330 -43.45 3.12 -32.85
CA ILE E 330 -42.80 3.14 -31.54
C ILE E 330 -42.71 1.72 -30.95
N GLY E 331 -43.75 0.92 -31.15
CA GLY E 331 -43.76 -0.47 -30.69
C GLY E 331 -42.67 -1.29 -31.36
N ALA E 332 -42.47 -1.09 -32.68
CA ALA E 332 -41.44 -1.78 -33.45
C ALA E 332 -40.03 -1.36 -33.03
N VAL E 333 -39.80 -0.05 -32.78
CA VAL E 333 -38.48 0.43 -32.36
C VAL E 333 -38.14 -0.10 -30.96
N GLU E 334 -39.14 -0.10 -30.05
CA GLU E 334 -38.97 -0.65 -28.70
C GLU E 334 -38.60 -2.15 -28.79
N ALA E 335 -39.33 -2.90 -29.62
CA ALA E 335 -39.08 -4.33 -29.84
C ALA E 335 -37.67 -4.57 -30.41
N ALA E 336 -37.24 -3.73 -31.38
CA ALA E 336 -35.92 -3.83 -32.00
C ALA E 336 -34.80 -3.67 -30.95
N PHE E 337 -34.93 -2.68 -30.04
CA PHE E 337 -33.94 -2.46 -28.98
C PHE E 337 -33.90 -3.63 -27.99
N LYS E 338 -35.05 -4.22 -27.68
CA LYS E 338 -35.16 -5.32 -26.73
C LYS E 338 -34.40 -6.57 -27.16
N CYS E 339 -34.38 -6.87 -28.48
CA CYS E 339 -33.70 -8.06 -28.97
C CYS E 339 -32.44 -7.79 -29.76
N CYS E 340 -31.97 -6.53 -29.84
CA CYS E 340 -30.81 -6.13 -30.65
C CYS E 340 -31.06 -6.58 -32.10
N ALA E 341 -32.29 -6.30 -32.61
CA ALA E 341 -32.68 -6.71 -33.96
C ALA E 341 -31.70 -6.20 -35.00
N ALA E 342 -31.33 -7.05 -35.97
CA ALA E 342 -30.40 -6.64 -37.03
C ALA E 342 -31.06 -5.57 -37.93
N ALA E 343 -32.40 -5.66 -38.11
CA ALA E 343 -33.13 -4.72 -38.95
C ALA E 343 -34.62 -4.68 -38.63
N ILE E 344 -35.29 -3.62 -39.09
CA ILE E 344 -36.73 -3.45 -39.08
C ILE E 344 -37.07 -3.40 -40.57
N ILE E 345 -37.77 -4.42 -41.09
CA ILE E 345 -38.17 -4.43 -42.50
C ILE E 345 -39.56 -3.84 -42.58
N VAL E 346 -39.72 -2.76 -43.36
CA VAL E 346 -41.01 -2.08 -43.47
C VAL E 346 -41.45 -1.95 -44.92
N LEU E 347 -42.74 -2.18 -45.17
CA LEU E 347 -43.31 -1.99 -46.50
C LEU E 347 -43.87 -0.58 -46.52
N THR E 348 -43.51 0.21 -47.54
CA THR E 348 -43.99 1.58 -47.62
C THR E 348 -44.27 2.02 -49.05
N THR E 349 -45.33 2.82 -49.23
CA THR E 349 -45.69 3.33 -50.56
C THR E 349 -45.09 4.72 -50.76
N THR E 350 -45.26 5.60 -49.77
CA THR E 350 -44.78 6.99 -49.81
C THR E 350 -43.46 7.22 -49.05
N GLY E 351 -43.07 6.26 -48.23
CA GLY E 351 -41.92 6.36 -47.34
C GLY E 351 -42.31 6.71 -45.91
N ARG E 352 -43.58 7.16 -45.68
CA ARG E 352 -44.06 7.60 -44.37
C ARG E 352 -43.85 6.59 -43.22
N SER E 353 -44.19 5.30 -43.43
CA SER E 353 -43.99 4.29 -42.39
C SER E 353 -42.52 4.16 -42.00
N ALA E 354 -41.61 4.30 -42.98
CA ALA E 354 -40.17 4.24 -42.74
C ALA E 354 -39.71 5.48 -41.97
N GLN E 355 -40.21 6.67 -42.34
CA GLN E 355 -39.91 7.94 -41.69
C GLN E 355 -40.32 7.92 -40.21
N LEU E 356 -41.48 7.33 -39.90
CA LEU E 356 -41.99 7.25 -38.53
C LEU E 356 -41.16 6.32 -37.65
N LEU E 357 -40.49 5.32 -38.23
CA LEU E 357 -39.59 4.46 -37.46
C LEU E 357 -38.26 5.21 -37.24
N SER E 358 -37.74 5.87 -38.29
CA SER E 358 -36.48 6.60 -38.24
C SER E 358 -36.50 7.70 -37.17
N ARG E 359 -37.66 8.32 -36.94
CA ARG E 359 -37.79 9.41 -35.98
C ARG E 359 -37.39 8.99 -34.56
N TYR E 360 -37.51 7.67 -34.26
CA TYR E 360 -37.16 7.14 -32.95
C TYR E 360 -35.69 6.68 -32.86
N ARG E 361 -34.92 6.90 -33.95
CA ARG E 361 -33.52 6.58 -34.07
C ARG E 361 -33.16 5.17 -33.60
N PRO E 362 -33.77 4.11 -34.19
CA PRO E 362 -33.36 2.76 -33.78
C PRO E 362 -31.91 2.49 -34.20
N ARG E 363 -31.24 1.62 -33.46
CA ARG E 363 -29.91 1.16 -33.85
C ARG E 363 -30.07 0.21 -35.06
N ALA E 364 -31.17 -0.57 -35.10
CA ALA E 364 -31.50 -1.50 -36.18
C ALA E 364 -31.75 -0.72 -37.46
N ALA E 365 -31.16 -1.20 -38.57
CA ALA E 365 -31.34 -0.61 -39.89
C ALA E 365 -32.82 -0.70 -40.28
N VAL E 366 -33.39 0.36 -40.85
CA VAL E 366 -34.77 0.35 -41.31
C VAL E 366 -34.73 0.01 -42.82
N ILE E 367 -35.05 -1.24 -43.17
CA ILE E 367 -35.03 -1.68 -44.57
C ILE E 367 -36.40 -1.41 -45.16
N ALA E 368 -36.51 -0.38 -46.02
CA ALA E 368 -37.80 0.04 -46.58
C ALA E 368 -38.01 -0.53 -47.99
N VAL E 369 -38.99 -1.43 -48.12
CA VAL E 369 -39.32 -2.05 -49.41
C VAL E 369 -40.46 -1.31 -50.04
N THR E 370 -40.22 -0.75 -51.24
CA THR E 370 -41.23 0.04 -51.95
C THR E 370 -41.22 -0.24 -53.45
N ARG E 371 -42.39 -0.08 -54.09
CA ARG E 371 -42.52 -0.15 -55.55
C ARG E 371 -42.30 1.24 -56.17
N SER E 372 -42.44 2.32 -55.38
CA SER E 372 -42.27 3.68 -55.83
C SER E 372 -40.79 4.04 -55.95
N ALA E 373 -40.31 4.23 -57.19
CA ALA E 373 -38.92 4.60 -57.44
C ALA E 373 -38.61 5.97 -56.82
N GLN E 374 -39.55 6.91 -56.87
CA GLN E 374 -39.35 8.23 -56.29
C GLN E 374 -39.27 8.15 -54.75
N ALA E 375 -40.17 7.38 -54.10
CA ALA E 375 -40.14 7.21 -52.64
C ALA E 375 -38.82 6.56 -52.20
N ALA E 376 -38.32 5.60 -52.99
CA ALA E 376 -37.05 4.92 -52.71
C ALA E 376 -35.90 5.92 -52.71
N ARG E 377 -35.91 6.88 -53.63
CA ARG E 377 -34.86 7.90 -53.69
C ARG E 377 -35.00 8.90 -52.53
N GLN E 378 -36.24 9.37 -52.29
CA GLN E 378 -36.53 10.38 -51.27
C GLN E 378 -36.31 9.94 -49.82
N VAL E 379 -36.49 8.64 -49.50
CA VAL E 379 -36.31 8.17 -48.11
C VAL E 379 -34.86 8.23 -47.63
N HIS E 380 -33.89 8.48 -48.54
CA HIS E 380 -32.50 8.72 -48.18
C HIS E 380 -32.40 9.96 -47.27
N LEU E 381 -33.41 10.86 -47.27
CA LEU E 381 -33.42 12.01 -46.40
C LEU E 381 -33.56 11.61 -44.91
N CYS E 382 -34.11 10.41 -44.61
CA CYS E 382 -34.36 9.90 -43.26
C CYS E 382 -33.29 9.00 -42.77
N ARG E 383 -32.61 9.36 -41.66
CA ARG E 383 -31.52 8.55 -41.13
C ARG E 383 -31.90 7.09 -40.88
N GLY E 384 -31.03 6.20 -41.28
CA GLY E 384 -31.21 4.78 -41.02
C GLY E 384 -32.20 4.07 -41.91
N VAL E 385 -32.68 4.74 -42.97
CA VAL E 385 -33.62 4.12 -43.91
C VAL E 385 -32.84 3.67 -45.14
N PHE E 386 -32.86 2.37 -45.41
CA PHE E 386 -32.18 1.71 -46.53
C PHE E 386 -33.25 1.29 -47.54
N PRO E 387 -33.42 2.10 -48.60
CA PRO E 387 -34.49 1.81 -49.57
C PRO E 387 -34.17 0.69 -50.54
N LEU E 388 -35.14 -0.18 -50.75
CA LEU E 388 -35.05 -1.27 -51.70
C LEU E 388 -36.19 -1.11 -52.69
N LEU E 389 -35.86 -0.95 -53.98
CA LEU E 389 -36.88 -0.80 -55.01
C LEU E 389 -37.34 -2.16 -55.51
N TYR E 390 -38.62 -2.49 -55.26
CA TYR E 390 -39.22 -3.76 -55.67
C TYR E 390 -39.81 -3.59 -57.07
N ARG E 391 -39.38 -4.44 -58.02
CA ARG E 391 -39.76 -4.30 -59.43
C ARG E 391 -40.80 -5.30 -59.95
N GLU E 392 -40.98 -6.43 -59.25
CA GLU E 392 -41.90 -7.51 -59.65
C GLU E 392 -43.36 -7.07 -59.70
N PRO E 393 -44.17 -7.57 -60.66
CA PRO E 393 -45.59 -7.18 -60.71
C PRO E 393 -46.39 -7.80 -59.56
N PRO E 394 -47.53 -7.20 -59.16
CA PRO E 394 -48.29 -7.77 -58.03
C PRO E 394 -48.76 -9.20 -58.19
N GLU E 395 -48.68 -9.98 -57.10
CA GLU E 395 -49.20 -11.33 -57.05
C GLU E 395 -50.73 -11.26 -56.97
N ALA E 396 -51.42 -12.31 -57.42
CA ALA E 396 -52.88 -12.35 -57.40
C ALA E 396 -53.46 -12.18 -55.99
N ILE E 397 -52.88 -12.87 -55.00
CA ILE E 397 -53.31 -12.76 -53.61
C ILE E 397 -52.43 -11.70 -52.93
N TRP E 398 -53.05 -10.63 -52.41
CA TRP E 398 -52.36 -9.52 -51.76
C TRP E 398 -51.42 -9.97 -50.63
N ALA E 399 -51.87 -10.87 -49.74
CA ALA E 399 -51.06 -11.39 -48.64
C ALA E 399 -49.76 -12.05 -49.16
N ASP E 400 -49.81 -12.71 -50.34
CA ASP E 400 -48.62 -13.33 -50.95
C ASP E 400 -47.69 -12.25 -51.51
N ASP E 401 -48.24 -11.14 -52.03
CA ASP E 401 -47.45 -10.04 -52.55
C ASP E 401 -46.68 -9.36 -51.40
N VAL E 402 -47.35 -9.20 -50.24
CA VAL E 402 -46.76 -8.64 -49.03
C VAL E 402 -45.60 -9.54 -48.60
N ASP E 403 -45.84 -10.86 -48.50
CA ASP E 403 -44.83 -11.85 -48.12
C ASP E 403 -43.63 -11.84 -49.06
N ARG E 404 -43.87 -11.71 -50.37
CA ARG E 404 -42.79 -11.67 -51.36
C ARG E 404 -41.90 -10.46 -51.15
N ARG E 405 -42.51 -9.30 -50.84
CA ARG E 405 -41.78 -8.07 -50.60
C ARG E 405 -40.95 -8.15 -49.32
N VAL E 406 -41.48 -8.80 -48.26
CA VAL E 406 -40.77 -9.02 -46.99
C VAL E 406 -39.55 -9.93 -47.27
N GLN E 407 -39.74 -10.99 -48.08
CA GLN E 407 -38.66 -11.90 -48.47
C GLN E 407 -37.61 -11.22 -49.32
N PHE E 408 -38.02 -10.26 -50.18
CA PHE E 408 -37.10 -9.47 -50.98
C PHE E 408 -36.22 -8.60 -50.05
N GLY E 409 -36.82 -8.06 -48.98
CA GLY E 409 -36.12 -7.30 -47.96
C GLY E 409 -35.08 -8.16 -47.25
N ILE E 410 -35.46 -9.41 -46.88
CA ILE E 410 -34.57 -10.37 -46.23
C ILE E 410 -33.41 -10.76 -47.15
N GLU E 411 -33.70 -11.16 -48.39
CA GLU E 411 -32.66 -11.58 -49.34
C GLU E 411 -31.71 -10.44 -49.70
N SER E 412 -32.23 -9.19 -49.86
CA SER E 412 -31.36 -8.04 -50.14
C SER E 412 -30.46 -7.77 -48.93
N GLY E 413 -31.03 -7.85 -47.73
CA GLY E 413 -30.31 -7.67 -46.48
C GLY E 413 -29.18 -8.67 -46.33
N LYS E 414 -29.46 -9.96 -46.62
CA LYS E 414 -28.48 -11.04 -46.56
C LYS E 414 -27.32 -10.77 -47.52
N LEU E 415 -27.64 -10.42 -48.78
CA LEU E 415 -26.67 -10.14 -49.84
C LEU E 415 -25.78 -8.96 -49.49
N ARG E 416 -26.38 -7.89 -48.91
CA ARG E 416 -25.67 -6.67 -48.54
C ARG E 416 -24.93 -6.74 -47.19
N GLY E 417 -25.13 -7.79 -46.42
CA GLY E 417 -24.46 -7.95 -45.14
C GLY E 417 -25.21 -7.43 -43.92
N PHE E 418 -26.45 -6.96 -44.10
CA PHE E 418 -27.30 -6.46 -43.02
C PHE E 418 -27.78 -7.61 -42.13
N LEU E 419 -28.10 -8.75 -42.76
CA LEU E 419 -28.70 -9.90 -42.08
C LEU E 419 -27.94 -11.19 -42.32
N ARG E 420 -28.08 -12.09 -41.37
CA ARG E 420 -27.53 -13.44 -41.43
C ARG E 420 -28.56 -14.40 -40.81
N VAL E 421 -28.40 -15.71 -41.04
CA VAL E 421 -29.28 -16.73 -40.48
C VAL E 421 -29.13 -16.72 -38.95
N GLY E 422 -30.24 -16.74 -38.23
CA GLY E 422 -30.24 -16.69 -36.78
C GLY E 422 -30.57 -15.31 -36.23
N ASP E 423 -30.41 -14.26 -37.05
CA ASP E 423 -30.72 -12.88 -36.64
C ASP E 423 -32.22 -12.72 -36.41
N LEU E 424 -32.58 -11.77 -35.56
CA LEU E 424 -33.99 -11.43 -35.34
C LEU E 424 -34.25 -10.12 -36.09
N VAL E 425 -35.39 -10.05 -36.76
CA VAL E 425 -35.81 -8.85 -37.45
C VAL E 425 -37.23 -8.49 -37.01
N ILE E 426 -37.56 -7.21 -37.09
CA ILE E 426 -38.91 -6.74 -36.79
C ILE E 426 -39.50 -6.43 -38.16
N VAL E 427 -40.69 -6.96 -38.47
CA VAL E 427 -41.32 -6.74 -39.76
C VAL E 427 -42.57 -5.90 -39.57
N VAL E 428 -42.63 -4.76 -40.25
CA VAL E 428 -43.74 -3.81 -40.16
C VAL E 428 -44.54 -3.77 -41.47
N THR E 429 -45.83 -4.12 -41.39
CA THR E 429 -46.74 -4.15 -42.54
C THR E 429 -48.12 -3.54 -42.15
N GLY E 430 -49.06 -3.54 -43.11
CA GLY E 430 -50.41 -3.02 -42.90
C GLY E 430 -51.47 -4.07 -43.15
N TRP E 431 -52.72 -3.73 -42.82
CA TRP E 431 -53.84 -4.66 -42.91
C TRP E 431 -54.56 -4.66 -44.28
N ARG E 432 -54.31 -3.66 -45.11
CA ARG E 432 -54.92 -3.55 -46.45
C ARG E 432 -53.99 -2.78 -47.41
N PRO E 433 -54.18 -2.92 -48.75
CA PRO E 433 -53.31 -2.16 -49.69
C PRO E 433 -53.50 -0.65 -49.63
N GLY E 434 -52.54 0.08 -50.17
CA GLY E 434 -52.57 1.53 -50.19
C GLY E 434 -51.85 2.13 -49.00
N SER E 435 -51.45 3.41 -49.12
CA SER E 435 -50.75 4.14 -48.09
C SER E 435 -51.64 4.47 -46.89
N GLY E 436 -51.05 4.50 -45.69
CA GLY E 436 -51.73 4.89 -44.47
C GLY E 436 -52.33 3.81 -43.58
N TYR E 437 -52.10 2.53 -43.90
CA TYR E 437 -52.70 1.44 -43.14
C TYR E 437 -51.73 0.55 -42.38
N THR E 438 -50.48 1.01 -42.16
CA THR E 438 -49.51 0.24 -41.36
C THR E 438 -50.05 0.10 -39.93
N ASN E 439 -50.10 -1.12 -39.43
CA ASN E 439 -50.65 -1.40 -38.10
C ASN E 439 -50.15 -2.73 -37.52
N ILE E 440 -49.17 -3.38 -38.16
CA ILE E 440 -48.73 -4.70 -37.74
C ILE E 440 -47.23 -4.82 -37.56
N MET E 441 -46.82 -5.42 -36.44
CA MET E 441 -45.40 -5.67 -36.19
CA MET E 441 -45.42 -5.65 -36.13
C MET E 441 -45.17 -7.12 -35.76
N ARG E 442 -44.24 -7.78 -36.45
CA ARG E 442 -43.92 -9.18 -36.22
C ARG E 442 -42.46 -9.36 -35.88
N VAL E 443 -42.15 -10.27 -34.95
CA VAL E 443 -40.75 -10.57 -34.65
C VAL E 443 -40.44 -11.90 -35.37
N LEU E 444 -39.49 -11.84 -36.30
CA LEU E 444 -39.16 -12.97 -37.15
C LEU E 444 -37.70 -13.39 -37.04
N SER E 445 -37.43 -14.71 -37.10
CA SER E 445 -36.06 -15.25 -37.09
C SER E 445 -35.60 -15.54 -38.50
N ILE E 446 -34.43 -15.01 -38.90
CA ILE E 446 -33.90 -15.20 -40.26
C ILE E 446 -33.43 -16.62 -40.47
N SER E 447 -34.07 -17.34 -41.41
CA SER E 447 -33.71 -18.71 -41.77
C SER E 447 -32.99 -18.76 -43.14
N ALA F 13 -48.67 19.75 -25.26
CA ALA F 13 -47.59 19.73 -26.24
C ALA F 13 -47.45 18.28 -26.75
N ASP F 14 -47.08 17.33 -25.88
CA ASP F 14 -47.00 15.91 -26.20
C ASP F 14 -48.39 15.25 -26.04
N VAL F 15 -49.39 15.97 -25.50
CA VAL F 15 -50.75 15.50 -25.33
C VAL F 15 -51.78 16.47 -25.96
N ALA F 16 -51.32 17.56 -26.63
CA ALA F 16 -52.21 18.57 -27.21
C ALA F 16 -53.19 18.00 -28.24
N GLN F 17 -52.69 17.24 -29.24
CA GLN F 17 -53.56 16.65 -30.26
C GLN F 17 -54.54 15.64 -29.65
N LEU F 18 -54.06 14.75 -28.77
CA LEU F 18 -54.94 13.78 -28.11
C LEU F 18 -55.94 14.43 -27.16
N THR F 19 -55.58 15.58 -26.57
CA THR F 19 -56.49 16.32 -25.68
C THR F 19 -57.61 16.91 -26.52
N GLN F 20 -57.29 17.43 -27.72
CA GLN F 20 -58.31 17.98 -28.60
C GLN F 20 -59.26 16.85 -29.06
N GLU F 21 -58.70 15.67 -29.40
CA GLU F 21 -59.47 14.53 -29.89
C GLU F 21 -60.31 13.84 -28.81
N LEU F 22 -59.68 13.47 -27.67
CA LEU F 22 -60.36 12.75 -26.59
C LEU F 22 -61.08 13.67 -25.58
N GLY F 23 -60.69 14.94 -25.53
CA GLY F 23 -61.31 15.94 -24.66
C GLY F 23 -60.58 16.18 -23.36
N THR F 24 -60.80 17.35 -22.75
CA THR F 24 -60.17 17.67 -21.47
C THR F 24 -60.72 16.79 -20.35
N ALA F 25 -62.02 16.41 -20.41
CA ALA F 25 -62.60 15.53 -19.39
C ALA F 25 -61.86 14.19 -19.31
N PHE F 26 -61.49 13.59 -20.46
CA PHE F 26 -60.75 12.31 -20.49
C PHE F 26 -59.42 12.47 -19.74
N PHE F 27 -58.70 13.56 -20.03
CA PHE F 27 -57.38 13.83 -19.47
C PHE F 27 -57.40 14.32 -18.02
N GLN F 28 -58.58 14.59 -17.45
CA GLN F 28 -58.67 14.94 -16.02
C GLN F 28 -58.98 13.68 -15.17
N GLN F 29 -59.47 12.57 -15.79
CA GLN F 29 -59.79 11.32 -15.12
C GLN F 29 -58.53 10.44 -14.94
N GLN F 30 -58.69 9.34 -14.17
CA GLN F 30 -57.71 8.29 -13.87
C GLN F 30 -56.30 8.83 -13.55
N GLN F 31 -56.25 9.96 -12.82
CA GLN F 31 -55.00 10.62 -12.42
C GLN F 31 -54.06 10.92 -13.61
N LEU F 32 -54.64 11.18 -14.81
CA LEU F 32 -53.81 11.49 -15.97
C LEU F 32 -52.97 12.78 -15.77
N PRO F 33 -53.44 13.85 -15.09
CA PRO F 33 -52.55 15.01 -14.87
C PRO F 33 -51.29 14.59 -14.08
N ALA F 34 -51.47 13.72 -13.05
CA ALA F 34 -50.36 13.21 -12.24
C ALA F 34 -49.46 12.26 -13.06
N ALA F 35 -50.06 11.52 -14.01
CA ALA F 35 -49.35 10.61 -14.89
C ALA F 35 -48.37 11.34 -15.81
N MET F 36 -48.73 12.56 -16.25
CA MET F 36 -47.92 13.36 -17.15
C MET F 36 -46.76 14.11 -16.47
N ALA F 37 -46.68 14.09 -15.12
CA ALA F 37 -45.65 14.79 -14.36
C ALA F 37 -44.24 14.34 -14.69
N ASP F 38 -43.28 15.28 -14.61
CA ASP F 38 -41.89 15.05 -14.94
C ASP F 38 -41.05 14.49 -13.78
N THR F 39 -41.55 14.59 -12.55
CA THR F 39 -40.84 14.04 -11.39
C THR F 39 -41.87 13.31 -10.50
N PHE F 40 -41.40 12.39 -9.65
CA PHE F 40 -42.28 11.69 -8.72
C PHE F 40 -42.92 12.69 -7.73
N LEU F 41 -42.14 13.69 -7.29
CA LEU F 41 -42.64 14.73 -6.37
C LEU F 41 -43.79 15.51 -7.02
N GLU F 42 -43.63 15.93 -8.30
CA GLU F 42 -44.70 16.65 -8.99
C GLU F 42 -45.91 15.75 -9.26
N HIS F 43 -45.68 14.44 -9.47
CA HIS F 43 -46.73 13.44 -9.66
C HIS F 43 -47.60 13.40 -8.40
N LEU F 44 -46.95 13.35 -7.21
CA LEU F 44 -47.70 13.35 -5.95
C LEU F 44 -48.53 14.63 -5.81
N CYS F 45 -47.92 15.81 -6.11
CA CYS F 45 -48.57 17.10 -6.02
C CYS F 45 -49.81 17.19 -6.92
N LEU F 46 -49.85 16.43 -8.02
CA LEU F 46 -50.95 16.48 -8.98
C LEU F 46 -52.03 15.43 -8.76
N LEU F 47 -51.86 14.53 -7.76
CA LEU F 47 -52.92 13.55 -7.43
C LEU F 47 -54.19 14.32 -7.02
N ASP F 48 -55.34 13.92 -7.58
CA ASP F 48 -56.58 14.66 -7.42
C ASP F 48 -57.71 13.75 -6.94
N ILE F 49 -58.33 14.09 -5.81
CA ILE F 49 -59.46 13.30 -5.29
C ILE F 49 -60.69 13.34 -6.20
N ASP F 50 -60.78 14.37 -7.08
CA ASP F 50 -61.85 14.52 -8.06
C ASP F 50 -61.55 13.82 -9.39
N SER F 51 -60.37 13.21 -9.55
CA SER F 51 -60.01 12.52 -10.76
C SER F 51 -60.45 11.07 -10.60
N GLU F 52 -61.60 10.74 -11.19
CA GLU F 52 -62.23 9.43 -11.04
C GLU F 52 -61.54 8.28 -11.78
N PRO F 53 -61.38 7.11 -11.13
CA PRO F 53 -60.78 5.97 -11.85
C PRO F 53 -61.73 5.50 -12.95
N VAL F 54 -61.18 5.10 -14.11
CA VAL F 54 -61.97 4.68 -15.26
C VAL F 54 -61.68 3.21 -15.60
N ALA F 55 -60.40 2.81 -15.54
CA ALA F 55 -59.97 1.45 -15.87
C ALA F 55 -60.55 0.39 -14.93
N ALA F 56 -60.68 -0.86 -15.42
CA ALA F 56 -61.14 -1.98 -14.60
C ALA F 56 -60.07 -2.25 -13.54
N ARG F 57 -60.49 -2.68 -12.34
CA ARG F 57 -59.57 -2.97 -11.25
C ARG F 57 -58.64 -4.10 -11.62
N SER F 58 -57.33 -3.85 -11.59
CA SER F 58 -56.31 -4.77 -12.03
C SER F 58 -55.68 -5.66 -10.93
N THR F 59 -55.67 -5.23 -9.67
CA THR F 59 -55.08 -6.01 -8.58
C THR F 59 -56.11 -7.03 -8.13
N SER F 60 -55.80 -8.33 -8.23
CA SER F 60 -56.77 -9.36 -7.84
C SER F 60 -57.01 -9.43 -6.35
N ILE F 61 -58.23 -9.79 -5.97
CA ILE F 61 -58.62 -9.92 -4.57
C ILE F 61 -58.73 -11.40 -4.20
N ILE F 62 -57.95 -11.81 -3.19
CA ILE F 62 -58.00 -13.17 -2.65
C ILE F 62 -58.86 -13.10 -1.41
N ALA F 63 -59.96 -13.87 -1.36
CA ALA F 63 -60.82 -13.88 -0.18
C ALA F 63 -60.76 -15.24 0.47
N THR F 64 -60.55 -15.26 1.79
CA THR F 64 -60.51 -16.53 2.53
C THR F 64 -61.93 -17.01 2.77
N ILE F 65 -62.20 -18.27 2.42
CA ILE F 65 -63.53 -18.86 2.58
C ILE F 65 -63.64 -19.52 3.96
N GLY F 66 -64.68 -19.16 4.68
CA GLY F 66 -64.98 -19.67 6.01
C GLY F 66 -66.47 -19.60 6.31
N PRO F 67 -66.86 -19.72 7.60
CA PRO F 67 -68.30 -19.69 7.94
C PRO F 67 -69.09 -18.47 7.45
N ALA F 68 -68.44 -17.30 7.38
CA ALA F 68 -69.13 -16.09 6.93
C ALA F 68 -69.27 -15.99 5.42
N SER F 69 -68.55 -16.81 4.65
CA SER F 69 -68.52 -16.70 3.20
C SER F 69 -68.63 -18.04 2.49
N ARG F 70 -69.24 -19.03 3.11
CA ARG F 70 -69.31 -20.39 2.56
C ARG F 70 -70.56 -20.74 1.75
N SER F 71 -71.70 -20.12 2.05
CA SER F 71 -72.94 -20.40 1.32
C SER F 71 -72.84 -19.97 -0.14
N VAL F 72 -73.51 -20.73 -1.03
CA VAL F 72 -73.53 -20.48 -2.47
C VAL F 72 -74.07 -19.07 -2.75
N GLU F 73 -75.11 -18.65 -2.00
CA GLU F 73 -75.69 -17.33 -2.14
C GLU F 73 -74.73 -16.21 -1.76
N ARG F 74 -73.94 -16.41 -0.70
CA ARG F 74 -72.94 -15.43 -0.27
C ARG F 74 -71.78 -15.38 -1.24
N LEU F 75 -71.35 -16.54 -1.74
CA LEU F 75 -70.27 -16.64 -2.70
C LEU F 75 -70.62 -15.94 -4.02
N LYS F 76 -71.92 -15.96 -4.42
CA LYS F 76 -72.38 -15.27 -5.63
C LYS F 76 -72.20 -13.76 -5.43
N GLU F 77 -72.53 -13.25 -4.23
CA GLU F 77 -72.36 -11.83 -3.93
C GLU F 77 -70.88 -11.45 -3.89
N MET F 78 -70.03 -12.35 -3.37
CA MET F 78 -68.60 -12.11 -3.29
CA MET F 78 -68.60 -12.11 -3.29
C MET F 78 -67.96 -12.06 -4.67
N ILE F 79 -68.44 -12.90 -5.61
CA ILE F 79 -67.94 -12.92 -6.99
C ILE F 79 -68.33 -11.60 -7.64
N LYS F 80 -69.59 -11.16 -7.44
CA LYS F 80 -70.11 -9.90 -7.95
C LYS F 80 -69.36 -8.68 -7.37
N ALA F 81 -68.93 -8.78 -6.09
CA ALA F 81 -68.18 -7.72 -5.40
C ALA F 81 -66.74 -7.58 -5.91
N GLY F 82 -66.20 -8.66 -6.50
CA GLY F 82 -64.86 -8.64 -7.06
C GLY F 82 -63.88 -9.73 -6.64
N MET F 83 -64.32 -10.74 -5.85
CA MET F 83 -63.41 -11.83 -5.48
C MET F 83 -62.92 -12.59 -6.72
N ASN F 84 -61.61 -12.74 -6.86
CA ASN F 84 -61.00 -13.43 -8.01
C ASN F 84 -60.42 -14.78 -7.63
N ILE F 85 -59.96 -14.92 -6.37
CA ILE F 85 -59.33 -16.13 -5.84
C ILE F 85 -59.95 -16.46 -4.47
N ALA F 86 -60.43 -17.71 -4.33
CA ALA F 86 -61.00 -18.19 -3.07
C ALA F 86 -59.88 -18.96 -2.36
N ARG F 87 -59.52 -18.56 -1.14
CA ARG F 87 -58.46 -19.18 -0.38
C ARG F 87 -59.07 -20.12 0.67
N LEU F 88 -58.55 -21.35 0.72
CA LEU F 88 -58.98 -22.35 1.71
C LEU F 88 -57.83 -22.51 2.68
N ASN F 89 -58.05 -22.13 3.92
CA ASN F 89 -57.02 -22.18 4.95
C ASN F 89 -57.04 -23.56 5.62
N PHE F 90 -56.10 -24.43 5.23
CA PHE F 90 -56.01 -25.79 5.79
C PHE F 90 -55.43 -25.84 7.22
N SER F 91 -55.21 -24.68 7.85
CA SER F 91 -54.84 -24.63 9.26
C SER F 91 -56.09 -24.97 10.14
N HIS F 92 -57.31 -24.82 9.59
CA HIS F 92 -58.58 -25.09 10.25
C HIS F 92 -59.48 -25.94 9.34
N GLY F 93 -60.39 -26.70 9.94
CA GLY F 93 -61.35 -27.51 9.21
C GLY F 93 -60.81 -28.79 8.59
N SER F 94 -61.71 -29.76 8.40
CA SER F 94 -61.38 -31.06 7.83
C SER F 94 -61.39 -31.05 6.30
N HIS F 95 -60.96 -32.17 5.69
CA HIS F 95 -61.01 -32.36 4.25
C HIS F 95 -62.45 -32.28 3.75
N GLU F 96 -63.40 -32.79 4.54
CA GLU F 96 -64.82 -32.78 4.21
C GLU F 96 -65.35 -31.34 4.19
N TYR F 97 -64.94 -30.53 5.17
CA TYR F 97 -65.33 -29.13 5.26
C TYR F 97 -64.82 -28.37 4.02
N HIS F 98 -63.53 -28.53 3.67
CA HIS F 98 -62.93 -27.86 2.53
C HIS F 98 -63.48 -28.34 1.18
N ALA F 99 -63.82 -29.64 1.07
CA ALA F 99 -64.42 -30.18 -0.16
C ALA F 99 -65.80 -29.54 -0.39
N GLU F 100 -66.57 -29.30 0.68
CA GLU F 100 -67.86 -28.64 0.60
C GLU F 100 -67.68 -27.15 0.22
N SER F 101 -66.61 -26.50 0.74
CA SER F 101 -66.31 -25.10 0.40
C SER F 101 -65.99 -25.00 -1.10
N ILE F 102 -65.17 -25.93 -1.63
CA ILE F 102 -64.80 -26.01 -3.04
C ILE F 102 -66.04 -26.19 -3.92
N ALA F 103 -66.94 -27.14 -3.54
CA ALA F 103 -68.16 -27.41 -4.29
C ALA F 103 -69.06 -26.17 -4.32
N ASN F 104 -69.18 -25.45 -3.19
CA ASN F 104 -69.98 -24.23 -3.12
C ASN F 104 -69.41 -23.11 -3.97
N VAL F 105 -68.06 -22.95 -3.99
CA VAL F 105 -67.39 -21.95 -4.82
C VAL F 105 -67.66 -22.26 -6.28
N ARG F 106 -67.43 -23.51 -6.70
CA ARG F 106 -67.68 -23.97 -8.06
C ARG F 106 -69.14 -23.81 -8.49
N GLU F 107 -70.09 -24.06 -7.58
CA GLU F 107 -71.52 -23.89 -7.89
C GLU F 107 -71.84 -22.41 -8.11
N ALA F 108 -71.31 -21.51 -7.24
CA ALA F 108 -71.52 -20.07 -7.37
C ALA F 108 -70.87 -19.53 -8.65
N VAL F 109 -69.67 -20.00 -8.99
CA VAL F 109 -68.94 -19.59 -10.19
C VAL F 109 -69.69 -20.03 -11.46
N GLU F 110 -70.11 -21.30 -11.49
CA GLU F 110 -70.81 -21.84 -12.66
C GLU F 110 -72.24 -21.30 -12.84
N SER F 111 -72.82 -20.68 -11.81
CA SER F 111 -74.15 -20.07 -11.92
C SER F 111 -74.18 -18.86 -12.87
N PHE F 112 -73.01 -18.23 -13.06
CA PHE F 112 -72.87 -17.09 -13.95
C PHE F 112 -72.43 -17.49 -15.36
N ALA F 113 -72.19 -18.80 -15.61
CA ALA F 113 -71.88 -19.27 -16.95
C ALA F 113 -73.18 -19.11 -17.79
N GLY F 114 -73.04 -19.21 -19.11
CA GLY F 114 -74.16 -18.94 -19.99
C GLY F 114 -73.89 -17.67 -20.76
N SER F 115 -73.13 -16.73 -20.19
CA SER F 115 -72.76 -15.51 -20.90
C SER F 115 -71.30 -15.15 -20.62
N PRO F 116 -70.58 -14.63 -21.64
CA PRO F 116 -69.19 -14.17 -21.41
C PRO F 116 -69.18 -12.75 -20.82
N LEU F 117 -70.25 -12.36 -20.17
CA LEU F 117 -70.42 -11.05 -19.59
C LEU F 117 -70.74 -11.20 -18.11
N SER F 118 -71.48 -12.24 -17.75
CA SER F 118 -71.76 -12.53 -16.35
C SER F 118 -70.66 -13.46 -15.79
N TYR F 119 -70.02 -14.32 -16.64
CA TYR F 119 -69.04 -15.29 -16.17
C TYR F 119 -67.75 -14.68 -15.71
N ARG F 120 -67.31 -15.06 -14.52
CA ARG F 120 -66.01 -14.63 -14.00
C ARG F 120 -65.28 -15.86 -13.47
N PRO F 121 -64.17 -16.28 -14.12
CA PRO F 121 -63.40 -17.42 -13.60
C PRO F 121 -62.84 -17.09 -12.21
N VAL F 122 -62.89 -18.05 -11.28
CA VAL F 122 -62.37 -17.81 -9.93
C VAL F 122 -61.40 -18.93 -9.60
N ALA F 123 -60.15 -18.59 -9.26
CA ALA F 123 -59.17 -19.61 -8.90
C ALA F 123 -59.44 -20.13 -7.48
N ILE F 124 -59.01 -21.38 -7.21
CA ILE F 124 -59.15 -21.96 -5.89
C ILE F 124 -57.74 -22.21 -5.39
N ALA F 125 -57.43 -21.62 -4.23
CA ALA F 125 -56.10 -21.70 -3.65
C ALA F 125 -56.12 -22.45 -2.31
N LEU F 126 -55.18 -23.36 -2.11
CA LEU F 126 -55.08 -24.14 -0.89
C LEU F 126 -53.92 -23.56 -0.08
N ASP F 127 -54.19 -23.11 1.13
CA ASP F 127 -53.17 -22.55 2.01
C ASP F 127 -52.82 -23.60 3.05
N THR F 128 -51.57 -24.10 3.01
CA THR F 128 -51.11 -25.15 3.90
C THR F 128 -51.03 -24.77 5.39
N LYS F 129 -51.11 -25.77 6.29
CA LYS F 129 -50.97 -25.56 7.72
C LYS F 129 -49.51 -25.16 8.03
N GLY F 130 -48.57 -25.85 7.39
CA GLY F 130 -47.16 -25.55 7.52
C GLY F 130 -46.38 -26.60 8.27
N PRO F 131 -45.05 -26.48 8.22
CA PRO F 131 -44.21 -27.40 9.00
C PRO F 131 -44.33 -27.00 10.47
N GLY F 132 -44.12 -27.92 11.41
CA GLY F 132 -44.20 -27.47 12.81
C GLY F 132 -42.82 -27.09 13.24
N SER F 133 -42.40 -27.59 14.43
CA SER F 133 -40.97 -27.45 14.75
C SER F 133 -40.26 -28.47 13.88
N GLY F 134 -41.06 -29.28 13.14
CA GLY F 134 -40.54 -30.27 12.25
C GLY F 134 -39.65 -29.61 11.22
N PRO F 135 -38.73 -30.36 10.61
CA PRO F 135 -37.91 -29.79 9.53
C PRO F 135 -38.80 -29.18 8.44
N GLY F 136 -39.09 -29.90 7.36
CA GLY F 136 -39.85 -29.35 6.26
C GLY F 136 -41.24 -29.90 6.12
N LEU F 137 -41.51 -30.62 5.01
CA LEU F 137 -42.88 -31.08 4.72
C LEU F 137 -43.49 -31.93 5.81
N SER F 138 -44.59 -31.46 6.39
CA SER F 138 -45.29 -32.18 7.44
C SER F 138 -46.13 -33.30 6.85
N GLU F 139 -46.50 -34.30 7.66
CA GLU F 139 -47.35 -35.41 7.22
C GLU F 139 -48.73 -34.86 6.85
N GLN F 140 -49.25 -33.90 7.63
CA GLN F 140 -50.54 -33.25 7.38
C GLN F 140 -50.51 -32.49 6.03
N ASP F 141 -49.41 -31.78 5.76
CA ASP F 141 -49.23 -31.05 4.50
C ASP F 141 -49.21 -32.01 3.33
N VAL F 142 -48.56 -33.19 3.45
CA VAL F 142 -48.55 -34.21 2.40
C VAL F 142 -49.98 -34.66 2.06
N ARG F 143 -50.80 -34.92 3.09
CA ARG F 143 -52.20 -35.31 2.91
C ARG F 143 -53.04 -34.19 2.29
N ASP F 144 -52.87 -32.95 2.80
CA ASP F 144 -53.60 -31.77 2.30
C ASP F 144 -53.22 -31.44 0.85
N LEU F 145 -51.94 -31.59 0.48
CA LEU F 145 -51.49 -31.35 -0.89
C LEU F 145 -52.05 -32.39 -1.84
N ARG F 146 -52.14 -33.66 -1.38
CA ARG F 146 -52.75 -34.73 -2.16
C ARG F 146 -54.24 -34.43 -2.37
N PHE F 147 -54.92 -33.93 -1.32
CA PHE F 147 -56.34 -33.52 -1.39
C PHE F 147 -56.50 -32.42 -2.46
N GLY F 148 -55.58 -31.46 -2.48
CA GLY F 148 -55.58 -30.36 -3.44
C GLY F 148 -55.56 -30.83 -4.88
N VAL F 149 -54.63 -31.74 -5.20
CA VAL F 149 -54.50 -32.34 -6.53
C VAL F 149 -55.79 -33.08 -6.90
N GLU F 150 -56.31 -33.91 -5.98
CA GLU F 150 -57.53 -34.68 -6.19
C GLU F 150 -58.76 -33.80 -6.43
N HIS F 151 -58.80 -32.64 -5.78
CA HIS F 151 -59.91 -31.72 -5.95
C HIS F 151 -59.65 -30.61 -7.01
N GLY F 152 -58.54 -30.70 -7.73
CA GLY F 152 -58.18 -29.81 -8.81
C GLY F 152 -57.97 -28.35 -8.44
N VAL F 153 -57.29 -28.08 -7.31
CA VAL F 153 -57.00 -26.70 -6.93
C VAL F 153 -56.02 -26.08 -7.94
N ASP F 154 -56.10 -24.76 -8.13
CA ASP F 154 -55.24 -24.07 -9.09
C ASP F 154 -53.93 -23.61 -8.50
N ILE F 155 -53.94 -23.26 -7.21
CA ILE F 155 -52.78 -22.65 -6.56
C ILE F 155 -52.58 -23.24 -5.17
N VAL F 156 -51.32 -23.32 -4.76
CA VAL F 156 -50.95 -23.67 -3.41
C VAL F 156 -50.21 -22.47 -2.80
N PHE F 157 -50.68 -22.00 -1.65
CA PHE F 157 -49.99 -20.97 -0.87
C PHE F 157 -49.24 -21.81 0.17
N ALA F 158 -47.95 -22.06 -0.09
CA ALA F 158 -47.11 -22.91 0.78
C ALA F 158 -46.60 -22.15 2.02
N SER F 159 -47.11 -22.50 3.22
CA SER F 159 -46.75 -21.85 4.47
C SER F 159 -45.31 -22.10 4.91
N PHE F 160 -44.71 -21.05 5.52
CA PHE F 160 -43.36 -21.06 6.09
C PHE F 160 -42.27 -21.62 5.16
N VAL F 161 -42.19 -21.11 3.91
CA VAL F 161 -41.13 -21.52 2.99
C VAL F 161 -39.86 -20.82 3.45
N ARG F 162 -38.80 -21.58 3.76
CA ARG F 162 -37.54 -21.06 4.29
C ARG F 162 -36.35 -21.22 3.35
N LYS F 163 -36.47 -22.07 2.34
CA LYS F 163 -35.40 -22.39 1.40
C LYS F 163 -35.95 -23.06 0.14
N ALA F 164 -35.13 -23.13 -0.92
CA ALA F 164 -35.52 -23.75 -2.19
C ALA F 164 -35.97 -25.22 -2.04
N SER F 165 -35.36 -25.99 -1.10
CA SER F 165 -35.74 -27.39 -0.89
C SER F 165 -37.16 -27.56 -0.35
N ASP F 166 -37.70 -26.52 0.33
CA ASP F 166 -39.07 -26.55 0.84
C ASP F 166 -40.05 -26.52 -0.34
N VAL F 167 -39.74 -25.74 -1.40
CA VAL F 167 -40.57 -25.64 -2.60
C VAL F 167 -40.54 -26.97 -3.37
N ALA F 168 -39.35 -27.58 -3.47
CA ALA F 168 -39.17 -28.88 -4.15
C ALA F 168 -40.00 -29.96 -3.45
N ALA F 169 -40.05 -29.93 -2.10
CA ALA F 169 -40.83 -30.89 -1.32
C ALA F 169 -42.33 -30.72 -1.59
N VAL F 170 -42.81 -29.47 -1.69
CA VAL F 170 -44.21 -29.17 -2.01
C VAL F 170 -44.54 -29.68 -3.43
N ARG F 171 -43.64 -29.39 -4.40
CA ARG F 171 -43.81 -29.82 -5.79
CA ARG F 171 -43.79 -29.82 -5.80
C ARG F 171 -43.85 -31.35 -5.89
N ALA F 172 -43.00 -32.06 -5.13
CA ALA F 172 -42.96 -33.52 -5.10
C ALA F 172 -44.25 -34.10 -4.51
N ALA F 173 -44.78 -33.48 -3.44
CA ALA F 173 -46.03 -33.92 -2.80
C ALA F 173 -47.27 -33.72 -3.67
N LEU F 174 -47.20 -32.79 -4.65
CA LEU F 174 -48.28 -32.59 -5.62
C LEU F 174 -48.27 -33.73 -6.70
N GLY F 175 -47.14 -34.42 -6.84
CA GLY F 175 -46.95 -35.56 -7.73
C GLY F 175 -46.99 -35.27 -9.20
N PRO F 176 -47.15 -36.33 -10.02
CA PRO F 176 -47.17 -36.15 -11.48
C PRO F 176 -48.44 -35.47 -12.00
N GLU F 177 -49.57 -35.60 -11.29
CA GLU F 177 -50.85 -35.00 -11.72
C GLU F 177 -51.03 -33.53 -11.31
N GLY F 178 -50.15 -33.00 -10.46
CA GLY F 178 -50.23 -31.63 -9.98
C GLY F 178 -49.18 -30.68 -10.52
N HIS F 179 -48.56 -31.03 -11.67
CA HIS F 179 -47.51 -30.24 -12.34
C HIS F 179 -47.97 -28.84 -12.76
N GLY F 180 -49.26 -28.71 -13.09
CA GLY F 180 -49.85 -27.45 -13.52
C GLY F 180 -50.26 -26.51 -12.41
N ILE F 181 -50.23 -26.98 -11.15
CA ILE F 181 -50.59 -26.17 -9.99
C ILE F 181 -49.50 -25.11 -9.69
N LYS F 182 -49.91 -23.85 -9.50
CA LYS F 182 -48.96 -22.78 -9.20
C LYS F 182 -48.58 -22.82 -7.72
N ILE F 183 -47.28 -22.76 -7.41
CA ILE F 183 -46.82 -22.72 -6.04
C ILE F 183 -46.40 -21.27 -5.68
N ILE F 184 -47.14 -20.67 -4.75
CA ILE F 184 -46.87 -19.33 -4.23
C ILE F 184 -46.26 -19.53 -2.86
N SER F 185 -44.95 -19.27 -2.73
CA SER F 185 -44.25 -19.46 -1.46
C SER F 185 -44.54 -18.35 -0.47
N LYS F 186 -45.00 -18.71 0.73
CA LYS F 186 -45.29 -17.72 1.76
C LYS F 186 -44.01 -17.44 2.54
N ILE F 187 -43.60 -16.16 2.60
CA ILE F 187 -42.39 -15.77 3.34
C ILE F 187 -42.90 -15.28 4.69
N GLU F 188 -42.57 -16.01 5.75
CA GLU F 188 -43.13 -15.79 7.09
C GLU F 188 -42.10 -15.63 8.21
N ASN F 189 -40.81 -15.74 7.91
CA ASN F 189 -39.79 -15.61 8.94
C ASN F 189 -38.46 -15.03 8.41
N HIS F 190 -37.48 -14.83 9.29
CA HIS F 190 -36.19 -14.26 8.94
C HIS F 190 -35.47 -15.05 7.86
N GLU F 191 -35.42 -16.40 7.99
CA GLU F 191 -34.75 -17.25 7.01
C GLU F 191 -35.35 -17.12 5.61
N GLY F 192 -36.68 -17.06 5.51
CA GLY F 192 -37.36 -16.90 4.23
C GLY F 192 -36.99 -15.58 3.56
N VAL F 193 -36.87 -14.51 4.35
CA VAL F 193 -36.47 -13.20 3.84
C VAL F 193 -35.01 -13.26 3.36
N LYS F 194 -34.12 -13.84 4.17
CA LYS F 194 -32.71 -13.94 3.83
C LYS F 194 -32.42 -14.82 2.62
N ARG F 195 -33.19 -15.90 2.46
CA ARG F 195 -33.01 -16.81 1.31
C ARG F 195 -34.05 -16.53 0.22
N PHE F 196 -34.60 -15.31 0.18
CA PHE F 196 -35.63 -14.94 -0.77
C PHE F 196 -35.30 -15.26 -2.23
N ASP F 197 -34.09 -14.88 -2.70
CA ASP F 197 -33.71 -15.07 -4.09
C ASP F 197 -33.76 -16.53 -4.54
N GLU F 198 -33.24 -17.45 -3.70
CA GLU F 198 -33.28 -18.87 -4.05
C GLU F 198 -34.71 -19.43 -4.00
N ILE F 199 -35.57 -18.88 -3.13
CA ILE F 199 -36.97 -19.28 -3.04
C ILE F 199 -37.75 -18.80 -4.26
N LEU F 200 -37.59 -17.52 -4.62
CA LEU F 200 -38.28 -16.93 -5.78
C LEU F 200 -37.93 -17.66 -7.08
N GLU F 201 -36.65 -18.02 -7.24
CA GLU F 201 -36.14 -18.70 -8.43
C GLU F 201 -36.90 -19.99 -8.75
N VAL F 202 -37.28 -20.76 -7.71
CA VAL F 202 -37.99 -22.04 -7.89
C VAL F 202 -39.52 -21.93 -7.67
N SER F 203 -40.03 -20.77 -7.27
CA SER F 203 -41.46 -20.60 -7.01
C SER F 203 -42.16 -19.95 -8.20
N ASP F 204 -43.49 -20.11 -8.29
CA ASP F 204 -44.26 -19.39 -9.30
C ASP F 204 -44.53 -17.93 -8.86
N GLY F 205 -44.50 -17.70 -7.55
CA GLY F 205 -44.73 -16.39 -6.96
C GLY F 205 -44.52 -16.42 -5.46
N ILE F 206 -44.79 -15.27 -4.82
CA ILE F 206 -44.55 -15.10 -3.39
C ILE F 206 -45.74 -14.49 -2.68
N MET F 207 -45.94 -14.86 -1.42
CA MET F 207 -46.91 -14.19 -0.57
C MET F 207 -46.14 -13.58 0.62
N VAL F 208 -46.32 -12.28 0.85
CA VAL F 208 -45.76 -11.57 1.99
C VAL F 208 -46.77 -11.84 3.12
N ALA F 209 -46.53 -12.90 3.89
CA ALA F 209 -47.41 -13.36 4.96
C ALA F 209 -47.09 -12.58 6.22
N ARG F 210 -47.66 -11.39 6.33
CA ARG F 210 -47.33 -10.41 7.37
C ARG F 210 -47.69 -10.79 8.79
N GLY F 211 -48.68 -11.66 9.00
CA GLY F 211 -49.07 -12.10 10.34
C GLY F 211 -47.93 -12.76 11.07
N ASP F 212 -47.44 -13.88 10.54
CA ASP F 212 -46.29 -14.58 11.11
C ASP F 212 -45.00 -13.75 10.95
N LEU F 213 -44.80 -13.07 9.81
CA LEU F 213 -43.59 -12.26 9.62
C LEU F 213 -43.46 -11.18 10.73
N GLY F 214 -44.57 -10.58 11.12
CA GLY F 214 -44.62 -9.55 12.16
C GLY F 214 -44.38 -10.03 13.58
N ILE F 215 -44.40 -11.36 13.79
CA ILE F 215 -44.10 -12.02 15.07
C ILE F 215 -42.69 -12.60 15.02
N GLU F 216 -42.23 -13.06 13.85
CA GLU F 216 -40.93 -13.67 13.62
C GLU F 216 -39.79 -12.65 13.56
N ILE F 217 -40.05 -11.48 12.96
CA ILE F 217 -39.07 -10.38 12.88
C ILE F 217 -39.71 -9.17 13.59
N PRO F 218 -38.93 -8.14 13.99
CA PRO F 218 -39.56 -6.97 14.65
C PRO F 218 -40.68 -6.38 13.80
N ALA F 219 -41.82 -6.06 14.43
CA ALA F 219 -43.00 -5.54 13.75
C ALA F 219 -42.68 -4.32 12.87
N GLU F 220 -41.80 -3.43 13.35
CA GLU F 220 -41.39 -2.20 12.65
C GLU F 220 -40.55 -2.46 11.40
N LYS F 221 -40.13 -3.71 11.14
CA LYS F 221 -39.31 -4.04 9.97
C LYS F 221 -40.13 -4.72 8.84
N VAL F 222 -41.41 -5.11 9.11
CA VAL F 222 -42.21 -5.81 8.11
C VAL F 222 -42.37 -5.02 6.80
N PHE F 223 -42.55 -3.67 6.89
CA PHE F 223 -42.69 -2.88 5.66
C PHE F 223 -41.44 -2.96 4.74
N LEU F 224 -40.25 -3.14 5.34
CA LEU F 224 -39.00 -3.23 4.60
C LEU F 224 -39.02 -4.56 3.84
N ALA F 225 -39.40 -5.66 4.53
CA ALA F 225 -39.48 -6.98 3.93
C ALA F 225 -40.53 -6.99 2.80
N GLN F 226 -41.70 -6.39 3.06
CA GLN F 226 -42.78 -6.29 2.09
C GLN F 226 -42.34 -5.52 0.83
N LYS F 227 -41.77 -4.31 0.99
CA LYS F 227 -41.34 -3.50 -0.16
C LYS F 227 -40.21 -4.14 -0.97
N MET F 228 -39.26 -4.80 -0.30
CA MET F 228 -38.15 -5.49 -0.93
C MET F 228 -38.67 -6.67 -1.75
N MET F 229 -39.55 -7.50 -1.18
CA MET F 229 -40.08 -8.68 -1.86
C MET F 229 -40.95 -8.33 -3.03
N ILE F 230 -41.78 -7.28 -2.91
CA ILE F 230 -42.61 -6.83 -4.02
C ILE F 230 -41.73 -6.29 -5.14
N GLY F 231 -40.73 -5.49 -4.80
CA GLY F 231 -39.77 -4.98 -5.79
C GLY F 231 -39.04 -6.09 -6.53
N ARG F 232 -38.54 -7.11 -5.80
CA ARG F 232 -37.84 -8.24 -6.42
C ARG F 232 -38.75 -9.10 -7.29
N CYS F 233 -40.03 -9.31 -6.87
CA CYS F 233 -41.00 -10.03 -7.70
C CYS F 233 -41.34 -9.26 -8.95
N ASN F 234 -41.50 -7.93 -8.85
CA ASN F 234 -41.78 -7.10 -10.01
C ASN F 234 -40.63 -7.18 -11.01
N LEU F 235 -39.39 -7.17 -10.50
CA LEU F 235 -38.20 -7.26 -11.35
C LEU F 235 -38.14 -8.64 -12.05
N ALA F 236 -38.48 -9.71 -11.32
CA ALA F 236 -38.49 -11.07 -11.84
C ALA F 236 -39.71 -11.38 -12.74
N GLY F 237 -40.74 -10.54 -12.69
CA GLY F 237 -41.97 -10.73 -13.45
C GLY F 237 -42.83 -11.86 -12.91
N LYS F 238 -42.76 -12.10 -11.59
CA LYS F 238 -43.51 -13.16 -10.91
C LYS F 238 -44.53 -12.58 -9.94
N PRO F 239 -45.73 -13.17 -9.85
CA PRO F 239 -46.77 -12.61 -8.96
C PRO F 239 -46.39 -12.52 -7.49
N VAL F 240 -46.84 -11.45 -6.84
CA VAL F 240 -46.59 -11.22 -5.43
C VAL F 240 -47.91 -10.83 -4.75
N VAL F 241 -48.20 -11.47 -3.62
CA VAL F 241 -49.41 -11.24 -2.85
C VAL F 241 -49.10 -10.51 -1.54
N CYS F 242 -49.86 -9.45 -1.24
CA CYS F 242 -49.71 -8.80 0.05
C CYS F 242 -50.84 -9.34 0.91
N ALA F 243 -50.51 -9.84 2.11
CA ALA F 243 -51.53 -10.46 2.93
C ALA F 243 -51.52 -10.06 4.38
N THR F 244 -52.69 -10.21 5.05
CA THR F 244 -52.98 -10.20 6.48
C THR F 244 -53.15 -8.86 7.14
N GLN F 245 -54.32 -8.70 7.79
CA GLN F 245 -54.79 -7.57 8.54
C GLN F 245 -54.94 -6.30 7.71
N MET F 246 -55.09 -6.43 6.38
CA MET F 246 -55.26 -5.27 5.50
C MET F 246 -56.49 -4.44 5.85
N LEU F 247 -57.63 -5.10 6.16
CA LEU F 247 -58.86 -4.40 6.56
C LEU F 247 -59.41 -5.03 7.84
N GLU F 248 -58.53 -5.40 8.76
CA GLU F 248 -58.84 -6.11 10.01
C GLU F 248 -60.09 -5.62 10.74
N SER F 249 -60.21 -4.32 11.01
CA SER F 249 -61.35 -3.78 11.75
C SER F 249 -62.72 -4.06 11.08
N MET F 250 -62.73 -4.35 9.77
CA MET F 250 -63.97 -4.68 9.06
C MET F 250 -64.55 -6.04 9.43
N ILE F 251 -63.84 -6.84 10.27
CA ILE F 251 -64.37 -8.08 10.83
C ILE F 251 -65.65 -7.75 11.64
N THR F 252 -65.65 -6.59 12.36
CA THR F 252 -66.81 -6.17 13.16
C THR F 252 -67.41 -4.83 12.75
N LYS F 253 -66.66 -3.95 12.04
CA LYS F 253 -67.15 -2.63 11.64
C LYS F 253 -67.45 -2.52 10.14
N PRO F 254 -68.50 -1.77 9.74
CA PRO F 254 -68.86 -1.68 8.31
C PRO F 254 -67.88 -0.86 7.46
N ARG F 255 -67.03 -0.04 8.11
CA ARG F 255 -66.05 0.82 7.46
C ARG F 255 -64.68 0.60 8.10
N PRO F 256 -63.60 0.65 7.30
CA PRO F 256 -62.26 0.38 7.86
C PRO F 256 -61.61 1.60 8.53
N THR F 257 -60.45 1.40 9.18
CA THR F 257 -59.72 2.54 9.76
C THR F 257 -58.95 3.29 8.64
N ARG F 258 -58.40 4.48 8.95
CA ARG F 258 -57.60 5.25 8.02
C ARG F 258 -56.28 4.56 7.69
N ALA F 259 -55.72 3.81 8.67
CA ALA F 259 -54.49 3.03 8.47
C ALA F 259 -54.73 1.84 7.53
N GLU F 260 -55.92 1.23 7.60
CA GLU F 260 -56.26 0.08 6.76
C GLU F 260 -56.46 0.47 5.28
N THR F 261 -57.17 1.60 5.00
CA THR F 261 -57.31 2.04 3.60
C THR F 261 -55.95 2.40 3.02
N SER F 262 -55.12 3.08 3.83
CA SER F 262 -53.76 3.46 3.45
C SER F 262 -52.93 2.18 3.13
N ASP F 263 -53.00 1.18 4.00
CA ASP F 263 -52.27 -0.08 3.80
C ASP F 263 -52.59 -0.75 2.45
N VAL F 264 -53.89 -0.84 2.10
CA VAL F 264 -54.35 -1.44 0.86
C VAL F 264 -53.79 -0.62 -0.32
N ALA F 265 -53.97 0.70 -0.27
CA ALA F 265 -53.49 1.59 -1.35
C ALA F 265 -51.98 1.47 -1.53
N ASN F 266 -51.24 1.43 -0.42
CA ASN F 266 -49.78 1.33 -0.46
C ASN F 266 -49.28 -0.04 -0.91
N ALA F 267 -50.04 -1.13 -0.65
CA ALA F 267 -49.65 -2.45 -1.18
C ALA F 267 -49.72 -2.41 -2.72
N VAL F 268 -50.78 -1.77 -3.27
CA VAL F 268 -50.94 -1.62 -4.72
C VAL F 268 -49.83 -0.73 -5.30
N LEU F 269 -49.59 0.43 -4.66
CA LEU F 269 -48.52 1.35 -5.10
C LEU F 269 -47.13 0.71 -5.00
N ASP F 270 -46.92 -0.19 -4.02
CA ASP F 270 -45.65 -0.91 -3.90
C ASP F 270 -45.40 -1.81 -5.12
N GLY F 271 -46.48 -2.31 -5.73
CA GLY F 271 -46.43 -3.19 -6.90
C GLY F 271 -47.04 -4.57 -6.69
N ALA F 272 -47.87 -4.76 -5.64
CA ALA F 272 -48.45 -6.09 -5.40
C ALA F 272 -49.40 -6.49 -6.52
N ASP F 273 -49.33 -7.76 -6.95
CA ASP F 273 -50.25 -8.26 -7.98
C ASP F 273 -51.60 -8.57 -7.37
N CYS F 274 -51.60 -9.11 -6.14
CA CYS F 274 -52.79 -9.49 -5.40
C CYS F 274 -52.78 -8.93 -4.00
N ILE F 275 -53.98 -8.69 -3.47
CA ILE F 275 -54.22 -8.29 -2.09
C ILE F 275 -55.17 -9.34 -1.47
N MET F 276 -55.08 -9.55 -0.18
CA MET F 276 -55.81 -10.63 0.48
C MET F 276 -56.65 -10.21 1.66
N LEU F 277 -57.71 -10.98 1.90
CA LEU F 277 -58.61 -10.83 3.03
C LEU F 277 -58.63 -12.20 3.73
N SER F 278 -58.50 -12.19 5.05
CA SER F 278 -58.44 -13.42 5.85
C SER F 278 -59.69 -13.48 6.74
N GLY F 279 -59.61 -13.05 8.00
CA GLY F 279 -60.75 -13.04 8.90
C GLY F 279 -61.87 -12.15 8.42
N GLU F 280 -61.54 -11.08 7.64
CA GLU F 280 -62.52 -10.14 7.09
C GLU F 280 -63.59 -10.86 6.26
N THR F 281 -63.19 -11.90 5.53
CA THR F 281 -64.13 -12.67 4.73
C THR F 281 -64.43 -14.05 5.33
N ALA F 282 -63.45 -14.66 6.02
CA ALA F 282 -63.65 -15.99 6.61
C ALA F 282 -64.68 -16.02 7.75
N LYS F 283 -64.62 -15.05 8.68
CA LYS F 283 -65.48 -15.06 9.86
C LYS F 283 -66.19 -13.76 10.21
N GLY F 284 -65.82 -12.68 9.54
CA GLY F 284 -66.39 -11.37 9.85
C GLY F 284 -67.84 -11.14 9.52
N ASN F 285 -68.38 -10.01 9.98
CA ASN F 285 -69.76 -9.61 9.80
C ASN F 285 -70.01 -8.88 8.46
N PHE F 286 -68.95 -8.47 7.75
CA PHE F 286 -69.07 -7.74 6.50
C PHE F 286 -68.16 -8.33 5.40
N PRO F 287 -68.24 -9.64 5.05
CA PRO F 287 -67.33 -10.19 4.02
C PRO F 287 -67.48 -9.53 2.66
N VAL F 288 -68.71 -9.26 2.21
CA VAL F 288 -68.97 -8.64 0.92
C VAL F 288 -68.47 -7.19 0.89
N GLU F 289 -68.74 -6.42 1.96
CA GLU F 289 -68.31 -5.03 2.09
C GLU F 289 -66.76 -4.92 2.13
N ALA F 290 -66.07 -5.93 2.71
CA ALA F 290 -64.60 -5.95 2.75
C ALA F 290 -64.04 -6.13 1.33
N VAL F 291 -64.68 -7.01 0.52
CA VAL F 291 -64.27 -7.23 -0.87
C VAL F 291 -64.53 -5.93 -1.66
N LYS F 292 -65.69 -5.29 -1.46
CA LYS F 292 -66.05 -4.03 -2.13
C LYS F 292 -65.06 -2.91 -1.79
N MET F 293 -64.61 -2.86 -0.54
CA MET F 293 -63.64 -1.87 -0.06
C MET F 293 -62.28 -2.08 -0.69
N GLN F 294 -61.79 -3.34 -0.76
CA GLN F 294 -60.51 -3.61 -1.43
C GLN F 294 -60.59 -3.26 -2.91
N HIS F 295 -61.73 -3.56 -3.55
CA HIS F 295 -61.96 -3.22 -4.95
C HIS F 295 -61.89 -1.68 -5.15
N ALA F 296 -62.61 -0.93 -4.33
CA ALA F 296 -62.67 0.54 -4.40
C ALA F 296 -61.29 1.18 -4.18
N ILE F 297 -60.53 0.72 -3.18
CA ILE F 297 -59.20 1.26 -2.92
C ILE F 297 -58.20 0.89 -4.04
N ALA F 298 -58.17 -0.39 -4.47
CA ALA F 298 -57.25 -0.83 -5.50
C ALA F 298 -57.41 -0.04 -6.79
N ARG F 299 -58.66 0.22 -7.22
CA ARG F 299 -58.89 1.02 -8.44
C ARG F 299 -58.31 2.42 -8.30
N GLU F 300 -58.52 3.07 -7.14
CA GLU F 300 -57.99 4.41 -6.89
C GLU F 300 -56.46 4.37 -6.92
N ALA F 301 -55.85 3.38 -6.25
CA ALA F 301 -54.40 3.26 -6.16
C ALA F 301 -53.72 2.90 -7.49
N GLU F 302 -54.35 2.07 -8.32
CA GLU F 302 -53.82 1.70 -9.63
C GLU F 302 -53.71 2.93 -10.55
N ALA F 303 -54.70 3.82 -10.50
CA ALA F 303 -54.65 5.05 -11.30
C ALA F 303 -53.53 6.00 -10.81
N ALA F 304 -53.20 5.94 -9.50
CA ALA F 304 -52.17 6.77 -8.85
C ALA F 304 -50.74 6.25 -9.05
N VAL F 305 -50.56 5.09 -9.70
CA VAL F 305 -49.22 4.55 -9.99
C VAL F 305 -48.50 5.51 -10.97
N TYR F 306 -47.24 5.83 -10.71
CA TYR F 306 -46.47 6.72 -11.60
C TYR F 306 -45.85 5.87 -12.72
N HIS F 307 -46.66 5.51 -13.73
CA HIS F 307 -46.24 4.65 -14.83
C HIS F 307 -45.01 5.16 -15.56
N ARG F 308 -44.84 6.48 -15.71
CA ARG F 308 -43.68 7.06 -16.41
C ARG F 308 -42.35 6.53 -15.83
N GLN F 309 -42.22 6.53 -14.49
CA GLN F 309 -41.01 6.04 -13.86
C GLN F 309 -41.01 4.51 -13.80
N LEU F 310 -42.16 3.90 -13.46
CA LEU F 310 -42.26 2.45 -13.34
C LEU F 310 -41.88 1.73 -14.64
N PHE F 311 -42.47 2.13 -15.76
CA PHE F 311 -42.18 1.55 -17.08
C PHE F 311 -40.71 1.72 -17.45
N GLU F 312 -40.15 2.94 -17.25
CA GLU F 312 -38.75 3.24 -17.55
C GLU F 312 -37.81 2.36 -16.72
N GLU F 313 -38.11 2.19 -15.42
CA GLU F 313 -37.27 1.38 -14.54
C GLU F 313 -37.39 -0.10 -14.84
N LEU F 314 -38.60 -0.59 -15.15
CA LEU F 314 -38.81 -2.00 -15.51
C LEU F 314 -38.08 -2.31 -16.81
N ARG F 315 -38.04 -1.37 -17.76
CA ARG F 315 -37.31 -1.55 -19.02
C ARG F 315 -35.80 -1.57 -18.78
N ARG F 316 -35.27 -0.55 -18.09
CA ARG F 316 -33.85 -0.45 -17.80
C ARG F 316 -33.31 -1.68 -17.05
N ALA F 317 -34.08 -2.22 -16.10
CA ALA F 317 -33.68 -3.37 -15.30
C ALA F 317 -33.85 -4.71 -16.01
N ALA F 318 -34.83 -4.82 -16.92
CA ALA F 318 -35.08 -6.06 -17.66
C ALA F 318 -33.97 -6.31 -18.67
N PRO F 319 -33.40 -7.53 -18.69
CA PRO F 319 -32.31 -7.80 -19.63
C PRO F 319 -32.80 -7.87 -21.07
N LEU F 320 -31.86 -7.71 -22.04
CA LEU F 320 -32.15 -7.88 -23.46
C LEU F 320 -32.66 -9.32 -23.66
N SER F 321 -33.62 -9.50 -24.56
CA SER F 321 -34.19 -10.82 -24.76
C SER F 321 -34.30 -11.16 -26.21
N ARG F 322 -34.03 -12.41 -26.54
CA ARG F 322 -34.22 -12.90 -27.89
C ARG F 322 -35.48 -13.80 -28.00
N ASP F 323 -36.30 -13.84 -26.93
CA ASP F 323 -37.55 -14.58 -26.88
C ASP F 323 -38.62 -13.72 -27.54
N PRO F 324 -39.23 -14.18 -28.65
CA PRO F 324 -40.23 -13.35 -29.34
C PRO F 324 -41.45 -12.98 -28.51
N THR F 325 -41.86 -13.80 -27.51
CA THR F 325 -42.99 -13.44 -26.66
C THR F 325 -42.64 -12.20 -25.82
N GLU F 326 -41.42 -12.17 -25.25
CA GLU F 326 -40.93 -11.06 -24.44
C GLU F 326 -40.77 -9.79 -25.30
N VAL F 327 -40.20 -9.94 -26.51
CA VAL F 327 -40.01 -8.83 -27.45
C VAL F 327 -41.36 -8.24 -27.89
N THR F 328 -42.34 -9.12 -28.21
CA THR F 328 -43.68 -8.65 -28.60
C THR F 328 -44.37 -7.94 -27.41
N ALA F 329 -44.22 -8.50 -26.19
CA ALA F 329 -44.83 -7.94 -24.98
C ALA F 329 -44.41 -6.47 -24.71
N ILE F 330 -43.11 -6.18 -24.77
CA ILE F 330 -42.63 -4.81 -24.55
C ILE F 330 -43.07 -3.86 -25.67
N GLY F 331 -43.10 -4.35 -26.91
CA GLY F 331 -43.58 -3.56 -28.03
C GLY F 331 -45.06 -3.24 -27.88
N ALA F 332 -45.86 -4.22 -27.46
CA ALA F 332 -47.29 -4.07 -27.25
C ALA F 332 -47.61 -3.07 -26.10
N VAL F 333 -46.84 -3.14 -24.99
CA VAL F 333 -47.06 -2.23 -23.85
C VAL F 333 -46.67 -0.80 -24.25
N GLU F 334 -45.56 -0.65 -24.99
CA GLU F 334 -45.11 0.65 -25.49
C GLU F 334 -46.18 1.25 -26.41
N ALA F 335 -46.72 0.43 -27.33
CA ALA F 335 -47.77 0.85 -28.27
C ALA F 335 -49.05 1.26 -27.51
N ALA F 336 -49.43 0.48 -26.48
CA ALA F 336 -50.61 0.78 -25.66
C ALA F 336 -50.49 2.16 -24.99
N PHE F 337 -49.31 2.46 -24.41
CA PHE F 337 -49.07 3.75 -23.77
C PHE F 337 -49.13 4.91 -24.79
N LYS F 338 -48.59 4.70 -26.00
CA LYS F 338 -48.55 5.72 -27.06
C LYS F 338 -49.95 6.23 -27.45
N CYS F 339 -50.95 5.34 -27.48
CA CYS F 339 -52.31 5.72 -27.89
C CYS F 339 -53.34 5.73 -26.78
N CYS F 340 -52.94 5.51 -25.51
CA CYS F 340 -53.87 5.38 -24.38
C CYS F 340 -54.86 4.22 -24.69
N ALA F 341 -54.32 3.10 -25.22
CA ALA F 341 -55.15 1.94 -25.61
C ALA F 341 -56.06 1.49 -24.47
N ALA F 342 -57.30 1.15 -24.78
CA ALA F 342 -58.23 0.70 -23.75
C ALA F 342 -57.84 -0.71 -23.26
N ALA F 343 -57.24 -1.52 -24.13
CA ALA F 343 -56.87 -2.87 -23.78
C ALA F 343 -55.79 -3.45 -24.71
N ILE F 344 -55.13 -4.52 -24.25
CA ILE F 344 -54.23 -5.34 -25.00
C ILE F 344 -54.91 -6.73 -25.01
N ILE F 345 -55.36 -7.21 -26.17
CA ILE F 345 -56.01 -8.52 -26.26
C ILE F 345 -54.95 -9.52 -26.63
N VAL F 346 -54.78 -10.56 -25.81
CA VAL F 346 -53.76 -11.57 -26.04
C VAL F 346 -54.34 -12.98 -26.08
N LEU F 347 -53.88 -13.80 -27.01
CA LEU F 347 -54.29 -15.20 -27.07
C LEU F 347 -53.22 -15.97 -26.30
N THR F 348 -53.64 -16.82 -25.36
CA THR F 348 -52.68 -17.56 -24.55
C THR F 348 -53.17 -18.96 -24.19
N THR F 349 -52.27 -19.94 -24.20
CA THR F 349 -52.61 -21.31 -23.84
C THR F 349 -52.34 -21.55 -22.34
N THR F 350 -51.14 -21.16 -21.88
CA THR F 350 -50.68 -21.35 -20.49
C THR F 350 -50.84 -20.11 -19.61
N GLY F 351 -51.06 -18.95 -20.22
CA GLY F 351 -51.11 -17.66 -19.54
C GLY F 351 -49.82 -16.87 -19.66
N ARG F 352 -48.72 -17.52 -20.11
CA ARG F 352 -47.40 -16.91 -20.20
C ARG F 352 -47.35 -15.60 -21.01
N SER F 353 -47.99 -15.54 -22.17
CA SER F 353 -47.99 -14.32 -22.99
C SER F 353 -48.65 -13.14 -22.24
N ALA F 354 -49.70 -13.43 -21.45
CA ALA F 354 -50.39 -12.43 -20.65
C ALA F 354 -49.51 -11.99 -19.46
N GLN F 355 -48.81 -12.95 -18.83
CA GLN F 355 -47.89 -12.68 -17.72
C GLN F 355 -46.75 -11.74 -18.17
N LEU F 356 -46.20 -11.96 -19.37
CA LEU F 356 -45.13 -11.14 -19.92
C LEU F 356 -45.58 -9.72 -20.26
N LEU F 357 -46.87 -9.53 -20.57
CA LEU F 357 -47.42 -8.21 -20.80
C LEU F 357 -47.59 -7.52 -19.42
N SER F 358 -48.18 -8.25 -18.44
CA SER F 358 -48.42 -7.79 -17.08
C SER F 358 -47.15 -7.27 -16.38
N ARG F 359 -46.00 -7.92 -16.66
CA ARG F 359 -44.66 -7.62 -16.14
C ARG F 359 -44.27 -6.15 -16.36
N TYR F 360 -44.73 -5.55 -17.48
CA TYR F 360 -44.41 -4.15 -17.83
C TYR F 360 -45.41 -3.13 -17.29
N ARG F 361 -46.39 -3.61 -16.52
CA ARG F 361 -47.41 -2.84 -15.87
C ARG F 361 -48.12 -1.82 -16.80
N PRO F 362 -48.78 -2.27 -17.89
CA PRO F 362 -49.51 -1.31 -18.73
C PRO F 362 -50.69 -0.73 -17.99
N ARG F 363 -51.09 0.47 -18.37
CA ARG F 363 -52.31 1.08 -17.84
C ARG F 363 -53.52 0.35 -18.52
N ALA F 364 -53.35 -0.09 -19.80
CA ALA F 364 -54.34 -0.83 -20.56
C ALA F 364 -54.60 -2.21 -19.97
N ALA F 365 -55.87 -2.60 -19.87
CA ALA F 365 -56.25 -3.92 -19.37
C ALA F 365 -55.70 -5.01 -20.31
N VAL F 366 -55.18 -6.10 -19.76
CA VAL F 366 -54.71 -7.22 -20.57
C VAL F 366 -55.84 -8.24 -20.62
N ILE F 367 -56.55 -8.31 -21.72
CA ILE F 367 -57.66 -9.25 -21.91
C ILE F 367 -57.08 -10.55 -22.48
N ALA F 368 -57.02 -11.60 -21.65
CA ALA F 368 -56.41 -12.86 -22.04
C ALA F 368 -57.45 -13.89 -22.48
N VAL F 369 -57.43 -14.25 -23.77
CA VAL F 369 -58.37 -15.22 -24.37
C VAL F 369 -57.72 -16.60 -24.36
N THR F 370 -58.34 -17.54 -23.64
CA THR F 370 -57.79 -18.87 -23.50
C THR F 370 -58.86 -19.97 -23.53
N ARG F 371 -58.51 -21.16 -24.00
CA ARG F 371 -59.37 -22.35 -23.97
C ARG F 371 -59.15 -23.14 -22.64
N SER F 372 -58.00 -22.90 -21.96
CA SER F 372 -57.66 -23.56 -20.71
C SER F 372 -58.40 -22.95 -19.53
N ALA F 373 -59.34 -23.69 -18.94
CA ALA F 373 -60.10 -23.22 -17.78
C ALA F 373 -59.17 -22.95 -16.60
N GLN F 374 -58.13 -23.80 -16.42
CA GLN F 374 -57.15 -23.65 -15.35
C GLN F 374 -56.29 -22.40 -15.56
N ALA F 375 -55.79 -22.15 -16.81
CA ALA F 375 -54.99 -20.95 -17.10
C ALA F 375 -55.82 -19.70 -16.85
N ALA F 376 -57.12 -19.73 -17.20
CA ALA F 376 -58.02 -18.61 -16.99
C ALA F 376 -58.14 -18.29 -15.50
N ARG F 377 -58.17 -19.32 -14.64
CA ARG F 377 -58.23 -19.10 -13.19
C ARG F 377 -56.88 -18.61 -12.64
N GLN F 378 -55.78 -19.23 -13.07
CA GLN F 378 -54.44 -18.92 -12.60
C GLN F 378 -53.89 -17.53 -12.99
N VAL F 379 -54.33 -16.98 -14.15
CA VAL F 379 -53.83 -15.66 -14.57
C VAL F 379 -54.32 -14.52 -13.68
N HIS F 380 -55.28 -14.77 -12.79
CA HIS F 380 -55.69 -13.80 -11.78
C HIS F 380 -54.49 -13.44 -10.85
N LEU F 381 -53.44 -14.29 -10.81
CA LEU F 381 -52.25 -14.00 -10.03
C LEU F 381 -51.47 -12.80 -10.60
N CYS F 382 -51.61 -12.49 -11.91
CA CYS F 382 -50.89 -11.43 -12.61
C CYS F 382 -51.71 -10.17 -12.70
N ARG F 383 -51.19 -9.05 -12.15
CA ARG F 383 -51.91 -7.79 -12.18
C ARG F 383 -52.36 -7.35 -13.57
N GLY F 384 -53.60 -6.92 -13.66
CA GLY F 384 -54.14 -6.38 -14.89
C GLY F 384 -54.48 -7.39 -15.97
N VAL F 385 -54.53 -8.68 -15.62
CA VAL F 385 -54.90 -9.73 -16.57
C VAL F 385 -56.36 -10.13 -16.31
N PHE F 386 -57.21 -9.94 -17.32
CA PHE F 386 -58.64 -10.22 -17.28
C PHE F 386 -58.92 -11.46 -18.16
N PRO F 387 -59.08 -12.63 -17.52
CA PRO F 387 -59.24 -13.87 -18.28
C PRO F 387 -60.61 -14.06 -18.92
N LEU F 388 -60.64 -14.51 -20.17
CA LEU F 388 -61.86 -14.83 -20.90
C LEU F 388 -61.74 -16.28 -21.34
N LEU F 389 -62.65 -17.13 -20.85
CA LEU F 389 -62.63 -18.54 -21.22
C LEU F 389 -63.39 -18.76 -22.52
N TYR F 390 -62.67 -19.19 -23.58
CA TYR F 390 -63.23 -19.46 -24.90
C TYR F 390 -63.67 -20.93 -24.95
N ARG F 391 -64.95 -21.17 -25.23
CA ARG F 391 -65.54 -22.50 -25.21
C ARG F 391 -65.80 -23.14 -26.58
N GLU F 392 -65.71 -22.38 -27.68
CA GLU F 392 -66.01 -22.90 -29.02
C GLU F 392 -65.00 -23.92 -29.56
N PRO F 393 -65.49 -24.95 -30.28
CA PRO F 393 -64.55 -25.93 -30.86
C PRO F 393 -63.69 -25.30 -31.96
N PRO F 394 -62.46 -25.82 -32.18
CA PRO F 394 -61.60 -25.20 -33.20
C PRO F 394 -62.15 -25.16 -34.61
N GLU F 395 -61.92 -24.03 -35.30
CA GLU F 395 -62.27 -23.85 -36.70
C GLU F 395 -61.33 -24.72 -37.54
N ALA F 396 -61.78 -25.11 -38.75
CA ALA F 396 -60.99 -25.96 -39.66
C ALA F 396 -59.71 -25.23 -40.07
N ILE F 397 -59.81 -23.92 -40.39
CA ILE F 397 -58.66 -23.10 -40.75
C ILE F 397 -58.16 -22.41 -39.48
N TRP F 398 -56.89 -22.67 -39.10
CA TRP F 398 -56.30 -22.09 -37.89
C TRP F 398 -56.37 -20.57 -37.81
N ALA F 399 -56.05 -19.86 -38.91
CA ALA F 399 -56.12 -18.40 -38.98
C ALA F 399 -57.53 -17.89 -38.65
N ASP F 400 -58.58 -18.63 -39.07
CA ASP F 400 -59.97 -18.28 -38.77
C ASP F 400 -60.27 -18.47 -37.28
N ASP F 401 -59.69 -19.52 -36.66
CA ASP F 401 -59.88 -19.81 -35.25
C ASP F 401 -59.25 -18.70 -34.39
N VAL F 402 -58.06 -18.21 -34.81
CA VAL F 402 -57.34 -17.12 -34.15
C VAL F 402 -58.21 -15.86 -34.24
N ASP F 403 -58.70 -15.52 -35.44
CA ASP F 403 -59.57 -14.36 -35.69
C ASP F 403 -60.85 -14.41 -34.84
N ARG F 404 -61.49 -15.58 -34.73
CA ARG F 404 -62.70 -15.74 -33.93
C ARG F 404 -62.43 -15.46 -32.45
N ARG F 405 -61.26 -15.89 -31.95
CA ARG F 405 -60.88 -15.66 -30.56
C ARG F 405 -60.60 -14.19 -30.28
N VAL F 406 -59.97 -13.48 -31.24
CA VAL F 406 -59.71 -12.04 -31.12
C VAL F 406 -61.04 -11.28 -31.08
N GLN F 407 -62.00 -11.66 -31.96
CA GLN F 407 -63.34 -11.06 -32.01
C GLN F 407 -64.13 -11.33 -30.74
N PHE F 408 -63.94 -12.52 -30.13
CA PHE F 408 -64.57 -12.89 -28.86
C PHE F 408 -64.04 -11.93 -27.77
N GLY F 409 -62.73 -11.66 -27.77
CA GLY F 409 -62.10 -10.73 -26.85
C GLY F 409 -62.68 -9.33 -26.99
N ILE F 410 -62.86 -8.86 -28.25
CA ILE F 410 -63.42 -7.54 -28.56
C ILE F 410 -64.86 -7.44 -28.10
N GLU F 411 -65.69 -8.43 -28.47
CA GLU F 411 -67.11 -8.46 -28.10
C GLU F 411 -67.32 -8.58 -26.61
N SER F 412 -66.52 -9.40 -25.90
CA SER F 412 -66.63 -9.51 -24.44
C SER F 412 -66.25 -8.17 -23.78
N GLY F 413 -65.19 -7.54 -24.27
CA GLY F 413 -64.71 -6.26 -23.76
C GLY F 413 -65.73 -5.15 -23.95
N LYS F 414 -66.44 -5.15 -25.08
CA LYS F 414 -67.48 -4.17 -25.36
C LYS F 414 -68.65 -4.35 -24.39
N LEU F 415 -69.09 -5.59 -24.20
CA LEU F 415 -70.22 -5.92 -23.34
C LEU F 415 -69.93 -5.61 -21.90
N ARG F 416 -68.69 -5.88 -21.46
CA ARG F 416 -68.24 -5.66 -20.09
C ARG F 416 -67.78 -4.21 -19.78
N GLY F 417 -67.81 -3.34 -20.77
CA GLY F 417 -67.44 -1.94 -20.56
C GLY F 417 -65.95 -1.62 -20.65
N PHE F 418 -65.11 -2.60 -20.99
CA PHE F 418 -63.67 -2.39 -21.17
C PHE F 418 -63.39 -1.60 -22.45
N LEU F 419 -64.17 -1.86 -23.51
CA LEU F 419 -64.00 -1.26 -24.82
C LEU F 419 -65.25 -0.52 -25.27
N ARG F 420 -65.02 0.63 -25.88
CA ARG F 420 -66.01 1.54 -26.43
C ARG F 420 -65.67 1.74 -27.92
N VAL F 421 -66.68 1.97 -28.79
CA VAL F 421 -66.43 2.21 -30.22
C VAL F 421 -65.54 3.46 -30.36
N GLY F 422 -64.51 3.37 -31.17
CA GLY F 422 -63.54 4.45 -31.33
C GLY F 422 -62.24 4.20 -30.59
N ASP F 423 -62.26 3.31 -29.59
CA ASP F 423 -61.07 2.97 -28.82
C ASP F 423 -60.03 2.27 -29.70
N LEU F 424 -58.77 2.35 -29.31
CA LEU F 424 -57.72 1.59 -29.97
C LEU F 424 -57.39 0.43 -29.03
N VAL F 425 -57.10 -0.72 -29.61
CA VAL F 425 -56.71 -1.92 -28.87
C VAL F 425 -55.44 -2.49 -29.53
N ILE F 426 -54.58 -3.10 -28.71
CA ILE F 426 -53.38 -3.75 -29.21
C ILE F 426 -53.70 -5.24 -29.16
N VAL F 427 -53.48 -5.97 -30.25
CA VAL F 427 -53.78 -7.39 -30.33
C VAL F 427 -52.50 -8.20 -30.44
N VAL F 428 -52.30 -9.15 -29.53
CA VAL F 428 -51.10 -9.97 -29.47
C VAL F 428 -51.43 -11.44 -29.78
N THR F 429 -50.81 -11.99 -30.84
CA THR F 429 -51.03 -13.36 -31.31
C THR F 429 -49.67 -14.01 -31.71
N GLY F 430 -49.71 -15.27 -32.18
CA GLY F 430 -48.52 -15.99 -32.62
C GLY F 430 -48.63 -16.49 -34.06
N TRP F 431 -47.52 -16.99 -34.61
CA TRP F 431 -47.43 -17.41 -36.00
C TRP F 431 -47.84 -18.88 -36.27
N ARG F 432 -47.94 -19.71 -35.22
CA ARG F 432 -48.33 -21.12 -35.36
C ARG F 432 -49.03 -21.60 -34.07
N PRO F 433 -49.81 -22.72 -34.11
CA PRO F 433 -50.50 -23.20 -32.89
C PRO F 433 -49.54 -23.69 -31.81
N GLY F 434 -50.05 -23.83 -30.60
CA GLY F 434 -49.28 -24.27 -29.44
C GLY F 434 -48.63 -23.12 -28.69
N SER F 435 -48.27 -23.35 -27.41
CA SER F 435 -47.62 -22.35 -26.56
C SER F 435 -46.21 -22.01 -27.01
N GLY F 436 -45.78 -20.77 -26.75
CA GLY F 436 -44.43 -20.33 -27.01
C GLY F 436 -44.14 -19.66 -28.33
N TYR F 437 -45.17 -19.39 -29.15
CA TYR F 437 -44.94 -18.82 -30.47
C TYR F 437 -45.51 -17.42 -30.69
N THR F 438 -45.88 -16.73 -29.59
CA THR F 438 -46.36 -15.33 -29.69
C THR F 438 -45.26 -14.47 -30.32
N ASN F 439 -45.59 -13.74 -31.38
CA ASN F 439 -44.61 -12.92 -32.08
C ASN F 439 -45.25 -11.78 -32.88
N ILE F 440 -46.57 -11.55 -32.74
CA ILE F 440 -47.28 -10.54 -33.52
C ILE F 440 -48.04 -9.55 -32.65
N MET F 441 -47.91 -8.27 -33.01
CA MET F 441 -48.62 -7.18 -32.35
CA MET F 441 -48.58 -7.15 -32.36
C MET F 441 -49.34 -6.36 -33.44
N ARG F 442 -50.64 -6.12 -33.27
CA ARG F 442 -51.45 -5.36 -34.23
C ARG F 442 -52.19 -4.23 -33.53
N VAL F 443 -52.34 -3.08 -34.21
CA VAL F 443 -53.10 -1.96 -33.66
C VAL F 443 -54.46 -1.94 -34.35
N LEU F 444 -55.55 -2.04 -33.58
CA LEU F 444 -56.89 -2.14 -34.14
C LEU F 444 -57.82 -1.08 -33.56
N SER F 445 -58.63 -0.44 -34.41
CA SER F 445 -59.62 0.52 -33.92
C SER F 445 -60.93 -0.22 -33.70
N ILE F 446 -61.63 0.09 -32.60
CA ILE F 446 -62.84 -0.65 -32.27
C ILE F 446 -64.07 -0.03 -32.90
N SER F 447 -64.90 -0.83 -33.58
CA SER F 447 -66.19 -0.37 -34.10
C SER F 447 -67.26 -1.25 -33.46
N ALA G 25 -34.52 40.56 -18.52
CA ALA G 25 -33.47 40.32 -19.50
C ALA G 25 -32.41 39.31 -18.99
N PHE G 26 -32.21 39.24 -17.66
CA PHE G 26 -31.23 38.31 -17.10
C PHE G 26 -31.50 36.86 -17.50
N PHE G 27 -32.77 36.45 -17.48
CA PHE G 27 -33.15 35.07 -17.78
C PHE G 27 -33.12 34.69 -19.24
N GLN G 28 -32.84 35.65 -20.13
CA GLN G 28 -32.79 35.36 -21.55
C GLN G 28 -31.34 35.28 -22.08
N GLN G 29 -30.34 35.77 -21.30
CA GLN G 29 -28.91 35.73 -21.63
C GLN G 29 -28.26 34.41 -21.21
N GLN G 30 -26.97 34.24 -21.56
CA GLN G 30 -26.12 33.08 -21.28
C GLN G 30 -26.84 31.72 -21.41
N GLN G 31 -27.72 31.60 -22.40
CA GLN G 31 -28.50 30.40 -22.71
C GLN G 31 -29.28 29.87 -21.53
N LEU G 32 -29.74 30.77 -20.62
CA LEU G 32 -30.50 30.35 -19.45
C LEU G 32 -31.82 29.65 -19.82
N PRO G 33 -32.59 30.03 -20.87
CA PRO G 33 -33.78 29.24 -21.23
C PRO G 33 -33.41 27.77 -21.55
N ALA G 34 -32.28 27.54 -22.28
CA ALA G 34 -31.79 26.19 -22.60
C ALA G 34 -31.28 25.47 -21.35
N ALA G 35 -30.71 26.21 -20.38
CA ALA G 35 -30.21 25.68 -19.12
C ALA G 35 -31.33 25.09 -18.25
N MET G 36 -32.53 25.68 -18.32
CA MET G 36 -33.68 25.25 -17.54
C MET G 36 -34.42 24.03 -18.10
N ALA G 37 -34.07 23.58 -19.32
CA ALA G 37 -34.71 22.45 -19.98
C ALA G 37 -34.65 21.15 -19.18
N ASP G 38 -35.67 20.31 -19.32
CA ASP G 38 -35.78 19.04 -18.60
C ASP G 38 -35.09 17.87 -19.28
N THR G 39 -34.76 17.99 -20.57
CA THR G 39 -34.03 16.95 -21.28
C THR G 39 -32.90 17.59 -22.12
N PHE G 40 -31.91 16.79 -22.51
CA PHE G 40 -30.83 17.29 -23.36
C PHE G 40 -31.39 17.72 -24.73
N LEU G 41 -32.35 16.94 -25.27
CA LEU G 41 -32.98 17.28 -26.55
C LEU G 41 -33.70 18.64 -26.48
N GLU G 42 -34.48 18.88 -25.41
CA GLU G 42 -35.17 20.17 -25.19
C GLU G 42 -34.16 21.29 -25.02
N HIS G 43 -33.02 21.00 -24.36
CA HIS G 43 -31.95 21.95 -24.15
C HIS G 43 -31.40 22.43 -25.51
N LEU G 44 -31.15 21.49 -26.43
CA LEU G 44 -30.66 21.83 -27.77
C LEU G 44 -31.69 22.71 -28.50
N CYS G 45 -32.97 22.33 -28.43
CA CYS G 45 -34.09 23.06 -29.07
C CYS G 45 -34.20 24.51 -28.59
N LEU G 46 -33.77 24.77 -27.35
CA LEU G 46 -33.87 26.11 -26.74
C LEU G 46 -32.63 26.99 -26.90
N LEU G 47 -31.56 26.46 -27.51
CA LEU G 47 -30.34 27.26 -27.75
C LEU G 47 -30.69 28.43 -28.67
N ASP G 48 -30.24 29.63 -28.32
CA ASP G 48 -30.62 30.86 -28.99
C ASP G 48 -29.41 31.68 -29.41
N ILE G 49 -29.28 31.96 -30.72
CA ILE G 49 -28.19 32.79 -31.25
C ILE G 49 -28.24 34.24 -30.73
N ASP G 50 -29.41 34.69 -30.24
CA ASP G 50 -29.58 36.03 -29.68
C ASP G 50 -29.34 36.06 -28.16
N SER G 51 -29.14 34.91 -27.50
CA SER G 51 -28.86 34.86 -26.08
C SER G 51 -27.36 35.10 -25.91
N GLU G 52 -26.99 36.31 -25.51
CA GLU G 52 -25.60 36.71 -25.42
C GLU G 52 -24.84 36.14 -24.22
N PRO G 53 -23.59 35.68 -24.43
CA PRO G 53 -22.81 35.17 -23.29
C PRO G 53 -22.45 36.35 -22.39
N VAL G 54 -22.57 36.15 -21.09
CA VAL G 54 -22.24 37.23 -20.15
C VAL G 54 -21.05 36.83 -19.27
N ALA G 55 -20.96 35.54 -18.89
CA ALA G 55 -19.87 35.03 -18.09
C ALA G 55 -18.54 35.16 -18.83
N ALA G 56 -17.45 35.30 -18.07
CA ALA G 56 -16.13 35.38 -18.66
C ALA G 56 -15.78 34.01 -19.26
N ARG G 57 -14.95 34.01 -20.32
CA ARG G 57 -14.56 32.79 -21.02
C ARG G 57 -13.75 31.89 -20.09
N SER G 58 -14.22 30.66 -19.87
CA SER G 58 -13.66 29.73 -18.89
C SER G 58 -12.63 28.71 -19.43
N THR G 59 -12.66 28.40 -20.72
CA THR G 59 -11.74 27.42 -21.32
C THR G 59 -10.46 28.14 -21.66
N SER G 60 -9.32 27.76 -21.04
CA SER G 60 -8.07 28.45 -21.28
C SER G 60 -7.55 28.21 -22.69
N ILE G 61 -6.84 29.20 -23.22
CA ILE G 61 -6.29 29.11 -24.57
C ILE G 61 -4.80 28.96 -24.46
N ILE G 62 -4.26 27.90 -25.07
CA ILE G 62 -2.83 27.69 -25.10
C ILE G 62 -2.39 28.14 -26.49
N ALA G 63 -1.44 29.08 -26.57
CA ALA G 63 -0.94 29.54 -27.87
C ALA G 63 0.52 29.17 -27.99
N THR G 64 0.89 28.57 -29.14
CA THR G 64 2.28 28.18 -29.35
C THR G 64 3.08 29.40 -29.82
N ILE G 65 4.23 29.62 -29.17
CA ILE G 65 5.09 30.76 -29.46
C ILE G 65 6.15 30.38 -30.51
N GLY G 66 6.20 31.17 -31.57
CA GLY G 66 7.15 30.93 -32.65
C GLY G 66 7.47 32.22 -33.39
N PRO G 67 8.03 32.13 -34.62
CA PRO G 67 8.36 33.36 -35.36
C PRO G 67 7.22 34.36 -35.55
N ALA G 68 5.98 33.88 -35.69
CA ALA G 68 4.82 34.76 -35.88
C ALA G 68 4.34 35.47 -34.59
N SER G 69 4.75 34.97 -33.42
CA SER G 69 4.23 35.44 -32.14
C SER G 69 5.27 35.65 -31.05
N ARG G 70 6.50 35.93 -31.42
CA ARG G 70 7.61 36.03 -30.49
C ARG G 70 7.94 37.43 -29.97
N SER G 71 7.62 38.47 -30.73
CA SER G 71 7.96 39.83 -30.29
C SER G 71 7.12 40.25 -29.08
N VAL G 72 7.72 41.11 -28.24
CA VAL G 72 7.08 41.64 -27.04
C VAL G 72 5.76 42.36 -27.41
N GLU G 73 5.76 43.16 -28.49
CA GLU G 73 4.56 43.86 -28.91
C GLU G 73 3.43 42.92 -29.38
N ARG G 74 3.79 41.87 -30.14
CA ARG G 74 2.82 40.86 -30.60
C ARG G 74 2.29 40.08 -29.37
N LEU G 75 3.15 39.71 -28.44
CA LEU G 75 2.76 38.97 -27.23
C LEU G 75 1.79 39.78 -26.35
N LYS G 76 1.95 41.12 -26.29
CA LYS G 76 1.04 42.00 -25.55
C LYS G 76 -0.36 41.91 -26.16
N GLU G 77 -0.45 41.90 -27.50
CA GLU G 77 -1.72 41.76 -28.21
C GLU G 77 -2.33 40.37 -27.99
N MET G 78 -1.48 39.33 -27.94
CA MET G 78 -1.95 37.97 -27.72
CA MET G 78 -1.96 37.97 -27.71
C MET G 78 -2.52 37.79 -26.31
N ILE G 79 -1.89 38.45 -25.29
CA ILE G 79 -2.37 38.41 -23.90
C ILE G 79 -3.74 39.11 -23.85
N LYS G 80 -3.85 40.27 -24.50
CA LYS G 80 -5.11 41.02 -24.56
C LYS G 80 -6.21 40.24 -25.27
N ALA G 81 -5.84 39.44 -26.30
CA ALA G 81 -6.77 38.62 -27.09
C ALA G 81 -7.32 37.41 -26.27
N GLY G 82 -6.57 36.96 -25.27
CA GLY G 82 -7.04 35.89 -24.41
C GLY G 82 -6.08 34.73 -24.19
N MET G 83 -4.83 34.84 -24.68
CA MET G 83 -3.84 33.77 -24.44
C MET G 83 -3.56 33.62 -22.93
N ASN G 84 -3.72 32.40 -22.41
CA ASN G 84 -3.50 32.13 -20.99
C ASN G 84 -2.21 31.31 -20.74
N ILE G 85 -1.85 30.48 -21.71
CA ILE G 85 -0.65 29.62 -21.58
C ILE G 85 0.17 29.76 -22.86
N ALA G 86 1.47 30.03 -22.74
CA ALA G 86 2.39 30.16 -23.87
C ALA G 86 3.10 28.79 -24.00
N ARG G 87 2.93 28.13 -25.11
CA ARG G 87 3.56 26.83 -25.35
C ARG G 87 4.85 27.01 -26.14
N LEU G 88 5.94 26.40 -25.66
CA LEU G 88 7.22 26.41 -26.36
C LEU G 88 7.42 24.98 -26.89
N ASN G 89 7.47 24.85 -28.21
CA ASN G 89 7.60 23.55 -28.85
C ASN G 89 9.08 23.21 -29.05
N PHE G 90 9.63 22.36 -28.16
CA PHE G 90 11.03 21.99 -28.20
C PHE G 90 11.39 20.99 -29.33
N SER G 91 10.43 20.68 -30.22
CA SER G 91 10.73 19.90 -31.43
C SER G 91 11.55 20.79 -32.42
N HIS G 92 11.51 22.12 -32.27
CA HIS G 92 12.21 23.07 -33.12
C HIS G 92 12.90 24.12 -32.27
N GLY G 93 13.98 24.71 -32.78
CA GLY G 93 14.67 25.79 -32.10
C GLY G 93 15.62 25.39 -31.01
N SER G 94 16.64 26.21 -30.76
CA SER G 94 17.64 25.95 -29.74
C SER G 94 17.19 26.44 -28.34
N HIS G 95 17.99 26.13 -27.31
CA HIS G 95 17.75 26.59 -25.94
C HIS G 95 17.85 28.13 -25.90
N GLU G 96 18.79 28.72 -26.67
CA GLU G 96 18.92 30.17 -26.74
C GLU G 96 17.64 30.79 -27.34
N TYR G 97 17.09 30.19 -28.41
CA TYR G 97 15.87 30.67 -29.07
C TYR G 97 14.69 30.64 -28.06
N HIS G 98 14.48 29.50 -27.39
CA HIS G 98 13.40 29.38 -26.41
C HIS G 98 13.59 30.24 -25.17
N ALA G 99 14.84 30.46 -24.72
CA ALA G 99 15.08 31.36 -23.58
C ALA G 99 14.67 32.79 -23.94
N GLU G 100 14.89 33.21 -25.22
CA GLU G 100 14.50 34.53 -25.67
C GLU G 100 12.98 34.62 -25.77
N SER G 101 12.32 33.55 -26.22
CA SER G 101 10.85 33.51 -26.28
C SER G 101 10.26 33.67 -24.87
N ILE G 102 10.84 32.96 -23.87
CA ILE G 102 10.42 33.02 -22.46
C ILE G 102 10.57 34.44 -21.92
N ALA G 103 11.75 35.07 -22.16
CA ALA G 103 12.03 36.43 -21.72
C ALA G 103 11.05 37.43 -22.33
N ASN G 104 10.72 37.27 -23.63
CA ASN G 104 9.75 38.12 -24.29
C ASN G 104 8.34 37.94 -23.73
N VAL G 105 7.93 36.68 -23.46
CA VAL G 105 6.63 36.40 -22.84
C VAL G 105 6.55 37.09 -21.48
N ARG G 106 7.57 36.90 -20.63
CA ARG G 106 7.63 37.51 -19.30
C ARG G 106 7.63 39.04 -19.36
N GLU G 107 8.34 39.63 -20.33
CA GLU G 107 8.33 41.08 -20.47
C GLU G 107 6.92 41.58 -20.85
N ALA G 108 6.26 40.91 -21.80
CA ALA G 108 4.91 41.30 -22.21
C ALA G 108 3.92 41.12 -21.05
N VAL G 109 4.01 40.00 -20.31
CA VAL G 109 3.11 39.73 -19.18
C VAL G 109 3.30 40.78 -18.07
N GLU G 110 4.56 41.04 -17.70
CA GLU G 110 4.86 41.99 -16.63
C GLU G 110 4.60 43.46 -16.98
N SER G 111 4.42 43.77 -18.28
CA SER G 111 4.09 45.14 -18.71
C SER G 111 2.69 45.60 -18.21
N PHE G 112 1.83 44.64 -17.78
CA PHE G 112 0.49 44.90 -17.26
C PHE G 112 0.43 44.88 -15.71
N ALA G 113 1.56 44.54 -15.03
CA ALA G 113 1.65 44.43 -13.57
C ALA G 113 1.41 45.76 -12.81
N GLY G 114 1.47 46.89 -13.51
CA GLY G 114 1.23 48.20 -12.94
C GLY G 114 -0.21 48.44 -12.51
N SER G 115 -1.15 47.64 -13.05
CA SER G 115 -2.56 47.66 -12.69
C SER G 115 -2.89 46.28 -12.08
N PRO G 116 -2.68 46.10 -10.76
CA PRO G 116 -2.87 44.76 -10.15
C PRO G 116 -4.29 44.21 -10.21
N LEU G 117 -5.31 45.08 -10.30
CA LEU G 117 -6.69 44.60 -10.38
C LEU G 117 -7.07 44.00 -11.74
N SER G 118 -6.25 44.24 -12.79
CA SER G 118 -6.54 43.65 -14.09
C SER G 118 -5.39 42.77 -14.61
N TYR G 119 -4.27 42.63 -13.87
CA TYR G 119 -3.12 41.81 -14.26
C TYR G 119 -3.55 40.38 -14.54
N ARG G 120 -3.15 39.86 -15.70
CA ARG G 120 -3.50 38.50 -16.08
C ARG G 120 -2.24 37.63 -16.06
N PRO G 121 -2.13 36.65 -15.13
CA PRO G 121 -0.97 35.74 -15.17
C PRO G 121 -0.98 34.91 -16.46
N VAL G 122 0.20 34.53 -16.99
CA VAL G 122 0.30 33.70 -18.20
C VAL G 122 1.28 32.58 -17.91
N ALA G 123 0.84 31.34 -18.07
CA ALA G 123 1.70 30.18 -17.80
C ALA G 123 2.67 29.95 -18.95
N ILE G 124 3.80 29.30 -18.65
CA ILE G 124 4.77 28.92 -19.70
C ILE G 124 4.87 27.41 -19.66
N ALA G 125 4.55 26.78 -20.80
CA ALA G 125 4.54 25.33 -20.98
C ALA G 125 5.62 24.89 -21.93
N LEU G 126 6.36 23.85 -21.57
CA LEU G 126 7.42 23.30 -22.42
C LEU G 126 6.88 22.00 -23.04
N ASP G 127 6.82 21.95 -24.36
CA ASP G 127 6.34 20.77 -25.08
C ASP G 127 7.57 20.01 -25.60
N THR G 128 7.81 18.82 -25.08
CA THR G 128 9.01 18.04 -25.41
C THR G 128 9.05 17.49 -26.84
N LYS G 129 10.27 17.25 -27.35
CA LYS G 129 10.44 16.67 -28.69
C LYS G 129 9.89 15.25 -28.71
N GLY G 130 10.19 14.46 -27.69
CA GLY G 130 9.67 13.11 -27.59
C GLY G 130 10.69 12.01 -27.75
N PRO G 131 10.22 10.76 -27.60
CA PRO G 131 11.13 9.60 -27.65
C PRO G 131 11.65 9.24 -29.04
N GLY G 134 12.81 5.58 -30.58
CA GLY G 134 13.48 5.48 -29.29
C GLY G 134 12.59 4.92 -28.19
N PRO G 135 13.22 4.22 -27.21
CA PRO G 135 12.46 3.59 -26.10
C PRO G 135 12.07 4.50 -24.92
N GLY G 136 13.03 4.81 -24.05
CA GLY G 136 12.75 5.61 -22.87
C GLY G 136 12.82 7.08 -23.16
N LEU G 137 12.97 7.89 -22.10
CA LEU G 137 13.13 9.33 -22.20
C LEU G 137 14.41 9.59 -23.02
N SER G 138 14.31 10.36 -24.10
CA SER G 138 15.44 10.65 -24.97
C SER G 138 16.45 11.57 -24.27
N GLU G 139 17.71 11.54 -24.73
CA GLU G 139 18.75 12.40 -24.17
C GLU G 139 18.40 13.88 -24.33
N GLN G 140 17.82 14.24 -25.49
CA GLN G 140 17.43 15.63 -25.75
C GLN G 140 16.32 16.05 -24.78
N ASP G 141 15.34 15.16 -24.51
CA ASP G 141 14.27 15.46 -23.54
C ASP G 141 14.82 15.71 -22.15
N VAL G 142 15.84 14.94 -21.71
CA VAL G 142 16.44 15.16 -20.39
C VAL G 142 17.06 16.58 -20.34
N ARG G 143 17.78 16.98 -21.40
CA ARG G 143 18.38 18.32 -21.46
C ARG G 143 17.32 19.42 -21.51
N ASP G 144 16.24 19.21 -22.29
CA ASP G 144 15.17 20.20 -22.42
C ASP G 144 14.36 20.33 -21.13
N LEU G 145 14.12 19.22 -20.44
CA LEU G 145 13.39 19.25 -19.16
C LEU G 145 14.25 20.01 -18.12
N ARG G 146 15.60 19.82 -18.14
CA ARG G 146 16.51 20.53 -17.24
C ARG G 146 16.44 22.04 -17.55
N PHE G 147 16.40 22.41 -18.85
CA PHE G 147 16.27 23.79 -19.29
C PHE G 147 14.95 24.38 -18.71
N GLY G 148 13.85 23.62 -18.82
CA GLY G 148 12.55 24.02 -18.27
C GLY G 148 12.60 24.31 -16.79
N VAL G 149 13.23 23.41 -16.02
CA VAL G 149 13.42 23.62 -14.58
C VAL G 149 14.25 24.90 -14.32
N GLU G 150 15.38 25.08 -15.03
CA GLU G 150 16.25 26.24 -14.86
C GLU G 150 15.58 27.55 -15.20
N HIS G 151 14.67 27.53 -16.18
CA HIS G 151 13.95 28.72 -16.62
C HIS G 151 12.57 28.90 -15.97
N GLY G 152 12.25 28.06 -14.99
CA GLY G 152 11.03 28.19 -14.19
C GLY G 152 9.75 28.00 -14.95
N VAL G 153 9.70 27.04 -15.89
CA VAL G 153 8.46 26.78 -16.63
C VAL G 153 7.42 26.20 -15.64
N ASP G 154 6.15 26.42 -15.93
CA ASP G 154 5.07 25.96 -15.06
C ASP G 154 4.56 24.58 -15.38
N ILE G 155 4.57 24.22 -16.66
CA ILE G 155 3.96 23.00 -17.17
C ILE G 155 4.86 22.32 -18.19
N VAL G 156 4.78 21.00 -18.24
CA VAL G 156 5.43 20.19 -19.26
C VAL G 156 4.34 19.43 -20.02
N PHE G 157 4.31 19.57 -21.35
CA PHE G 157 3.45 18.77 -22.21
C PHE G 157 4.40 17.65 -22.70
N ALA G 158 4.31 16.46 -22.09
CA ALA G 158 5.22 15.34 -22.39
C ALA G 158 4.76 14.56 -23.62
N SER G 159 5.54 14.65 -24.71
CA SER G 159 5.19 14.02 -25.98
C SER G 159 5.23 12.50 -25.96
N PHE G 160 4.31 11.85 -26.69
CA PHE G 160 4.24 10.41 -26.88
C PHE G 160 4.33 9.60 -25.59
N VAL G 161 3.48 9.94 -24.61
CA VAL G 161 3.42 9.16 -23.37
C VAL G 161 2.63 7.88 -23.74
N ARG G 162 3.24 6.71 -23.51
CA ARG G 162 2.65 5.42 -23.85
C ARG G 162 2.27 4.54 -22.66
N LYS G 163 2.84 4.83 -21.48
CA LYS G 163 2.64 4.03 -20.27
C LYS G 163 3.04 4.87 -19.04
N ALA G 164 2.66 4.39 -17.84
CA ALA G 164 2.96 5.06 -16.57
C ALA G 164 4.44 5.30 -16.35
N SER G 165 5.31 4.34 -16.78
CA SER G 165 6.76 4.51 -16.59
C SER G 165 7.33 5.69 -17.38
N ASP G 166 6.67 6.08 -18.49
CA ASP G 166 7.09 7.26 -19.28
C ASP G 166 6.90 8.54 -18.43
N VAL G 167 5.77 8.62 -17.68
CA VAL G 167 5.50 9.78 -16.80
C VAL G 167 6.49 9.82 -15.65
N ALA G 168 6.80 8.64 -15.05
CA ALA G 168 7.77 8.53 -13.95
C ALA G 168 9.16 9.02 -14.41
N ALA G 169 9.55 8.71 -15.66
CA ALA G 169 10.82 9.16 -16.21
C ALA G 169 10.84 10.69 -16.35
N VAL G 170 9.73 11.27 -16.85
CA VAL G 170 9.61 12.73 -16.94
C VAL G 170 9.70 13.37 -15.53
N ARG G 171 8.97 12.81 -14.54
CA ARG G 171 8.96 13.27 -13.14
C ARG G 171 10.37 13.29 -12.57
N ALA G 172 11.08 12.15 -12.74
CA ALA G 172 12.45 11.97 -12.25
C ALA G 172 13.39 13.00 -12.85
N ALA G 173 13.22 13.31 -14.16
CA ALA G 173 14.05 14.30 -14.86
C ALA G 173 13.78 15.77 -14.47
N LEU G 174 12.68 16.03 -13.72
CA LEU G 174 12.42 17.40 -13.28
C LEU G 174 13.29 17.77 -12.04
N GLY G 175 14.43 17.05 -11.89
CA GLY G 175 15.54 17.22 -10.95
C GLY G 175 15.10 17.50 -9.55
N PRO G 176 15.96 18.15 -8.73
CA PRO G 176 15.51 18.44 -7.36
C PRO G 176 14.63 19.68 -7.22
N GLU G 177 14.75 20.67 -8.15
CA GLU G 177 13.98 21.89 -7.99
C GLU G 177 12.66 22.01 -8.83
N GLY G 178 12.27 20.98 -9.59
CA GLY G 178 11.07 21.07 -10.42
C GLY G 178 9.90 20.15 -10.13
N HIS G 179 9.77 19.65 -8.87
CA HIS G 179 8.67 18.76 -8.52
C HIS G 179 7.28 19.44 -8.54
N GLY G 180 7.24 20.77 -8.47
CA GLY G 180 6.02 21.55 -8.55
C GLY G 180 5.52 21.79 -9.97
N ILE G 181 6.33 21.42 -10.98
CA ILE G 181 5.91 21.57 -12.39
C ILE G 181 4.83 20.55 -12.75
N LYS G 182 3.75 21.02 -13.41
CA LYS G 182 2.66 20.13 -13.78
C LYS G 182 3.03 19.31 -15.03
N ILE G 183 2.80 18.01 -14.99
CA ILE G 183 3.04 17.13 -16.14
C ILE G 183 1.73 16.77 -16.82
N ILE G 184 1.57 17.26 -18.04
CA ILE G 184 0.41 16.97 -18.86
C ILE G 184 0.89 15.95 -19.89
N SER G 185 0.41 14.72 -19.79
CA SER G 185 0.81 13.66 -20.70
C SER G 185 0.09 13.76 -22.05
N LYS G 186 0.87 13.78 -23.14
CA LYS G 186 0.28 13.84 -24.47
C LYS G 186 0.00 12.43 -24.96
N ILE G 187 -1.28 12.12 -25.30
CA ILE G 187 -1.68 10.82 -25.82
C ILE G 187 -1.68 10.95 -27.35
N GLU G 188 -0.74 10.26 -28.01
CA GLU G 188 -0.49 10.43 -29.44
C GLU G 188 -0.54 9.15 -30.27
N ASN G 189 -0.75 7.98 -29.64
CA ASN G 189 -0.78 6.73 -30.39
C ASN G 189 -1.73 5.71 -29.76
N HIS G 190 -1.88 4.54 -30.42
CA HIS G 190 -2.76 3.48 -29.92
C HIS G 190 -2.43 3.00 -28.51
N GLU G 191 -1.13 2.79 -28.20
CA GLU G 191 -0.73 2.34 -26.87
C GLU G 191 -1.12 3.34 -25.77
N GLY G 192 -0.91 4.63 -26.03
CA GLY G 192 -1.28 5.69 -25.10
C GLY G 192 -2.77 5.68 -24.80
N VAL G 193 -3.61 5.44 -25.83
CA VAL G 193 -5.06 5.35 -25.68
C VAL G 193 -5.44 4.11 -24.86
N LYS G 194 -4.83 2.95 -25.18
CA LYS G 194 -5.12 1.69 -24.48
C LYS G 194 -4.64 1.67 -23.03
N ARG G 195 -3.52 2.32 -22.75
CA ARG G 195 -2.99 2.42 -21.38
C ARG G 195 -3.36 3.75 -20.71
N PHE G 196 -4.42 4.40 -21.19
CA PHE G 196 -4.86 5.71 -20.70
C PHE G 196 -5.05 5.78 -19.19
N ASP G 197 -5.79 4.83 -18.59
CA ASP G 197 -6.06 4.84 -17.16
C ASP G 197 -4.80 4.89 -16.31
N GLU G 198 -3.81 4.04 -16.63
CA GLU G 198 -2.56 4.03 -15.87
C GLU G 198 -1.75 5.32 -16.05
N ILE G 199 -1.83 5.93 -17.25
CA ILE G 199 -1.16 7.19 -17.55
C ILE G 199 -1.83 8.34 -16.75
N LEU G 200 -3.16 8.45 -16.81
CA LEU G 200 -3.90 9.50 -16.12
C LEU G 200 -3.65 9.46 -14.61
N GLU G 201 -3.59 8.26 -14.02
CA GLU G 201 -3.39 8.07 -12.58
C GLU G 201 -2.13 8.77 -12.07
N VAL G 202 -1.03 8.71 -12.86
CA VAL G 202 0.24 9.29 -12.47
C VAL G 202 0.53 10.67 -13.10
N SER G 203 -0.35 11.18 -13.95
CA SER G 203 -0.14 12.48 -14.58
C SER G 203 -0.97 13.57 -13.89
N ASP G 204 -0.60 14.83 -14.07
CA ASP G 204 -1.42 15.96 -13.59
C ASP G 204 -2.60 16.22 -14.51
N GLY G 205 -2.46 15.81 -15.78
CA GLY G 205 -3.51 15.96 -16.77
C GLY G 205 -3.11 15.35 -18.10
N ILE G 206 -3.93 15.58 -19.12
CA ILE G 206 -3.74 14.96 -20.44
C ILE G 206 -3.90 15.95 -21.55
N MET G 207 -3.22 15.68 -22.67
CA MET G 207 -3.43 16.42 -23.91
C MET G 207 -3.83 15.41 -24.96
N VAL G 208 -4.94 15.67 -25.68
CA VAL G 208 -5.38 14.84 -26.80
C VAL G 208 -4.62 15.44 -27.99
N ALA G 209 -3.48 14.83 -28.31
CA ALA G 209 -2.57 15.32 -29.34
C ALA G 209 -3.01 14.75 -30.69
N ARG G 210 -4.01 15.40 -31.30
CA ARG G 210 -4.69 14.87 -32.46
C ARG G 210 -3.88 14.75 -33.74
N GLY G 211 -2.78 15.51 -33.87
CA GLY G 211 -1.93 15.47 -35.06
C GLY G 211 -1.34 14.08 -35.24
N ASP G 212 -0.50 13.64 -34.27
CA ASP G 212 0.05 12.29 -34.30
C ASP G 212 -1.02 11.24 -34.11
N LEU G 213 -2.02 11.48 -33.24
CA LEU G 213 -3.08 10.49 -33.02
C LEU G 213 -3.81 10.13 -34.33
N GLY G 214 -4.09 11.14 -35.16
CA GLY G 214 -4.74 11.00 -36.45
C GLY G 214 -3.94 10.31 -37.54
N ILE G 215 -2.64 10.11 -37.32
CA ILE G 215 -1.72 9.39 -38.21
C ILE G 215 -1.45 7.97 -37.63
N GLU G 216 -1.44 7.83 -36.29
CA GLU G 216 -1.19 6.59 -35.56
C GLU G 216 -2.39 5.65 -35.52
N ILE G 217 -3.60 6.22 -35.49
CA ILE G 217 -4.85 5.45 -35.52
C ILE G 217 -5.69 5.96 -36.71
N PRO G 218 -6.69 5.21 -37.21
CA PRO G 218 -7.49 5.74 -38.34
C PRO G 218 -8.08 7.12 -38.03
N ALA G 219 -7.99 8.06 -38.98
CA ALA G 219 -8.45 9.43 -38.82
C ALA G 219 -9.89 9.53 -38.32
N GLU G 220 -10.76 8.63 -38.81
CA GLU G 220 -12.18 8.56 -38.41
C GLU G 220 -12.42 8.07 -36.97
N LYS G 221 -11.38 7.63 -36.26
CA LYS G 221 -11.53 7.18 -34.88
C LYS G 221 -11.03 8.22 -33.84
N VAL G 222 -10.33 9.30 -34.29
CA VAL G 222 -9.79 10.29 -33.36
C VAL G 222 -10.87 10.91 -32.46
N PHE G 223 -12.06 11.20 -32.99
CA PHE G 223 -13.14 11.79 -32.18
C PHE G 223 -13.57 10.89 -31.00
N LEU G 224 -13.46 9.56 -31.18
CA LEU G 224 -13.80 8.60 -30.14
C LEU G 224 -12.74 8.68 -29.05
N ALA G 225 -11.45 8.74 -29.44
CA ALA G 225 -10.36 8.83 -28.47
C ALA G 225 -10.47 10.17 -27.71
N GLN G 226 -10.76 11.25 -28.42
CA GLN G 226 -10.90 12.58 -27.81
C GLN G 226 -12.05 12.60 -26.77
N LYS G 227 -13.23 12.17 -27.18
CA LYS G 227 -14.41 12.16 -26.28
C LYS G 227 -14.22 11.26 -25.06
N MET G 228 -13.59 10.10 -25.24
CA MET G 228 -13.31 9.17 -24.15
C MET G 228 -12.31 9.79 -23.16
N MET G 229 -11.21 10.37 -23.65
CA MET G 229 -10.19 10.96 -22.78
C MET G 229 -10.70 12.17 -22.02
N ILE G 230 -11.48 13.02 -22.68
CA ILE G 230 -12.06 14.18 -22.02
C ILE G 230 -13.04 13.71 -20.94
N GLY G 231 -13.90 12.75 -21.27
CA GLY G 231 -14.84 12.18 -20.29
C GLY G 231 -14.15 11.59 -19.08
N ARG G 232 -13.06 10.82 -19.30
CA ARG G 232 -12.32 10.20 -18.19
C ARG G 232 -11.58 11.24 -17.34
N CYS G 233 -11.05 12.28 -17.97
CA CYS G 233 -10.37 13.35 -17.24
C CYS G 233 -11.37 14.15 -16.41
N ASN G 234 -12.57 14.38 -16.95
CA ASN G 234 -13.63 15.09 -16.22
C ASN G 234 -14.03 14.28 -14.98
N LEU G 235 -14.11 12.96 -15.12
CA LEU G 235 -14.44 12.08 -14.02
C LEU G 235 -13.38 12.10 -12.95
N ALA G 236 -12.11 12.12 -13.36
CA ALA G 236 -10.97 12.16 -12.45
C ALA G 236 -10.72 13.56 -11.84
N GLY G 237 -11.32 14.60 -12.41
CA GLY G 237 -11.11 15.97 -11.97
C GLY G 237 -9.71 16.47 -12.31
N LYS G 238 -9.17 15.99 -13.46
CA LYS G 238 -7.83 16.38 -13.92
C LYS G 238 -7.92 17.11 -15.25
N PRO G 239 -7.14 18.17 -15.44
CA PRO G 239 -7.23 18.94 -16.69
C PRO G 239 -6.99 18.13 -17.96
N VAL G 240 -7.74 18.45 -19.01
CA VAL G 240 -7.60 17.84 -20.31
C VAL G 240 -7.54 18.94 -21.38
N VAL G 241 -6.58 18.82 -22.29
CA VAL G 241 -6.36 19.80 -23.36
C VAL G 241 -6.76 19.18 -24.69
N CYS G 242 -7.55 19.91 -25.51
CA CYS G 242 -7.81 19.47 -26.87
C CYS G 242 -6.84 20.22 -27.76
N ALA G 243 -6.10 19.50 -28.63
CA ALA G 243 -5.07 20.13 -29.41
C ALA G 243 -5.05 19.72 -30.87
N THR G 244 -4.47 20.61 -31.71
CA THR G 244 -4.02 20.42 -33.09
C THR G 244 -5.08 20.54 -34.16
N GLN G 245 -4.80 21.42 -35.14
CA GLN G 245 -5.61 21.70 -36.32
C GLN G 245 -7.01 22.25 -35.99
N MET G 246 -7.19 22.82 -34.78
CA MET G 246 -8.50 23.38 -34.40
C MET G 246 -8.95 24.51 -35.34
N LEU G 247 -8.01 25.37 -35.72
CA LEU G 247 -8.29 26.51 -36.63
C LEU G 247 -7.22 26.50 -37.75
N GLU G 248 -6.86 25.31 -38.24
CA GLU G 248 -5.78 25.08 -39.21
C GLU G 248 -5.75 26.05 -40.39
N SER G 249 -6.89 26.28 -41.05
CA SER G 249 -6.95 27.18 -42.20
C SER G 249 -6.47 28.60 -41.88
N MET G 250 -6.56 29.01 -40.58
CA MET G 250 -6.12 30.35 -40.16
C MET G 250 -4.60 30.54 -40.17
N ILE G 251 -3.83 29.49 -40.52
CA ILE G 251 -2.39 29.67 -40.71
C ILE G 251 -2.18 30.65 -41.92
N THR G 252 -3.03 30.53 -42.95
CA THR G 252 -2.94 31.39 -44.13
C THR G 252 -4.18 32.29 -44.34
N LYS G 253 -5.33 31.96 -43.75
CA LYS G 253 -6.56 32.75 -43.94
C LYS G 253 -7.01 33.53 -42.69
N PRO G 254 -7.56 34.75 -42.87
CA PRO G 254 -7.96 35.56 -41.70
C PRO G 254 -9.24 35.11 -40.96
N ARG G 255 -10.00 34.19 -41.58
CA ARG G 255 -11.24 33.62 -41.02
C ARG G 255 -11.16 32.09 -41.08
N PRO G 256 -11.75 31.37 -40.11
CA PRO G 256 -11.70 29.91 -40.15
C PRO G 256 -12.85 29.29 -40.97
N THR G 257 -12.78 27.98 -41.21
CA THR G 257 -13.86 27.28 -41.91
C THR G 257 -15.02 26.95 -40.92
N ARG G 258 -16.17 26.50 -41.44
CA ARG G 258 -17.31 26.12 -40.62
C ARG G 258 -17.00 24.89 -39.77
N ALA G 259 -16.16 23.95 -40.29
CA ALA G 259 -15.76 22.76 -39.53
C ALA G 259 -14.85 23.15 -38.35
N GLU G 260 -14.00 24.16 -38.54
CA GLU G 260 -13.08 24.62 -37.50
C GLU G 260 -13.80 25.31 -36.33
N THR G 261 -14.79 26.18 -36.61
CA THR G 261 -15.54 26.82 -35.51
C THR G 261 -16.32 25.77 -34.73
N SER G 262 -16.91 24.79 -35.45
CA SER G 262 -17.63 23.65 -34.90
C SER G 262 -16.70 22.81 -34.00
N ASP G 263 -15.48 22.55 -34.46
CA ASP G 263 -14.49 21.76 -33.70
C ASP G 263 -14.16 22.43 -32.36
N VAL G 264 -13.90 23.74 -32.38
CA VAL G 264 -13.61 24.47 -31.13
C VAL G 264 -14.81 24.39 -30.17
N ALA G 265 -16.03 24.65 -30.69
CA ALA G 265 -17.23 24.60 -29.88
C ALA G 265 -17.45 23.22 -29.28
N ASN G 266 -17.27 22.15 -30.08
CA ASN G 266 -17.46 20.79 -29.66
C ASN G 266 -16.42 20.33 -28.69
N ALA G 267 -15.17 20.85 -28.75
CA ALA G 267 -14.16 20.49 -27.76
C ALA G 267 -14.62 21.03 -26.36
N VAL G 268 -15.14 22.25 -26.33
CA VAL G 268 -15.64 22.86 -25.09
C VAL G 268 -16.87 22.05 -24.61
N LEU G 269 -17.82 21.75 -25.51
CA LEU G 269 -19.01 20.96 -25.14
C LEU G 269 -18.66 19.54 -24.67
N ASP G 270 -17.57 18.96 -25.20
CA ASP G 270 -17.08 17.65 -24.78
C ASP G 270 -16.63 17.67 -23.32
N GLY G 271 -16.11 18.81 -22.86
CA GLY G 271 -15.62 19.00 -21.50
C GLY G 271 -14.14 19.35 -21.42
N ALA G 272 -13.53 19.83 -22.53
CA ALA G 272 -12.09 20.15 -22.48
C ALA G 272 -11.83 21.32 -21.55
N ASP G 273 -10.77 21.24 -20.72
CA ASP G 273 -10.40 22.37 -19.87
C ASP G 273 -9.70 23.45 -20.66
N CYS G 274 -8.84 23.04 -21.64
CA CYS G 274 -8.06 23.93 -22.46
C CYS G 274 -8.20 23.57 -23.92
N ILE G 275 -8.04 24.56 -24.79
CA ILE G 275 -8.00 24.43 -26.23
C ILE G 275 -6.67 25.02 -26.69
N MET G 276 -6.12 24.50 -27.79
CA MET G 276 -4.78 24.87 -28.19
C MET G 276 -4.68 25.36 -29.62
N LEU G 277 -3.68 26.19 -29.87
CA LEU G 277 -3.29 26.68 -31.18
C LEU G 277 -1.82 26.34 -31.32
N SER G 278 -1.45 25.74 -32.47
CA SER G 278 -0.06 25.37 -32.71
CA SER G 278 -0.07 25.35 -32.73
C SER G 278 0.48 26.21 -33.88
N GLY G 279 0.44 25.71 -35.12
CA GLY G 279 0.91 26.47 -36.28
C GLY G 279 0.16 27.78 -36.46
N GLU G 280 -1.14 27.81 -36.06
CA GLU G 280 -1.97 28.99 -36.13
C GLU G 280 -1.32 30.21 -35.45
N THR G 281 -0.59 30.01 -34.33
CA THR G 281 0.06 31.12 -33.66
C THR G 281 1.58 31.09 -33.78
N ALA G 282 2.17 29.90 -33.94
CA ALA G 282 3.63 29.80 -34.01
C ALA G 282 4.17 30.34 -35.35
N LYS G 283 3.52 30.00 -36.48
CA LYS G 283 4.01 30.39 -37.81
C LYS G 283 2.92 30.96 -38.74
N GLY G 284 1.71 31.15 -38.22
CA GLY G 284 0.60 31.66 -39.01
C GLY G 284 0.65 33.13 -39.34
N ASN G 285 -0.17 33.55 -40.30
CA ASN G 285 -0.26 34.93 -40.74
C ASN G 285 -1.19 35.78 -39.87
N PHE G 286 -2.03 35.14 -39.03
CA PHE G 286 -3.03 35.81 -38.19
C PHE G 286 -3.03 35.22 -36.75
N PRO G 287 -1.89 35.24 -36.02
CA PRO G 287 -1.88 34.64 -34.67
C PRO G 287 -2.87 35.28 -33.69
N VAL G 288 -2.99 36.63 -33.69
CA VAL G 288 -3.89 37.33 -32.78
C VAL G 288 -5.34 37.01 -33.11
N GLU G 289 -5.69 37.01 -34.40
CA GLU G 289 -7.04 36.69 -34.86
C GLU G 289 -7.44 35.23 -34.48
N ALA G 290 -6.47 34.30 -34.50
CA ALA G 290 -6.74 32.90 -34.14
C ALA G 290 -7.09 32.84 -32.64
N VAL G 291 -6.36 33.58 -31.78
CA VAL G 291 -6.63 33.63 -30.34
C VAL G 291 -8.04 34.24 -30.11
N LYS G 292 -8.32 35.34 -30.81
CA LYS G 292 -9.62 36.02 -30.72
C LYS G 292 -10.78 35.11 -31.11
N MET G 293 -10.57 34.30 -32.15
CA MET G 293 -11.59 33.36 -32.63
C MET G 293 -11.84 32.25 -31.59
N GLN G 294 -10.77 31.68 -31.00
CA GLN G 294 -10.95 30.66 -29.96
C GLN G 294 -11.70 31.25 -28.76
N HIS G 295 -11.37 32.48 -28.39
CA HIS G 295 -12.03 33.18 -27.28
C HIS G 295 -13.53 33.34 -27.55
N ALA G 296 -13.89 33.85 -28.74
CA ALA G 296 -15.28 34.08 -29.12
C ALA G 296 -16.10 32.80 -29.15
N ILE G 297 -15.56 31.72 -29.74
CA ILE G 297 -16.28 30.45 -29.80
C ILE G 297 -16.43 29.83 -28.40
N ALA G 298 -15.33 29.78 -27.61
CA ALA G 298 -15.38 29.16 -26.28
C ALA G 298 -16.44 29.83 -25.38
N ARG G 299 -16.54 31.17 -25.40
CA ARG G 299 -17.56 31.86 -24.58
C ARG G 299 -18.98 31.40 -24.96
N GLU G 300 -19.27 31.31 -26.27
CA GLU G 300 -20.57 30.87 -26.75
C GLU G 300 -20.84 29.41 -26.34
N ALA G 301 -19.84 28.54 -26.51
CA ALA G 301 -19.99 27.11 -26.21
C ALA G 301 -20.15 26.84 -24.72
N GLU G 302 -19.45 27.59 -23.85
CA GLU G 302 -19.55 27.41 -22.41
C GLU G 302 -20.96 27.67 -21.89
N ALA G 303 -21.62 28.70 -22.44
CA ALA G 303 -22.99 29.03 -22.08
C ALA G 303 -23.98 27.94 -22.54
N ALA G 304 -23.64 27.23 -23.64
CA ALA G 304 -24.44 26.15 -24.21
C ALA G 304 -24.26 24.78 -23.53
N VAL G 305 -23.38 24.68 -22.52
CA VAL G 305 -23.18 23.45 -21.76
C VAL G 305 -24.48 23.15 -20.96
N TYR G 306 -24.95 21.90 -20.97
CA TYR G 306 -26.17 21.54 -20.24
C TYR G 306 -25.79 21.16 -18.80
N HIS G 307 -25.57 22.20 -17.97
CA HIS G 307 -25.11 22.02 -16.60
C HIS G 307 -25.98 21.12 -15.75
N ARG G 308 -27.31 21.13 -15.97
CA ARG G 308 -28.25 20.31 -15.20
C ARG G 308 -27.85 18.84 -15.23
N GLN G 309 -27.52 18.33 -16.42
CA GLN G 309 -27.11 16.93 -16.55
C GLN G 309 -25.66 16.76 -16.14
N LEU G 310 -24.77 17.66 -16.58
CA LEU G 310 -23.35 17.57 -16.28
C LEU G 310 -23.07 17.53 -14.76
N PHE G 311 -23.66 18.48 -14.01
CA PHE G 311 -23.47 18.53 -12.55
C PHE G 311 -23.99 17.26 -11.89
N GLU G 312 -25.20 16.79 -12.28
CA GLU G 312 -25.83 15.59 -11.76
C GLU G 312 -24.92 14.37 -11.98
N GLU G 313 -24.38 14.24 -13.21
CA GLU G 313 -23.51 13.11 -13.53
C GLU G 313 -22.16 13.17 -12.83
N LEU G 314 -21.56 14.37 -12.71
CA LEU G 314 -20.27 14.53 -12.02
C LEU G 314 -20.44 14.23 -10.53
N ARG G 315 -21.57 14.66 -9.94
CA ARG G 315 -21.96 14.44 -8.55
C ARG G 315 -22.10 12.92 -8.30
N ARG G 316 -22.89 12.22 -9.14
CA ARG G 316 -23.13 10.78 -9.01
C ARG G 316 -21.86 9.94 -9.16
N ALA G 317 -20.98 10.32 -10.09
CA ALA G 317 -19.75 9.58 -10.34
C ALA G 317 -18.65 9.85 -9.30
N ALA G 318 -18.64 11.04 -8.69
CA ALA G 318 -17.63 11.39 -7.70
C ALA G 318 -17.88 10.62 -6.40
N PRO G 319 -16.84 9.96 -5.85
CA PRO G 319 -17.07 9.19 -4.61
C PRO G 319 -17.27 10.09 -3.40
N LEU G 320 -17.82 9.51 -2.32
CA LEU G 320 -17.97 10.19 -1.04
C LEU G 320 -16.57 10.59 -0.56
N SER G 321 -16.45 11.72 0.13
CA SER G 321 -15.14 12.15 0.57
C SER G 321 -15.18 12.69 1.97
N ARG G 322 -14.14 12.42 2.74
CA ARG G 322 -13.98 12.99 4.07
C ARG G 322 -12.97 14.19 4.05
N ASP G 323 -12.49 14.58 2.85
CA ASP G 323 -11.57 15.69 2.70
C ASP G 323 -12.38 16.99 2.77
N PRO G 324 -12.11 17.86 3.76
CA PRO G 324 -12.91 19.10 3.87
C PRO G 324 -12.86 20.01 2.63
N THR G 325 -11.72 20.03 1.91
CA THR G 325 -11.64 20.85 0.68
C THR G 325 -12.65 20.36 -0.36
N GLU G 326 -12.73 19.04 -0.58
CA GLU G 326 -13.65 18.42 -1.53
CA GLU G 326 -13.66 18.41 -1.52
C GLU G 326 -15.12 18.64 -1.09
N VAL G 327 -15.40 18.45 0.21
CA VAL G 327 -16.74 18.63 0.77
C VAL G 327 -17.20 20.07 0.59
N THR G 328 -16.32 21.05 0.89
CA THR G 328 -16.63 22.46 0.77
C THR G 328 -16.84 22.80 -0.72
N ALA G 329 -16.00 22.23 -1.62
CA ALA G 329 -16.11 22.49 -3.06
C ALA G 329 -17.49 22.13 -3.59
N ILE G 330 -18.00 20.91 -3.30
CA ILE G 330 -19.30 20.51 -3.82
C ILE G 330 -20.42 21.36 -3.22
N GLY G 331 -20.32 21.68 -1.94
CA GLY G 331 -21.28 22.55 -1.26
C GLY G 331 -21.34 23.93 -1.90
N ALA G 332 -20.16 24.50 -2.23
CA ALA G 332 -20.03 25.82 -2.85
C ALA G 332 -20.59 25.84 -4.27
N VAL G 333 -20.33 24.77 -5.04
CA VAL G 333 -20.87 24.67 -6.42
C VAL G 333 -22.40 24.53 -6.38
N GLU G 334 -22.92 23.71 -5.47
CA GLU G 334 -24.37 23.56 -5.31
CA GLU G 334 -24.37 23.56 -5.31
C GLU G 334 -25.01 24.91 -4.94
N ALA G 335 -24.39 25.65 -3.99
CA ALA G 335 -24.87 26.97 -3.58
C ALA G 335 -24.84 27.93 -4.76
N ALA G 336 -23.76 27.91 -5.56
CA ALA G 336 -23.62 28.78 -6.74
C ALA G 336 -24.75 28.57 -7.73
N PHE G 337 -25.11 27.30 -8.01
CA PHE G 337 -26.22 26.98 -8.93
C PHE G 337 -27.56 27.47 -8.37
N LYS G 338 -27.77 27.34 -7.04
CA LYS G 338 -29.03 27.74 -6.40
C LYS G 338 -29.36 29.22 -6.57
N CYS G 339 -28.33 30.08 -6.55
CA CYS G 339 -28.56 31.54 -6.66
C CYS G 339 -28.07 32.14 -7.96
N CYS G 340 -27.63 31.31 -8.92
CA CYS G 340 -27.01 31.77 -10.17
C CYS G 340 -25.88 32.78 -9.86
N ALA G 341 -25.03 32.41 -8.88
CA ALA G 341 -23.94 33.24 -8.38
C ALA G 341 -23.07 33.75 -9.50
N ALA G 342 -22.66 35.01 -9.44
CA ALA G 342 -21.80 35.58 -10.48
C ALA G 342 -20.39 34.96 -10.41
N ALA G 343 -19.96 34.54 -9.20
CA ALA G 343 -18.63 33.94 -9.02
C ALA G 343 -18.54 33.19 -7.70
N ILE G 344 -17.51 32.32 -7.61
CA ILE G 344 -17.07 31.62 -6.43
C ILE G 344 -15.65 32.16 -6.20
N ILE G 345 -15.44 32.93 -5.14
CA ILE G 345 -14.11 33.47 -4.84
C ILE G 345 -13.43 32.52 -3.91
N VAL G 346 -12.24 32.02 -4.29
CA VAL G 346 -11.54 31.05 -3.47
C VAL G 346 -10.12 31.51 -3.19
N LEU G 347 -9.65 31.32 -1.93
CA LEU G 347 -8.26 31.64 -1.56
C LEU G 347 -7.50 30.32 -1.70
N THR G 348 -6.35 30.34 -2.39
CA THR G 348 -5.59 29.12 -2.58
C THR G 348 -4.10 29.40 -2.62
N THR G 349 -3.30 28.50 -2.01
CA THR G 349 -1.86 28.66 -2.06
C THR G 349 -1.27 27.82 -3.19
N THR G 350 -1.77 26.59 -3.35
CA THR G 350 -1.29 25.64 -4.36
C THR G 350 -2.17 25.54 -5.61
N GLY G 351 -3.38 26.08 -5.52
CA GLY G 351 -4.37 25.96 -6.58
C GLY G 351 -5.38 24.83 -6.34
N ARG G 352 -5.09 23.91 -5.42
CA ARG G 352 -5.94 22.74 -5.19
C ARG G 352 -7.41 23.06 -4.88
N SER G 353 -7.66 24.05 -4.02
CA SER G 353 -9.06 24.39 -3.68
C SER G 353 -9.81 24.87 -4.92
N ALA G 354 -9.11 25.58 -5.84
CA ALA G 354 -9.76 26.06 -7.07
C ALA G 354 -9.98 24.88 -8.02
N GLN G 355 -9.02 23.94 -8.11
CA GLN G 355 -9.17 22.76 -8.94
C GLN G 355 -10.37 21.92 -8.51
N LEU G 356 -10.58 21.74 -7.18
CA LEU G 356 -11.71 20.95 -6.68
C LEU G 356 -13.06 21.62 -6.95
N LEU G 357 -13.09 22.95 -7.03
CA LEU G 357 -14.32 23.64 -7.42
C LEU G 357 -14.55 23.43 -8.94
N SER G 358 -13.49 23.60 -9.75
CA SER G 358 -13.55 23.46 -11.21
C SER G 358 -14.07 22.06 -11.65
N ARG G 359 -13.73 21.00 -10.91
CA ARG G 359 -14.10 19.64 -11.28
C ARG G 359 -15.62 19.38 -11.29
N TYR G 360 -16.41 20.21 -10.54
CA TYR G 360 -17.88 20.13 -10.56
C TYR G 360 -18.52 21.03 -11.60
N ARG G 361 -17.71 21.68 -12.45
CA ARG G 361 -18.11 22.52 -13.55
C ARG G 361 -19.20 23.52 -13.20
N PRO G 362 -18.95 24.43 -12.24
CA PRO G 362 -19.97 25.47 -11.97
C PRO G 362 -20.10 26.40 -13.15
N ARG G 363 -21.28 27.01 -13.31
CA ARG G 363 -21.48 28.04 -14.30
C ARG G 363 -20.75 29.30 -13.81
N ALA G 364 -20.77 29.57 -12.48
CA ALA G 364 -20.12 30.71 -11.84
C ALA G 364 -18.61 30.63 -12.04
N ALA G 365 -18.00 31.75 -12.38
CA ALA G 365 -16.55 31.89 -12.54
C ALA G 365 -15.87 31.56 -11.20
N VAL G 366 -14.79 30.77 -11.22
CA VAL G 366 -14.04 30.50 -10.00
C VAL G 366 -12.88 31.52 -9.96
N ILE G 367 -13.01 32.56 -9.14
CA ILE G 367 -11.97 33.58 -9.01
C ILE G 367 -11.01 33.13 -7.94
N ALA G 368 -9.79 32.75 -8.34
CA ALA G 368 -8.80 32.18 -7.41
C ALA G 368 -7.75 33.22 -7.02
N VAL G 369 -7.77 33.63 -5.76
CA VAL G 369 -6.85 34.62 -5.22
C VAL G 369 -5.67 33.88 -4.58
N THR G 370 -4.46 34.18 -5.05
CA THR G 370 -3.27 33.52 -4.53
C THR G 370 -2.06 34.47 -4.47
N ARG G 371 -1.15 34.23 -3.53
CA ARG G 371 0.12 34.95 -3.45
C ARG G 371 1.22 34.20 -4.28
N SER G 372 0.96 32.93 -4.66
CA SER G 372 1.91 32.12 -5.41
C SER G 372 1.80 32.45 -6.88
N ALA G 373 2.84 33.10 -7.44
CA ALA G 373 2.87 33.41 -8.88
C ALA G 373 2.76 32.10 -9.72
N GLN G 374 3.42 31.01 -9.28
CA GLN G 374 3.37 29.73 -9.97
C GLN G 374 1.96 29.13 -9.95
N ALA G 375 1.28 29.12 -8.77
CA ALA G 375 -0.08 28.57 -8.68
C ALA G 375 -1.02 29.38 -9.58
N ALA G 376 -0.87 30.72 -9.59
CA ALA G 376 -1.68 31.62 -10.44
C ALA G 376 -1.53 31.22 -11.93
N ARG G 377 -0.31 30.88 -12.34
CA ARG G 377 -0.10 30.48 -13.75
C ARG G 377 -0.68 29.07 -14.01
N GLN G 378 -0.42 28.12 -13.10
CA GLN G 378 -0.80 26.72 -13.30
C GLN G 378 -2.29 26.46 -13.28
N VAL G 379 -3.07 27.25 -12.51
CA VAL G 379 -4.53 27.03 -12.43
C VAL G 379 -5.26 27.34 -13.71
N HIS G 380 -4.60 28.00 -14.70
CA HIS G 380 -5.20 28.17 -16.03
C HIS G 380 -5.48 26.78 -16.67
N LEU G 381 -4.87 25.69 -16.14
CA LEU G 381 -5.15 24.37 -16.68
C LEU G 381 -6.60 23.92 -16.35
N CYS G 382 -7.22 24.50 -15.30
CA CYS G 382 -8.55 24.09 -14.80
C CYS G 382 -9.62 24.99 -15.34
N ARG G 383 -10.61 24.41 -16.04
CA ARG G 383 -11.67 25.22 -16.63
C ARG G 383 -12.38 26.11 -15.61
N GLY G 384 -12.61 27.35 -16.01
CA GLY G 384 -13.37 28.29 -15.22
C GLY G 384 -12.63 28.88 -14.05
N VAL G 385 -11.32 28.67 -13.95
CA VAL G 385 -10.53 29.27 -12.88
C VAL G 385 -9.84 30.53 -13.41
N PHE G 386 -10.13 31.69 -12.77
CA PHE G 386 -9.59 32.99 -13.11
C PHE G 386 -8.62 33.39 -12.04
N PRO G 387 -7.31 33.20 -12.30
CA PRO G 387 -6.33 33.49 -11.25
C PRO G 387 -6.02 34.96 -11.07
N LEU G 388 -5.92 35.37 -9.81
CA LEU G 388 -5.58 36.74 -9.47
C LEU G 388 -4.36 36.67 -8.59
N LEU G 389 -3.25 37.33 -8.99
CA LEU G 389 -2.04 37.28 -8.19
C LEU G 389 -2.05 38.44 -7.19
N TYR G 390 -2.07 38.11 -5.91
CA TYR G 390 -2.12 39.10 -4.84
C TYR G 390 -0.68 39.47 -4.43
N ARG G 391 -0.34 40.75 -4.53
CA ARG G 391 1.02 41.24 -4.25
C ARG G 391 1.12 42.17 -3.03
N GLU G 392 0.01 42.45 -2.36
CA GLU G 392 0.01 43.37 -1.22
C GLU G 392 0.77 42.82 -0.01
N PRO G 393 1.36 43.69 0.82
CA PRO G 393 2.04 43.20 2.03
C PRO G 393 1.03 42.56 3.01
N PRO G 394 1.48 41.60 3.82
CA PRO G 394 0.54 40.91 4.71
C PRO G 394 0.04 41.77 5.86
N GLU G 395 -1.21 41.53 6.29
CA GLU G 395 -1.75 42.19 7.46
C GLU G 395 -1.25 41.39 8.67
N ALA G 396 -1.06 42.07 9.81
CA ALA G 396 -0.61 41.42 11.04
C ALA G 396 -1.66 40.41 11.54
N ILE G 397 -2.95 40.74 11.38
CA ILE G 397 -4.05 39.89 11.82
C ILE G 397 -4.51 39.04 10.65
N TRP G 398 -4.39 37.73 10.79
CA TRP G 398 -4.72 36.80 9.73
C TRP G 398 -6.12 37.00 9.13
N ALA G 399 -7.19 37.09 9.95
CA ALA G 399 -8.55 37.34 9.47
C ALA G 399 -8.62 38.61 8.61
N ASP G 400 -7.88 39.67 8.96
CA ASP G 400 -7.85 40.90 8.15
C ASP G 400 -7.19 40.66 6.78
N ASP G 401 -6.13 39.86 6.77
CA ASP G 401 -5.41 39.52 5.56
C ASP G 401 -6.31 38.69 4.62
N VAL G 402 -7.09 37.76 5.19
CA VAL G 402 -8.04 36.92 4.45
C VAL G 402 -9.10 37.85 3.83
N ASP G 403 -9.66 38.77 4.65
CA ASP G 403 -10.69 39.70 4.15
C ASP G 403 -10.16 40.59 3.03
N ARG G 404 -8.91 41.08 3.13
CA ARG G 404 -8.33 41.90 2.08
C ARG G 404 -8.23 41.13 0.77
N ARG G 405 -7.89 39.82 0.85
CA ARG G 405 -7.77 38.99 -0.32
C ARG G 405 -9.09 38.74 -0.98
N VAL G 406 -10.13 38.49 -0.16
CA VAL G 406 -11.49 38.29 -0.67
C VAL G 406 -11.96 39.58 -1.36
N GLN G 407 -11.68 40.72 -0.73
CA GLN G 407 -12.05 42.01 -1.31
C GLN G 407 -11.31 42.32 -2.59
N PHE G 408 -10.05 41.86 -2.68
CA PHE G 408 -9.25 42.01 -3.89
C PHE G 408 -9.91 41.21 -5.03
N GLY G 409 -10.46 40.04 -4.71
CA GLY G 409 -11.18 39.23 -5.70
C GLY G 409 -12.44 39.96 -6.16
N ILE G 410 -13.15 40.59 -5.23
CA ILE G 410 -14.38 41.33 -5.55
C ILE G 410 -14.07 42.55 -6.42
N GLU G 411 -13.07 43.33 -6.01
CA GLU G 411 -12.68 44.55 -6.74
C GLU G 411 -12.15 44.22 -8.13
N SER G 412 -11.34 43.16 -8.26
CA SER G 412 -10.83 42.72 -9.57
C SER G 412 -12.04 42.24 -10.43
N GLY G 413 -12.95 41.51 -9.82
CA GLY G 413 -14.15 40.99 -10.47
C GLY G 413 -15.03 42.11 -10.99
N LYS G 414 -15.16 43.20 -10.20
CA LYS G 414 -15.96 44.36 -10.60
C LYS G 414 -15.31 45.06 -11.79
N LEU G 415 -14.00 45.28 -11.71
CA LEU G 415 -13.26 45.97 -12.77
C LEU G 415 -13.33 45.20 -14.07
N ARG G 416 -13.18 43.86 -14.01
CA ARG G 416 -13.15 42.98 -15.20
C ARG G 416 -14.54 42.64 -15.78
N GLY G 417 -15.61 43.02 -15.08
CA GLY G 417 -16.97 42.77 -15.53
C GLY G 417 -17.59 41.48 -15.05
N PHE G 418 -16.90 40.71 -14.19
CA PHE G 418 -17.42 39.47 -13.63
C PHE G 418 -18.57 39.74 -12.65
N LEU G 419 -18.45 40.84 -11.86
CA LEU G 419 -19.34 41.17 -10.76
C LEU G 419 -19.84 42.57 -10.81
N ARG G 420 -21.01 42.77 -10.20
CA ARG G 420 -21.67 44.06 -10.01
C ARG G 420 -22.24 44.09 -8.59
N VAL G 421 -22.48 45.29 -8.06
CA VAL G 421 -23.16 45.46 -6.77
C VAL G 421 -24.57 44.84 -6.88
N GLY G 422 -24.96 44.08 -5.87
CA GLY G 422 -26.22 43.35 -5.88
C GLY G 422 -26.07 41.88 -6.25
N ASP G 423 -24.95 41.51 -6.88
CA ASP G 423 -24.71 40.11 -7.24
C ASP G 423 -24.50 39.28 -5.97
N LEU G 424 -24.76 37.98 -6.05
CA LEU G 424 -24.42 37.08 -4.96
C LEU G 424 -23.15 36.33 -5.41
N VAL G 425 -22.22 36.14 -4.48
CA VAL G 425 -21.00 35.38 -4.72
C VAL G 425 -20.84 34.35 -3.61
N ILE G 426 -20.17 33.27 -3.91
CA ILE G 426 -19.86 32.25 -2.91
C ILE G 426 -18.39 32.46 -2.59
N VAL G 427 -18.00 32.46 -1.31
CA VAL G 427 -16.60 32.70 -0.94
C VAL G 427 -16.10 31.46 -0.23
N VAL G 428 -14.97 30.92 -0.69
CA VAL G 428 -14.40 29.71 -0.12
C VAL G 428 -13.06 30.00 0.52
N THR G 429 -12.93 29.66 1.80
CA THR G 429 -11.69 29.94 2.58
C THR G 429 -11.43 28.76 3.54
N GLY G 430 -10.37 28.85 4.35
CA GLY G 430 -10.04 27.84 5.34
C GLY G 430 -10.03 28.42 6.73
N TRP G 431 -9.98 27.55 7.75
CA TRP G 431 -10.07 27.96 9.15
C TRP G 431 -8.75 28.43 9.80
N ARG G 432 -7.64 28.16 9.14
CA ARG G 432 -6.33 28.56 9.62
C ARG G 432 -5.37 28.79 8.41
N PRO G 433 -4.28 29.54 8.60
CA PRO G 433 -3.34 29.75 7.49
C PRO G 433 -2.65 28.47 7.02
N GLY G 434 -2.18 28.52 5.79
CA GLY G 434 -1.49 27.40 5.16
C GLY G 434 -2.38 26.57 4.27
N SER G 435 -1.80 25.99 3.24
CA SER G 435 -2.46 25.09 2.32
C SER G 435 -3.07 23.87 3.03
N GLY G 436 -4.19 23.37 2.50
CA GLY G 436 -4.84 22.14 2.94
C GLY G 436 -5.93 22.20 3.99
N TYR G 437 -6.37 23.40 4.38
CA TYR G 437 -7.38 23.59 5.42
C TYR G 437 -8.68 24.21 4.96
N THR G 438 -8.93 24.30 3.64
CA THR G 438 -10.19 24.87 3.15
C THR G 438 -11.38 24.06 3.70
N ASN G 439 -12.31 24.76 4.32
CA ASN G 439 -13.44 24.11 4.98
C ASN G 439 -14.61 25.10 5.19
N ILE G 440 -14.57 26.29 4.59
CA ILE G 440 -15.62 27.29 4.78
C ILE G 440 -16.17 27.78 3.47
N MET G 441 -17.50 27.89 3.42
CA MET G 441 -18.20 28.46 2.30
C MET G 441 -19.15 29.54 2.86
N ARG G 442 -19.12 30.73 2.26
CA ARG G 442 -19.97 31.86 2.68
C ARG G 442 -20.75 32.40 1.48
N VAL G 443 -21.97 32.86 1.72
CA VAL G 443 -22.79 33.48 0.68
C VAL G 443 -22.72 34.99 0.93
N LEU G 444 -22.20 35.73 -0.04
CA LEU G 444 -22.02 37.17 0.12
C LEU G 444 -22.76 37.98 -0.94
N SER G 445 -23.42 39.04 -0.53
CA SER G 445 -24.09 39.94 -1.44
C SER G 445 -23.09 41.06 -1.69
N ILE G 446 -22.75 41.32 -2.96
CA ILE G 446 -21.77 42.32 -3.33
C ILE G 446 -22.28 43.75 -3.06
N SER G 447 -21.51 44.50 -2.26
CA SER G 447 -21.81 45.88 -1.93
C SER G 447 -20.75 46.81 -2.59
N GLY H 23 -15.45 2.67 8.62
CA GLY H 23 -14.99 1.30 8.45
C GLY H 23 -15.68 0.57 7.31
N THR H 24 -16.01 -0.72 7.51
CA THR H 24 -16.67 -1.53 6.47
C THR H 24 -18.13 -1.86 6.86
N ALA H 25 -18.42 -1.94 8.17
CA ALA H 25 -19.77 -2.18 8.65
C ALA H 25 -20.64 -0.92 8.53
N PHE H 26 -20.01 0.27 8.51
CA PHE H 26 -20.67 1.56 8.36
C PHE H 26 -21.58 1.57 7.13
N PHE H 27 -21.08 1.06 6.00
CA PHE H 27 -21.84 1.03 4.75
C PHE H 27 -22.88 -0.10 4.67
N GLN H 28 -23.00 -0.94 5.70
CA GLN H 28 -24.05 -1.96 5.75
C GLN H 28 -25.28 -1.47 6.54
N GLN H 29 -25.09 -0.48 7.43
CA GLN H 29 -26.11 0.12 8.26
C GLN H 29 -26.94 1.16 7.51
N GLN H 30 -28.03 1.62 8.18
CA GLN H 30 -28.94 2.67 7.77
C GLN H 30 -29.34 2.62 6.28
N GLN H 31 -29.56 1.38 5.77
CA GLN H 31 -29.98 1.12 4.39
C GLN H 31 -29.05 1.78 3.34
N LEU H 32 -27.75 1.95 3.67
CA LEU H 32 -26.79 2.56 2.74
C LEU H 32 -26.68 1.77 1.42
N PRO H 33 -26.71 0.41 1.38
CA PRO H 33 -26.73 -0.28 0.07
C PRO H 33 -27.92 0.16 -0.80
N ALA H 34 -29.13 0.25 -0.20
CA ALA H 34 -30.32 0.71 -0.93
C ALA H 34 -30.21 2.20 -1.32
N ALA H 35 -29.51 3.02 -0.50
CA ALA H 35 -29.30 4.44 -0.75
C ALA H 35 -28.46 4.69 -2.02
N MET H 36 -27.49 3.80 -2.27
CA MET H 36 -26.59 3.90 -3.42
C MET H 36 -27.20 3.45 -4.76
N ALA H 37 -28.40 2.83 -4.73
CA ALA H 37 -29.05 2.31 -5.96
C ALA H 37 -29.31 3.39 -7.02
N ASP H 38 -29.28 2.98 -8.28
CA ASP H 38 -29.44 3.89 -9.43
C ASP H 38 -30.90 4.11 -9.85
N THR H 39 -31.83 3.26 -9.39
CA THR H 39 -33.24 3.42 -9.69
C THR H 39 -34.05 3.21 -8.40
N PHE H 40 -35.30 3.71 -8.36
CA PHE H 40 -36.16 3.50 -7.20
C PHE H 40 -36.48 1.99 -7.06
N LEU H 41 -36.68 1.30 -8.18
CA LEU H 41 -36.96 -0.14 -8.15
C LEU H 41 -35.78 -0.91 -7.52
N GLU H 42 -34.53 -0.61 -7.92
CA GLU H 42 -33.32 -1.26 -7.37
C GLU H 42 -33.16 -0.90 -5.88
N HIS H 43 -33.52 0.34 -5.52
CA HIS H 43 -33.49 0.81 -4.13
C HIS H 43 -34.40 -0.09 -3.28
N LEU H 44 -35.64 -0.35 -3.74
CA LEU H 44 -36.58 -1.21 -3.02
C LEU H 44 -36.02 -2.62 -2.87
N CYS H 45 -35.44 -3.19 -3.97
CA CYS H 45 -34.84 -4.52 -4.00
C CYS H 45 -33.70 -4.70 -3.02
N LEU H 46 -33.01 -3.59 -2.66
CA LEU H 46 -31.85 -3.61 -1.76
C LEU H 46 -32.18 -3.33 -0.30
N LEU H 47 -33.45 -3.00 0.03
CA LEU H 47 -33.84 -2.77 1.42
C LEU H 47 -33.59 -4.05 2.24
N ASP H 48 -32.94 -3.90 3.37
CA ASP H 48 -32.49 -5.03 4.19
C ASP H 48 -32.98 -4.94 5.64
N ILE H 49 -33.71 -5.98 6.10
CA ILE H 49 -34.21 -6.01 7.48
C ILE H 49 -33.07 -6.10 8.51
N ASP H 50 -31.86 -6.51 8.08
CA ASP H 50 -30.70 -6.62 8.95
C ASP H 50 -29.85 -5.34 8.96
N SER H 51 -30.17 -4.33 8.13
CA SER H 51 -29.43 -3.07 8.12
C SER H 51 -30.06 -2.19 9.19
N GLU H 52 -29.34 -2.02 10.29
CA GLU H 52 -29.87 -1.32 11.45
C GLU H 52 -29.86 0.20 11.32
N PRO H 53 -30.93 0.88 11.77
CA PRO H 53 -30.92 2.35 11.70
C PRO H 53 -29.89 2.92 12.69
N VAL H 54 -29.16 3.94 12.28
CA VAL H 54 -28.10 4.55 13.10
C VAL H 54 -28.45 5.98 13.46
N ALA H 55 -29.01 6.71 12.51
CA ALA H 55 -29.40 8.11 12.68
C ALA H 55 -30.49 8.28 13.75
N ALA H 56 -30.56 9.46 14.37
CA ALA H 56 -31.60 9.75 15.34
C ALA H 56 -32.93 9.89 14.57
N ARG H 57 -34.03 9.47 15.21
CA ARG H 57 -35.36 9.54 14.61
C ARG H 57 -35.73 10.99 14.31
N SER H 58 -36.04 11.29 13.06
CA SER H 58 -36.25 12.64 12.59
C SER H 58 -37.73 13.09 12.49
N THR H 59 -38.68 12.18 12.34
CA THR H 59 -40.09 12.54 12.22
C THR H 59 -40.63 12.75 13.62
N SER H 60 -41.11 13.96 13.92
CA SER H 60 -41.62 14.27 15.25
C SER H 60 -42.92 13.53 15.58
N ILE H 61 -43.08 13.19 16.85
CA ILE H 61 -44.27 12.51 17.34
C ILE H 61 -45.14 13.50 18.12
N ILE H 62 -46.41 13.62 17.71
CA ILE H 62 -47.37 14.47 18.41
C ILE H 62 -48.25 13.51 19.22
N ALA H 63 -48.29 13.67 20.53
CA ALA H 63 -49.12 12.80 21.37
C ALA H 63 -50.24 13.67 21.98
N THR H 64 -51.48 13.21 21.85
CA THR H 64 -52.62 13.89 22.44
C THR H 64 -52.69 13.57 23.94
N ILE H 65 -52.82 14.64 24.73
CA ILE H 65 -52.84 14.55 26.18
C ILE H 65 -54.28 14.38 26.65
N GLY H 66 -54.48 13.39 27.48
CA GLY H 66 -55.80 13.07 28.04
C GLY H 66 -55.69 12.33 29.35
N PRO H 67 -56.77 11.69 29.81
CA PRO H 67 -56.71 10.96 31.09
C PRO H 67 -55.65 9.88 31.18
N ALA H 68 -55.29 9.26 30.05
CA ALA H 68 -54.28 8.21 30.05
C ALA H 68 -52.84 8.76 30.13
N SER H 69 -52.63 10.04 29.85
CA SER H 69 -51.29 10.63 29.70
C SER H 69 -51.12 12.01 30.39
N ARG H 70 -51.92 12.33 31.39
CA ARG H 70 -51.84 13.63 32.05
C ARG H 70 -50.95 13.61 33.29
N SER H 71 -50.72 12.45 33.86
CA SER H 71 -49.90 12.32 35.06
C SER H 71 -48.48 12.85 34.80
N VAL H 72 -47.93 13.70 35.71
CA VAL H 72 -46.57 14.24 35.56
C VAL H 72 -45.54 13.11 35.39
N GLU H 73 -45.67 12.03 36.19
CA GLU H 73 -44.76 10.89 36.09
C GLU H 73 -44.92 10.14 34.77
N ARG H 74 -46.16 10.03 34.25
CA ARG H 74 -46.33 9.37 32.95
C ARG H 74 -45.79 10.27 31.82
N LEU H 75 -46.02 11.59 31.93
CA LEU H 75 -45.51 12.54 30.92
C LEU H 75 -43.97 12.47 30.85
N LYS H 76 -43.30 12.22 31.99
CA LYS H 76 -41.83 12.05 31.99
C LYS H 76 -41.45 10.82 31.15
N GLU H 77 -42.21 9.72 31.30
CA GLU H 77 -41.94 8.51 30.50
C GLU H 77 -42.23 8.76 29.00
N MET H 78 -43.27 9.54 28.70
CA MET H 78 -43.61 9.86 27.31
CA MET H 78 -43.63 9.87 27.31
C MET H 78 -42.55 10.73 26.62
N ILE H 79 -41.96 11.67 27.36
CA ILE H 79 -40.89 12.51 26.86
C ILE H 79 -39.67 11.62 26.58
N LYS H 80 -39.33 10.72 27.52
CA LYS H 80 -38.23 9.77 27.33
C LYS H 80 -38.46 8.83 26.13
N ALA H 81 -39.73 8.42 25.89
CA ALA H 81 -40.12 7.53 24.79
C ALA H 81 -40.04 8.23 23.41
N GLY H 82 -40.08 9.55 23.39
CA GLY H 82 -39.94 10.31 22.15
C GLY H 82 -41.01 11.32 21.81
N MET H 83 -41.97 11.61 22.74
CA MET H 83 -43.00 12.60 22.43
C MET H 83 -42.35 13.98 22.27
N ASN H 84 -42.64 14.67 21.17
CA ASN H 84 -42.05 15.98 20.90
C ASN H 84 -43.04 17.11 21.02
N ILE H 85 -44.32 16.83 20.69
CA ILE H 85 -45.39 17.83 20.75
C ILE H 85 -46.56 17.25 21.52
N ALA H 86 -47.06 17.98 22.51
CA ALA H 86 -48.21 17.60 23.34
C ALA H 86 -49.43 18.31 22.73
N ARG H 87 -50.39 17.53 22.24
CA ARG H 87 -51.60 18.08 21.63
C ARG H 87 -52.74 18.15 22.66
N LEU H 88 -53.38 19.31 22.78
CA LEU H 88 -54.54 19.53 23.64
C LEU H 88 -55.74 19.61 22.73
N ASN H 89 -56.62 18.62 22.80
CA ASN H 89 -57.79 18.58 21.94
C ASN H 89 -58.94 19.34 22.62
N PHE H 90 -59.21 20.57 22.16
CA PHE H 90 -60.25 21.41 22.76
C PHE H 90 -61.70 20.97 22.38
N SER H 91 -61.84 19.84 21.66
CA SER H 91 -63.16 19.24 21.43
C SER H 91 -63.64 18.54 22.74
N HIS H 92 -62.72 18.24 23.69
CA HIS H 92 -63.03 17.59 24.96
C HIS H 92 -62.45 18.38 26.13
N GLY H 93 -63.13 18.39 27.27
CA GLY H 93 -62.64 19.08 28.45
C GLY H 93 -62.81 20.59 28.44
N SER H 94 -62.79 21.17 29.63
CA SER H 94 -62.93 22.62 29.84
C SER H 94 -61.57 23.35 29.80
N HIS H 95 -61.59 24.68 29.94
CA HIS H 95 -60.37 25.50 30.05
C HIS H 95 -59.58 25.08 31.31
N GLU H 96 -60.28 24.78 32.41
CA GLU H 96 -59.60 24.37 33.64
C GLU H 96 -58.85 23.04 33.42
N TYR H 97 -59.47 22.12 32.68
CA TYR H 97 -58.85 20.82 32.38
C TYR H 97 -57.57 21.03 31.53
N HIS H 98 -57.66 21.81 30.46
CA HIS H 98 -56.51 22.06 29.60
C HIS H 98 -55.40 22.86 30.28
N ALA H 99 -55.75 23.78 31.20
CA ALA H 99 -54.74 24.54 31.96
C ALA H 99 -53.95 23.56 32.83
N GLU H 100 -54.64 22.53 33.42
CA GLU H 100 -53.97 21.51 34.25
C GLU H 100 -53.05 20.66 33.37
N SER H 101 -53.51 20.32 32.14
CA SER H 101 -52.72 19.52 31.22
C SER H 101 -51.42 20.27 30.87
N ILE H 102 -51.53 21.57 30.59
CA ILE H 102 -50.39 22.44 30.25
C ILE H 102 -49.39 22.49 31.42
N ALA H 103 -49.91 22.69 32.67
CA ALA H 103 -49.07 22.74 33.88
C ALA H 103 -48.33 21.41 34.08
N ASN H 104 -49.01 20.28 33.87
CA ASN H 104 -48.39 18.95 34.04
C ASN H 104 -47.32 18.70 33.00
N VAL H 105 -47.60 19.06 31.73
CA VAL H 105 -46.62 18.91 30.65
C VAL H 105 -45.36 19.75 30.98
N ARG H 106 -45.56 21.04 31.32
CA ARG H 106 -44.45 21.92 31.69
C ARG H 106 -43.67 21.41 32.86
N GLU H 107 -44.33 20.85 33.88
CA GLU H 107 -43.62 20.29 35.04
C GLU H 107 -42.76 19.09 34.62
N ALA H 108 -43.32 18.17 33.80
CA ALA H 108 -42.58 16.99 33.35
C ALA H 108 -41.37 17.44 32.46
N VAL H 109 -41.59 18.40 31.55
CA VAL H 109 -40.54 18.86 30.63
C VAL H 109 -39.42 19.54 31.42
N GLU H 110 -39.80 20.44 32.35
CA GLU H 110 -38.83 21.18 33.15
C GLU H 110 -38.09 20.35 34.17
N SER H 111 -38.58 19.13 34.44
CA SER H 111 -37.89 18.24 35.38
C SER H 111 -36.51 17.78 34.87
N PHE H 112 -36.27 17.86 33.56
CA PHE H 112 -34.99 17.49 32.93
C PHE H 112 -34.08 18.71 32.69
N ALA H 113 -34.55 19.93 33.02
CA ALA H 113 -33.80 21.16 32.79
C ALA H 113 -32.47 21.26 33.54
N GLY H 114 -32.31 20.53 34.66
CA GLY H 114 -31.05 20.57 35.42
C GLY H 114 -29.87 19.87 34.74
N SER H 115 -30.13 19.14 33.65
CA SER H 115 -29.09 18.54 32.82
C SER H 115 -29.28 19.15 31.42
N PRO H 116 -28.75 20.38 31.24
CA PRO H 116 -28.91 21.08 29.95
C PRO H 116 -28.48 20.34 28.69
N LEU H 117 -27.47 19.44 28.78
CA LEU H 117 -26.99 18.71 27.60
C LEU H 117 -27.95 17.63 27.11
N SER H 118 -28.92 17.22 27.94
CA SER H 118 -29.88 16.17 27.56
C SER H 118 -31.34 16.67 27.54
N TYR H 119 -31.59 17.91 28.00
CA TYR H 119 -32.91 18.55 28.05
C TYR H 119 -33.59 18.53 26.69
N ARG H 120 -34.81 17.98 26.64
CA ARG H 120 -35.59 17.94 25.41
C ARG H 120 -36.77 18.91 25.48
N PRO H 121 -36.77 19.94 24.63
CA PRO H 121 -37.95 20.83 24.57
C PRO H 121 -39.18 20.05 24.08
N VAL H 122 -40.37 20.44 24.54
CA VAL H 122 -41.60 19.77 24.09
C VAL H 122 -42.61 20.88 23.79
N ALA H 123 -43.15 20.90 22.57
CA ALA H 123 -44.10 21.92 22.18
C ALA H 123 -45.49 21.61 22.73
N ILE H 124 -46.30 22.65 22.90
CA ILE H 124 -47.70 22.51 23.31
C ILE H 124 -48.56 23.06 22.17
N ALA H 125 -49.43 22.21 21.62
CA ALA H 125 -50.29 22.58 20.50
C ALA H 125 -51.74 22.53 20.94
N LEU H 126 -52.51 23.56 20.58
CA LEU H 126 -53.93 23.66 20.87
C LEU H 126 -54.71 23.26 19.61
N ASP H 127 -55.52 22.22 19.69
CA ASP H 127 -56.32 21.75 18.56
C ASP H 127 -57.75 22.22 18.81
N THR H 128 -58.25 23.12 17.95
CA THR H 128 -59.57 23.76 18.15
C THR H 128 -60.76 22.83 17.92
N LYS H 129 -61.91 23.18 18.53
CA LYS H 129 -63.14 22.43 18.38
C LYS H 129 -63.65 22.52 16.94
N GLY H 130 -63.52 23.69 16.32
CA GLY H 130 -63.94 23.88 14.94
C GLY H 130 -65.17 24.75 14.79
N PRO H 131 -65.54 25.07 13.55
CA PRO H 131 -66.66 25.98 13.32
C PRO H 131 -68.04 25.32 13.37
N GLY H 132 -68.08 24.00 13.31
CA GLY H 132 -69.33 23.26 13.27
C GLY H 132 -70.17 23.62 12.07
N SER H 133 -71.43 23.98 12.32
CA SER H 133 -72.36 24.35 11.25
C SER H 133 -72.20 25.78 10.80
N GLY H 134 -71.74 26.66 11.69
CA GLY H 134 -71.53 28.04 11.30
C GLY H 134 -70.47 28.21 10.23
N PRO H 135 -70.46 29.39 9.60
CA PRO H 135 -69.42 29.67 8.60
C PRO H 135 -68.19 30.30 9.27
N GLY H 136 -68.38 31.43 9.98
CA GLY H 136 -67.31 32.17 10.64
C GLY H 136 -66.58 31.38 11.70
N LEU H 137 -65.65 32.05 12.40
CA LEU H 137 -64.94 31.40 13.49
C LEU H 137 -65.92 31.34 14.64
N SER H 138 -66.09 30.16 15.25
CA SER H 138 -67.06 30.04 16.33
C SER H 138 -66.68 30.83 17.57
N GLU H 139 -67.67 31.18 18.38
CA GLU H 139 -67.43 31.92 19.61
C GLU H 139 -66.57 31.12 20.57
N GLN H 140 -66.77 29.79 20.62
CA GLN H 140 -65.97 28.94 21.47
C GLN H 140 -64.53 28.94 20.98
N ASP H 141 -64.31 28.91 19.65
CA ASP H 141 -62.94 28.95 19.11
C ASP H 141 -62.26 30.25 19.45
N VAL H 142 -62.99 31.38 19.39
CA VAL H 142 -62.41 32.66 19.79
C VAL H 142 -61.97 32.61 21.25
N ARG H 143 -62.80 32.07 22.14
CA ARG H 143 -62.45 31.95 23.55
C ARG H 143 -61.25 31.03 23.74
N ASP H 144 -61.25 29.87 23.07
CA ASP H 144 -60.18 28.88 23.15
C ASP H 144 -58.85 29.43 22.64
N LEU H 145 -58.86 30.21 21.57
CA LEU H 145 -57.64 30.78 21.01
C LEU H 145 -57.07 31.86 21.94
N ARG H 146 -57.94 32.65 22.59
CA ARG H 146 -57.46 33.64 23.56
C ARG H 146 -56.86 32.93 24.77
N PHE H 147 -57.45 31.80 25.18
CA PHE H 147 -56.89 30.97 26.24
C PHE H 147 -55.50 30.46 25.80
N GLY H 148 -55.36 30.03 24.56
CA GLY H 148 -54.09 29.56 24.04
C GLY H 148 -52.98 30.60 24.18
N VAL H 149 -53.28 31.85 23.76
CA VAL H 149 -52.32 32.96 23.88
C VAL H 149 -51.98 33.20 25.34
N GLU H 150 -53.00 33.25 26.20
CA GLU H 150 -52.81 33.51 27.63
C GLU H 150 -51.96 32.47 28.32
N HIS H 151 -52.04 31.20 27.87
CA HIS H 151 -51.23 30.15 28.47
C HIS H 151 -49.96 29.82 27.66
N GLY H 152 -49.62 30.66 26.69
CA GLY H 152 -48.41 30.54 25.90
C GLY H 152 -48.27 29.28 25.07
N VAL H 153 -49.34 28.85 24.37
CA VAL H 153 -49.21 27.69 23.50
C VAL H 153 -48.29 28.02 22.31
N ASP H 154 -47.61 27.00 21.78
CA ASP H 154 -46.67 27.24 20.66
C ASP H 154 -47.29 27.14 19.31
N ILE H 155 -48.29 26.26 19.17
CA ILE H 155 -48.89 25.92 17.89
C ILE H 155 -50.40 25.82 18.05
N VAL H 156 -51.14 26.16 17.00
CA VAL H 156 -52.58 25.97 16.91
C VAL H 156 -52.81 25.01 15.75
N PHE H 157 -53.55 23.92 15.98
CA PHE H 157 -53.99 23.03 14.93
C PHE H 157 -55.44 23.48 14.69
N ALA H 158 -55.66 24.33 13.67
CA ALA H 158 -56.97 24.92 13.37
C ALA H 158 -57.86 23.93 12.62
N SER H 159 -58.96 23.52 13.26
CA SER H 159 -59.89 22.54 12.72
C SER H 159 -60.74 23.07 11.58
N PHE H 160 -61.00 22.22 10.59
CA PHE H 160 -61.84 22.48 9.44
C PHE H 160 -61.49 23.78 8.70
N VAL H 161 -60.21 23.95 8.32
CA VAL H 161 -59.83 25.13 7.53
C VAL H 161 -60.30 24.87 6.11
N ARG H 162 -61.11 25.78 5.54
CA ARG H 162 -61.70 25.58 4.21
C ARG H 162 -61.27 26.60 3.17
N LYS H 163 -60.61 27.68 3.58
CA LYS H 163 -60.18 28.76 2.71
C LYS H 163 -59.20 29.66 3.46
N ALA H 164 -58.51 30.56 2.75
CA ALA H 164 -57.55 31.46 3.37
C ALA H 164 -58.18 32.38 4.44
N SER H 165 -59.45 32.80 4.26
CA SER H 165 -60.08 33.68 5.25
C SER H 165 -60.25 33.00 6.62
N ASP H 166 -60.33 31.66 6.65
CA ASP H 166 -60.41 30.92 7.90
C ASP H 166 -59.11 31.09 8.69
N VAL H 167 -57.96 31.03 7.99
CA VAL H 167 -56.64 31.20 8.63
C VAL H 167 -56.49 32.62 9.17
N ALA H 168 -56.93 33.64 8.39
CA ALA H 168 -56.89 35.05 8.80
C ALA H 168 -57.72 35.27 10.06
N ALA H 169 -58.91 34.62 10.16
CA ALA H 169 -59.77 34.74 11.34
C ALA H 169 -59.09 34.14 12.58
N VAL H 170 -58.39 33.00 12.42
CA VAL H 170 -57.65 32.36 13.51
C VAL H 170 -56.52 33.30 13.96
N ARG H 171 -55.75 33.83 12.98
N ARG H 171 -55.76 33.84 12.99
CA ARG H 171 -54.65 34.76 13.22
CA ARG H 171 -54.66 34.76 13.24
C ARG H 171 -55.13 36.01 13.99
C ARG H 171 -55.15 36.00 14.00
N ALA H 172 -56.28 36.57 13.58
CA ALA H 172 -56.89 37.75 14.22
C ALA H 172 -57.32 37.43 15.65
N ALA H 173 -57.91 36.25 15.88
CA ALA H 173 -58.35 35.82 17.22
C ALA H 173 -57.17 35.60 18.19
N LEU H 174 -55.98 35.29 17.66
CA LEU H 174 -54.78 35.17 18.50
C LEU H 174 -54.27 36.56 18.98
N GLY H 175 -54.69 37.63 18.31
CA GLY H 175 -54.40 39.02 18.66
C GLY H 175 -52.97 39.46 18.46
N PRO H 176 -52.64 40.67 18.95
CA PRO H 176 -51.26 41.16 18.80
C PRO H 176 -50.22 40.39 19.60
N GLU H 177 -50.63 39.75 20.70
CA GLU H 177 -49.74 38.99 21.57
C GLU H 177 -49.45 37.55 21.06
N GLY H 178 -50.24 37.05 20.11
CA GLY H 178 -50.06 35.70 19.58
C GLY H 178 -49.44 35.62 18.19
N HIS H 179 -48.72 36.68 17.76
CA HIS H 179 -48.07 36.72 16.43
CA HIS H 179 -48.06 36.73 16.44
C HIS H 179 -47.03 35.61 16.22
N GLY H 180 -46.39 35.16 17.30
CA GLY H 180 -45.36 34.12 17.23
C GLY H 180 -45.89 32.70 17.19
N ILE H 181 -47.19 32.49 17.44
CA ILE H 181 -47.80 31.17 17.43
C ILE H 181 -47.94 30.61 16.00
N LYS H 182 -47.51 29.35 15.79
CA LYS H 182 -47.59 28.73 14.47
C LYS H 182 -49.00 28.23 14.22
N ILE H 183 -49.55 28.51 13.03
CA ILE H 183 -50.88 28.05 12.66
C ILE H 183 -50.77 26.91 11.65
N ILE H 184 -51.17 25.71 12.09
CA ILE H 184 -51.17 24.52 11.26
C ILE H 184 -52.62 24.28 10.87
N SER H 185 -52.93 24.45 9.59
CA SER H 185 -54.30 24.30 9.12
C SER H 185 -54.66 22.85 8.93
N LYS H 186 -55.76 22.43 9.59
CA LYS H 186 -56.23 21.05 9.43
C LYS H 186 -57.14 20.97 8.23
N ILE H 187 -56.81 20.09 7.26
CA ILE H 187 -57.61 19.85 6.08
C ILE H 187 -58.48 18.65 6.38
N GLU H 188 -59.78 18.88 6.49
CA GLU H 188 -60.73 17.87 6.95
C GLU H 188 -61.90 17.60 6.03
N ASN H 189 -62.03 18.34 4.91
CA ASN H 189 -63.16 18.14 4.01
C ASN H 189 -62.79 18.45 2.55
N HIS H 190 -63.74 18.24 1.63
CA HIS H 190 -63.53 18.45 0.21
C HIS H 190 -63.06 19.89 -0.12
N GLU H 191 -63.71 20.90 0.46
CA GLU H 191 -63.36 22.29 0.20
C GLU H 191 -61.94 22.61 0.60
N GLY H 192 -61.51 22.09 1.75
CA GLY H 192 -60.14 22.29 2.21
C GLY H 192 -59.12 21.72 1.24
N VAL H 193 -59.41 20.52 0.68
CA VAL H 193 -58.54 19.87 -0.30
C VAL H 193 -58.52 20.70 -1.60
N LYS H 194 -59.68 21.15 -2.06
CA LYS H 194 -59.77 21.94 -3.28
C LYS H 194 -59.14 23.33 -3.20
N ARG H 195 -59.24 23.96 -2.04
CA ARG H 195 -58.63 25.27 -1.82
C ARG H 195 -57.28 25.16 -1.10
N PHE H 196 -56.63 23.99 -1.18
CA PHE H 196 -55.36 23.71 -0.50
C PHE H 196 -54.29 24.75 -0.75
N ASP H 197 -54.02 25.10 -2.02
CA ASP H 197 -52.93 26.04 -2.33
C ASP H 197 -53.10 27.40 -1.62
N GLU H 198 -54.30 27.96 -1.64
CA GLU H 198 -54.55 29.23 -0.98
C GLU H 198 -54.44 29.11 0.57
N ILE H 199 -54.75 27.94 1.12
CA ILE H 199 -54.64 27.70 2.56
C ILE H 199 -53.18 27.56 2.93
N LEU H 200 -52.41 26.74 2.19
CA LEU H 200 -50.98 26.55 2.48
C LEU H 200 -50.20 27.87 2.44
N GLU H 201 -50.54 28.74 1.46
CA GLU H 201 -49.87 30.02 1.27
C GLU H 201 -49.88 30.89 2.54
N VAL H 202 -51.01 30.91 3.26
CA VAL H 202 -51.16 31.74 4.46
C VAL H 202 -50.94 30.98 5.78
N SER H 203 -50.71 29.65 5.73
CA SER H 203 -50.53 28.86 6.93
C SER H 203 -49.05 28.59 7.17
N ASP H 204 -48.71 28.24 8.40
CA ASP H 204 -47.35 27.81 8.70
C ASP H 204 -47.13 26.35 8.30
N GLY H 205 -48.20 25.58 8.18
CA GLY H 205 -48.14 24.18 7.84
C GLY H 205 -49.52 23.57 7.73
N ILE H 206 -49.57 22.26 7.54
CA ILE H 206 -50.84 21.57 7.32
C ILE H 206 -50.94 20.29 8.14
N MET H 207 -52.16 19.92 8.54
CA MET H 207 -52.40 18.62 9.12
C MET H 207 -53.38 17.87 8.20
N VAL H 208 -53.03 16.65 7.82
CA VAL H 208 -53.94 15.79 7.05
C VAL H 208 -54.82 15.12 8.13
N ALA H 209 -55.99 15.70 8.39
CA ALA H 209 -56.88 15.23 9.47
C ALA H 209 -57.78 14.13 8.92
N ARG H 210 -57.25 12.90 8.89
CA ARG H 210 -57.88 11.79 8.20
C ARG H 210 -59.19 11.30 8.78
N GLY H 211 -59.47 11.56 10.06
CA GLY H 211 -60.72 11.15 10.69
C GLY H 211 -61.91 11.77 9.99
N ASP H 212 -61.99 13.09 10.03
CA ASP H 212 -63.04 13.85 9.35
C ASP H 212 -62.94 13.74 7.84
N LEU H 213 -61.70 13.78 7.29
CA LEU H 213 -61.52 13.66 5.84
C LEU H 213 -62.12 12.35 5.31
N GLY H 214 -61.96 11.25 6.05
CA GLY H 214 -62.48 9.93 5.69
C GLY H 214 -63.99 9.79 5.78
N ILE H 215 -64.67 10.75 6.40
CA ILE H 215 -66.13 10.77 6.43
C ILE H 215 -66.69 11.86 5.49
N GLU H 216 -65.90 12.91 5.20
CA GLU H 216 -66.29 14.01 4.30
C GLU H 216 -66.10 13.66 2.84
N ILE H 217 -65.08 12.87 2.51
CA ILE H 217 -64.81 12.39 1.16
C ILE H 217 -64.80 10.85 1.22
N PRO H 218 -64.95 10.12 0.07
CA PRO H 218 -64.93 8.65 0.14
C PRO H 218 -63.65 8.15 0.82
N ALA H 219 -63.81 7.19 1.75
CA ALA H 219 -62.68 6.62 2.50
C ALA H 219 -61.53 6.17 1.61
N GLU H 220 -61.82 5.58 0.45
CA GLU H 220 -60.84 5.08 -0.52
C GLU H 220 -60.05 6.19 -1.22
N LYS H 221 -60.41 7.47 -1.01
CA LYS H 221 -59.71 8.59 -1.65
C LYS H 221 -58.76 9.33 -0.67
N VAL H 222 -58.85 9.05 0.64
CA VAL H 222 -58.03 9.74 1.64
C VAL H 222 -56.51 9.64 1.34
N PHE H 223 -56.01 8.47 0.90
CA PHE H 223 -54.58 8.33 0.59
C PHE H 223 -54.12 9.30 -0.51
N LEU H 224 -55.00 9.63 -1.47
CA LEU H 224 -54.70 10.56 -2.57
C LEU H 224 -54.55 11.96 -1.98
N ALA H 225 -55.48 12.36 -1.09
CA ALA H 225 -55.42 13.68 -0.45
C ALA H 225 -54.16 13.77 0.41
N GLN H 226 -53.87 12.71 1.16
CA GLN H 226 -52.70 12.65 2.03
C GLN H 226 -51.41 12.82 1.21
N LYS H 227 -51.23 11.99 0.18
CA LYS H 227 -50.02 12.04 -0.64
C LYS H 227 -49.86 13.38 -1.37
N MET H 228 -50.96 13.95 -1.86
CA MET H 228 -50.93 15.24 -2.55
C MET H 228 -50.49 16.36 -1.57
N MET H 229 -51.10 16.40 -0.38
CA MET H 229 -50.82 17.44 0.58
C MET H 229 -49.41 17.35 1.11
N ILE H 230 -48.92 16.13 1.39
CA ILE H 230 -47.56 15.95 1.84
C ILE H 230 -46.57 16.40 0.73
N GLY H 231 -46.81 15.97 -0.51
CA GLY H 231 -45.95 16.38 -1.63
C GLY H 231 -45.91 17.89 -1.80
N ARG H 232 -47.10 18.56 -1.76
CA ARG H 232 -47.16 20.02 -1.88
C ARG H 232 -46.47 20.76 -0.70
N CYS H 233 -46.59 20.22 0.54
CA CYS H 233 -45.91 20.83 1.68
C CYS H 233 -44.42 20.64 1.58
N ASN H 234 -43.97 19.47 1.10
CA ASN H 234 -42.54 19.21 0.92
C ASN H 234 -41.98 20.20 -0.13
N LEU H 235 -42.74 20.41 -1.20
CA LEU H 235 -42.32 21.34 -2.26
C LEU H 235 -42.24 22.78 -1.71
N ALA H 236 -43.23 23.17 -0.89
CA ALA H 236 -43.27 24.50 -0.28
C ALA H 236 -42.29 24.69 0.90
N GLY H 237 -41.73 23.59 1.40
CA GLY H 237 -40.83 23.64 2.56
C GLY H 237 -41.54 24.00 3.85
N LYS H 238 -42.83 23.61 3.97
CA LYS H 238 -43.66 23.89 5.16
C LYS H 238 -44.05 22.57 5.84
N PRO H 239 -44.08 22.53 7.17
CA PRO H 239 -44.39 21.28 7.87
C PRO H 239 -45.74 20.68 7.55
N VAL H 240 -45.77 19.35 7.47
CA VAL H 240 -47.01 18.62 7.22
C VAL H 240 -47.13 17.49 8.25
N VAL H 241 -48.31 17.36 8.86
CA VAL H 241 -48.59 16.36 9.88
C VAL H 241 -49.53 15.28 9.34
N CYS H 242 -49.23 13.99 9.58
CA CYS H 242 -50.17 12.94 9.19
C CYS H 242 -50.88 12.57 10.48
N ALA H 243 -52.22 12.54 10.46
CA ALA H 243 -52.94 12.30 11.71
C ALA H 243 -54.06 11.30 11.58
N THR H 244 -54.41 10.66 12.75
CA THR H 244 -55.61 9.89 13.06
C THR H 244 -55.61 8.44 12.63
N GLN H 245 -55.87 7.57 13.63
CA GLN H 245 -55.99 6.12 13.52
C GLN H 245 -54.73 5.42 13.03
N MET H 246 -53.56 6.06 13.21
CA MET H 246 -52.29 5.47 12.77
C MET H 246 -51.96 4.18 13.50
N LEU H 247 -52.23 4.14 14.83
CA LEU H 247 -52.00 2.94 15.64
C LEU H 247 -53.27 2.66 16.47
N GLU H 248 -54.45 2.83 15.87
CA GLU H 248 -55.75 2.71 16.52
C GLU H 248 -55.93 1.51 17.44
N SER H 249 -55.51 0.32 17.01
CA SER H 249 -55.71 -0.90 17.81
C SER H 249 -54.90 -0.86 19.14
N MET H 250 -53.85 -0.01 19.22
CA MET H 250 -53.06 0.13 20.45
C MET H 250 -53.80 0.89 21.58
N ILE H 251 -55.04 1.35 21.32
CA ILE H 251 -55.87 1.92 22.39
C ILE H 251 -56.20 0.76 23.39
N THR H 252 -56.42 -0.48 22.87
CA THR H 252 -56.78 -1.63 23.70
C THR H 252 -55.78 -2.80 23.68
N LYS H 253 -54.90 -2.88 22.65
CA LYS H 253 -53.95 -3.96 22.48
C LYS H 253 -52.49 -3.52 22.62
N PRO H 254 -51.60 -4.39 23.14
CA PRO H 254 -50.21 -3.98 23.34
C PRO H 254 -49.37 -3.84 22.05
N ARG H 255 -49.81 -4.46 20.96
CA ARG H 255 -49.09 -4.44 19.68
C ARG H 255 -50.03 -4.05 18.55
N PRO H 256 -49.55 -3.27 17.58
CA PRO H 256 -50.44 -2.80 16.51
C PRO H 256 -50.68 -3.83 15.42
N THR H 257 -51.62 -3.56 14.49
CA THR H 257 -51.85 -4.47 13.37
C THR H 257 -50.76 -4.25 12.26
N ARG H 258 -50.70 -5.15 11.29
CA ARG H 258 -49.76 -5.01 10.17
C ARG H 258 -50.10 -3.78 9.31
N ALA H 259 -51.39 -3.45 9.19
CA ALA H 259 -51.83 -2.26 8.43
C ALA H 259 -51.37 -0.97 9.11
N GLU H 260 -51.40 -0.94 10.47
CA GLU H 260 -50.99 0.22 11.28
C GLU H 260 -49.50 0.51 11.20
N THR H 261 -48.63 -0.53 11.31
CA THR H 261 -47.19 -0.30 11.19
C THR H 261 -46.85 0.20 9.78
N SER H 262 -47.53 -0.38 8.76
CA SER H 262 -47.36 0.00 7.37
C SER H 262 -47.79 1.46 7.17
N ASP H 263 -48.92 1.87 7.75
CA ASP H 263 -49.42 3.24 7.64
C ASP H 263 -48.40 4.25 8.19
N VAL H 264 -47.82 3.99 9.36
CA VAL H 264 -46.82 4.86 9.98
C VAL H 264 -45.58 4.93 9.05
N ALA H 265 -45.07 3.78 8.60
CA ALA H 265 -43.91 3.74 7.71
C ALA H 265 -44.16 4.52 6.41
N ASN H 266 -45.34 4.34 5.82
CA ASN H 266 -45.70 5.00 4.57
C ASN H 266 -45.95 6.49 4.75
N ALA H 267 -46.43 6.94 5.91
CA ALA H 267 -46.57 8.40 6.17
C ALA H 267 -45.16 9.05 6.15
N VAL H 268 -44.17 8.36 6.75
CA VAL H 268 -42.79 8.86 6.76
C VAL H 268 -42.21 8.83 5.35
N LEU H 269 -42.38 7.71 4.62
CA LEU H 269 -41.90 7.60 3.25
C LEU H 269 -42.56 8.60 2.31
N ASP H 270 -43.83 8.96 2.57
CA ASP H 270 -44.57 9.96 1.79
C ASP H 270 -43.90 11.35 1.95
N GLY H 271 -43.30 11.60 3.12
CA GLY H 271 -42.61 12.85 3.41
C GLY H 271 -43.19 13.64 4.57
N ALA H 272 -44.04 13.03 5.44
CA ALA H 272 -44.62 13.75 6.56
C ALA H 272 -43.54 14.22 7.54
N ASP H 273 -43.65 15.47 7.99
CA ASP H 273 -42.71 15.98 9.00
C ASP H 273 -43.03 15.41 10.38
N CYS H 274 -44.32 15.28 10.68
CA CYS H 274 -44.81 14.77 11.98
C CYS H 274 -45.81 13.66 11.76
N ILE H 275 -45.94 12.80 12.78
CA ILE H 275 -46.96 11.76 12.83
C ILE H 275 -47.66 11.97 14.18
N MET H 276 -48.93 11.57 14.25
CA MET H 276 -49.73 11.86 15.42
C MET H 276 -50.38 10.65 16.04
N LEU H 277 -50.67 10.79 17.35
CA LEU H 277 -51.40 9.82 18.16
C LEU H 277 -52.50 10.59 18.86
N SER H 278 -53.75 10.05 18.79
CA SER H 278 -54.92 10.68 19.36
C SER H 278 -55.39 9.83 20.54
N GLY H 279 -56.37 8.95 20.34
CA GLY H 279 -56.85 8.07 21.42
C GLY H 279 -55.77 7.18 21.97
N GLU H 280 -54.77 6.82 21.11
CA GLU H 280 -53.65 5.96 21.50
C GLU H 280 -52.91 6.53 22.70
N THR H 281 -52.85 7.86 22.82
CA THR H 281 -52.20 8.48 23.97
C THR H 281 -53.16 9.21 24.89
N ALA H 282 -54.31 9.66 24.37
CA ALA H 282 -55.24 10.43 25.21
C ALA H 282 -56.04 9.56 26.14
N LYS H 283 -56.49 8.38 25.68
CA LYS H 283 -57.39 7.56 26.52
C LYS H 283 -57.08 6.06 26.60
N GLY H 284 -56.15 5.58 25.79
CA GLY H 284 -55.84 4.15 25.71
C GLY H 284 -55.06 3.56 26.87
N ASN H 285 -54.88 2.25 26.82
CA ASN H 285 -54.14 1.55 27.84
C ASN H 285 -52.61 1.47 27.60
N PHE H 286 -52.14 1.92 26.43
CA PHE H 286 -50.72 1.81 26.06
C PHE H 286 -50.12 3.16 25.53
N PRO H 287 -50.30 4.30 26.25
CA PRO H 287 -49.78 5.57 25.69
C PRO H 287 -48.29 5.60 25.43
N VAL H 288 -47.49 5.10 26.39
CA VAL H 288 -46.03 5.10 26.26
C VAL H 288 -45.59 4.13 25.14
N GLU H 289 -46.20 2.93 25.11
CA GLU H 289 -45.90 1.94 24.08
C GLU H 289 -46.27 2.46 22.67
N ALA H 290 -47.36 3.29 22.56
CA ALA H 290 -47.76 3.83 21.27
C ALA H 290 -46.70 4.83 20.76
N VAL H 291 -46.13 5.63 21.68
CA VAL H 291 -45.05 6.58 21.35
C VAL H 291 -43.80 5.79 20.93
N LYS H 292 -43.48 4.73 21.70
CA LYS H 292 -42.34 3.89 21.38
C LYS H 292 -42.44 3.22 20.00
N MET H 293 -43.64 2.76 19.64
CA MET H 293 -43.89 2.10 18.37
C MET H 293 -43.75 3.08 17.22
N GLN H 294 -44.28 4.31 17.36
CA GLN H 294 -44.12 5.31 16.31
C GLN H 294 -42.65 5.68 16.12
N HIS H 295 -41.92 5.79 17.25
CA HIS H 295 -40.47 6.06 17.23
C HIS H 295 -39.73 4.95 16.44
N ALA H 296 -39.95 3.67 16.85
CA ALA H 296 -39.31 2.52 16.21
C ALA H 296 -39.57 2.43 14.70
N ILE H 297 -40.85 2.61 14.27
CA ILE H 297 -41.20 2.56 12.85
C ILE H 297 -40.60 3.75 12.09
N ALA H 298 -40.75 4.98 12.61
CA ALA H 298 -40.24 6.18 11.95
C ALA H 298 -38.72 6.09 11.68
N ARG H 299 -37.95 5.59 12.65
CA ARG H 299 -36.49 5.44 12.46
C ARG H 299 -36.17 4.47 11.33
N GLU H 300 -36.91 3.35 11.24
CA GLU H 300 -36.68 2.37 10.17
C GLU H 300 -37.04 2.99 8.81
N ALA H 301 -38.20 3.68 8.75
CA ALA H 301 -38.70 4.28 7.51
C ALA H 301 -37.82 5.42 7.01
N GLU H 302 -37.25 6.24 7.91
CA GLU H 302 -36.38 7.35 7.53
C GLU H 302 -35.12 6.83 6.85
N ALA H 303 -34.55 5.71 7.33
CA ALA H 303 -33.38 5.11 6.68
C ALA H 303 -33.72 4.58 5.27
N ALA H 304 -34.98 4.16 5.05
CA ALA H 304 -35.46 3.61 3.79
C ALA H 304 -35.84 4.69 2.74
N VAL H 305 -35.79 5.99 3.11
CA VAL H 305 -36.07 7.07 2.17
C VAL H 305 -35.00 7.04 1.03
N TYR H 306 -35.43 7.14 -0.23
CA TYR H 306 -34.49 7.13 -1.36
C TYR H 306 -34.00 8.59 -1.58
N HIS H 307 -33.06 9.04 -0.71
CA HIS H 307 -32.54 10.41 -0.74
C HIS H 307 -32.01 10.83 -2.10
N ARG H 308 -31.39 9.92 -2.87
CA ARG H 308 -30.84 10.23 -4.20
C ARG H 308 -31.90 10.89 -5.10
N GLN H 309 -33.12 10.33 -5.15
CA GLN H 309 -34.19 10.89 -5.96
C GLN H 309 -34.86 12.07 -5.26
N LEU H 310 -35.12 11.95 -3.96
CA LEU H 310 -35.76 13.02 -3.21
C LEU H 310 -34.97 14.36 -3.30
N PHE H 311 -33.66 14.33 -3.05
CA PHE H 311 -32.82 15.52 -3.12
C PHE H 311 -32.78 16.11 -4.53
N GLU H 312 -32.62 15.24 -5.56
CA GLU H 312 -32.63 15.64 -6.97
C GLU H 312 -33.96 16.29 -7.35
N GLU H 313 -35.09 15.73 -6.90
CA GLU H 313 -36.40 16.29 -7.23
C GLU H 313 -36.72 17.57 -6.47
N LEU H 314 -36.30 17.66 -5.19
CA LEU H 314 -36.50 18.87 -4.37
C LEU H 314 -35.74 20.02 -5.01
N ARG H 315 -34.58 19.75 -5.61
CA ARG H 315 -33.78 20.79 -6.19
C ARG H 315 -34.34 21.24 -7.51
N ARG H 316 -34.69 20.27 -8.37
CA ARG H 316 -35.29 20.54 -9.67
C ARG H 316 -36.60 21.30 -9.56
N ALA H 317 -37.43 20.98 -8.57
CA ALA H 317 -38.72 21.62 -8.38
C ALA H 317 -38.62 22.99 -7.71
N ALA H 318 -37.65 23.18 -6.80
CA ALA H 318 -37.50 24.45 -6.10
C ALA H 318 -36.91 25.50 -7.02
N PRO H 319 -37.51 26.70 -7.04
CA PRO H 319 -36.96 27.76 -7.91
C PRO H 319 -35.63 28.28 -7.37
N LEU H 320 -34.87 29.00 -8.23
CA LEU H 320 -33.62 29.67 -7.83
C LEU H 320 -33.92 30.61 -6.65
N SER H 321 -32.95 30.79 -5.73
CA SER H 321 -33.18 31.67 -4.61
C SER H 321 -32.03 32.61 -4.44
N ARG H 322 -32.33 33.85 -4.11
CA ARG H 322 -31.35 34.88 -3.80
C ARG H 322 -31.24 35.10 -2.25
N ASP H 323 -31.92 34.26 -1.44
CA ASP H 323 -31.89 34.41 0.00
C ASP H 323 -30.68 33.66 0.53
N PRO H 324 -29.73 34.35 1.20
CA PRO H 324 -28.53 33.65 1.67
C PRO H 324 -28.77 32.50 2.63
N THR H 325 -29.84 32.55 3.47
CA THR H 325 -30.11 31.44 4.37
C THR H 325 -30.45 30.18 3.53
N GLU H 326 -31.30 30.33 2.50
CA GLU H 326 -31.70 29.23 1.63
C GLU H 326 -30.49 28.69 0.84
N VAL H 327 -29.65 29.60 0.30
CA VAL H 327 -28.46 29.24 -0.48
C VAL H 327 -27.46 28.46 0.39
N THR H 328 -27.21 28.96 1.63
CA THR H 328 -26.35 28.26 2.59
C THR H 328 -26.92 26.87 2.94
N ALA H 329 -28.25 26.79 3.14
CA ALA H 329 -28.91 25.55 3.50
C ALA H 329 -28.68 24.45 2.45
N ILE H 330 -28.86 24.75 1.16
CA ILE H 330 -28.67 23.73 0.12
C ILE H 330 -27.18 23.32 0.02
N GLY H 331 -26.26 24.28 0.22
CA GLY H 331 -24.84 23.97 0.19
C GLY H 331 -24.46 23.08 1.36
N ALA H 332 -25.03 23.35 2.55
CA ALA H 332 -24.76 22.56 3.75
C ALA H 332 -25.30 21.13 3.59
N VAL H 333 -26.50 20.96 3.04
CA VAL H 333 -27.12 19.64 2.83
C VAL H 333 -26.31 18.85 1.79
N GLU H 334 -25.89 19.51 0.71
CA GLU H 334 -25.02 18.89 -0.31
C GLU H 334 -23.70 18.42 0.33
N ALA H 335 -23.07 19.26 1.15
CA ALA H 335 -21.83 18.96 1.85
C ALA H 335 -22.03 17.79 2.83
N ALA H 336 -23.15 17.80 3.56
CA ALA H 336 -23.46 16.72 4.51
C ALA H 336 -23.56 15.36 3.80
N PHE H 337 -24.20 15.31 2.63
CA PHE H 337 -24.33 14.07 1.84
C PHE H 337 -22.95 13.60 1.32
N LYS H 338 -22.09 14.55 0.92
CA LYS H 338 -20.75 14.24 0.38
C LYS H 338 -19.86 13.49 1.35
N CYS H 339 -19.90 13.86 2.64
CA CYS H 339 -19.05 13.26 3.64
C CYS H 339 -19.77 12.35 4.61
N CYS H 340 -21.08 12.06 4.41
CA CYS H 340 -21.89 11.26 5.37
C CYS H 340 -21.80 11.90 6.74
N ALA H 341 -21.95 13.25 6.79
CA ALA H 341 -21.84 14.00 8.05
C ALA H 341 -22.79 13.43 9.11
N ALA H 342 -22.32 13.31 10.35
CA ALA H 342 -23.15 12.82 11.44
C ALA H 342 -24.26 13.83 11.76
N ALA H 343 -24.00 15.14 11.56
CA ALA H 343 -24.97 16.18 11.87
C ALA H 343 -24.66 17.50 11.13
N ILE H 344 -25.67 18.38 11.05
CA ILE H 344 -25.54 19.75 10.60
C ILE H 344 -25.91 20.57 11.86
N ILE H 345 -24.95 21.27 12.47
CA ILE H 345 -25.22 22.09 13.65
C ILE H 345 -25.54 23.49 13.17
N VAL H 346 -26.73 24.00 13.51
CA VAL H 346 -27.16 25.30 13.04
C VAL H 346 -27.56 26.19 14.23
N LEU H 347 -27.12 27.44 14.19
CA LEU H 347 -27.55 28.41 15.20
C LEU H 347 -28.81 29.09 14.63
N THR H 348 -29.87 29.22 15.45
CA THR H 348 -31.09 29.83 14.94
C THR H 348 -31.83 30.60 16.04
N THR H 349 -32.36 31.78 15.71
CA THR H 349 -33.11 32.60 16.66
C THR H 349 -34.62 32.28 16.59
N THR H 350 -35.15 32.18 15.37
CA THR H 350 -36.57 31.94 15.07
C THR H 350 -36.90 30.50 14.65
N GLY H 351 -35.87 29.74 14.30
CA GLY H 351 -35.98 28.38 13.77
C GLY H 351 -35.85 28.35 12.25
N ARG H 352 -35.99 29.51 11.57
CA ARG H 352 -35.99 29.57 10.11
C ARG H 352 -34.78 28.91 9.43
N SER H 353 -33.55 29.14 9.95
CA SER H 353 -32.37 28.53 9.31
C SER H 353 -32.44 26.97 9.37
N ALA H 354 -33.00 26.43 10.48
CA ALA H 354 -33.15 24.98 10.67
C ALA H 354 -34.24 24.46 9.73
N GLN H 355 -35.36 25.21 9.59
CA GLN H 355 -36.44 24.85 8.66
C GLN H 355 -35.94 24.76 7.21
N LEU H 356 -35.08 25.69 6.78
CA LEU H 356 -34.56 25.70 5.43
C LEU H 356 -33.59 24.53 5.17
N LEU H 357 -32.89 24.07 6.22
CA LEU H 357 -32.05 22.88 6.08
C LEU H 357 -32.98 21.64 5.97
N SER H 358 -33.97 21.55 6.87
CA SER H 358 -34.94 20.45 6.91
C SER H 358 -35.65 20.22 5.55
N ARG H 359 -36.00 21.29 4.82
CA ARG H 359 -36.72 21.19 3.54
C ARG H 359 -35.98 20.39 2.45
N TYR H 360 -34.63 20.28 2.56
CA TYR H 360 -33.84 19.49 1.62
C TYR H 360 -33.65 18.04 2.04
N ARG H 361 -34.27 17.66 3.17
CA ARG H 361 -34.28 16.33 3.74
C ARG H 361 -32.89 15.70 3.84
N PRO H 362 -31.94 16.30 4.58
CA PRO H 362 -30.65 15.64 4.74
C PRO H 362 -30.80 14.36 5.55
N ARG H 363 -29.88 13.44 5.33
CA ARG H 363 -29.80 12.23 6.14
C ARG H 363 -29.21 12.62 7.52
N ALA H 364 -28.27 13.58 7.55
CA ALA H 364 -27.63 14.09 8.75
C ALA H 364 -28.67 14.80 9.63
N ALA H 365 -28.60 14.59 10.92
CA ALA H 365 -29.47 15.23 11.90
C ALA H 365 -29.21 16.75 11.90
N VAL H 366 -30.27 17.58 11.94
CA VAL H 366 -30.07 19.05 12.02
C VAL H 366 -30.16 19.43 13.51
N ILE H 367 -29.02 19.65 14.16
CA ILE H 367 -28.98 20.03 15.57
C ILE H 367 -29.11 21.56 15.65
N ALA H 368 -30.27 22.04 16.09
CA ALA H 368 -30.56 23.47 16.12
C ALA H 368 -30.36 24.06 17.52
N VAL H 369 -29.36 24.93 17.66
CA VAL H 369 -29.04 25.56 18.93
C VAL H 369 -29.68 26.94 18.99
N THR H 370 -30.56 27.14 19.98
CA THR H 370 -31.29 28.39 20.12
C THR H 370 -31.44 28.86 21.56
N ARG H 371 -31.53 30.18 21.77
CA ARG H 371 -31.84 30.74 23.07
C ARG H 371 -33.36 30.89 23.26
N SER H 372 -34.14 30.86 22.17
CA SER H 372 -35.57 31.01 22.23
C SER H 372 -36.22 29.69 22.63
N ALA H 373 -36.83 29.67 23.83
CA ALA H 373 -37.54 28.49 24.31
C ALA H 373 -38.71 28.15 23.37
N GLN H 374 -39.40 29.18 22.86
CA GLN H 374 -40.52 28.98 21.94
C GLN H 374 -40.07 28.43 20.58
N ALA H 375 -38.99 29.01 19.97
CA ALA H 375 -38.46 28.49 18.71
C ALA H 375 -38.00 27.03 18.89
N ALA H 376 -37.36 26.70 20.02
CA ALA H 376 -36.90 25.34 20.32
C ALA H 376 -38.09 24.36 20.30
N ARG H 377 -39.22 24.77 20.85
CA ARG H 377 -40.41 23.92 20.84
C ARG H 377 -41.01 23.82 19.42
N GLN H 378 -41.17 24.95 18.73
CA GLN H 378 -41.79 25.00 17.41
C GLN H 378 -41.03 24.30 16.29
N VAL H 379 -39.68 24.20 16.36
CA VAL H 379 -38.92 23.54 15.29
C VAL H 379 -39.14 22.03 15.21
N HIS H 380 -39.79 21.44 16.25
CA HIS H 380 -40.19 20.04 16.19
C HIS H 380 -41.16 19.81 15.00
N LEU H 381 -41.80 20.86 14.49
CA LEU H 381 -42.67 20.74 13.34
C LEU H 381 -41.87 20.34 12.06
N CYS H 382 -40.54 20.58 12.03
CA CYS H 382 -39.69 20.34 10.86
C CYS H 382 -38.91 19.07 10.98
N ARG H 383 -39.10 18.15 10.02
CA ARG H 383 -38.42 16.85 10.07
C ARG H 383 -36.92 16.97 10.23
N GLY H 384 -36.37 16.19 11.14
CA GLY H 384 -34.94 16.09 11.32
C GLY H 384 -34.29 17.23 12.07
N VAL H 385 -35.10 18.07 12.71
CA VAL H 385 -34.55 19.18 13.51
C VAL H 385 -34.61 18.76 14.98
N PHE H 386 -33.45 18.71 15.63
CA PHE H 386 -33.25 18.35 17.03
C PHE H 386 -32.92 19.64 17.80
N PRO H 387 -33.92 20.25 18.44
CA PRO H 387 -33.66 21.52 19.15
C PRO H 387 -32.94 21.39 20.46
N LEU H 388 -31.99 22.30 20.70
CA LEU H 388 -31.23 22.35 21.94
C LEU H 388 -31.41 23.75 22.50
N LEU H 389 -31.92 23.86 23.73
CA LEU H 389 -32.14 25.17 24.32
C LEU H 389 -30.86 25.61 25.05
N TYR H 390 -30.24 26.68 24.57
CA TYR H 390 -29.03 27.23 25.17
C TYR H 390 -29.44 28.30 26.22
N ARG H 391 -28.94 28.14 27.44
CA ARG H 391 -29.35 28.94 28.59
C ARG H 391 -28.38 30.01 29.04
N GLU H 392 -27.11 29.94 28.61
CA GLU H 392 -26.08 30.88 29.05
C GLU H 392 -26.28 32.29 28.50
N PRO H 393 -26.05 33.33 29.32
CA PRO H 393 -26.14 34.70 28.80
C PRO H 393 -25.05 34.96 27.74
N PRO H 394 -25.26 35.90 26.82
CA PRO H 394 -24.25 36.15 25.77
C PRO H 394 -22.86 36.51 26.25
N GLU H 395 -21.85 35.93 25.58
CA GLU H 395 -20.43 36.26 25.81
C GLU H 395 -20.20 37.69 25.29
N ALA H 396 -19.19 38.36 25.83
CA ALA H 396 -18.84 39.73 25.44
C ALA H 396 -18.40 39.76 23.97
N ILE H 397 -17.60 38.78 23.54
CA ILE H 397 -17.15 38.71 22.16
C ILE H 397 -18.14 37.81 21.41
N TRP H 398 -18.82 38.36 20.40
CA TRP H 398 -19.84 37.64 19.66
C TRP H 398 -19.32 36.32 19.02
N ALA H 399 -18.12 36.32 18.41
CA ALA H 399 -17.55 35.09 17.86
C ALA H 399 -17.38 34.00 18.94
N ASP H 400 -17.04 34.39 20.18
CA ASP H 400 -16.93 33.45 21.30
C ASP H 400 -18.31 32.89 21.68
N ASP H 401 -19.35 33.73 21.62
CA ASP H 401 -20.72 33.32 21.93
C ASP H 401 -21.23 32.30 20.89
N VAL H 402 -20.90 32.54 19.62
CA VAL H 402 -21.22 31.63 18.51
C VAL H 402 -20.48 30.30 18.76
N ASP H 403 -19.16 30.35 19.04
CA ASP H 403 -18.36 29.15 19.30
C ASP H 403 -18.86 28.34 20.50
N ARG H 404 -19.23 29.02 21.60
CA ARG H 404 -19.75 28.33 22.78
C ARG H 404 -21.04 27.58 22.45
N ARG H 405 -21.89 28.18 21.61
CA ARG H 405 -23.14 27.52 21.22
C ARG H 405 -22.90 26.31 20.33
N VAL H 406 -21.92 26.39 19.41
CA VAL H 406 -21.56 25.29 18.52
C VAL H 406 -21.00 24.14 19.39
N GLN H 407 -20.13 24.47 20.39
CA GLN H 407 -19.58 23.49 21.32
C GLN H 407 -20.68 22.85 22.19
N PHE H 408 -21.72 23.61 22.53
CA PHE H 408 -22.88 23.10 23.28
C PHE H 408 -23.63 22.07 22.40
N GLY H 409 -23.78 22.37 21.12
CA GLY H 409 -24.35 21.45 20.14
C GLY H 409 -23.55 20.16 20.05
N ILE H 410 -22.20 20.27 20.01
CA ILE H 410 -21.31 19.11 19.96
C ILE H 410 -21.39 18.26 21.23
N GLU H 411 -21.29 18.89 22.40
CA GLU H 411 -21.34 18.21 23.68
C GLU H 411 -22.70 17.53 23.91
N SER H 412 -23.80 18.18 23.49
CA SER H 412 -25.14 17.58 23.58
C SER H 412 -25.22 16.38 22.64
N GLY H 413 -24.70 16.53 21.42
CA GLY H 413 -24.69 15.48 20.42
C GLY H 413 -23.90 14.27 20.88
N LYS H 414 -22.76 14.49 21.52
CA LYS H 414 -21.93 13.39 22.04
C LYS H 414 -22.66 12.65 23.16
N LEU H 415 -23.26 13.39 24.10
CA LEU H 415 -23.98 12.78 25.22
C LEU H 415 -25.17 11.93 24.73
N ARG H 416 -25.89 12.46 23.74
CA ARG H 416 -27.09 11.81 23.21
C ARG H 416 -26.82 10.70 22.19
N GLY H 417 -25.56 10.52 21.78
CA GLY H 417 -25.19 9.49 20.82
C GLY H 417 -25.23 9.91 19.36
N PHE H 418 -25.51 11.19 19.06
CA PHE H 418 -25.53 11.72 17.68
C PHE H 418 -24.11 11.77 17.11
N LEU H 419 -23.13 12.13 17.95
CA LEU H 419 -21.76 12.41 17.53
C LEU H 419 -20.73 11.64 18.34
N ARG H 420 -19.60 11.38 17.69
CA ARG H 420 -18.45 10.70 18.26
C ARG H 420 -17.18 11.38 17.72
N VAL H 421 -16.07 11.29 18.47
CA VAL H 421 -14.76 11.80 18.03
C VAL H 421 -14.40 11.18 16.67
N GLY H 422 -13.97 12.02 15.73
CA GLY H 422 -13.65 11.58 14.38
C GLY H 422 -14.76 11.84 13.38
N ASP H 423 -16.01 12.07 13.86
CA ASP H 423 -17.11 12.38 12.97
C ASP H 423 -16.89 13.74 12.28
N LEU H 424 -17.50 13.93 11.12
CA LEU H 424 -17.51 15.22 10.46
C LEU H 424 -18.91 15.80 10.66
N VAL H 425 -18.97 17.10 10.96
CA VAL H 425 -20.23 17.82 11.05
C VAL H 425 -20.15 19.06 10.14
N ILE H 426 -21.33 19.53 9.72
CA ILE H 426 -21.42 20.76 8.95
C ILE H 426 -21.95 21.79 9.95
N VAL H 427 -21.32 22.95 10.08
CA VAL H 427 -21.75 23.97 11.04
C VAL H 427 -22.28 25.17 10.26
N VAL H 428 -23.52 25.59 10.54
CA VAL H 428 -24.19 26.68 9.82
C VAL H 428 -24.42 27.86 10.76
N THR H 429 -23.82 29.00 10.42
CA THR H 429 -23.90 30.21 11.24
C THR H 429 -24.14 31.46 10.31
N GLY H 430 -24.14 32.65 10.89
CA GLY H 430 -24.31 33.87 10.14
C GLY H 430 -23.20 34.87 10.40
N TRP H 431 -23.23 35.98 9.66
CA TRP H 431 -22.13 36.94 9.72
C TRP H 431 -22.29 38.03 10.80
N ARG H 432 -23.48 38.15 11.38
CA ARG H 432 -23.73 39.11 12.46
C ARG H 432 -24.85 38.62 13.42
N PRO H 433 -24.98 39.23 14.61
CA PRO H 433 -26.09 38.84 15.52
C PRO H 433 -27.45 39.19 14.94
N GLY H 434 -28.48 38.54 15.47
CA GLY H 434 -29.85 38.76 15.03
C GLY H 434 -30.29 37.76 13.97
N SER H 435 -31.61 37.56 13.86
CA SER H 435 -32.22 36.67 12.88
C SER H 435 -32.08 37.19 11.45
N GLY H 436 -31.95 36.26 10.49
CA GLY H 436 -31.95 36.55 9.06
C GLY H 436 -30.61 36.72 8.36
N TYR H 437 -29.51 36.45 9.07
CA TYR H 437 -28.19 36.67 8.49
C TYR H 437 -27.37 35.40 8.31
N THR H 438 -28.02 34.21 8.34
CA THR H 438 -27.27 32.96 8.10
C THR H 438 -26.66 33.01 6.69
N ASN H 439 -25.37 32.75 6.59
CA ASN H 439 -24.69 32.79 5.28
C ASN H 439 -23.37 31.99 5.30
N ILE H 440 -23.09 31.19 6.32
CA ILE H 440 -21.81 30.49 6.41
C ILE H 440 -21.99 29.02 6.74
N MET H 441 -21.29 28.14 6.01
CA MET H 441 -21.27 26.72 6.31
C MET H 441 -19.79 26.29 6.43
N ARG H 442 -19.45 25.52 7.46
CA ARG H 442 -18.09 25.06 7.66
C ARG H 442 -18.04 23.57 7.95
N VAL H 443 -17.01 22.89 7.44
CA VAL H 443 -16.82 21.44 7.66
C VAL H 443 -15.94 21.27 8.87
N LEU H 444 -16.40 20.56 9.91
CA LEU H 444 -15.67 20.44 11.16
C LEU H 444 -15.50 18.99 11.59
N SER H 445 -14.30 18.61 12.03
CA SER H 445 -14.01 17.28 12.53
C SER H 445 -14.17 17.30 14.06
N ILE H 446 -14.98 16.39 14.59
CA ILE H 446 -15.24 16.30 16.03
C ILE H 446 -14.01 15.77 16.80
N SER H 447 -13.56 16.53 17.80
CA SER H 447 -12.42 16.14 18.65
C SER H 447 -12.89 15.86 20.10
#